data_7Z4F
#
_entry.id   7Z4F
#
loop_
_entity.id
_entity.type
_entity.pdbx_description
1 polymer 'Putative structural protein'
2 polymer 'Putative tail fiber'
3 polymer 'Adaptor protein'
4 polymer 'Surface protein'
5 polymer 'Portal protein'
#
loop_
_entity_poly.entity_id
_entity_poly.type
_entity_poly.pdbx_seq_one_letter_code
_entity_poly.pdbx_strand_id
1 'polypeptide(L)'
;MAIETNAVVITDLNPLYPRDRDYIYEGAAQIRLIKQTLQNTFPNVTEPVDIDSDTFKIMSEKLKFTGDAMDVGGLMIKNV
TPGTGDKDVVTKGQMEAFMKNWMENKLYRIGSYYITEEDINPGDSISLGFGSWAKVTGVIMGTGVVNPDGSVPNAQRVEF
QAGGTGGRVFNTIRTENVPLMTVNGSSFSLSSNTHSHNMVFGRGDASGHNSSPNWYSPGGGYSQRTDNDTHTHTISGSVS
LGRDDISRQPINTLPPFRAAHIWRRIS
;
A,B,C
2 'polypeptide(L)'
;MIVYNNQAPDAVNNVGQFGATEGSIGAYKQAAEYAADSKYWALLAESKFGTIDDLIAEVERLYQQGVLMKQDIEDLKQDF
KDQDARLMSLIAQTNAAVSDANNAVALINQKLIEVQNQLDVLLGMSVDVTTLPPGTPATGSFNPNTGVISLGIPEGEPGK
DGSVKDLDTAPTGVPELGDLGFYVDKDDNTVHKTTLENIANLTPSVRSVSVNGGPALDGEVALTINKETVGLGNVLNVAQ
YSRQEINDKFDKTTKTYQSKAEAYADAQYRQVGEKVLVWEATKYEFYTVAANKTLTPVKTEGRILTVNSRSPDSSGNIDI
TIPTGNPSLYLGEMVMFPYDPSKNISYPGVLPADGRLVSKESASDLGPSLVSGQLPVVSETEWQSGAKQYFSWGKLADGI
TDADSTNFINIRLPDWTGGEAIRAPDSDKDSQYNGSVQAQKPYVVTVNNQAPDEITGNVNISRSILGAASSGANSDITSL
SGLTTPLSISQGGTGAKDAASARSNLGLGSVSTLDNVPIASGGTGAGDAAGARFNLGLGNSATMNTGTNSDNVLKVGDFG
IGRPDGALVFDTTSQDQLLAGLDTYGLCVFRNNQQIAAPWDIWNYSSNLFFRAGDTYSMISIPFESAGKIKVFGGASGSG
WKTSRTVYDTVNTTVDVNGFIKAASPIVKVFHDGSFETNEQSDGVSVKKISTGVYLISGCLGLNSDAGWGGVDGGFEIPI
DRNKQPRVWLDYEVKEDGSLLIKTYHRTHSTSPAFARNELEGFSDGDPVDIPKDAFISVRVEMPSK
;
D,E,F
3 'polypeptide(L)'
;MAMPDVQYPINTYGWLKKAVALWADRDDDEFVNQIPNFINFAEKEIYRNLRIPPLEKEVYLDIKDGVAYIPPDYLEAQWM
MRAKDGTIFQVTSPEEISYRRQHGTINPSHWNNQPVNFARFGSRFIFYPSIEADTPYYPDDGSPLIPAENSVILSYYADP
PEFHEDTDTSTILTIAPELLLYFTLRHACLFVQDDNGVQKWSALGKAILDEMVEQNKKQEYSGSPIAIPNNMTRLQSSLP
DIYGIRTSRV
;
I,H
4 'polypeptide(L)'
;MALYPIKSLGAVGVIADQAPTDLAPNAFTNAINARFVEQRVFKTGGNAPLSYVDEDKDLTPLSFVSMPFDYYSAGNSFLV
VGTNKKLYKLTDESLTDISRKVATVTKKASASIKIYPVVSQIVPKESTISMNFNQTKNLEVSLLPADANNTNLIWEVSNS
SYGSITVDPSDSKLATLTSFEKEGNLVVTISTANESVVAQIAVNIIDGDSGIFLSQDTVTIRKGGTTTLTAVTGKTPVTW
SSNNASIVSVTPNANSLTAVITANGEGNVTITADNGTKTASCEIVSIPQIDSISLSQSDVTVSRGSQYILTATLSPANAP
NQNITWTSSNPNIATVSGTSTQGTINALLAGFTEITATTEEGNRVAVCTVRVDLAGRTMRTSAMAFAAPVSESVETQEEE
VVTPPESEETVYFAEPTSGIDTSGMYEGNNFYDYSNVNDIEGFARASLLATPLSSVTLDIVSASLDVGEEIVITATASPE
GEYSYQWSVDKTGYVSTTSVTGKSIKLVALRKGEINVTCTVSQMTQKDYDAFDDYPWYHAVISNCAVATTHYETPQVKEF
ESEYFVDLPGWGEQTVVDNDGNPSVKKFNWKCERVRSFNNRLFALNMREANASGVTTNYPLRLRWSNFANENKAPTLWDD
FAYDRVVSSDLASNIVGQTQALENGYAGYIDLADSNGSLIDILPLKDYLFVYTEFETYIGSPTNNTYQPLMFKKLFNDSG
ILAPECVVEVEGSHFVVTQNDVILHNGATKKSIASNRVKNMLINEVCLVNPLATRVHLHQDKKEVWVLYVGPGEPKESFA
CTKAAVWNYEFDTWSFRTIPYAQCIGLVDPPVLERGPIWSDFQEITWDDPSIKELVWRKDATNFRQRVTIVGSFLKGFYQ
VDVGALDYFYDRLNDVVIEKPLEMRLERTGIDFDNVTNEWNQKHINRFRPQTTGSGTYIFEAGGSQFSNEYGHPHTSKTY
TIGVDRHVSVRLNHPYLFYNVIDNDVNSNAAINGLTIEFAVGGRR
;
G
5 'polypeptide(L)'
;MAKQKYSEEVLDELRVDLQRRFNYAQGYVDMAVKGYAREAWEYFYGNLPAPVTAGSSSWVDRTVWESVNGTLQDIINVFC
SGDEAVTFVADNQQDSDAADVATKLVNQILLRDNPGYNIISSAAQECLVTRNSFIKYYWDEQTSTQTEEAEGVPPEALAA
YVQGLEAGGLKNLEVFTEENEDGTVDVKVTYEQTVKRVKVEYVPSEQIFVDEHATSFADAQYFCHRVRRSKEDLVAMGFP
KDEIEAFNDWTDTMDTTQSTVAWSRTDWRQDIDADIGTDTEDIASMVWVYEHYIRTGVLDKNKESKLYQVIQAGEHILHT
EEVTHIPFVTFCPYPIPGSFYGQSVYDITKDIQDLRTALVRGYIDNVNNANYGRYKALVGAYDRRSLLDNRPGGVVEMER
QDAIDLFPYHNLPQGIDGLLGMSEELKETRTGVTKLGMGINPDVFKNDNAYATVGLMMNAAQNRLRMVCRNIAHNGMVEL
MRGIYNLIRENGEVPIEVQTPRGMIQVNPKQLPARHNLQVVVAISPNEKAERAQKLISLKQLIAADAQLAPLFGLEQDRY
MTAQIFELMGIKDTHKYLLPLEQYQPPEPSPMEILQLEMTKAQVENVQASSQKMIADAFDQRERTTFEQQKAADELSLRQ
EELQFKQENAADAMTLENRKEDNNATLEQAKHKLALMQQQVRQYESVLKELQMVMSHQVDQEKIVQQARVQDKTLELQKK
EANVTKKEQQASLKDSRIPGKRLGSKK
;
K,J
#
# COMPACT_ATOMS: atom_id res chain seq x y z
N GLU A 4 -6.40 2.67 67.55
CA GLU A 4 -6.73 3.72 68.51
C GLU A 4 -7.99 3.34 69.28
N THR A 5 -7.84 2.38 70.20
CA THR A 5 -8.94 1.81 70.96
C THR A 5 -10.04 1.37 69.99
N ASN A 6 -11.22 1.98 70.09
CA ASN A 6 -12.42 1.79 69.26
C ASN A 6 -13.68 2.09 70.06
N ALA A 7 -14.07 1.17 70.93
CA ALA A 7 -15.37 1.22 71.62
C ALA A 7 -15.27 2.12 72.85
N VAL A 8 -15.37 3.42 72.62
CA VAL A 8 -15.47 4.40 73.69
C VAL A 8 -16.65 5.32 73.38
N VAL A 9 -17.61 5.38 74.31
CA VAL A 9 -18.78 6.24 74.17
C VAL A 9 -19.01 7.01 75.45
N ILE A 10 -18.01 7.02 76.34
CA ILE A 10 -18.10 7.69 77.63
C ILE A 10 -17.17 8.91 77.65
N THR A 11 -16.96 9.52 76.48
CA THR A 11 -16.05 10.66 76.31
C THR A 11 -14.67 10.31 76.89
N ASP A 12 -14.13 9.19 76.43
CA ASP A 12 -12.83 8.68 76.85
C ASP A 12 -11.99 8.47 75.60
N LEU A 13 -11.32 9.53 75.17
CA LEU A 13 -10.48 9.51 73.97
C LEU A 13 -9.04 9.72 74.41
N ASN A 14 -8.23 8.66 74.30
CA ASN A 14 -6.83 8.74 74.69
C ASN A 14 -6.01 9.51 73.66
N PRO A 15 -5.45 10.65 74.03
CA PRO A 15 -4.64 11.45 73.09
C PRO A 15 -3.13 11.23 73.19
N LEU A 16 -2.66 10.45 74.15
CA LEU A 16 -1.23 10.25 74.36
C LEU A 16 -0.74 8.90 73.85
N TYR A 17 -1.54 8.24 73.02
CA TYR A 17 -1.15 6.98 72.38
C TYR A 17 -1.42 7.05 70.88
N PRO A 18 -0.64 7.84 70.14
CA PRO A 18 -0.66 7.68 68.68
C PRO A 18 0.61 7.01 68.20
N ARG A 19 1.34 7.68 67.31
CA ARG A 19 2.60 7.21 66.74
C ARG A 19 3.05 8.20 65.67
N ASP A 20 4.34 8.10 65.31
CA ASP A 20 5.00 9.20 64.62
C ASP A 20 5.65 8.82 63.30
N ARG A 21 5.95 7.55 63.08
CA ARG A 21 6.62 7.14 61.85
C ARG A 21 5.80 6.08 61.14
N ASP A 22 4.93 5.40 61.90
CA ASP A 22 4.08 4.38 61.30
C ASP A 22 2.75 4.96 60.85
N TYR A 23 1.87 4.07 60.42
CA TYR A 23 0.60 4.44 59.78
C TYR A 23 -0.20 5.38 60.68
N ILE A 24 -0.61 6.53 60.13
CA ILE A 24 -1.64 7.35 60.78
C ILE A 24 -2.89 7.31 59.90
N TYR A 25 -3.10 6.19 59.19
CA TYR A 25 -4.32 6.02 58.42
C TYR A 25 -5.49 5.72 59.33
N GLU A 26 -5.72 6.62 60.27
CA GLU A 26 -6.87 6.59 61.15
C GLU A 26 -7.38 7.99 61.43
N GLY A 27 -6.69 9.03 60.94
CA GLY A 27 -7.17 10.39 61.14
C GLY A 27 -8.57 10.61 60.61
N ALA A 28 -8.87 10.03 59.45
CA ALA A 28 -10.26 9.99 59.00
C ALA A 28 -11.11 9.15 59.95
N ALA A 29 -10.56 8.02 60.40
CA ALA A 29 -11.27 7.18 61.37
C ALA A 29 -11.37 7.86 62.72
N GLN A 30 -10.36 8.65 63.09
CA GLN A 30 -10.45 9.46 64.31
C GLN A 30 -11.63 10.42 64.23
N ILE A 31 -11.82 11.03 63.06
CA ILE A 31 -12.94 11.97 62.87
C ILE A 31 -14.26 11.24 63.08
N ARG A 32 -14.40 10.04 62.52
CA ARG A 32 -15.60 9.25 62.78
C ARG A 32 -15.73 8.90 64.25
N LEU A 33 -14.62 8.53 64.90
CA LEU A 33 -14.65 8.21 66.32
C LEU A 33 -15.02 9.43 67.15
N ILE A 34 -14.46 10.59 66.80
CA ILE A 34 -14.80 11.82 67.53
C ILE A 34 -16.27 12.18 67.31
N LYS A 35 -16.74 12.07 66.06
CA LYS A 35 -18.12 12.44 65.76
C LYS A 35 -19.11 11.54 66.49
N GLN A 36 -18.86 10.23 66.53
CA GLN A 36 -19.81 9.32 67.15
C GLN A 36 -19.84 9.50 68.67
N THR A 37 -18.70 9.87 69.26
CA THR A 37 -18.69 10.21 70.68
C THR A 37 -19.55 11.43 70.96
N LEU A 38 -19.42 12.47 70.14
CA LEU A 38 -20.23 13.67 70.33
C LEU A 38 -21.70 13.38 70.11
N GLN A 39 -22.03 12.60 69.08
CA GLN A 39 -23.43 12.28 68.81
C GLN A 39 -24.04 11.45 69.93
N ASN A 40 -23.29 10.48 70.45
CA ASN A 40 -23.81 9.62 71.50
C ASN A 40 -24.08 10.41 72.78
N THR A 41 -23.16 11.32 73.14
CA THR A 41 -23.34 12.09 74.36
C THR A 41 -24.55 13.02 74.27
N PHE A 42 -24.67 13.74 73.16
CA PHE A 42 -25.75 14.72 72.96
C PHE A 42 -26.40 14.47 71.61
N PRO A 43 -27.32 13.51 71.52
CA PRO A 43 -28.01 13.26 70.24
C PRO A 43 -29.19 14.20 70.03
N ASN A 44 -28.99 15.48 70.34
CA ASN A 44 -30.01 16.50 70.10
C ASN A 44 -29.32 17.84 70.00
N VAL A 45 -29.06 18.31 68.79
CA VAL A 45 -28.35 19.57 68.58
C VAL A 45 -28.95 20.30 67.40
N THR A 46 -29.66 21.39 67.65
CA THR A 46 -30.16 22.26 66.60
C THR A 46 -29.74 23.71 66.79
N GLU A 47 -29.72 24.21 68.02
CA GLU A 47 -29.30 25.58 68.32
C GLU A 47 -29.00 25.69 69.81
N PRO A 48 -27.87 25.14 70.28
CA PRO A 48 -27.64 25.07 71.73
C PRO A 48 -27.11 26.36 72.34
N VAL A 49 -27.78 27.48 72.09
CA VAL A 49 -27.39 28.73 72.74
C VAL A 49 -27.76 28.73 74.21
N ASP A 50 -28.44 27.67 74.67
CA ASP A 50 -28.96 27.61 76.03
C ASP A 50 -27.87 27.35 77.05
N ILE A 51 -26.87 28.24 77.12
CA ILE A 51 -25.83 28.15 78.14
C ILE A 51 -26.10 29.15 79.24
N ASP A 52 -26.37 30.40 78.87
CA ASP A 52 -26.64 31.48 79.82
C ASP A 52 -25.54 31.53 80.89
N SER A 53 -24.34 31.88 80.42
CA SER A 53 -23.11 31.65 81.17
C SER A 53 -23.15 32.23 82.58
N ASP A 54 -23.89 33.33 82.79
CA ASP A 54 -23.98 33.91 84.12
C ASP A 54 -24.65 32.94 85.08
N THR A 55 -25.62 32.16 84.60
CA THR A 55 -26.27 31.16 85.45
C THR A 55 -25.27 30.09 85.89
N PHE A 56 -24.32 29.75 85.01
CA PHE A 56 -23.28 28.79 85.40
C PHE A 56 -22.46 29.31 86.57
N LYS A 57 -22.10 30.60 86.54
CA LYS A 57 -21.33 31.17 87.64
C LYS A 57 -22.14 31.19 88.93
N ILE A 58 -23.43 31.51 88.84
CA ILE A 58 -24.28 31.58 90.03
C ILE A 58 -24.42 30.21 90.67
N MET A 59 -24.70 29.20 89.85
CA MET A 59 -24.84 27.85 90.39
C MET A 59 -23.49 27.25 90.76
N SER A 60 -22.41 27.77 90.18
CA SER A 60 -21.07 27.36 90.60
C SER A 60 -20.79 27.82 92.03
N GLU A 61 -21.33 28.98 92.41
CA GLU A 61 -21.22 29.42 93.80
C GLU A 61 -21.89 28.43 94.75
N LYS A 62 -22.98 27.80 94.30
CA LYS A 62 -23.62 26.76 95.10
C LYS A 62 -22.81 25.47 95.06
N LEU A 63 -22.68 24.88 93.87
CA LEU A 63 -21.81 23.73 93.59
C LEU A 63 -22.16 22.50 94.42
N LYS A 64 -23.24 22.56 95.19
CA LYS A 64 -23.57 21.53 96.18
C LYS A 64 -24.87 20.82 95.83
N PHE A 65 -25.12 20.62 94.54
CA PHE A 65 -26.36 19.99 94.08
C PHE A 65 -26.24 18.48 94.24
N THR A 66 -26.64 17.99 95.40
CA THR A 66 -26.71 16.56 95.65
C THR A 66 -28.09 16.09 96.06
N GLY A 67 -28.77 16.84 96.93
CA GLY A 67 -30.15 16.56 97.31
C GLY A 67 -31.14 17.36 96.50
N ASP A 68 -31.26 17.06 95.22
CA ASP A 68 -32.13 17.77 94.29
C ASP A 68 -31.65 19.20 94.05
N ALA A 69 -32.56 20.17 94.13
CA ALA A 69 -32.22 21.54 93.75
C ALA A 69 -31.53 22.29 94.89
N MET A 70 -32.20 22.41 96.04
CA MET A 70 -31.76 23.27 97.14
C MET A 70 -31.56 24.70 96.64
N ASP A 71 -32.60 25.26 96.03
CA ASP A 71 -32.50 26.60 95.48
C ASP A 71 -32.36 27.63 96.60
N VAL A 72 -31.54 28.65 96.35
CA VAL A 72 -31.29 29.72 97.31
C VAL A 72 -31.78 31.07 96.75
N GLY A 73 -32.61 31.03 95.71
CA GLY A 73 -33.12 32.23 95.08
C GLY A 73 -34.19 32.90 95.92
N GLY A 74 -34.99 33.73 95.26
CA GLY A 74 -36.04 34.47 95.94
C GLY A 74 -37.44 34.08 95.53
N LEU A 75 -37.62 33.72 94.27
CA LEU A 75 -38.90 33.28 93.73
C LEU A 75 -40.00 34.31 94.03
N MET A 76 -39.74 35.55 93.62
CA MET A 76 -40.66 36.67 93.87
C MET A 76 -41.67 36.80 92.74
N ILE A 77 -42.27 35.68 92.37
CA ILE A 77 -43.23 35.64 91.27
C ILE A 77 -44.42 34.78 91.68
N LYS A 78 -45.61 35.24 91.33
CA LYS A 78 -46.86 34.52 91.53
C LYS A 78 -47.94 35.24 90.72
N ASN A 79 -48.74 34.46 89.99
CA ASN A 79 -49.67 35.08 89.05
C ASN A 79 -51.04 35.32 89.68
N VAL A 80 -51.75 34.24 90.03
CA VAL A 80 -53.05 34.35 90.68
C VAL A 80 -53.47 32.98 91.21
N THR A 81 -54.12 32.95 92.38
CA THR A 81 -54.72 31.76 92.94
C THR A 81 -55.47 32.10 94.22
N PRO A 82 -56.54 31.37 94.56
CA PRO A 82 -57.13 31.49 95.90
C PRO A 82 -56.43 30.69 96.98
N GLY A 83 -55.28 30.09 96.67
CA GLY A 83 -54.58 29.24 97.62
C GLY A 83 -53.39 29.92 98.28
N THR A 84 -52.19 29.65 97.79
CA THR A 84 -50.98 30.22 98.35
C THR A 84 -51.03 31.74 98.31
N GLY A 85 -50.55 32.38 99.38
CA GLY A 85 -50.64 33.82 99.50
C GLY A 85 -49.35 34.49 99.92
N ASP A 86 -49.27 35.79 99.69
CA ASP A 86 -48.14 36.60 100.12
C ASP A 86 -48.29 36.93 101.60
N LYS A 87 -47.54 37.91 102.07
CA LYS A 87 -47.53 38.27 103.50
C LYS A 87 -48.92 38.60 104.05
N ASP A 88 -49.94 38.68 103.19
CA ASP A 88 -51.31 38.95 103.61
C ASP A 88 -52.06 37.69 104.03
N VAL A 89 -51.36 36.61 104.41
CA VAL A 89 -52.04 35.38 104.82
C VAL A 89 -52.91 35.63 106.04
N VAL A 90 -52.38 36.36 107.03
CA VAL A 90 -53.13 36.61 108.25
C VAL A 90 -54.38 37.44 107.96
N THR A 91 -54.28 38.39 107.03
CA THR A 91 -55.42 39.25 106.73
C THR A 91 -56.50 38.49 105.96
N LYS A 92 -56.09 37.71 104.95
CA LYS A 92 -57.07 36.99 104.13
C LYS A 92 -57.78 35.92 104.93
N GLY A 93 -57.09 35.30 105.90
CA GLY A 93 -57.72 34.28 106.71
C GLY A 93 -58.83 34.83 107.58
N GLN A 94 -58.59 36.00 108.18
CA GLN A 94 -59.60 36.58 109.07
C GLN A 94 -60.67 37.33 108.30
N MET A 95 -60.46 37.57 107.00
CA MET A 95 -61.56 37.91 106.10
C MET A 95 -62.50 36.73 105.89
N GLU A 96 -61.94 35.57 105.53
CA GLU A 96 -62.78 34.43 105.18
C GLU A 96 -63.40 33.78 106.40
N ALA A 97 -62.65 33.72 107.51
CA ALA A 97 -63.15 33.04 108.71
C ALA A 97 -64.20 33.89 109.41
N PHE A 98 -63.96 35.20 109.53
CA PHE A 98 -64.80 36.07 110.36
C PHE A 98 -65.69 37.00 109.53
N MET A 99 -65.10 37.77 108.62
CA MET A 99 -65.79 38.92 108.04
C MET A 99 -67.09 38.52 107.34
N LYS A 100 -67.04 37.49 106.50
CA LYS A 100 -68.22 37.06 105.76
C LYS A 100 -68.63 35.62 106.01
N ASN A 101 -67.80 34.82 106.69
CA ASN A 101 -68.13 33.42 106.93
C ASN A 101 -68.83 33.21 108.28
N TRP A 102 -68.18 33.62 109.36
CA TRP A 102 -68.71 33.36 110.70
C TRP A 102 -69.37 34.59 111.31
N MET A 103 -68.65 35.69 111.39
CA MET A 103 -69.13 36.91 112.05
C MET A 103 -69.73 37.83 111.00
N GLU A 104 -71.06 37.83 110.94
CA GLU A 104 -71.77 38.68 109.98
C GLU A 104 -71.59 40.16 110.32
N ASN A 105 -72.18 41.03 109.50
CA ASN A 105 -72.04 42.46 109.73
C ASN A 105 -72.64 42.83 111.08
N LYS A 106 -72.01 43.82 111.74
CA LYS A 106 -72.36 44.26 113.08
C LYS A 106 -71.85 43.34 114.18
N LEU A 107 -70.85 42.49 113.88
CA LEU A 107 -70.29 41.62 114.91
C LEU A 107 -69.60 42.45 115.98
N TYR A 108 -69.68 41.96 117.22
CA TYR A 108 -69.15 42.66 118.38
C TYR A 108 -67.76 42.14 118.70
N ARG A 109 -66.81 43.05 118.85
CA ARG A 109 -65.43 42.73 119.22
C ARG A 109 -65.02 43.60 120.39
N ILE A 110 -64.31 42.99 121.35
CA ILE A 110 -63.90 43.68 122.58
C ILE A 110 -62.38 43.65 122.65
N GLY A 111 -61.78 44.80 122.87
CA GLY A 111 -60.33 44.89 122.99
C GLY A 111 -59.94 46.08 123.85
N SER A 112 -58.83 45.93 124.56
CA SER A 112 -58.34 46.98 125.44
C SER A 112 -57.42 47.97 124.75
N TYR A 113 -57.05 47.73 123.49
CA TYR A 113 -56.17 48.62 122.77
C TYR A 113 -56.99 49.67 122.03
N TYR A 114 -56.60 50.94 122.18
CA TYR A 114 -57.29 52.04 121.52
C TYR A 114 -56.79 52.26 120.10
N ILE A 115 -56.86 51.20 119.29
CA ILE A 115 -56.40 51.23 117.90
C ILE A 115 -57.57 50.80 117.02
N THR A 116 -57.80 51.55 115.94
CA THR A 116 -58.89 51.25 115.03
C THR A 116 -58.64 49.92 114.33
N GLU A 117 -59.73 49.24 113.97
CA GLU A 117 -59.62 47.96 113.30
C GLU A 117 -58.94 48.07 111.94
N GLU A 118 -59.09 49.22 111.27
CA GLU A 118 -58.46 49.43 109.97
C GLU A 118 -57.05 49.98 110.07
N ASP A 119 -56.58 50.29 111.27
CA ASP A 119 -55.23 50.84 111.43
C ASP A 119 -54.18 49.79 111.15
N ILE A 120 -52.96 50.26 110.86
CA ILE A 120 -51.84 49.35 110.60
C ILE A 120 -51.54 48.49 111.82
N ASN A 121 -51.50 49.11 113.01
CA ASN A 121 -51.35 48.35 114.23
C ASN A 121 -52.45 47.32 114.44
N PRO A 122 -53.72 47.63 114.21
CA PRO A 122 -54.76 46.60 114.32
C PRO A 122 -54.73 45.65 113.14
N GLY A 123 -55.73 44.77 113.04
CA GLY A 123 -55.78 43.79 111.96
C GLY A 123 -55.78 44.40 110.57
N ASP A 124 -56.17 45.67 110.45
CA ASP A 124 -56.14 46.38 109.18
C ASP A 124 -57.18 45.88 108.19
N SER A 125 -58.37 45.51 108.69
CA SER A 125 -59.45 45.06 107.82
C SER A 125 -60.78 45.36 108.51
N ILE A 126 -61.81 45.55 107.68
CA ILE A 126 -63.16 45.81 108.17
C ILE A 126 -63.24 47.20 108.79
N SER A 127 -64.47 47.65 109.06
CA SER A 127 -64.71 48.94 109.69
C SER A 127 -64.88 48.74 111.18
N LEU A 128 -64.23 49.59 111.98
CA LEU A 128 -64.28 49.48 113.43
C LEU A 128 -65.26 50.51 113.98
N GLY A 129 -66.23 50.04 114.75
CA GLY A 129 -67.23 50.91 115.34
C GLY A 129 -67.34 50.70 116.83
N PHE A 130 -67.58 51.80 117.55
CA PHE A 130 -67.70 51.73 119.00
C PHE A 130 -68.95 50.94 119.39
N GLY A 131 -68.80 50.08 120.40
CA GLY A 131 -69.88 49.26 120.90
C GLY A 131 -70.17 49.59 122.35
N SER A 132 -71.46 49.78 122.64
CA SER A 132 -71.92 50.13 123.98
C SER A 132 -72.58 48.92 124.64
N TRP A 133 -72.25 48.72 125.91
CA TRP A 133 -72.83 47.62 126.69
C TRP A 133 -72.27 46.27 126.25
N ALA A 134 -72.73 45.20 126.89
CA ALA A 134 -72.28 43.85 126.58
C ALA A 134 -73.30 43.16 125.69
N LYS A 135 -72.81 42.24 124.87
CA LYS A 135 -73.66 41.51 123.94
C LYS A 135 -74.48 40.47 124.71
N VAL A 136 -75.78 40.42 124.44
CA VAL A 136 -76.70 39.49 125.08
C VAL A 136 -77.16 38.50 124.03
N THR A 137 -77.11 37.21 124.36
CA THR A 137 -77.53 36.16 123.44
C THR A 137 -79.01 36.30 123.14
N GLY A 138 -79.38 36.13 121.88
CA GLY A 138 -80.76 36.25 121.45
C GLY A 138 -81.64 35.14 121.99
N VAL A 139 -82.54 35.49 122.92
CA VAL A 139 -83.46 34.52 123.51
C VAL A 139 -84.04 35.12 124.78
N ILE A 140 -83.21 35.83 125.54
CA ILE A 140 -83.64 36.45 126.79
C ILE A 140 -83.13 37.89 126.83
N MET A 141 -83.71 38.70 127.71
CA MET A 141 -83.32 40.10 127.80
C MET A 141 -82.96 40.48 129.24
N GLY A 142 -83.17 39.55 130.17
CA GLY A 142 -82.78 39.80 131.55
C GLY A 142 -83.92 39.77 132.55
N THR A 143 -84.22 40.92 133.13
CA THR A 143 -85.16 41.01 134.25
C THR A 143 -86.58 40.68 133.81
N GLY A 144 -87.08 39.55 134.30
CA GLY A 144 -88.49 39.22 134.14
C GLY A 144 -89.03 38.45 135.33
N VAL A 145 -90.07 38.97 135.98
CA VAL A 145 -90.69 38.33 137.14
C VAL A 145 -89.76 38.33 138.35
N VAL A 146 -90.33 38.52 139.54
CA VAL A 146 -89.57 38.40 140.77
C VAL A 146 -89.36 36.92 141.04
N ASN A 147 -90.46 36.20 141.28
CA ASN A 147 -90.45 34.75 141.20
C ASN A 147 -90.44 34.37 139.72
N PRO A 148 -89.61 33.40 139.31
CA PRO A 148 -89.41 33.17 137.87
C PRO A 148 -90.69 32.91 137.11
N ASP A 149 -91.10 33.88 136.29
CA ASP A 149 -92.23 33.74 135.38
C ASP A 149 -91.77 34.17 133.99
N GLY A 150 -90.91 35.18 133.94
CA GLY A 150 -90.37 35.69 132.69
C GLY A 150 -91.20 36.78 132.05
N SER A 151 -90.54 37.86 131.63
CA SER A 151 -91.20 38.95 130.94
C SER A 151 -91.15 38.72 129.44
N VAL A 152 -91.53 39.74 128.67
CA VAL A 152 -91.52 39.67 127.21
C VAL A 152 -90.16 40.23 126.76
N PRO A 153 -89.31 39.44 126.14
CA PRO A 153 -87.99 39.93 125.72
C PRO A 153 -88.07 40.69 124.40
N ASN A 154 -86.92 41.19 123.98
CA ASN A 154 -86.78 41.92 122.73
C ASN A 154 -85.80 41.19 121.84
N ALA A 155 -85.94 41.38 120.52
CA ALA A 155 -85.08 40.70 119.57
C ALA A 155 -84.75 41.60 118.38
N GLN A 156 -84.19 41.02 117.32
CA GLN A 156 -83.80 41.77 116.14
C GLN A 156 -82.43 42.39 116.32
N ARG A 157 -81.75 42.67 115.20
CA ARG A 157 -80.41 43.25 115.24
C ARG A 157 -80.47 44.69 114.76
N VAL A 158 -79.80 45.59 115.47
CA VAL A 158 -79.74 47.00 115.10
C VAL A 158 -80.99 47.74 115.57
N GLU A 159 -82.05 46.99 115.86
CA GLU A 159 -83.30 47.57 116.32
C GLU A 159 -83.11 48.28 117.66
N PHE A 160 -83.55 49.54 117.74
CA PHE A 160 -83.43 50.32 118.97
C PHE A 160 -84.75 50.27 119.71
N GLN A 161 -84.78 49.51 120.80
CA GLN A 161 -85.98 49.38 121.63
C GLN A 161 -85.54 49.23 123.08
N ALA A 162 -86.52 49.20 123.98
CA ALA A 162 -86.24 49.03 125.41
C ALA A 162 -85.60 50.29 125.99
N GLY A 163 -85.27 50.26 127.28
CA GLY A 163 -84.66 51.39 127.93
C GLY A 163 -83.50 50.95 128.80
N GLY A 164 -82.51 51.85 128.92
CA GLY A 164 -81.36 51.55 129.74
C GLY A 164 -81.60 51.66 131.23
N THR A 165 -82.58 52.45 131.64
CA THR A 165 -82.90 52.66 133.04
C THR A 165 -84.37 52.35 133.30
N GLY A 166 -84.64 51.71 134.43
CA GLY A 166 -85.97 51.34 134.83
C GLY A 166 -86.32 51.85 136.23
N GLY A 167 -87.52 51.47 136.66
CA GLY A 167 -88.01 51.85 137.98
C GLY A 167 -89.08 50.90 138.45
N ARG A 168 -89.30 50.90 139.76
CA ARG A 168 -90.30 50.05 140.40
C ARG A 168 -91.30 50.92 141.15
N VAL A 169 -92.52 50.97 140.64
CA VAL A 169 -93.59 51.75 141.25
C VAL A 169 -94.76 50.84 141.59
N PHE A 170 -95.32 50.18 140.57
CA PHE A 170 -96.46 49.31 140.79
C PHE A 170 -96.10 48.08 141.60
N ASN A 171 -94.93 47.50 141.35
CA ASN A 171 -94.47 46.29 142.04
C ASN A 171 -93.16 46.63 142.76
N THR A 172 -93.28 47.08 144.01
CA THR A 172 -92.11 47.41 144.80
C THR A 172 -92.54 47.56 146.26
N ILE A 173 -91.55 47.60 147.15
CA ILE A 173 -91.81 47.77 148.57
C ILE A 173 -91.82 49.27 148.88
N ARG A 174 -92.98 49.90 148.69
CA ARG A 174 -93.13 51.32 148.94
C ARG A 174 -93.86 51.55 150.26
N THR A 175 -94.15 52.81 150.57
CA THR A 175 -94.86 53.18 151.79
C THR A 175 -96.16 53.90 151.44
N GLU A 176 -96.90 54.29 152.47
CA GLU A 176 -98.16 54.98 152.28
C GLU A 176 -99.28 54.01 151.93
N ASN A 177 -100.42 54.12 152.62
CA ASN A 177 -101.56 53.26 152.37
C ASN A 177 -102.77 53.83 153.10
N VAL A 178 -103.93 53.33 152.73
CA VAL A 178 -105.21 53.72 153.33
C VAL A 178 -105.63 52.62 154.28
N PRO A 179 -105.66 52.86 155.60
CA PRO A 179 -106.04 51.80 156.54
C PRO A 179 -107.56 51.68 156.60
N LEU A 180 -108.08 50.52 156.21
CA LEU A 180 -109.50 50.25 156.21
C LEU A 180 -109.77 48.91 156.87
N MET A 181 -110.80 48.85 157.70
CA MET A 181 -111.17 47.62 158.40
C MET A 181 -112.49 47.87 159.10
N THR A 182 -113.08 46.78 159.62
CA THR A 182 -114.33 46.83 160.35
C THR A 182 -114.10 46.32 161.76
N VAL A 183 -114.60 47.05 162.75
CA VAL A 183 -114.41 46.70 164.16
C VAL A 183 -115.78 46.73 164.84
N ASN A 184 -116.02 45.74 165.70
CA ASN A 184 -117.26 45.70 166.46
C ASN A 184 -117.34 46.86 167.44
N GLY A 185 -118.56 47.34 167.67
CA GLY A 185 -118.78 48.46 168.56
C GLY A 185 -118.33 48.21 169.98
N SER A 186 -117.58 49.15 170.54
CA SER A 186 -117.09 49.05 171.92
C SER A 186 -117.71 50.18 172.72
N SER A 187 -118.25 49.84 173.88
CA SER A 187 -118.93 50.80 174.75
C SER A 187 -118.12 50.97 176.04
N PHE A 188 -117.89 52.22 176.42
CA PHE A 188 -117.18 52.54 177.65
C PHE A 188 -118.20 52.98 178.70
N SER A 189 -118.14 52.34 179.87
CA SER A 189 -119.10 52.61 180.95
C SER A 189 -118.50 53.61 181.91
N LEU A 190 -119.20 54.73 182.11
CA LEU A 190 -118.80 55.77 183.04
C LEU A 190 -119.97 56.06 183.96
N SER A 191 -119.72 56.06 185.26
CA SER A 191 -120.76 56.26 186.27
C SER A 191 -120.63 57.68 186.82
N SER A 192 -121.71 58.45 186.75
CA SER A 192 -121.77 59.80 187.28
C SER A 192 -122.66 59.78 188.52
N ASN A 193 -122.05 59.97 189.69
CA ASN A 193 -122.80 59.95 190.94
C ASN A 193 -123.73 61.16 191.01
N THR A 194 -124.96 60.92 191.47
CA THR A 194 -125.92 62.00 191.62
C THR A 194 -125.57 62.95 192.75
N HIS A 195 -124.73 62.51 193.69
CA HIS A 195 -124.29 63.34 194.80
C HIS A 195 -122.94 63.97 194.47
N SER A 196 -122.35 64.67 195.45
CA SER A 196 -121.08 65.35 195.32
C SER A 196 -121.14 66.55 194.38
N HIS A 197 -122.32 67.03 194.04
CA HIS A 197 -122.47 68.19 193.17
C HIS A 197 -122.56 69.51 193.94
N ASN A 198 -122.47 69.46 195.28
CA ASN A 198 -122.56 70.66 196.10
C ASN A 198 -123.93 71.30 196.03
N MET A 199 -124.08 72.48 196.63
CA MET A 199 -125.35 73.20 196.63
C MET A 199 -125.10 74.66 196.27
N VAL A 200 -126.08 75.26 195.60
CA VAL A 200 -126.00 76.64 195.18
C VAL A 200 -127.31 77.35 195.55
N PHE A 201 -127.22 78.67 195.71
CA PHE A 201 -128.38 79.48 196.08
C PHE A 201 -128.86 79.14 197.49
N GLY A 202 -130.08 79.54 197.83
CA GLY A 202 -130.63 79.28 199.14
C GLY A 202 -132.09 78.83 199.09
N ARG A 203 -132.75 78.88 200.23
CA ARG A 203 -134.16 78.49 200.29
C ARG A 203 -135.02 79.47 199.51
N GLY A 204 -135.95 78.92 198.72
CA GLY A 204 -136.84 79.74 197.92
C GLY A 204 -137.78 80.62 198.71
N ASP A 205 -137.83 81.92 198.39
CA ASP A 205 -137.07 82.52 197.29
C ASP A 205 -137.59 82.12 195.91
N ALA A 206 -136.69 82.08 194.94
CA ALA A 206 -137.00 81.66 193.58
C ALA A 206 -136.19 80.41 193.26
N SER A 207 -136.86 79.37 192.78
CA SER A 207 -136.22 78.11 192.46
C SER A 207 -136.60 77.71 191.03
N GLY A 208 -135.60 77.23 190.28
CA GLY A 208 -135.83 76.79 188.92
C GLY A 208 -136.76 75.59 188.83
N HIS A 209 -137.74 75.67 187.93
CA HIS A 209 -138.69 74.58 187.75
C HIS A 209 -138.00 73.39 187.09
N ASN A 210 -138.44 72.19 187.48
CA ASN A 210 -137.91 70.94 186.95
C ASN A 210 -136.45 70.69 187.35
N SER A 211 -135.99 71.38 188.39
CA SER A 211 -134.61 71.21 188.85
C SER A 211 -134.48 69.95 189.68
N SER A 212 -133.36 69.24 189.50
CA SER A 212 -133.12 68.04 190.28
C SER A 212 -132.94 68.41 191.75
N PRO A 213 -133.59 67.69 192.67
CA PRO A 213 -133.46 68.04 194.09
C PRO A 213 -132.07 67.74 194.62
N ASN A 214 -131.49 68.69 195.35
CA ASN A 214 -130.18 68.53 195.93
C ASN A 214 -130.25 68.92 197.40
N TRP A 215 -129.69 68.06 198.25
CA TRP A 215 -129.73 68.31 199.69
C TRP A 215 -128.51 69.13 200.12
N TYR A 216 -128.77 70.19 200.89
CA TYR A 216 -127.73 71.04 201.45
C TYR A 216 -127.51 70.81 202.93
N SER A 217 -127.96 69.68 203.46
CA SER A 217 -127.90 69.38 204.89
C SER A 217 -128.65 70.46 205.68
N PRO A 218 -129.82 70.89 205.22
CA PRO A 218 -130.59 71.88 205.97
C PRO A 218 -131.56 71.22 206.94
N GLY A 219 -131.52 71.64 208.21
CA GLY A 219 -132.45 71.12 209.18
C GLY A 219 -133.86 71.62 208.91
N GLY A 220 -134.80 70.67 208.82
CA GLY A 220 -136.18 71.04 208.57
C GLY A 220 -136.77 71.79 209.76
N GLY A 221 -137.25 73.00 209.49
CA GLY A 221 -137.82 73.81 210.55
C GLY A 221 -139.08 73.21 211.14
N TYR A 222 -139.99 72.77 210.30
CA TYR A 222 -141.24 72.16 210.73
C TYR A 222 -141.48 70.78 210.12
N SER A 223 -141.17 70.60 208.84
CA SER A 223 -141.39 69.32 208.18
C SER A 223 -140.24 68.36 208.48
N GLN A 224 -140.50 67.07 208.25
CA GLN A 224 -139.52 66.01 208.44
C GLN A 224 -139.07 65.54 207.06
N ARG A 225 -137.80 65.79 206.74
CA ARG A 225 -137.25 65.39 205.44
C ARG A 225 -136.71 63.97 205.53
N THR A 226 -137.65 63.03 205.58
CA THR A 226 -137.32 61.61 205.65
C THR A 226 -137.11 60.97 204.29
N ASP A 227 -137.39 61.69 203.21
CA ASP A 227 -137.22 61.16 201.86
C ASP A 227 -135.82 61.40 201.30
N ASN A 228 -134.98 62.15 202.01
CA ASN A 228 -133.62 62.46 201.56
C ASN A 228 -132.63 61.77 202.48
N ASP A 229 -131.67 61.06 201.89
CA ASP A 229 -130.66 60.36 202.65
C ASP A 229 -129.40 60.23 201.82
N THR A 230 -128.28 59.97 202.49
CA THR A 230 -127.01 59.82 201.81
C THR A 230 -126.98 58.51 201.02
N HIS A 231 -126.09 58.45 200.04
CA HIS A 231 -125.93 57.29 199.18
C HIS A 231 -124.67 56.53 199.59
N THR A 232 -124.80 55.23 199.80
CA THR A 232 -123.69 54.37 200.18
C THR A 232 -123.30 53.33 199.14
N HIS A 233 -124.18 53.02 198.19
CA HIS A 233 -123.90 52.05 197.14
C HIS A 233 -123.93 52.74 195.79
N THR A 234 -122.98 52.37 194.93
CA THR A 234 -122.91 52.96 193.61
C THR A 234 -124.06 52.47 192.73
N ILE A 235 -124.42 53.28 191.75
CA ILE A 235 -125.49 52.98 190.82
C ILE A 235 -124.89 52.78 189.43
N SER A 236 -125.20 51.65 188.82
CA SER A 236 -124.67 51.32 187.50
C SER A 236 -125.37 52.16 186.44
N GLY A 237 -124.58 52.79 185.59
CA GLY A 237 -125.11 53.62 184.51
C GLY A 237 -124.67 53.09 183.16
N SER A 238 -125.53 53.27 182.16
CA SER A 238 -125.27 52.82 180.81
C SER A 238 -124.92 54.02 179.93
N VAL A 239 -123.81 53.93 179.21
CA VAL A 239 -123.36 55.00 178.33
C VAL A 239 -123.47 54.54 176.89
N SER A 240 -123.38 55.49 175.97
CA SER A 240 -123.49 55.22 174.54
C SER A 240 -122.13 54.75 174.01
N LEU A 241 -122.04 54.62 172.68
CA LEU A 241 -120.80 54.19 172.07
C LEU A 241 -119.76 55.31 172.09
N GLY A 242 -118.51 54.94 171.81
CA GLY A 242 -117.43 55.89 171.79
C GLY A 242 -116.50 55.70 170.61
N ARG A 243 -115.26 56.19 170.73
CA ARG A 243 -114.29 56.04 169.66
C ARG A 243 -113.90 54.57 169.50
N ASP A 244 -113.67 54.17 168.25
CA ASP A 244 -113.30 52.79 167.94
C ASP A 244 -111.85 52.66 167.46
N ASP A 245 -111.48 53.41 166.44
CA ASP A 245 -110.13 53.35 165.89
C ASP A 245 -109.91 54.55 164.99
N ILE A 246 -108.65 54.77 164.61
CA ILE A 246 -108.27 55.89 163.73
C ILE A 246 -108.53 55.49 162.29
N SER A 247 -108.53 56.47 161.39
CA SER A 247 -108.77 56.24 159.97
C SER A 247 -107.45 56.21 159.22
N ARG A 248 -107.54 56.06 157.90
CA ARG A 248 -106.34 56.01 157.07
C ARG A 248 -105.64 57.37 157.06
N GLN A 249 -104.31 57.33 157.06
CA GLN A 249 -103.49 58.53 157.04
C GLN A 249 -102.38 58.36 156.00
N PRO A 250 -101.89 59.46 155.44
CA PRO A 250 -100.82 59.34 154.45
C PRO A 250 -99.43 59.33 155.08
N ILE A 251 -98.57 58.43 154.61
CA ILE A 251 -97.21 58.30 155.12
C ILE A 251 -96.24 58.37 153.95
N ASN A 252 -95.21 59.20 154.10
CA ASN A 252 -94.17 59.33 153.07
C ASN A 252 -94.66 60.14 151.88
N THR A 253 -93.75 60.49 150.98
CA THR A 253 -94.05 61.25 149.78
C THR A 253 -93.88 60.37 148.56
N LEU A 254 -94.91 60.32 147.72
CA LEU A 254 -94.90 59.50 146.51
C LEU A 254 -93.89 60.04 145.51
N PRO A 255 -93.62 61.35 145.51
CA PRO A 255 -92.69 61.92 144.54
C PRO A 255 -91.27 61.45 144.81
N PRO A 256 -90.83 61.49 146.07
CA PRO A 256 -89.46 61.06 146.37
C PRO A 256 -89.37 59.61 146.80
N PHE A 257 -90.53 58.98 147.02
CA PHE A 257 -90.56 57.58 147.43
C PHE A 257 -90.27 56.67 146.24
N ARG A 258 -89.74 55.48 146.56
CA ARG A 258 -89.42 54.47 145.55
C ARG A 258 -88.40 55.00 144.53
N ALA A 259 -87.32 55.61 145.02
CA ALA A 259 -86.30 56.15 144.14
C ALA A 259 -85.61 55.02 143.39
N ALA A 260 -85.40 55.23 142.09
CA ALA A 260 -84.77 54.20 141.26
C ALA A 260 -83.31 54.04 141.65
N HIS A 261 -82.84 52.79 141.66
CA HIS A 261 -81.47 52.45 142.01
C HIS A 261 -80.76 51.89 140.78
N ILE A 262 -79.49 52.26 140.64
CA ILE A 262 -78.72 51.79 139.49
C ILE A 262 -78.45 50.30 139.63
N TRP A 263 -78.74 49.55 138.57
CA TRP A 263 -78.55 48.10 138.55
C TRP A 263 -77.35 47.66 137.71
N ARG A 264 -76.46 48.60 137.35
CA ARG A 264 -75.31 48.25 136.54
C ARG A 264 -74.36 47.37 137.34
N ARG A 265 -73.82 46.35 136.69
CA ARG A 265 -72.90 45.42 137.33
C ARG A 265 -71.49 46.03 137.37
N ILE A 266 -70.65 45.44 138.22
CA ILE A 266 -69.28 45.90 138.38
C ILE A 266 -68.42 45.52 137.18
N GLU B 4 -17.50 20.52 47.08
CA GLU B 4 -17.58 21.16 48.40
C GLU B 4 -18.80 20.66 49.18
N THR B 5 -18.99 21.20 50.38
CA THR B 5 -20.12 20.84 51.25
C THR B 5 -20.87 22.13 51.58
N ASN B 6 -21.91 22.41 50.83
CA ASN B 6 -22.76 23.58 51.03
C ASN B 6 -24.11 23.17 51.58
N ALA B 7 -24.82 24.15 52.15
CA ALA B 7 -26.16 24.01 52.72
C ALA B 7 -26.20 23.02 53.88
N VAL B 8 -25.08 22.75 54.53
CA VAL B 8 -25.02 21.85 55.68
C VAL B 8 -24.50 22.63 56.89
N VAL B 9 -25.23 22.57 58.00
CA VAL B 9 -24.87 23.27 59.23
C VAL B 9 -25.09 22.30 60.38
N ILE B 10 -24.28 22.47 61.44
CA ILE B 10 -24.37 21.69 62.67
C ILE B 10 -23.87 20.27 62.42
N THR B 11 -23.25 19.66 63.44
CA THR B 11 -22.73 18.30 63.34
C THR B 11 -23.88 17.31 63.45
N ASP B 12 -24.69 17.27 62.39
CA ASP B 12 -25.79 16.33 62.29
C ASP B 12 -25.66 15.44 61.05
N LEU B 13 -24.59 15.58 60.28
CA LEU B 13 -24.38 14.75 59.12
C LEU B 13 -24.13 13.31 59.52
N ASN B 14 -24.51 12.40 58.63
CA ASN B 14 -24.41 10.97 58.94
C ASN B 14 -22.95 10.57 59.10
N PRO B 15 -22.65 9.58 59.96
CA PRO B 15 -21.26 9.16 60.12
C PRO B 15 -20.71 8.46 58.89
N LEU B 16 -19.46 8.00 58.97
CA LEU B 16 -18.74 7.34 57.87
C LEU B 16 -18.57 8.26 56.67
N TYR B 17 -18.60 9.57 56.88
CA TYR B 17 -18.36 10.51 55.78
C TYR B 17 -17.00 10.30 55.11
N PRO B 18 -15.89 10.06 55.84
CA PRO B 18 -14.61 9.82 55.12
C PRO B 18 -14.67 8.65 54.16
N ARG B 19 -15.49 7.65 54.44
CA ARG B 19 -15.73 6.47 53.61
C ARG B 19 -14.43 5.81 53.11
N ASP B 20 -13.32 6.01 53.82
CA ASP B 20 -12.02 5.42 53.51
C ASP B 20 -11.48 5.84 52.14
N ARG B 21 -12.19 6.76 51.47
CA ARG B 21 -11.86 7.18 50.12
C ARG B 21 -12.28 8.65 49.95
N ASP B 22 -11.35 9.55 50.29
CA ASP B 22 -11.56 10.99 50.20
C ASP B 22 -10.27 11.74 49.83
N TYR B 23 -9.34 11.06 49.17
CA TYR B 23 -7.97 11.54 49.00
C TYR B 23 -7.42 11.90 50.38
N ILE B 24 -6.92 13.12 50.56
CA ILE B 24 -6.47 13.57 51.87
C ILE B 24 -6.98 14.97 52.14
N TYR B 25 -7.48 15.64 51.09
CA TYR B 25 -7.87 17.04 51.17
C TYR B 25 -9.21 17.24 51.86
N GLU B 26 -9.95 16.17 52.15
CA GLU B 26 -11.19 16.26 52.90
C GLU B 26 -11.00 16.12 54.40
N GLY B 27 -9.87 15.57 54.85
CA GLY B 27 -9.65 15.41 56.28
C GLY B 27 -9.56 16.73 57.01
N ALA B 28 -8.79 17.67 56.46
CA ALA B 28 -8.67 18.98 57.10
C ALA B 28 -9.97 19.78 56.98
N ALA B 29 -10.68 19.60 55.86
CA ALA B 29 -11.98 20.25 55.71
C ALA B 29 -12.97 19.73 56.76
N GLN B 30 -12.90 18.44 57.08
CA GLN B 30 -13.72 17.90 58.15
C GLN B 30 -13.40 18.54 59.48
N ILE B 31 -12.12 18.76 59.75
CA ILE B 31 -11.70 19.38 61.00
C ILE B 31 -12.26 20.80 61.10
N ARG B 32 -12.18 21.57 60.01
CA ARG B 32 -12.70 22.92 60.00
C ARG B 32 -14.22 22.92 60.23
N LEU B 33 -14.93 21.98 59.60
CA LEU B 33 -16.37 21.87 59.82
C LEU B 33 -16.68 21.52 61.26
N ILE B 34 -15.92 20.59 61.84
CA ILE B 34 -16.14 20.20 63.23
C ILE B 34 -15.87 21.37 64.16
N LYS B 35 -14.78 22.10 63.93
CA LYS B 35 -14.45 23.24 64.78
C LYS B 35 -15.50 24.33 64.67
N GLN B 36 -15.97 24.62 63.45
CA GLN B 36 -16.97 25.66 63.27
C GLN B 36 -18.30 25.27 63.92
N THR B 37 -18.74 24.03 63.70
CA THR B 37 -20.00 23.59 64.29
C THR B 37 -19.92 23.52 65.81
N LEU B 38 -18.80 23.03 66.35
CA LEU B 38 -18.63 23.00 67.79
C LEU B 38 -18.66 24.39 68.39
N GLN B 39 -18.03 25.36 67.70
CA GLN B 39 -18.11 26.75 68.14
C GLN B 39 -19.54 27.26 68.08
N ASN B 40 -20.28 26.88 67.04
CA ASN B 40 -21.67 27.32 66.91
C ASN B 40 -22.54 26.73 68.02
N THR B 41 -22.30 25.48 68.39
CA THR B 41 -23.13 24.82 69.39
C THR B 41 -23.04 25.52 70.74
N PHE B 42 -21.83 25.77 71.22
CA PHE B 42 -21.60 26.42 72.51
C PHE B 42 -20.61 27.56 72.32
N PRO B 43 -21.09 28.72 71.89
CA PRO B 43 -20.17 29.85 71.66
C PRO B 43 -19.81 30.59 72.94
N ASN B 44 -19.57 29.84 74.01
CA ASN B 44 -19.12 30.40 75.28
C ASN B 44 -18.58 29.29 76.18
N VAL B 45 -17.33 29.43 76.63
CA VAL B 45 -16.72 28.47 77.55
C VAL B 45 -15.80 29.23 78.49
N THR B 46 -16.11 29.19 79.78
CA THR B 46 -15.26 29.81 80.79
C THR B 46 -14.63 28.78 81.71
N GLU B 47 -15.45 27.96 82.38
CA GLU B 47 -14.95 26.87 83.22
C GLU B 47 -16.08 25.86 83.46
N PRO B 48 -16.46 25.07 82.44
CA PRO B 48 -17.61 24.17 82.60
C PRO B 48 -17.31 22.95 83.46
N VAL B 49 -16.83 23.17 84.68
CA VAL B 49 -16.65 22.08 85.64
C VAL B 49 -17.93 21.80 86.41
N ASP B 50 -19.02 22.50 86.10
CA ASP B 50 -20.27 22.40 86.86
C ASP B 50 -21.21 21.39 86.21
N ILE B 51 -20.71 20.17 86.07
CA ILE B 51 -21.50 19.10 85.47
C ILE B 51 -22.24 18.33 86.57
N ASP B 52 -21.48 17.73 87.48
CA ASP B 52 -22.02 16.93 88.58
C ASP B 52 -23.03 15.90 88.06
N SER B 53 -22.49 14.97 87.27
CA SER B 53 -23.26 13.95 86.56
C SER B 53 -24.35 13.31 87.41
N ASP B 54 -24.14 13.27 88.74
CA ASP B 54 -25.18 12.77 89.63
C ASP B 54 -26.46 13.60 89.52
N THR B 55 -26.33 14.91 89.30
CA THR B 55 -27.50 15.74 89.09
C THR B 55 -28.25 15.34 87.83
N PHE B 56 -27.53 15.01 86.76
CA PHE B 56 -28.17 14.57 85.54
C PHE B 56 -28.94 13.27 85.75
N LYS B 57 -28.37 12.35 86.52
CA LYS B 57 -29.05 11.07 86.77
C LYS B 57 -30.34 11.27 87.55
N ILE B 58 -30.30 12.09 88.61
CA ILE B 58 -31.52 12.34 89.39
C ILE B 58 -32.49 13.20 88.59
N MET B 59 -31.97 14.07 87.73
CA MET B 59 -32.83 14.87 86.87
C MET B 59 -33.55 13.98 85.86
N SER B 60 -32.88 12.95 85.36
CA SER B 60 -33.55 11.98 84.49
C SER B 60 -34.40 11.02 85.31
N GLU B 61 -34.06 10.83 86.58
CA GLU B 61 -34.80 9.88 87.42
C GLU B 61 -36.25 10.31 87.60
N LYS B 62 -36.47 11.60 87.86
CA LYS B 62 -37.83 12.09 88.07
C LYS B 62 -38.66 11.95 86.79
N LEU B 63 -38.08 12.31 85.64
CA LEU B 63 -38.60 12.03 84.30
C LEU B 63 -39.89 12.79 83.98
N LYS B 64 -40.45 13.53 84.94
CA LYS B 64 -41.76 14.17 84.78
C LYS B 64 -41.64 15.65 84.42
N PHE B 65 -40.60 16.02 83.66
CA PHE B 65 -40.42 17.41 83.22
C PHE B 65 -41.45 17.73 82.15
N THR B 66 -42.59 18.27 82.56
CA THR B 66 -43.59 18.79 81.64
C THR B 66 -43.94 20.24 81.90
N GLY B 67 -44.10 20.63 83.16
CA GLY B 67 -44.42 22.00 83.50
C GLY B 67 -43.23 22.83 83.89
N ASP B 68 -42.27 22.98 82.99
CA ASP B 68 -41.08 23.83 83.18
C ASP B 68 -40.26 23.24 84.33
N ALA B 69 -40.24 23.84 85.52
CA ALA B 69 -39.34 23.41 86.58
C ALA B 69 -39.59 21.96 87.00
N MET B 70 -40.76 21.69 87.57
CA MET B 70 -41.13 20.35 88.04
C MET B 70 -40.11 19.81 89.05
N ASP B 71 -40.03 20.49 90.19
CA ASP B 71 -39.17 20.05 91.27
C ASP B 71 -39.80 18.88 92.02
N VAL B 72 -38.97 18.17 92.78
CA VAL B 72 -39.41 17.01 93.55
C VAL B 72 -39.01 17.19 95.02
N GLY B 73 -37.99 18.02 95.26
CA GLY B 73 -37.42 18.17 96.58
C GLY B 73 -38.26 19.02 97.51
N GLY B 74 -37.69 19.30 98.68
CA GLY B 74 -38.38 20.05 99.71
C GLY B 74 -37.74 21.38 100.04
N LEU B 75 -36.48 21.57 99.62
CA LEU B 75 -35.78 22.85 99.71
C LEU B 75 -35.59 23.30 101.16
N MET B 76 -34.85 22.51 101.94
CA MET B 76 -34.43 22.90 103.29
C MET B 76 -33.06 23.60 103.31
N ILE B 77 -32.88 24.63 102.49
CA ILE B 77 -31.81 25.58 102.75
C ILE B 77 -32.28 26.99 102.39
N LYS B 78 -32.70 27.75 103.41
CA LYS B 78 -33.15 29.12 103.22
C LYS B 78 -32.81 29.91 104.48
N ASN B 79 -32.56 31.19 104.32
CA ASN B 79 -32.34 32.07 105.46
C ASN B 79 -33.43 33.11 105.63
N VAL B 80 -33.65 33.97 104.63
CA VAL B 80 -34.80 34.86 104.57
C VAL B 80 -34.97 35.32 103.12
N THR B 81 -36.20 35.20 102.62
CA THR B 81 -36.57 35.61 101.27
C THR B 81 -38.05 36.00 101.23
N PRO B 82 -38.46 36.85 100.30
CA PRO B 82 -39.90 37.11 100.13
C PRO B 82 -40.68 35.92 99.59
N GLY B 83 -40.02 34.89 99.07
CA GLY B 83 -40.70 33.73 98.55
C GLY B 83 -40.73 32.57 99.51
N THR B 84 -39.94 31.54 99.24
CA THR B 84 -39.89 30.38 100.11
C THR B 84 -39.40 30.77 101.50
N GLY B 85 -40.11 30.30 102.51
CA GLY B 85 -39.79 30.65 103.90
C GLY B 85 -39.70 29.41 104.77
N ASP B 86 -38.85 29.49 105.79
CA ASP B 86 -38.70 28.42 106.77
C ASP B 86 -39.81 28.52 107.80
N LYS B 87 -39.64 27.83 108.93
CA LYS B 87 -40.63 27.86 110.00
C LYS B 87 -40.93 29.27 110.51
N ASP B 88 -40.10 30.26 110.13
CA ASP B 88 -40.34 31.63 110.58
C ASP B 88 -41.66 32.18 110.06
N VAL B 89 -42.14 31.69 108.90
CA VAL B 89 -43.42 32.15 108.38
C VAL B 89 -44.56 31.71 109.31
N VAL B 90 -44.41 30.54 109.93
CA VAL B 90 -45.41 30.09 110.89
C VAL B 90 -45.44 31.02 112.10
N THR B 91 -44.26 31.40 112.60
CA THR B 91 -44.20 32.30 113.74
C THR B 91 -44.79 33.67 113.40
N LYS B 92 -44.56 34.16 112.19
CA LYS B 92 -45.09 35.45 111.79
C LYS B 92 -46.61 35.46 111.80
N GLY B 93 -47.23 34.37 111.34
CA GLY B 93 -48.68 34.31 111.36
C GLY B 93 -49.25 34.28 112.77
N GLN B 94 -48.62 33.50 113.65
CA GLN B 94 -49.11 33.40 115.02
C GLN B 94 -49.01 34.72 115.76
N MET B 95 -47.90 35.44 115.58
CA MET B 95 -47.71 36.71 116.28
C MET B 95 -48.76 37.72 115.85
N GLU B 96 -49.06 37.77 114.55
CA GLU B 96 -50.09 38.70 114.07
C GLU B 96 -51.45 38.38 114.66
N ALA B 97 -51.79 37.10 114.75
CA ALA B 97 -53.10 36.71 115.28
C ALA B 97 -53.15 36.85 116.81
N PHE B 98 -52.02 36.66 117.48
CA PHE B 98 -51.98 36.63 118.94
C PHE B 98 -51.66 37.99 119.54
N MET B 99 -50.51 38.59 119.15
CA MET B 99 -50.04 39.79 119.82
C MET B 99 -51.00 40.96 119.65
N LYS B 100 -51.53 41.15 118.45
CA LYS B 100 -52.38 42.30 118.16
C LYS B 100 -53.73 41.94 117.52
N ASN B 101 -53.93 40.70 117.08
CA ASN B 101 -55.16 40.36 116.37
C ASN B 101 -56.24 39.82 117.31
N TRP B 102 -55.96 38.71 117.99
CA TRP B 102 -56.96 38.08 118.85
C TRP B 102 -56.65 38.27 120.33
N MET B 103 -55.43 37.91 120.75
CA MET B 103 -55.05 37.98 122.16
C MET B 103 -54.57 39.39 122.50
N GLU B 104 -55.52 40.31 122.51
CA GLU B 104 -55.24 41.69 122.88
C GLU B 104 -55.04 41.79 124.39
N ASN B 105 -54.32 42.84 124.80
CA ASN B 105 -54.09 43.07 126.22
C ASN B 105 -55.40 43.39 126.92
N LYS B 106 -55.62 42.74 128.07
CA LYS B 106 -56.83 42.86 128.87
C LYS B 106 -58.06 42.24 128.21
N LEU B 107 -57.90 41.51 127.11
CA LEU B 107 -59.03 40.88 126.45
C LEU B 107 -59.57 39.74 127.30
N TYR B 108 -60.86 39.46 127.12
CA TYR B 108 -61.55 38.40 127.84
C TYR B 108 -61.76 37.21 126.91
N ARG B 109 -61.29 36.04 127.32
CA ARG B 109 -61.41 34.83 126.54
C ARG B 109 -62.20 33.81 127.34
N ILE B 110 -63.17 33.17 126.69
CA ILE B 110 -64.05 32.19 127.32
C ILE B 110 -63.83 30.85 126.65
N GLY B 111 -63.58 29.83 127.45
CA GLY B 111 -63.38 28.48 126.92
C GLY B 111 -63.87 27.44 127.91
N SER B 112 -64.31 26.30 127.37
CA SER B 112 -64.82 25.23 128.21
C SER B 112 -63.72 24.36 128.80
N TYR B 113 -62.47 24.52 128.36
CA TYR B 113 -61.36 23.73 128.86
C TYR B 113 -60.63 24.51 129.95
N TYR B 114 -60.39 23.84 131.08
CA TYR B 114 -59.69 24.45 132.21
C TYR B 114 -58.18 24.41 132.03
N ILE B 115 -57.71 24.95 130.89
CA ILE B 115 -56.29 25.00 130.56
C ILE B 115 -55.94 26.43 130.21
N THR B 116 -54.84 26.92 130.76
CA THR B 116 -54.41 28.29 130.50
C THR B 116 -53.93 28.42 129.06
N GLU B 117 -53.89 29.67 128.58
CA GLU B 117 -53.45 29.94 127.21
C GLU B 117 -51.99 29.56 126.99
N GLU B 118 -51.19 29.50 128.06
CA GLU B 118 -49.79 29.13 127.92
C GLU B 118 -49.56 27.63 127.96
N ASP B 119 -50.62 26.84 128.13
CA ASP B 119 -50.48 25.39 128.22
C ASP B 119 -50.06 24.81 126.88
N ILE B 120 -49.50 23.60 126.93
CA ILE B 120 -49.06 22.91 125.72
C ILE B 120 -50.25 22.62 124.81
N ASN B 121 -51.34 22.12 125.41
CA ASN B 121 -52.57 21.94 124.64
C ASN B 121 -53.11 23.24 124.05
N PRO B 122 -53.13 24.36 124.77
CA PRO B 122 -53.55 25.63 124.17
C PRO B 122 -52.49 26.20 123.25
N GLY B 123 -52.70 27.43 122.77
CA GLY B 123 -51.74 28.06 121.87
C GLY B 123 -50.33 28.13 122.44
N ASP B 124 -50.21 28.23 123.76
CA ASP B 124 -48.91 28.23 124.43
C ASP B 124 -48.10 29.49 124.10
N SER B 125 -48.75 30.64 124.17
CA SER B 125 -48.08 31.91 123.91
C SER B 125 -48.67 32.99 124.81
N ILE B 126 -47.80 33.91 125.23
CA ILE B 126 -48.21 35.03 126.07
C ILE B 126 -48.58 34.56 127.47
N SER B 127 -48.79 35.50 128.38
CA SER B 127 -49.19 35.21 129.75
C SER B 127 -50.70 35.31 129.86
N LEU B 128 -51.33 34.28 130.44
CA LEU B 128 -52.77 34.21 130.58
C LEU B 128 -53.15 34.50 132.02
N GLY B 129 -54.09 35.40 132.21
CA GLY B 129 -54.56 35.75 133.55
C GLY B 129 -56.07 35.68 133.65
N PHE B 130 -56.54 35.17 134.77
CA PHE B 130 -57.98 35.04 134.98
C PHE B 130 -58.62 36.41 135.11
N GLY B 131 -59.81 36.54 134.53
CA GLY B 131 -60.56 37.78 134.57
C GLY B 131 -61.84 37.62 135.38
N SER B 132 -62.15 38.64 136.18
CA SER B 132 -63.34 38.64 137.03
C SER B 132 -64.28 39.75 136.59
N TRP B 133 -65.58 39.45 136.59
CA TRP B 133 -66.59 40.41 136.19
C TRP B 133 -66.60 40.60 134.68
N ALA B 134 -67.49 41.45 134.19
CA ALA B 134 -67.63 41.70 132.76
C ALA B 134 -67.08 43.09 132.41
N LYS B 135 -66.87 43.31 131.12
CA LYS B 135 -66.37 44.58 130.61
C LYS B 135 -67.51 45.35 129.97
N VAL B 136 -67.69 46.60 130.39
CA VAL B 136 -68.75 47.46 129.90
C VAL B 136 -68.12 48.73 129.36
N THR B 137 -68.60 49.18 128.20
CA THR B 137 -68.09 50.41 127.60
C THR B 137 -68.43 51.61 128.47
N GLY B 138 -67.51 52.57 128.52
CA GLY B 138 -67.73 53.76 129.33
C GLY B 138 -68.95 54.53 128.86
N VAL B 139 -69.82 54.87 129.81
CA VAL B 139 -71.04 55.60 129.50
C VAL B 139 -71.58 56.24 130.78
N ILE B 140 -72.39 57.28 130.64
CA ILE B 140 -72.99 57.99 131.76
C ILE B 140 -74.47 57.66 131.80
N MET B 141 -74.95 57.19 132.95
CA MET B 141 -76.34 56.82 133.09
C MET B 141 -77.23 58.06 133.08
N GLY B 142 -78.32 57.99 132.33
CA GLY B 142 -79.25 59.12 132.23
C GLY B 142 -78.66 60.35 131.61
N THR B 143 -77.86 60.18 130.56
CA THR B 143 -77.27 61.35 129.88
C THR B 143 -78.34 62.23 129.25
N GLY B 144 -79.32 61.62 128.59
CA GLY B 144 -80.40 62.34 127.95
C GLY B 144 -81.63 62.57 128.82
N VAL B 145 -81.58 62.20 130.09
CA VAL B 145 -82.72 62.34 130.99
C VAL B 145 -83.86 61.45 130.53
N VAL B 146 -83.51 60.35 129.86
CA VAL B 146 -84.52 59.42 129.37
C VAL B 146 -85.26 58.71 130.50
N ASN B 147 -84.56 58.36 131.57
CA ASN B 147 -85.18 57.65 132.68
C ASN B 147 -85.96 58.63 133.56
N PRO B 148 -87.27 58.44 133.72
CA PRO B 148 -88.05 59.35 134.56
C PRO B 148 -88.01 58.92 136.02
N ASP B 149 -87.83 59.89 136.91
CA ASP B 149 -87.80 59.67 138.35
C ASP B 149 -86.64 58.77 138.78
N GLY B 150 -85.54 58.80 138.05
CA GLY B 150 -84.37 57.98 138.36
C GLY B 150 -83.21 58.84 138.84
N SER B 151 -82.51 58.32 139.84
CA SER B 151 -81.35 59.02 140.38
C SER B 151 -80.24 59.08 139.33
N VAL B 152 -79.55 60.21 139.27
CA VAL B 152 -78.48 60.36 138.28
C VAL B 152 -77.28 59.54 138.72
N PRO B 153 -76.82 58.57 137.91
CA PRO B 153 -75.64 57.79 138.31
C PRO B 153 -74.34 58.38 137.80
N ASN B 154 -73.29 58.33 138.61
CA ASN B 154 -71.98 58.86 138.24
C ASN B 154 -71.03 57.70 138.00
N ALA B 155 -70.33 57.73 136.87
CA ALA B 155 -69.39 56.69 136.49
C ALA B 155 -68.00 57.29 136.39
N GLN B 156 -67.03 56.63 137.01
CA GLN B 156 -65.64 57.06 136.97
C GLN B 156 -64.86 56.16 136.03
N ARG B 157 -64.10 56.77 135.13
CA ARG B 157 -63.32 56.02 134.15
C ARG B 157 -62.21 55.25 134.85
N VAL B 158 -62.05 53.98 134.49
CA VAL B 158 -61.02 53.12 135.06
C VAL B 158 -61.31 52.85 136.53
N GLU B 159 -62.53 53.11 136.96
CA GLU B 159 -62.94 52.92 138.34
C GLU B 159 -63.80 51.67 138.45
N PHE B 160 -63.46 50.80 139.41
CA PHE B 160 -64.19 49.57 139.65
C PHE B 160 -64.89 49.68 141.00
N GLN B 161 -66.21 49.50 140.99
CA GLN B 161 -67.01 49.58 142.21
C GLN B 161 -68.38 49.00 141.91
N ALA B 162 -69.29 49.11 142.88
CA ALA B 162 -70.65 48.59 142.72
C ALA B 162 -70.64 47.05 142.73
N GLY B 163 -71.83 46.45 142.57
CA GLY B 163 -71.94 45.01 142.56
C GLY B 163 -72.91 44.56 141.49
N GLY B 164 -72.85 43.26 141.20
CA GLY B 164 -73.76 42.68 140.22
C GLY B 164 -75.21 42.74 140.66
N THR B 165 -75.46 42.49 141.94
CA THR B 165 -76.80 42.53 142.51
C THR B 165 -76.94 43.78 143.38
N GLY B 166 -78.01 44.53 143.16
CA GLY B 166 -78.24 45.75 143.91
C GLY B 166 -79.49 45.70 144.76
N GLY B 167 -79.58 46.60 145.74
CA GLY B 167 -80.74 46.64 146.62
C GLY B 167 -80.77 47.94 147.38
N ARG B 168 -81.86 48.12 148.13
CA ARG B 168 -82.07 49.33 148.93
C ARG B 168 -82.06 48.95 150.41
N VAL B 169 -80.87 48.96 151.00
CA VAL B 169 -80.71 48.62 152.42
C VAL B 169 -80.01 49.76 153.15
N PHE B 170 -78.83 50.15 152.65
CA PHE B 170 -78.06 51.20 153.31
C PHE B 170 -78.57 52.59 152.92
N ASN B 171 -78.75 52.83 151.62
CA ASN B 171 -79.17 54.14 151.15
C ASN B 171 -80.18 53.92 150.01
N THR B 172 -81.45 54.04 150.33
CA THR B 172 -82.52 53.88 149.34
C THR B 172 -83.85 54.15 150.04
N ILE B 173 -84.91 54.18 149.24
CA ILE B 173 -86.26 54.37 149.77
C ILE B 173 -86.84 53.01 150.13
N ARG B 174 -86.54 52.54 151.33
CA ARG B 174 -87.02 51.24 151.79
C ARG B 174 -88.34 51.41 152.55
N THR B 175 -88.78 50.34 153.19
CA THR B 175 -90.02 50.34 153.96
C THR B 175 -89.69 50.12 155.44
N GLU B 176 -90.74 50.07 156.26
CA GLU B 176 -90.58 49.87 157.70
C GLU B 176 -90.20 51.17 158.38
N ASN B 177 -90.93 51.53 159.43
CA ASN B 177 -90.69 52.76 160.18
C ASN B 177 -91.61 52.76 161.39
N VAL B 178 -91.51 53.82 162.19
CA VAL B 178 -92.34 54.00 163.37
C VAL B 178 -93.71 54.49 162.90
N PRO B 179 -94.80 53.77 163.18
CA PRO B 179 -96.12 54.21 162.70
C PRO B 179 -96.59 55.44 163.46
N LEU B 180 -97.05 56.44 162.72
CA LEU B 180 -97.60 57.66 163.30
C LEU B 180 -98.86 58.04 162.53
N MET B 181 -99.89 58.45 163.27
CA MET B 181 -101.16 58.81 162.66
C MET B 181 -101.90 59.75 163.60
N THR B 182 -102.90 60.43 163.04
CA THR B 182 -103.74 61.36 163.78
C THR B 182 -105.19 61.09 163.46
N VAL B 183 -106.06 61.38 164.43
CA VAL B 183 -107.49 61.16 164.31
C VAL B 183 -108.20 62.51 164.30
N ASN B 184 -109.13 62.67 163.37
CA ASN B 184 -109.89 63.92 163.27
C ASN B 184 -110.75 64.10 164.51
N GLY B 185 -110.93 65.37 164.90
CA GLY B 185 -111.71 65.68 166.08
C GLY B 185 -113.15 65.20 165.94
N SER B 186 -113.65 64.51 166.96
CA SER B 186 -115.00 63.98 166.96
C SER B 186 -115.65 64.27 168.31
N SER B 187 -116.97 64.32 168.31
CA SER B 187 -117.74 64.59 169.52
C SER B 187 -118.30 63.29 170.07
N PHE B 188 -118.02 63.03 171.35
CA PHE B 188 -118.51 61.85 172.03
C PHE B 188 -119.63 62.27 172.99
N SER B 189 -120.74 61.54 172.94
CA SER B 189 -121.91 61.84 173.74
C SER B 189 -122.00 60.86 174.90
N LEU B 190 -122.09 61.39 176.12
CA LEU B 190 -122.24 60.58 177.32
C LEU B 190 -123.48 61.06 178.06
N SER B 191 -124.39 60.13 178.36
CA SER B 191 -125.65 60.44 179.01
C SER B 191 -125.55 60.08 180.49
N SER B 192 -125.71 61.07 181.37
CA SER B 192 -125.69 60.86 182.80
C SER B 192 -127.14 60.80 183.29
N ASN B 193 -127.67 59.58 183.34
CA ASN B 193 -129.06 59.40 183.77
C ASN B 193 -129.20 59.75 185.25
N THR B 194 -130.24 60.50 185.58
CA THR B 194 -130.50 60.89 186.96
C THR B 194 -131.27 59.84 187.74
N HIS B 195 -131.73 58.78 187.09
CA HIS B 195 -132.48 57.73 187.75
C HIS B 195 -131.57 56.53 188.02
N SER B 196 -132.17 55.47 188.55
CA SER B 196 -131.48 54.22 188.91
C SER B 196 -130.49 54.38 190.06
N HIS B 197 -130.51 55.52 190.77
CA HIS B 197 -129.63 55.70 191.90
C HIS B 197 -130.05 54.91 193.12
N ASN B 198 -131.33 54.55 193.21
CA ASN B 198 -131.84 53.80 194.36
C ASN B 198 -131.73 54.59 195.65
N MET B 199 -131.90 53.92 196.78
CA MET B 199 -131.80 54.55 198.09
C MET B 199 -130.85 53.75 198.97
N VAL B 200 -130.07 54.47 199.77
CA VAL B 200 -129.10 53.86 200.69
C VAL B 200 -129.23 54.52 202.05
N PHE B 201 -128.75 53.81 203.07
CA PHE B 201 -128.79 54.31 204.44
C PHE B 201 -130.22 54.39 204.95
N GLY B 202 -130.42 55.14 206.04
CA GLY B 202 -131.75 55.29 206.63
C GLY B 202 -132.07 56.75 206.89
N ARG B 203 -133.20 56.96 207.54
CA ARG B 203 -133.65 58.31 207.87
C ARG B 203 -132.70 58.95 208.87
N GLY B 204 -132.37 60.22 208.62
CA GLY B 204 -131.48 60.96 209.48
C GLY B 204 -132.02 61.20 210.88
N ASP B 205 -131.24 60.93 211.91
CA ASP B 205 -129.87 60.42 211.78
C ASP B 205 -128.88 61.49 211.29
N ALA B 206 -127.86 61.04 210.55
CA ALA B 206 -126.87 61.92 209.96
C ALA B 206 -126.81 61.66 208.47
N SER B 207 -126.82 62.73 207.67
CA SER B 207 -126.79 62.63 206.23
C SER B 207 -125.66 63.48 205.68
N GLY B 208 -124.93 62.93 204.71
CA GLY B 208 -123.83 63.68 204.12
C GLY B 208 -124.33 64.84 203.28
N HIS B 209 -123.51 65.88 203.17
CA HIS B 209 -123.87 67.05 202.39
C HIS B 209 -123.81 66.73 200.91
N ASN B 210 -124.55 67.52 200.12
CA ASN B 210 -124.61 67.39 198.68
C ASN B 210 -125.29 66.11 198.22
N SER B 211 -126.10 65.49 199.07
CA SER B 211 -126.81 64.27 198.72
C SER B 211 -128.02 64.59 197.86
N SER B 212 -128.20 63.81 196.80
CA SER B 212 -129.32 64.02 195.91
C SER B 212 -130.63 63.64 196.62
N PRO B 213 -131.62 64.54 196.67
CA PRO B 213 -132.87 64.21 197.36
C PRO B 213 -133.84 63.48 196.46
N ASN B 214 -134.49 62.44 196.99
CA ASN B 214 -135.44 61.62 196.27
C ASN B 214 -136.77 61.58 197.03
N TRP B 215 -137.72 60.84 196.48
CA TRP B 215 -139.03 60.69 197.10
C TRP B 215 -139.28 59.22 197.44
N TYR B 216 -140.02 59.01 198.53
CA TYR B 216 -140.38 57.68 198.98
C TYR B 216 -141.79 57.26 198.57
N SER B 217 -142.45 58.05 197.72
CA SER B 217 -143.82 57.80 197.29
C SER B 217 -144.74 57.75 198.52
N PRO B 218 -144.59 58.68 199.46
CA PRO B 218 -145.48 58.69 200.63
C PRO B 218 -146.67 59.62 200.45
N GLY B 219 -147.84 59.20 200.91
CA GLY B 219 -149.01 60.05 200.83
C GLY B 219 -149.02 61.05 201.97
N GLY B 220 -148.81 62.33 201.63
CA GLY B 220 -148.79 63.36 202.66
C GLY B 220 -150.16 63.56 203.28
N GLY B 221 -150.24 63.29 204.59
CA GLY B 221 -151.51 63.47 205.28
C GLY B 221 -151.97 64.91 205.32
N TYR B 222 -151.05 65.83 205.65
CA TYR B 222 -151.35 67.25 205.71
C TYR B 222 -150.41 68.13 204.90
N SER B 223 -149.13 67.79 204.84
CA SER B 223 -148.19 68.61 204.09
C SER B 223 -148.25 68.27 202.60
N GLN B 224 -147.51 69.06 201.81
CA GLN B 224 -147.43 68.87 200.37
C GLN B 224 -146.00 68.47 200.01
N ARG B 225 -145.87 67.37 199.27
CA ARG B 225 -144.56 66.86 198.86
C ARG B 225 -144.14 67.58 197.59
N THR B 226 -143.50 68.75 197.77
CA THR B 226 -143.02 69.53 196.64
C THR B 226 -141.71 69.03 196.08
N ASP B 227 -141.01 68.13 196.78
CA ASP B 227 -139.75 67.58 196.31
C ASP B 227 -139.92 66.34 195.46
N ASN B 228 -141.15 65.84 195.30
CA ASN B 228 -141.43 64.65 194.50
C ASN B 228 -142.27 65.05 193.30
N ASP B 229 -141.86 64.60 192.12
CA ASP B 229 -142.58 64.91 190.90
C ASP B 229 -142.29 63.81 189.87
N THR B 230 -143.16 63.73 188.87
CA THR B 230 -143.05 62.74 187.80
C THR B 230 -142.32 63.37 186.62
N HIS B 231 -141.29 62.69 186.13
CA HIS B 231 -140.53 63.18 185.00
C HIS B 231 -141.38 63.12 183.73
N THR B 232 -141.28 64.17 182.91
CA THR B 232 -142.01 64.27 181.65
C THR B 232 -141.13 64.12 180.43
N HIS B 233 -139.90 64.62 180.47
CA HIS B 233 -138.99 64.52 179.34
C HIS B 233 -137.61 64.13 179.85
N THR B 234 -136.88 63.41 179.01
CA THR B 234 -135.53 62.98 179.36
C THR B 234 -134.54 64.13 179.24
N ILE B 235 -133.37 63.94 179.84
CA ILE B 235 -132.30 64.93 179.82
C ILE B 235 -131.19 64.42 178.92
N SER B 236 -130.84 65.20 177.91
CA SER B 236 -129.79 64.85 176.96
C SER B 236 -128.56 65.70 177.25
N GLY B 237 -127.41 65.04 177.38
CA GLY B 237 -126.17 65.74 177.67
C GLY B 237 -125.09 65.39 176.66
N SER B 238 -124.11 66.28 176.57
CA SER B 238 -122.99 66.12 175.65
C SER B 238 -121.73 65.86 176.47
N VAL B 239 -121.02 64.78 176.13
CA VAL B 239 -119.79 64.42 176.82
C VAL B 239 -118.64 65.24 176.28
N SER B 240 -117.50 65.23 176.98
CA SER B 240 -116.33 65.97 176.58
C SER B 240 -115.58 65.22 175.48
N LEU B 241 -114.37 65.68 175.16
CA LEU B 241 -113.58 65.05 174.11
C LEU B 241 -113.05 63.69 174.59
N GLY B 242 -112.33 63.01 173.70
CA GLY B 242 -111.78 61.71 174.02
C GLY B 242 -110.33 61.56 173.63
N ARG B 243 -109.92 60.36 173.24
CA ARG B 243 -108.55 60.11 172.86
C ARG B 243 -108.22 60.83 171.55
N ASP B 244 -106.91 61.05 171.34
CA ASP B 244 -106.43 61.75 170.15
C ASP B 244 -105.99 60.80 169.04
N ASP B 245 -105.07 59.90 169.33
CA ASP B 245 -104.57 58.95 168.34
C ASP B 245 -103.77 57.87 169.06
N ILE B 246 -103.24 56.93 168.28
CA ILE B 246 -102.47 55.81 168.82
C ILE B 246 -101.03 56.28 169.08
N SER B 247 -100.28 55.47 169.83
CA SER B 247 -98.90 55.78 170.19
C SER B 247 -97.95 55.00 169.26
N ARG B 248 -96.66 55.09 169.57
CA ARG B 248 -95.66 54.40 168.76
C ARG B 248 -95.81 52.89 168.90
N GLN B 249 -95.54 52.19 167.82
CA GLN B 249 -95.65 50.73 167.74
C GLN B 249 -94.38 50.17 167.13
N PRO B 250 -94.06 48.91 167.42
CA PRO B 250 -92.85 48.30 166.85
C PRO B 250 -93.08 47.79 165.44
N ILE B 251 -92.12 48.02 164.55
CA ILE B 251 -92.19 47.61 163.15
C ILE B 251 -91.04 46.67 162.87
N ASN B 252 -91.35 45.52 162.26
CA ASN B 252 -90.33 44.53 161.92
C ASN B 252 -89.93 43.72 163.14
N THR B 253 -89.12 42.68 162.92
CA THR B 253 -88.65 41.81 163.99
C THR B 253 -87.16 42.04 164.20
N LEU B 254 -86.76 42.20 165.46
CA LEU B 254 -85.35 42.42 165.77
C LEU B 254 -84.45 41.26 165.34
N PRO B 255 -84.79 40.00 165.60
CA PRO B 255 -83.93 38.90 165.15
C PRO B 255 -83.85 38.86 163.64
N PRO B 256 -84.90 39.29 162.94
CA PRO B 256 -84.86 39.28 161.47
C PRO B 256 -84.36 40.60 160.90
N PHE B 257 -83.85 41.47 161.76
CA PHE B 257 -83.35 42.77 161.33
C PHE B 257 -82.14 42.60 160.43
N ARG B 258 -82.03 43.48 159.43
CA ARG B 258 -80.94 43.45 158.46
C ARG B 258 -80.93 42.15 157.64
N ALA B 259 -82.11 41.62 157.36
CA ALA B 259 -82.22 40.38 156.59
C ALA B 259 -81.74 40.62 155.17
N ALA B 260 -80.97 39.67 154.63
CA ALA B 260 -80.45 39.79 153.28
C ALA B 260 -81.53 39.50 152.27
N HIS B 261 -81.54 40.25 151.17
CA HIS B 261 -82.49 40.08 150.08
C HIS B 261 -81.74 39.64 148.84
N ILE B 262 -82.21 38.57 148.20
CA ILE B 262 -81.56 38.06 146.99
C ILE B 262 -81.92 38.94 145.82
N TRP B 263 -80.91 39.46 145.13
CA TRP B 263 -81.13 40.32 143.97
C TRP B 263 -80.18 40.05 142.82
N ARG B 264 -79.51 38.89 142.80
CA ARG B 264 -78.59 38.58 141.72
C ARG B 264 -79.36 38.38 140.41
N ARG B 265 -78.81 38.91 139.33
CA ARG B 265 -79.44 38.80 138.02
C ARG B 265 -78.99 37.54 137.30
N ILE B 266 -79.70 37.20 136.23
CA ILE B 266 -79.38 36.02 135.44
C ILE B 266 -78.09 36.22 134.64
N GLU C 4 -2.86 24.74 67.01
CA GLU C 4 -2.44 26.00 67.58
C GLU C 4 -2.39 25.93 69.11
N THR C 5 -1.20 25.68 69.64
CA THR C 5 -1.05 25.57 71.08
C THR C 5 -1.00 26.95 71.74
N ASN C 6 -1.94 27.15 72.68
CA ASN C 6 -2.21 28.42 73.37
C ASN C 6 -3.65 28.41 73.88
N ALA C 7 -4.54 27.75 73.15
CA ALA C 7 -5.96 27.74 73.47
C ALA C 7 -6.25 26.92 74.73
N VAL C 8 -6.47 27.61 75.85
CA VAL C 8 -6.91 26.94 77.08
C VAL C 8 -8.29 27.38 77.53
N VAL C 9 -8.77 28.56 77.13
CA VAL C 9 -10.12 28.97 77.46
C VAL C 9 -11.14 28.18 76.63
N ILE C 10 -10.68 27.57 75.53
CA ILE C 10 -11.48 26.72 74.66
C ILE C 10 -12.52 27.54 73.91
N THR C 11 -12.95 27.06 72.75
CA THR C 11 -13.97 27.67 71.89
C THR C 11 -13.48 28.97 71.27
N ASP C 12 -12.28 29.42 71.62
CA ASP C 12 -11.67 30.63 71.06
C ASP C 12 -10.57 30.25 70.08
N LEU C 13 -10.80 29.19 69.32
CA LEU C 13 -9.84 28.72 68.33
C LEU C 13 -9.94 29.55 67.06
N ASN C 14 -9.14 29.17 66.06
CA ASN C 14 -9.11 29.90 64.80
C ASN C 14 -9.29 28.94 63.63
N PRO C 15 -10.52 28.45 63.40
CA PRO C 15 -10.71 27.48 62.31
C PRO C 15 -10.45 28.04 60.93
N LEU C 16 -10.83 29.30 60.67
CA LEU C 16 -10.66 29.89 59.36
C LEU C 16 -9.26 30.47 59.21
N TYR C 17 -8.60 30.10 58.11
CA TYR C 17 -7.20 30.35 57.74
C TYR C 17 -6.33 29.53 58.73
N PRO C 18 -5.40 30.14 59.50
CA PRO C 18 -4.10 29.51 59.80
C PRO C 18 -3.88 28.03 59.53
N ARG C 19 -4.58 27.47 58.54
CA ARG C 19 -4.36 26.11 58.06
C ARG C 19 -3.77 26.14 56.65
N ASP C 20 -4.37 26.90 55.74
CA ASP C 20 -3.85 27.19 54.40
C ASP C 20 -3.62 25.92 53.58
N ARG C 21 -4.14 24.78 54.02
CA ARG C 21 -4.05 23.52 53.29
C ARG C 21 -2.60 23.11 53.07
N ASP C 22 -1.84 23.06 54.17
CA ASP C 22 -0.39 22.94 54.11
C ASP C 22 0.13 21.91 55.10
N TYR C 23 1.35 21.43 54.84
CA TYR C 23 2.22 20.78 55.81
C TYR C 23 1.83 19.34 56.15
N ILE C 24 0.65 18.90 55.70
CA ILE C 24 0.25 17.49 55.77
C ILE C 24 0.15 16.96 57.20
N TYR C 25 0.99 17.47 58.11
CA TYR C 25 1.30 16.77 59.35
C TYR C 25 0.65 17.37 60.59
N GLU C 26 0.09 18.58 60.49
CA GLU C 26 -0.57 19.19 61.63
C GLU C 26 -1.98 18.67 61.85
N GLY C 27 -2.50 17.84 60.94
CA GLY C 27 -3.82 17.27 61.13
C GLY C 27 -3.92 16.40 62.37
N ALA C 28 -2.91 15.57 62.61
CA ALA C 28 -2.88 14.75 63.82
C ALA C 28 -2.79 15.63 65.06
N ALA C 29 -1.97 16.69 65.01
CA ALA C 29 -1.86 17.59 66.15
C ALA C 29 -3.17 18.31 66.43
N GLN C 30 -3.89 18.71 65.38
CA GLN C 30 -5.18 19.36 65.55
C GLN C 30 -6.18 18.41 66.21
N ILE C 31 -6.18 17.15 65.81
CA ILE C 31 -7.09 16.17 66.40
C ILE C 31 -6.78 15.99 67.88
N ARG C 32 -5.50 15.90 68.23
CA ARG C 32 -5.12 15.81 69.64
C ARG C 32 -5.52 17.07 70.39
N LEU C 33 -5.33 18.24 69.77
CA LEU C 33 -5.72 19.49 70.40
C LEU C 33 -7.22 19.55 70.61
N ILE C 34 -8.00 19.09 69.63
CA ILE C 34 -9.45 19.07 69.76
C ILE C 34 -9.86 18.16 70.92
N LYS C 35 -9.17 17.03 71.09
CA LYS C 35 -9.47 16.14 72.20
C LYS C 35 -9.24 16.83 73.54
N GLN C 36 -8.18 17.64 73.65
CA GLN C 36 -7.94 18.39 74.87
C GLN C 36 -9.07 19.38 75.13
N THR C 37 -9.53 20.06 74.07
CA THR C 37 -10.61 21.04 74.23
C THR C 37 -11.90 20.36 74.67
N LEU C 38 -12.24 19.23 74.04
CA LEU C 38 -13.46 18.52 74.40
C LEU C 38 -13.39 17.99 75.83
N GLN C 39 -12.25 17.41 76.21
CA GLN C 39 -12.11 16.86 77.56
C GLN C 39 -12.12 17.96 78.61
N ASN C 40 -11.48 19.10 78.31
CA ASN C 40 -11.41 20.18 79.28
C ASN C 40 -12.79 20.77 79.57
N THR C 41 -13.62 20.93 78.54
CA THR C 41 -14.95 21.49 78.74
C THR C 41 -15.80 20.61 79.63
N PHE C 42 -15.79 19.30 79.38
CA PHE C 42 -16.64 18.35 80.11
C PHE C 42 -15.80 17.20 80.63
N PRO C 43 -14.98 17.43 81.69
CA PRO C 43 -14.24 16.35 82.33
C PRO C 43 -15.04 15.62 83.41
N ASN C 44 -16.31 15.33 83.10
CA ASN C 44 -17.17 14.57 84.02
C ASN C 44 -18.23 13.86 83.17
N VAL C 45 -17.94 12.61 82.80
CA VAL C 45 -18.86 11.82 81.99
C VAL C 45 -18.88 10.39 82.50
N THR C 46 -20.02 9.95 82.99
CA THR C 46 -20.21 8.56 83.39
C THR C 46 -21.29 7.85 82.60
N GLU C 47 -22.45 8.48 82.43
CA GLU C 47 -23.55 7.92 81.64
C GLU C 47 -24.52 9.04 81.28
N PRO C 48 -24.21 9.85 80.25
CA PRO C 48 -25.09 10.97 79.91
C PRO C 48 -26.40 10.52 79.29
N VAL C 49 -27.25 9.87 80.10
CA VAL C 49 -28.57 9.46 79.63
C VAL C 49 -29.64 10.50 79.89
N ASP C 50 -29.29 11.64 80.48
CA ASP C 50 -30.23 12.74 80.72
C ASP C 50 -30.21 13.66 79.51
N ILE C 51 -30.74 13.16 78.40
CA ILE C 51 -30.79 13.94 77.16
C ILE C 51 -31.85 15.03 77.28
N ASP C 52 -33.07 14.63 77.68
CA ASP C 52 -34.21 15.50 77.97
C ASP C 52 -34.22 16.75 77.09
N SER C 53 -34.27 16.49 75.77
CA SER C 53 -34.15 17.55 74.78
C SER C 53 -35.20 18.64 74.98
N ASP C 54 -36.42 18.25 75.36
CA ASP C 54 -37.48 19.22 75.59
C ASP C 54 -37.12 20.17 76.72
N THR C 55 -36.51 19.64 77.79
CA THR C 55 -36.12 20.49 78.92
C THR C 55 -35.09 21.52 78.50
N PHE C 56 -34.03 21.09 77.81
CA PHE C 56 -33.01 22.03 77.37
C PHE C 56 -33.54 23.02 76.34
N LYS C 57 -34.35 22.54 75.39
CA LYS C 57 -34.84 23.39 74.31
C LYS C 57 -35.75 24.49 74.83
N ILE C 58 -36.65 24.15 75.76
CA ILE C 58 -37.59 25.14 76.27
C ILE C 58 -36.87 26.27 77.00
N MET C 59 -35.89 25.91 77.84
CA MET C 59 -35.19 26.93 78.62
C MET C 59 -34.38 27.84 77.70
N SER C 60 -34.04 27.36 76.51
CA SER C 60 -33.29 28.19 75.56
C SER C 60 -34.09 29.41 75.16
N GLU C 61 -35.39 29.25 74.89
CA GLU C 61 -36.21 30.40 74.53
C GLU C 61 -36.39 31.35 75.71
N LYS C 62 -36.27 30.84 76.94
CA LYS C 62 -36.32 31.72 78.10
C LYS C 62 -35.22 32.77 78.04
N LEU C 63 -33.96 32.32 78.08
CA LEU C 63 -32.76 33.13 77.88
C LEU C 63 -32.62 34.25 78.92
N LYS C 64 -33.50 34.32 79.91
CA LYS C 64 -33.50 35.42 80.87
C LYS C 64 -33.32 34.90 82.29
N PHE C 65 -33.09 33.61 82.47
CA PHE C 65 -32.96 33.03 83.81
C PHE C 65 -31.64 33.49 84.41
N THR C 66 -31.67 34.60 85.13
CA THR C 66 -30.47 35.16 85.75
C THR C 66 -30.61 35.12 87.27
N GLY C 67 -31.81 35.43 87.76
CA GLY C 67 -32.09 35.30 89.18
C GLY C 67 -32.52 33.89 89.53
N ASP C 68 -31.69 32.91 89.16
CA ASP C 68 -31.98 31.49 89.32
C ASP C 68 -33.16 31.09 88.43
N ALA C 69 -34.15 30.42 89.01
CA ALA C 69 -35.27 29.89 88.24
C ALA C 69 -36.03 30.98 87.49
N MET C 70 -36.70 31.87 88.23
CA MET C 70 -37.51 32.95 87.66
C MET C 70 -38.48 32.41 86.61
N ASP C 71 -39.10 31.28 86.93
CA ASP C 71 -40.01 30.65 85.99
C ASP C 71 -41.29 31.45 85.84
N VAL C 72 -41.87 31.40 84.64
CA VAL C 72 -43.09 32.14 84.32
C VAL C 72 -44.33 31.44 84.82
N GLY C 73 -44.22 30.21 85.31
CA GLY C 73 -45.33 29.46 85.84
C GLY C 73 -45.57 29.73 87.30
N GLY C 74 -46.25 28.80 87.96
CA GLY C 74 -46.55 28.94 89.37
C GLY C 74 -46.01 27.80 90.21
N LEU C 75 -45.26 26.89 89.57
CA LEU C 75 -44.68 25.72 90.22
C LEU C 75 -45.77 24.94 90.95
N MET C 76 -46.71 24.42 90.16
CA MET C 76 -47.88 23.75 90.70
C MET C 76 -47.61 22.28 91.03
N ILE C 77 -46.52 22.03 91.76
CA ILE C 77 -46.22 20.68 92.24
C ILE C 77 -45.25 20.80 93.40
N LYS C 78 -45.51 20.01 94.44
CA LYS C 78 -44.63 19.87 95.61
C LYS C 78 -45.17 18.77 96.49
N ASN C 79 -44.32 18.18 97.33
CA ASN C 79 -44.68 16.99 98.09
C ASN C 79 -44.84 17.28 99.57
N VAL C 80 -43.84 17.87 100.21
CA VAL C 80 -43.82 18.01 101.66
C VAL C 80 -42.87 19.15 101.99
N THR C 81 -42.96 19.65 103.24
CA THR C 81 -42.05 20.53 104.01
C THR C 81 -42.72 21.85 104.34
N PRO C 82 -42.33 22.50 105.45
CA PRO C 82 -42.89 23.82 105.77
C PRO C 82 -42.27 24.94 104.94
N GLY C 83 -41.58 24.58 103.87
CA GLY C 83 -40.93 25.56 103.02
C GLY C 83 -41.83 26.00 101.88
N THR C 84 -41.59 25.48 100.68
CA THR C 84 -42.47 25.76 99.56
C THR C 84 -43.89 25.36 99.90
N GLY C 85 -44.84 26.27 99.69
CA GLY C 85 -46.20 26.13 100.15
C GLY C 85 -47.13 25.76 99.01
N ASP C 86 -47.92 24.70 99.23
CA ASP C 86 -48.96 24.28 98.33
C ASP C 86 -50.30 24.86 98.80
N LYS C 87 -51.39 24.38 98.20
CA LYS C 87 -52.73 24.80 98.63
C LYS C 87 -53.04 24.32 100.03
N ASP C 88 -52.27 23.37 100.57
CA ASP C 88 -52.48 22.89 101.93
C ASP C 88 -52.12 23.92 103.00
N VAL C 89 -51.44 25.00 102.63
CA VAL C 89 -51.10 26.03 103.61
C VAL C 89 -52.38 26.67 104.16
N VAL C 90 -53.35 26.94 103.28
CA VAL C 90 -54.63 27.47 103.73
C VAL C 90 -55.32 26.47 104.64
N THR C 91 -55.31 25.19 104.28
CA THR C 91 -55.87 24.15 105.15
C THR C 91 -55.08 24.06 106.45
N LYS C 92 -53.74 24.16 106.37
CA LYS C 92 -52.94 24.15 107.58
C LYS C 92 -53.24 25.36 108.45
N GLY C 93 -53.46 26.52 107.83
CA GLY C 93 -53.72 27.72 108.60
C GLY C 93 -55.00 27.66 109.39
N GLN C 94 -56.07 27.14 108.78
CA GLN C 94 -57.36 27.09 109.46
C GLN C 94 -57.37 26.04 110.57
N MET C 95 -56.60 24.96 110.41
CA MET C 95 -56.46 24.00 111.50
C MET C 95 -55.76 24.63 112.70
N GLU C 96 -54.67 25.36 112.44
CA GLU C 96 -53.97 26.04 113.52
C GLU C 96 -54.83 27.12 114.14
N ALA C 97 -55.54 27.88 113.30
CA ALA C 97 -56.35 29.00 113.80
C ALA C 97 -57.57 28.50 114.58
N PHE C 98 -58.23 27.46 114.07
CA PHE C 98 -59.48 27.00 114.68
C PHE C 98 -59.25 25.86 115.68
N MET C 99 -58.66 24.76 115.22
CA MET C 99 -58.62 23.56 116.04
C MET C 99 -57.76 23.74 117.28
N LYS C 100 -56.69 24.52 117.21
CA LYS C 100 -55.73 24.57 118.31
C LYS C 100 -55.50 25.96 118.89
N ASN C 101 -55.37 26.99 118.06
CA ASN C 101 -54.80 28.26 118.51
C ASN C 101 -55.84 29.32 118.88
N TRP C 102 -56.68 29.71 117.93
CA TRP C 102 -57.55 30.86 118.16
C TRP C 102 -58.95 30.46 118.61
N MET C 103 -59.68 29.74 117.76
CA MET C 103 -61.08 29.37 118.04
C MET C 103 -61.17 27.94 118.56
N GLU C 104 -60.56 27.71 119.73
CA GLU C 104 -60.48 26.38 120.29
C GLU C 104 -61.87 25.85 120.66
N ASN C 105 -61.91 24.59 121.09
CA ASN C 105 -63.17 23.96 121.44
C ASN C 105 -63.86 24.73 122.56
N LYS C 106 -65.17 24.93 122.42
CA LYS C 106 -65.98 25.71 123.34
C LYS C 106 -65.76 27.21 123.22
N LEU C 107 -65.08 27.66 122.17
CA LEU C 107 -64.84 29.09 121.99
C LEU C 107 -66.15 29.83 121.70
N TYR C 108 -66.22 31.06 122.17
CA TYR C 108 -67.40 31.90 122.00
C TYR C 108 -67.17 32.89 120.87
N ARG C 109 -68.14 33.00 119.96
CA ARG C 109 -68.07 33.91 118.84
C ARG C 109 -69.24 34.88 118.90
N ILE C 110 -68.98 36.14 118.55
CA ILE C 110 -69.98 37.19 118.58
C ILE C 110 -70.36 37.53 117.15
N GLY C 111 -71.65 37.46 116.85
CA GLY C 111 -72.13 37.77 115.52
C GLY C 111 -73.60 38.15 115.51
N SER C 112 -73.94 39.23 114.79
CA SER C 112 -75.32 39.68 114.71
C SER C 112 -76.14 38.91 113.68
N TYR C 113 -75.50 38.12 112.84
CA TYR C 113 -76.21 37.34 111.82
C TYR C 113 -76.66 36.01 112.40
N TYR C 114 -77.82 35.54 111.95
CA TYR C 114 -78.37 34.27 112.40
C TYR C 114 -77.80 33.12 111.58
N ILE C 115 -76.48 33.01 111.53
CA ILE C 115 -75.80 31.96 110.78
C ILE C 115 -74.97 31.16 111.78
N THR C 116 -75.16 29.84 111.80
CA THR C 116 -74.42 28.99 112.70
C THR C 116 -72.95 28.92 112.29
N GLU C 117 -72.06 28.79 113.27
CA GLU C 117 -70.64 28.68 113.00
C GLU C 117 -70.25 27.35 112.37
N GLU C 118 -71.13 26.36 112.40
CA GLU C 118 -70.84 25.04 111.83
C GLU C 118 -71.13 24.97 110.33
N ASP C 119 -71.35 26.10 109.67
CA ASP C 119 -71.66 26.11 108.24
C ASP C 119 -70.49 25.63 107.40
N ILE C 120 -70.70 25.48 106.10
CA ILE C 120 -69.65 25.02 105.20
C ILE C 120 -68.48 26.00 105.20
N ASN C 121 -68.78 27.30 105.26
CA ASN C 121 -67.72 28.29 105.37
C ASN C 121 -66.83 28.10 106.59
N PRO C 122 -67.36 27.80 107.79
CA PRO C 122 -66.49 27.55 108.93
C PRO C 122 -65.87 26.15 108.87
N GLY C 123 -65.15 25.76 109.93
CA GLY C 123 -64.52 24.46 109.97
C GLY C 123 -65.49 23.30 109.87
N ASP C 124 -66.74 23.49 110.27
CA ASP C 124 -67.76 22.45 110.20
C ASP C 124 -67.43 21.26 111.10
N SER C 125 -67.01 21.55 112.33
CA SER C 125 -66.66 20.52 113.29
C SER C 125 -66.97 21.04 114.69
N ILE C 126 -67.02 20.11 115.65
CA ILE C 126 -67.31 20.45 117.04
C ILE C 126 -68.80 20.77 117.20
N SER C 127 -69.26 20.81 118.44
CA SER C 127 -70.66 21.09 118.73
C SER C 127 -70.83 22.58 119.02
N LEU C 128 -71.75 23.22 118.30
CA LEU C 128 -72.02 24.64 118.44
C LEU C 128 -73.50 24.84 118.74
N GLY C 129 -73.79 25.63 119.76
CA GLY C 129 -75.16 25.92 120.13
C GLY C 129 -75.33 27.37 120.51
N PHE C 130 -76.54 27.86 120.28
CA PHE C 130 -76.86 29.25 120.60
C PHE C 130 -76.81 29.48 122.11
N GLY C 131 -76.27 30.62 122.51
CA GLY C 131 -76.16 30.94 123.92
C GLY C 131 -77.23 31.90 124.40
N SER C 132 -77.52 31.88 125.70
CA SER C 132 -78.53 32.74 126.30
C SER C 132 -77.90 33.54 127.42
N TRP C 133 -78.29 34.82 127.51
CA TRP C 133 -77.78 35.71 128.53
C TRP C 133 -76.33 36.10 128.24
N ALA C 134 -75.73 36.88 129.14
CA ALA C 134 -74.35 37.32 128.98
C ALA C 134 -73.39 36.30 129.59
N LYS C 135 -72.10 36.52 129.35
CA LYS C 135 -71.06 35.65 129.87
C LYS C 135 -70.47 36.25 131.13
N VAL C 136 -70.40 35.46 132.19
CA VAL C 136 -69.86 35.88 133.47
C VAL C 136 -68.70 34.97 133.83
N THR C 137 -67.55 35.56 134.13
CA THR C 137 -66.37 34.78 134.51
C THR C 137 -66.58 34.17 135.89
N GLY C 138 -65.98 32.99 136.10
CA GLY C 138 -66.10 32.30 137.37
C GLY C 138 -65.47 33.06 138.52
N VAL C 139 -66.27 33.33 139.55
CA VAL C 139 -65.79 34.06 140.73
C VAL C 139 -66.77 33.86 141.88
N ILE C 140 -66.30 34.04 143.11
CA ILE C 140 -67.12 33.91 144.30
C ILE C 140 -67.81 35.25 144.55
N MET C 141 -69.14 35.24 144.52
CA MET C 141 -69.90 36.47 144.69
C MET C 141 -69.89 36.88 146.16
N GLY C 142 -69.62 38.15 146.42
CA GLY C 142 -69.62 38.64 147.79
C GLY C 142 -68.55 38.01 148.66
N THR C 143 -67.34 37.85 148.11
CA THR C 143 -66.25 37.27 148.90
C THR C 143 -65.87 38.16 150.07
N GLY C 144 -65.78 39.46 149.84
CA GLY C 144 -65.45 40.41 150.88
C GLY C 144 -66.62 41.01 151.62
N VAL C 145 -67.84 40.60 151.30
CA VAL C 145 -69.04 41.14 151.95
C VAL C 145 -69.17 42.62 151.61
N VAL C 146 -68.73 43.01 150.41
CA VAL C 146 -68.78 44.41 150.02
C VAL C 146 -70.23 44.89 149.90
N ASN C 147 -71.09 44.07 149.30
CA ASN C 147 -72.48 44.45 149.10
C ASN C 147 -73.31 44.00 150.30
N PRO C 148 -73.87 44.93 151.08
CA PRO C 148 -74.69 44.53 152.22
C PRO C 148 -76.01 43.92 151.76
N ASP C 149 -76.54 43.02 152.58
CA ASP C 149 -77.83 42.37 152.33
C ASP C 149 -77.81 41.48 151.10
N GLY C 150 -76.63 41.06 150.65
CA GLY C 150 -76.50 40.21 149.49
C GLY C 150 -76.11 38.80 149.87
N SER C 151 -76.98 37.85 149.55
CA SER C 151 -76.70 36.45 149.83
C SER C 151 -75.55 35.96 148.96
N VAL C 152 -74.69 35.13 149.54
CA VAL C 152 -73.53 34.59 148.81
C VAL C 152 -74.03 33.56 147.81
N PRO C 153 -73.79 33.75 146.52
CA PRO C 153 -74.26 32.77 145.53
C PRO C 153 -73.21 31.73 145.18
N ASN C 154 -73.66 30.52 144.87
CA ASN C 154 -72.77 29.45 144.41
C ASN C 154 -72.88 29.35 142.89
N ALA C 155 -71.77 29.56 142.21
CA ALA C 155 -71.73 29.58 140.75
C ALA C 155 -70.89 28.43 140.24
N GLN C 156 -71.42 27.68 139.28
CA GLN C 156 -70.73 26.57 138.66
C GLN C 156 -70.37 26.93 137.22
N ARG C 157 -69.38 26.21 136.67
CA ARG C 157 -68.95 26.46 135.30
C ARG C 157 -70.05 26.05 134.33
N VAL C 158 -70.37 26.94 133.40
CA VAL C 158 -71.40 26.71 132.40
C VAL C 158 -72.76 26.58 133.07
N GLU C 159 -72.88 27.10 134.29
CA GLU C 159 -74.12 27.03 135.04
C GLU C 159 -74.89 28.34 134.91
N PHE C 160 -76.18 28.22 134.57
CA PHE C 160 -77.06 29.37 134.44
C PHE C 160 -78.29 29.16 135.33
N GLN C 161 -78.62 30.18 136.11
CA GLN C 161 -79.76 30.11 137.02
C GLN C 161 -80.08 31.53 137.48
N ALA C 162 -81.01 31.64 138.43
CA ALA C 162 -81.42 32.94 138.97
C ALA C 162 -82.27 33.70 137.97
N GLY C 163 -82.71 34.90 138.34
CA GLY C 163 -83.50 35.72 137.46
C GLY C 163 -83.06 37.17 137.53
N GLY C 164 -83.25 37.87 136.42
CA GLY C 164 -82.87 39.27 136.36
C GLY C 164 -83.68 40.13 137.31
N THR C 165 -84.95 39.82 137.48
CA THR C 165 -85.83 40.55 138.38
C THR C 165 -85.91 39.80 139.71
N GLY C 166 -85.77 40.55 140.80
CA GLY C 166 -85.75 39.97 142.13
C GLY C 166 -86.96 40.42 142.94
N GLY C 167 -87.49 39.50 143.74
CA GLY C 167 -88.62 39.81 144.61
C GLY C 167 -88.76 38.76 145.69
N ARG C 168 -89.31 39.19 146.82
CA ARG C 168 -89.52 38.33 147.97
C ARG C 168 -90.98 38.39 148.39
N VAL C 169 -91.76 37.42 147.93
CA VAL C 169 -93.18 37.35 148.27
C VAL C 169 -93.48 36.01 148.93
N PHE C 170 -93.23 34.93 148.21
CA PHE C 170 -93.53 33.60 148.74
C PHE C 170 -92.58 33.22 149.86
N ASN C 171 -91.28 33.42 149.65
CA ASN C 171 -90.29 33.06 150.66
C ASN C 171 -89.03 33.86 150.39
N THR C 172 -88.69 34.76 151.31
CA THR C 172 -87.50 35.59 151.19
C THR C 172 -87.32 36.37 152.48
N ILE C 173 -86.09 36.80 152.73
CA ILE C 173 -85.77 37.57 153.93
C ILE C 173 -85.97 39.04 153.65
N ARG C 174 -87.20 39.52 153.77
CA ARG C 174 -87.54 40.91 153.53
C ARG C 174 -87.76 41.63 154.87
N THR C 175 -88.20 42.89 154.80
CA THR C 175 -88.49 43.66 156.00
C THR C 175 -89.91 44.22 155.92
N GLU C 176 -90.29 45.01 156.93
CA GLU C 176 -91.62 45.61 156.95
C GLU C 176 -92.66 44.64 157.49
N ASN C 177 -93.60 45.14 158.30
CA ASN C 177 -94.65 44.32 158.88
C ASN C 177 -95.86 45.20 159.14
N VAL C 178 -96.83 44.65 159.86
CA VAL C 178 -98.06 45.36 160.21
C VAL C 178 -97.83 46.02 161.57
N PRO C 179 -97.80 47.35 161.66
CA PRO C 179 -97.59 47.99 162.96
C PRO C 179 -98.80 47.80 163.87
N LEU C 180 -98.53 47.71 165.16
CA LEU C 180 -99.56 47.60 166.19
C LEU C 180 -99.35 48.68 167.23
N MET C 181 -100.42 49.42 167.54
CA MET C 181 -100.34 50.52 168.47
C MET C 181 -101.65 50.64 169.25
N THR C 182 -101.59 51.36 170.36
CA THR C 182 -102.74 51.56 171.22
C THR C 182 -102.85 53.04 171.57
N VAL C 183 -104.06 53.44 171.96
CA VAL C 183 -104.36 54.82 172.31
C VAL C 183 -104.41 54.95 173.82
N ASN C 184 -104.02 56.12 174.32
CA ASN C 184 -104.02 56.38 175.75
C ASN C 184 -105.45 56.40 176.28
N GLY C 185 -105.61 55.94 177.51
CA GLY C 185 -106.92 55.89 178.15
C GLY C 185 -107.57 57.24 178.31
N SER C 186 -108.85 57.34 177.92
CA SER C 186 -109.60 58.57 177.99
C SER C 186 -110.92 58.31 178.70
N SER C 187 -111.36 59.26 179.52
CA SER C 187 -112.60 59.16 180.26
C SER C 187 -113.57 60.22 179.76
N PHE C 188 -114.83 59.82 179.55
CA PHE C 188 -115.86 60.73 179.08
C PHE C 188 -116.58 61.35 180.28
N SER C 189 -116.59 62.67 180.34
CA SER C 189 -117.23 63.41 181.42
C SER C 189 -118.46 64.13 180.89
N LEU C 190 -119.59 63.93 181.55
CA LEU C 190 -120.85 64.56 181.16
C LEU C 190 -121.46 65.25 182.37
N SER C 191 -122.01 66.44 182.15
CA SER C 191 -122.63 67.22 183.21
C SER C 191 -124.13 67.00 183.20
N SER C 192 -124.69 66.68 184.37
CA SER C 192 -126.12 66.44 184.52
C SER C 192 -126.79 67.79 184.80
N ASN C 193 -127.29 68.42 183.73
CA ASN C 193 -127.94 69.72 183.88
C ASN C 193 -129.28 69.56 184.59
N THR C 194 -129.54 70.46 185.54
CA THR C 194 -130.79 70.42 186.30
C THR C 194 -131.98 70.93 185.50
N HIS C 195 -131.77 71.61 184.38
CA HIS C 195 -132.83 72.14 183.56
C HIS C 195 -133.06 71.24 182.35
N SER C 196 -134.05 71.61 181.53
CA SER C 196 -134.42 70.89 180.32
C SER C 196 -135.12 69.56 180.58
N HIS C 197 -135.46 69.27 181.83
CA HIS C 197 -136.14 68.03 182.17
C HIS C 197 -137.65 68.12 182.03
N ASN C 198 -138.21 69.32 181.82
CA ASN C 198 -139.64 69.49 181.68
C ASN C 198 -140.40 69.19 182.97
N MET C 199 -141.71 69.34 182.94
CA MET C 199 -142.54 69.05 184.11
C MET C 199 -143.97 68.85 183.65
N VAL C 200 -144.66 67.92 184.29
CA VAL C 200 -146.06 67.61 183.96
C VAL C 200 -146.83 67.40 185.26
N PHE C 201 -148.04 67.94 185.30
CA PHE C 201 -148.91 67.80 186.46
C PHE C 201 -148.33 68.48 187.69
N GLY C 202 -148.86 68.14 188.87
CA GLY C 202 -148.39 68.71 190.11
C GLY C 202 -148.10 67.68 191.18
N ARG C 203 -148.29 68.06 192.44
CA ARG C 203 -148.05 67.12 193.54
C ARG C 203 -149.05 65.97 193.47
N GLY C 204 -148.54 64.76 193.75
CA GLY C 204 -149.36 63.57 193.71
C GLY C 204 -150.49 63.56 194.73
N ASP C 205 -151.72 63.27 194.30
CA ASP C 205 -152.02 62.93 192.90
C ASP C 205 -151.53 61.54 192.51
N ALA C 206 -151.19 61.39 191.23
CA ALA C 206 -150.63 60.16 190.70
C ALA C 206 -149.29 60.45 190.05
N SER C 207 -148.28 59.65 190.40
CA SER C 207 -146.94 59.82 189.88
C SER C 207 -146.40 58.49 189.40
N GLY C 208 -145.67 58.51 188.28
CA GLY C 208 -145.07 57.31 187.73
C GLY C 208 -144.07 56.66 188.67
N HIS C 209 -144.16 55.35 188.83
CA HIS C 209 -143.25 54.63 189.70
C HIS C 209 -141.84 54.62 189.10
N ASN C 210 -140.85 54.73 189.98
CA ASN C 210 -139.43 54.74 189.63
C ASN C 210 -139.01 55.99 188.85
N SER C 211 -139.84 57.01 188.81
CA SER C 211 -139.49 58.24 188.11
C SER C 211 -138.41 59.00 188.87
N SER C 212 -137.54 59.68 188.12
CA SER C 212 -136.49 60.48 188.75
C SER C 212 -137.11 61.62 189.53
N PRO C 213 -136.64 61.89 190.75
CA PRO C 213 -137.23 62.98 191.55
C PRO C 213 -136.92 64.33 190.94
N ASN C 214 -137.96 65.14 190.76
CA ASN C 214 -137.83 66.48 190.21
C ASN C 214 -138.65 67.45 191.05
N TRP C 215 -138.14 68.67 191.18
CA TRP C 215 -138.81 69.70 191.96
C TRP C 215 -139.67 70.58 191.05
N TYR C 216 -140.87 70.89 191.54
CA TYR C 216 -141.80 71.76 190.81
C TYR C 216 -141.80 73.19 191.31
N SER C 217 -140.88 73.56 192.20
CA SER C 217 -140.82 74.89 192.79
C SER C 217 -142.14 75.21 193.49
N PRO C 218 -142.70 74.27 194.26
CA PRO C 218 -143.94 74.56 194.98
C PRO C 218 -143.70 75.18 196.34
N GLY C 219 -144.31 76.34 196.58
CA GLY C 219 -144.16 77.00 197.87
C GLY C 219 -145.06 76.39 198.93
N GLY C 220 -144.45 75.94 200.01
CA GLY C 220 -145.20 75.34 201.09
C GLY C 220 -146.07 76.34 201.82
N GLY C 221 -147.20 75.86 202.32
CA GLY C 221 -148.11 76.73 203.07
C GLY C 221 -147.49 77.23 204.37
N TYR C 222 -146.86 76.33 205.12
CA TYR C 222 -146.22 76.68 206.37
C TYR C 222 -144.76 76.26 206.47
N SER C 223 -144.39 75.11 205.91
CA SER C 223 -143.02 74.65 205.95
C SER C 223 -142.24 75.15 204.74
N GLN C 224 -140.93 74.92 204.76
CA GLN C 224 -140.04 75.33 203.68
C GLN C 224 -139.26 74.12 203.22
N ARG C 225 -139.27 73.87 201.91
CA ARG C 225 -138.55 72.73 201.32
C ARG C 225 -137.09 73.11 201.19
N THR C 226 -136.34 72.96 202.29
CA THR C 226 -134.92 73.29 202.33
C THR C 226 -134.03 72.13 201.89
N ASP C 227 -134.61 70.97 201.59
CA ASP C 227 -133.85 69.80 201.17
C ASP C 227 -133.67 69.70 199.67
N ASN C 228 -134.18 70.68 198.91
CA ASN C 228 -134.07 70.68 197.46
C ASN C 228 -133.32 71.94 197.02
N ASP C 229 -132.37 71.77 196.11
CA ASP C 229 -131.60 72.90 195.60
C ASP C 229 -131.16 72.59 194.17
N THR C 230 -130.84 73.65 193.44
CA THR C 230 -130.41 73.55 192.05
C THR C 230 -128.89 73.59 191.97
N HIS C 231 -128.33 72.63 191.24
CA HIS C 231 -126.88 72.58 191.08
C HIS C 231 -126.40 73.72 190.18
N THR C 232 -125.16 74.13 190.40
CA THR C 232 -124.54 75.21 189.64
C THR C 232 -123.44 74.75 188.71
N HIS C 233 -122.56 73.85 189.17
CA HIS C 233 -121.47 73.34 188.36
C HIS C 233 -121.42 71.83 188.46
N THR C 234 -120.90 71.20 187.41
CA THR C 234 -120.79 69.75 187.37
C THR C 234 -119.68 69.27 188.29
N ILE C 235 -119.72 67.99 188.63
CA ILE C 235 -118.74 67.36 189.51
C ILE C 235 -117.85 66.45 188.66
N SER C 236 -116.54 66.64 188.75
CA SER C 236 -115.58 65.85 188.00
C SER C 236 -115.21 64.62 188.81
N GLY C 237 -115.33 63.45 188.20
CA GLY C 237 -115.00 62.20 188.86
C GLY C 237 -114.05 61.38 188.03
N SER C 238 -113.40 60.42 188.70
CA SER C 238 -112.44 59.53 188.05
C SER C 238 -113.20 58.40 187.35
N VAL C 239 -112.85 58.14 186.10
CA VAL C 239 -113.50 57.10 185.31
C VAL C 239 -112.62 55.87 185.28
N SER C 240 -113.20 54.74 184.87
CA SER C 240 -112.46 53.48 184.77
C SER C 240 -111.67 53.45 183.46
N LEU C 241 -111.12 52.28 183.13
CA LEU C 241 -110.36 52.13 181.91
C LEU C 241 -111.27 52.17 180.69
N GLY C 242 -110.66 52.27 179.51
CA GLY C 242 -111.42 52.34 178.27
C GLY C 242 -110.91 51.38 177.21
N ARG C 243 -110.80 51.85 175.97
CA ARG C 243 -110.33 51.02 174.88
C ARG C 243 -108.87 50.63 175.12
N ASP C 244 -108.51 49.43 174.68
CA ASP C 244 -107.16 48.92 174.88
C ASP C 244 -106.21 49.34 173.75
N ASP C 245 -106.53 48.95 172.53
CA ASP C 245 -105.68 49.26 171.39
C ASP C 245 -106.49 49.06 170.10
N ILE C 246 -105.85 49.31 168.97
CA ILE C 246 -106.50 49.18 167.66
C ILE C 246 -106.49 47.71 167.24
N SER C 247 -107.27 47.39 166.21
CA SER C 247 -107.39 46.04 165.68
C SER C 247 -106.33 45.82 164.60
N ARG C 248 -106.46 44.68 163.90
CA ARG C 248 -105.48 44.34 162.87
C ARG C 248 -105.59 45.31 161.70
N GLN C 249 -104.45 45.52 161.02
CA GLN C 249 -104.37 46.40 159.88
C GLN C 249 -103.68 45.68 158.73
N PRO C 250 -103.95 46.09 157.48
CA PRO C 250 -103.33 45.41 156.34
C PRO C 250 -101.91 45.91 156.07
N ILE C 251 -101.04 45.00 155.63
CA ILE C 251 -99.66 45.31 155.32
C ILE C 251 -99.37 44.84 153.91
N ASN C 252 -98.75 45.72 153.10
CA ASN C 252 -98.43 45.39 151.73
C ASN C 252 -99.64 45.55 150.82
N THR C 253 -99.43 45.49 149.51
CA THR C 253 -100.49 45.63 148.52
C THR C 253 -100.70 44.29 147.83
N LEU C 254 -101.95 43.81 147.86
CA LEU C 254 -102.30 42.54 147.23
C LEU C 254 -102.34 42.71 145.72
N PRO C 255 -102.79 43.85 145.22
CA PRO C 255 -102.86 44.07 143.76
C PRO C 255 -101.47 44.00 143.14
N PRO C 256 -100.43 44.35 143.89
CA PRO C 256 -99.06 44.30 143.35
C PRO C 256 -98.35 42.97 143.54
N PHE C 257 -98.94 42.01 144.24
CA PHE C 257 -98.31 40.72 144.45
C PHE C 257 -98.25 39.95 143.13
N ARG C 258 -97.10 39.33 142.87
CA ARG C 258 -96.85 38.55 141.66
C ARG C 258 -96.79 39.40 140.40
N ALA C 259 -96.69 40.72 140.54
CA ALA C 259 -96.62 41.60 139.38
C ALA C 259 -95.25 41.50 138.72
N ALA C 260 -95.24 41.36 137.40
CA ALA C 260 -94.00 41.24 136.66
C ALA C 260 -93.31 42.60 136.58
N HIS C 261 -92.01 42.61 136.87
CA HIS C 261 -91.21 43.84 136.83
C HIS C 261 -90.04 43.61 135.88
N ILE C 262 -89.79 44.60 135.01
CA ILE C 262 -88.70 44.53 134.05
C ILE C 262 -87.48 45.20 134.67
N TRP C 263 -86.38 44.46 134.77
CA TRP C 263 -85.14 44.97 135.34
C TRP C 263 -83.92 44.67 134.49
N ARG C 264 -84.11 44.29 133.23
CA ARG C 264 -82.98 43.97 132.36
C ARG C 264 -82.18 45.24 132.04
N ARG C 265 -80.86 45.13 132.07
CA ARG C 265 -79.99 46.25 131.78
C ARG C 265 -79.90 46.46 130.26
N ILE C 266 -79.32 47.59 129.87
CA ILE C 266 -79.16 47.92 128.46
C ILE C 266 -77.99 47.16 127.84
N ILE D 2 49.51 -8.40 -23.95
CA ILE D 2 49.02 -7.17 -23.33
C ILE D 2 47.71 -7.46 -22.60
N VAL D 3 46.85 -8.26 -23.23
CA VAL D 3 45.55 -8.62 -22.66
C VAL D 3 45.52 -10.12 -22.40
N TYR D 4 44.63 -10.52 -21.51
CA TYR D 4 44.47 -11.92 -21.13
C TYR D 4 43.09 -12.39 -21.57
N ASN D 5 43.04 -13.56 -22.21
CA ASN D 5 41.78 -14.16 -22.65
C ASN D 5 41.19 -15.03 -21.55
N ASN D 6 41.05 -14.42 -20.38
CA ASN D 6 40.50 -15.10 -19.20
C ASN D 6 39.02 -14.84 -18.98
N GLN D 7 38.41 -13.98 -19.80
CA GLN D 7 37.00 -13.66 -19.63
C GLN D 7 36.13 -14.85 -20.04
N ALA D 8 34.98 -14.97 -19.38
CA ALA D 8 34.04 -16.05 -19.63
C ALA D 8 32.65 -15.48 -19.81
N PRO D 9 31.79 -16.16 -20.59
CA PRO D 9 30.42 -15.66 -20.78
C PRO D 9 29.62 -15.76 -19.49
N ASP D 10 29.10 -14.62 -19.04
CA ASP D 10 28.30 -14.57 -17.81
C ASP D 10 26.81 -14.37 -18.06
N ALA D 11 26.41 -13.95 -19.26
CA ALA D 11 25.02 -13.74 -19.58
C ALA D 11 24.46 -14.98 -20.29
N VAL D 12 23.15 -14.94 -20.55
CA VAL D 12 22.45 -16.03 -21.21
C VAL D 12 22.20 -15.64 -22.65
N ASN D 13 22.36 -16.60 -23.57
CA ASN D 13 22.15 -16.37 -24.99
C ASN D 13 20.64 -16.31 -25.23
N ASN D 14 20.07 -15.13 -24.99
CA ASN D 14 18.63 -14.94 -25.09
C ASN D 14 18.19 -14.14 -26.31
N VAL D 15 19.12 -13.49 -27.01
CA VAL D 15 18.81 -12.70 -28.19
C VAL D 15 19.74 -13.14 -29.32
N GLY D 16 19.59 -12.49 -30.47
CA GLY D 16 20.36 -12.84 -31.65
C GLY D 16 19.50 -12.85 -32.90
N GLN D 17 19.92 -12.09 -33.92
CA GLN D 17 19.10 -11.93 -35.11
C GLN D 17 19.15 -13.15 -36.01
N PHE D 18 20.24 -13.92 -36.00
CA PHE D 18 20.38 -15.10 -36.84
C PHE D 18 20.63 -16.32 -35.98
N GLY D 19 20.27 -17.48 -36.51
CA GLY D 19 20.57 -18.74 -35.85
C GLY D 19 19.70 -18.97 -34.63
N ALA D 20 20.34 -18.98 -33.45
CA ALA D 20 19.65 -19.29 -32.22
C ALA D 20 18.61 -18.23 -31.89
N THR D 21 17.43 -18.70 -31.46
CA THR D 21 16.34 -17.83 -31.08
C THR D 21 15.80 -18.24 -29.72
N GLU D 22 14.86 -17.45 -29.17
CA GLU D 22 14.24 -17.82 -27.89
C GLU D 22 13.43 -19.10 -28.03
N GLY D 23 12.84 -19.34 -29.19
CA GLY D 23 12.11 -20.56 -29.45
C GLY D 23 12.98 -21.73 -29.87
N SER D 24 14.29 -21.53 -29.97
CA SER D 24 15.20 -22.61 -30.35
C SER D 24 16.47 -22.68 -29.51
N ILE D 25 16.65 -21.78 -28.54
CA ILE D 25 17.84 -21.84 -27.71
C ILE D 25 17.88 -23.11 -26.88
N GLY D 26 16.71 -23.68 -26.58
CA GLY D 26 16.68 -24.96 -25.87
C GLY D 26 17.33 -26.08 -26.67
N ALA D 27 17.07 -26.11 -27.98
CA ALA D 27 17.72 -27.10 -28.84
C ALA D 27 19.23 -26.86 -28.90
N TYR D 28 19.65 -25.60 -28.94
CA TYR D 28 21.08 -25.28 -28.95
C TYR D 28 21.74 -25.73 -27.65
N LYS D 29 21.08 -25.47 -26.51
CA LYS D 29 21.66 -25.83 -25.22
C LYS D 29 21.80 -27.33 -25.07
N GLN D 30 20.77 -28.09 -25.45
CA GLN D 30 20.83 -29.54 -25.30
C GLN D 30 21.81 -30.16 -26.30
N ALA D 31 21.91 -29.57 -27.49
CA ALA D 31 22.88 -30.07 -28.48
C ALA D 31 24.31 -29.83 -28.02
N ALA D 32 24.57 -28.65 -27.45
CA ALA D 32 25.94 -28.31 -27.04
C ALA D 32 26.42 -29.18 -25.89
N GLU D 33 25.55 -29.42 -24.90
CA GLU D 33 25.96 -30.17 -23.73
C GLU D 33 26.22 -31.64 -24.07
N TYR D 34 25.39 -32.22 -24.95
CA TYR D 34 25.60 -33.62 -25.32
C TYR D 34 26.76 -33.79 -26.28
N ALA D 35 27.03 -32.77 -27.11
CA ALA D 35 28.18 -32.83 -28.01
C ALA D 35 29.48 -32.92 -27.24
N ALA D 36 29.62 -32.12 -26.18
CA ALA D 36 30.81 -32.20 -25.34
C ALA D 36 30.87 -33.55 -24.62
N ASP D 37 29.74 -34.04 -24.12
CA ASP D 37 29.71 -35.33 -23.44
C ASP D 37 30.06 -36.47 -24.41
N SER D 38 29.52 -36.43 -25.62
CA SER D 38 29.87 -37.45 -26.61
C SER D 38 31.34 -37.34 -27.01
N LYS D 39 31.83 -36.11 -27.19
CA LYS D 39 33.24 -35.92 -27.50
C LYS D 39 34.13 -36.35 -26.34
N TYR D 40 33.73 -36.05 -25.11
CA TYR D 40 34.50 -36.45 -23.94
C TYR D 40 34.62 -37.97 -23.86
N TRP D 41 33.51 -38.67 -24.12
CA TRP D 41 33.55 -40.13 -24.13
C TRP D 41 34.14 -40.66 -25.43
N ALA D 42 34.27 -39.81 -26.46
CA ALA D 42 34.96 -40.23 -27.67
C ALA D 42 36.46 -40.29 -27.45
N LEU D 43 37.02 -39.31 -26.74
CA LEU D 43 38.44 -39.36 -26.39
C LEU D 43 38.75 -40.56 -25.52
N LEU D 44 37.88 -40.85 -24.55
CA LEU D 44 38.06 -42.05 -23.73
C LEU D 44 37.94 -43.31 -24.60
N ALA D 45 37.03 -43.28 -25.57
CA ALA D 45 36.90 -44.41 -26.49
C ALA D 45 38.18 -44.62 -27.29
N GLU D 46 38.77 -43.53 -27.78
CA GLU D 46 40.05 -43.64 -28.50
C GLU D 46 41.15 -44.11 -27.56
N SER D 47 41.13 -43.65 -26.30
CA SER D 47 42.16 -44.04 -25.35
C SER D 47 42.10 -45.54 -25.05
N LYS D 48 40.89 -46.06 -24.82
CA LYS D 48 40.77 -47.49 -24.53
C LYS D 48 40.99 -48.33 -25.78
N PHE D 49 40.58 -47.84 -26.95
CA PHE D 49 40.83 -48.58 -28.18
C PHE D 49 42.32 -48.68 -28.47
N GLY D 50 43.07 -47.60 -28.21
CA GLY D 50 44.50 -47.65 -28.43
C GLY D 50 45.18 -48.71 -27.58
N THR D 51 44.73 -48.84 -26.33
CA THR D 51 45.31 -49.85 -25.45
C THR D 51 44.90 -51.26 -25.87
N ILE D 52 43.62 -51.46 -26.16
CA ILE D 52 43.13 -52.80 -26.48
C ILE D 52 43.67 -53.27 -27.84
N ASP D 53 43.75 -52.36 -28.81
CA ASP D 53 44.29 -52.74 -30.11
C ASP D 53 45.76 -53.10 -30.01
N ASP D 54 46.53 -52.33 -29.23
CA ASP D 54 47.92 -52.69 -28.98
C ASP D 54 48.02 -54.00 -28.19
N LEU D 55 47.14 -54.18 -27.21
CA LEU D 55 47.17 -55.40 -26.41
C LEU D 55 46.83 -56.62 -27.26
N ILE D 56 45.81 -56.50 -28.11
CA ILE D 56 45.44 -57.61 -28.99
C ILE D 56 46.57 -57.90 -29.97
N ALA D 57 47.18 -56.84 -30.53
CA ALA D 57 48.26 -57.03 -31.49
C ALA D 57 49.47 -57.70 -30.84
N GLU D 58 49.81 -57.30 -29.62
CA GLU D 58 51.03 -57.82 -29.00
C GLU D 58 50.86 -59.26 -28.54
N VAL D 59 49.69 -59.61 -28.00
CA VAL D 59 49.47 -60.99 -27.56
C VAL D 59 49.41 -61.93 -28.76
N GLU D 60 48.82 -61.47 -29.86
CA GLU D 60 48.77 -62.29 -31.06
C GLU D 60 50.16 -62.51 -31.64
N ARG D 61 51.01 -61.48 -31.61
CA ARG D 61 52.36 -61.61 -32.12
C ARG D 61 53.15 -62.64 -31.33
N LEU D 62 53.18 -62.50 -30.00
CA LEU D 62 53.91 -63.46 -29.18
C LEU D 62 53.29 -64.85 -29.27
N TYR D 63 51.97 -64.92 -29.44
CA TYR D 63 51.33 -66.21 -29.69
C TYR D 63 51.80 -66.80 -31.01
N GLN D 64 51.91 -65.96 -32.05
CA GLN D 64 52.38 -66.44 -33.35
C GLN D 64 53.81 -66.93 -33.28
N GLN D 65 54.69 -66.17 -32.61
CA GLN D 65 56.05 -66.64 -32.39
C GLN D 65 56.08 -67.86 -31.49
N GLY D 66 55.19 -67.91 -30.50
CA GLY D 66 55.11 -69.09 -29.66
C GLY D 66 54.68 -70.33 -30.44
N VAL D 67 53.72 -70.17 -31.35
CA VAL D 67 53.23 -71.32 -32.13
C VAL D 67 54.31 -71.87 -33.03
N LEU D 68 55.03 -70.98 -33.74
CA LEU D 68 56.05 -71.45 -34.67
C LEU D 68 57.22 -72.09 -33.94
N MET D 69 57.61 -71.55 -32.78
CA MET D 69 58.72 -72.13 -32.04
C MET D 69 58.32 -73.44 -31.36
N LYS D 70 57.06 -73.55 -30.93
CA LYS D 70 56.60 -74.80 -30.33
C LYS D 70 56.36 -75.87 -31.38
N GLN D 71 55.93 -75.46 -32.59
CA GLN D 71 55.75 -76.42 -33.67
C GLN D 71 57.08 -76.95 -34.18
N ASP D 72 58.09 -76.06 -34.28
CA ASP D 72 59.40 -76.48 -34.78
C ASP D 72 60.03 -77.51 -33.87
N ILE D 73 59.98 -77.29 -32.56
CA ILE D 73 60.58 -78.23 -31.63
C ILE D 73 59.78 -79.54 -31.57
N GLU D 74 58.46 -79.46 -31.77
CA GLU D 74 57.63 -80.65 -31.73
C GLU D 74 57.98 -81.60 -32.87
N ASP D 75 58.07 -81.08 -34.09
CA ASP D 75 58.43 -81.94 -35.23
C ASP D 75 59.86 -82.42 -35.12
N LEU D 76 60.75 -81.58 -34.56
CA LEU D 76 62.14 -81.98 -34.40
C LEU D 76 62.27 -83.14 -33.42
N LYS D 77 61.56 -83.07 -32.30
CA LYS D 77 61.66 -84.14 -31.30
C LYS D 77 60.93 -85.40 -31.75
N GLN D 78 59.79 -85.23 -32.43
CA GLN D 78 59.05 -86.39 -32.93
C GLN D 78 59.87 -87.16 -33.95
N ASP D 79 60.50 -86.44 -34.89
CA ASP D 79 61.33 -87.10 -35.89
C ASP D 79 62.53 -87.78 -35.26
N PHE D 80 63.16 -87.13 -34.27
CA PHE D 80 64.35 -87.70 -33.64
C PHE D 80 64.02 -88.99 -32.91
N LYS D 81 62.91 -89.02 -32.18
CA LYS D 81 62.56 -90.21 -31.40
C LYS D 81 62.11 -91.35 -32.30
N ASP D 82 61.25 -91.06 -33.29
CA ASP D 82 60.75 -92.12 -34.16
C ASP D 82 61.87 -92.72 -35.02
N GLN D 83 62.76 -91.87 -35.54
CA GLN D 83 63.88 -92.39 -36.33
C GLN D 83 64.82 -93.21 -35.46
N ASP D 84 65.09 -92.75 -34.24
CA ASP D 84 65.93 -93.51 -33.32
C ASP D 84 65.28 -94.84 -32.96
N ALA D 85 63.96 -94.83 -32.74
CA ALA D 85 63.27 -96.07 -32.38
C ALA D 85 63.32 -97.10 -33.50
N ARG D 86 63.11 -96.67 -34.75
CA ARG D 86 63.12 -97.61 -35.86
C ARG D 86 64.52 -98.07 -36.21
N LEU D 87 65.53 -97.21 -36.03
CA LEU D 87 66.90 -97.63 -36.28
C LEU D 87 67.35 -98.67 -35.25
N MET D 88 66.97 -98.49 -33.99
CA MET D 88 67.34 -99.43 -32.95
C MET D 88 66.22 -99.54 -31.91
N VAL E 12 36.37 7.29 -16.68
CA VAL E 12 37.75 6.99 -16.36
C VAL E 12 38.67 7.78 -17.29
N ASN E 13 38.18 8.17 -18.49
CA ASN E 13 39.05 8.55 -19.62
C ASN E 13 38.44 9.72 -20.39
N ASN E 14 39.32 10.52 -21.00
CA ASN E 14 38.88 11.70 -21.74
C ASN E 14 38.92 11.48 -23.25
N VAL E 15 40.06 11.05 -23.77
CA VAL E 15 40.24 10.88 -25.22
C VAL E 15 40.45 9.40 -25.54
N GLY E 16 41.17 8.70 -24.67
CA GLY E 16 41.49 7.31 -24.91
C GLY E 16 40.25 6.43 -24.89
N GLN E 17 39.91 5.83 -26.02
CA GLN E 17 38.81 4.89 -26.13
C GLN E 17 39.28 3.48 -26.41
N PHE E 18 40.54 3.32 -26.83
CA PHE E 18 41.09 2.02 -27.22
C PHE E 18 41.44 1.16 -26.01
N GLY E 19 41.32 1.68 -24.79
CA GLY E 19 41.63 0.92 -23.60
C GLY E 19 40.51 0.09 -23.02
N ALA E 20 39.36 0.03 -23.70
CA ALA E 20 38.23 -0.74 -23.20
C ALA E 20 37.47 -1.34 -24.37
N THR E 21 36.76 -2.43 -24.08
CA THR E 21 35.95 -3.13 -25.08
C THR E 21 34.91 -3.98 -24.36
N GLU E 22 33.73 -4.07 -24.96
CA GLU E 22 32.64 -4.88 -24.42
C GLU E 22 32.46 -6.13 -25.26
N GLY E 23 32.42 -7.28 -24.59
CA GLY E 23 32.29 -8.54 -25.31
C GLY E 23 30.89 -8.73 -25.88
N SER E 24 30.80 -9.66 -26.83
CA SER E 24 29.53 -10.00 -27.46
C SER E 24 28.71 -10.90 -26.54
N ILE E 25 27.54 -11.33 -27.04
CA ILE E 25 26.66 -12.17 -26.24
C ILE E 25 27.29 -13.55 -26.02
N GLY E 26 27.86 -14.13 -27.06
CA GLY E 26 28.46 -15.45 -26.94
C GLY E 26 29.02 -15.98 -28.25
N ALA E 27 30.24 -16.49 -28.21
CA ALA E 27 30.92 -17.01 -29.41
C ALA E 27 30.75 -18.53 -29.51
N TYR E 28 29.52 -18.95 -29.78
CA TYR E 28 29.19 -20.36 -29.96
C TYR E 28 28.70 -20.61 -31.37
N LYS E 29 28.84 -21.85 -31.83
CA LYS E 29 28.47 -22.22 -33.18
C LYS E 29 27.01 -22.63 -33.26
N GLN E 30 26.51 -22.75 -34.49
CA GLN E 30 25.13 -23.15 -34.74
C GLN E 30 24.93 -24.63 -34.43
N ALA E 31 23.66 -25.01 -34.29
CA ALA E 31 23.32 -26.42 -34.22
C ALA E 31 23.66 -27.13 -35.52
N ALA E 32 23.52 -26.43 -36.65
CA ALA E 32 23.97 -26.98 -37.92
C ALA E 32 25.48 -27.17 -37.93
N GLU E 33 26.21 -26.20 -37.37
CA GLU E 33 27.65 -26.39 -37.17
C GLU E 33 27.90 -27.54 -36.18
N TYR E 34 27.07 -27.63 -35.14
CA TYR E 34 27.11 -28.82 -34.28
C TYR E 34 26.73 -30.06 -35.07
N ALA E 35 25.76 -29.95 -35.97
CA ALA E 35 25.43 -31.06 -36.85
C ALA E 35 26.61 -31.40 -37.75
N ALA E 36 27.26 -30.39 -38.32
CA ALA E 36 28.43 -30.64 -39.16
C ALA E 36 29.55 -31.31 -38.39
N ASP E 37 29.83 -30.81 -37.18
CA ASP E 37 30.84 -31.46 -36.35
C ASP E 37 30.38 -32.83 -35.89
N SER E 38 29.07 -33.03 -35.77
CA SER E 38 28.55 -34.35 -35.41
C SER E 38 28.95 -35.38 -36.46
N LYS E 39 28.82 -35.03 -37.74
CA LYS E 39 29.18 -35.96 -38.81
C LYS E 39 30.68 -36.23 -38.84
N TYR E 40 31.50 -35.19 -38.79
CA TYR E 40 32.95 -35.38 -38.86
C TYR E 40 33.42 -36.29 -37.73
N TRP E 41 32.73 -36.22 -36.59
CA TRP E 41 33.06 -37.13 -35.46
C TRP E 41 32.30 -38.47 -35.65
N ALA E 42 31.21 -38.45 -36.42
CA ALA E 42 30.51 -39.70 -36.73
C ALA E 42 31.11 -40.40 -37.94
N LEU E 43 31.59 -39.64 -38.92
CA LEU E 43 32.13 -40.26 -40.13
C LEU E 43 33.38 -41.09 -39.83
N LEU E 44 34.23 -40.62 -38.91
CA LEU E 44 35.41 -41.39 -38.54
C LEU E 44 35.03 -42.62 -37.73
N ALA E 45 33.79 -42.68 -37.23
CA ALA E 45 33.40 -43.82 -36.41
C ALA E 45 33.35 -45.11 -37.22
N GLU E 46 32.65 -45.10 -38.37
CA GLU E 46 32.58 -46.33 -39.16
C GLU E 46 33.91 -46.62 -39.85
N SER E 47 34.73 -45.59 -40.04
CA SER E 47 36.09 -45.82 -40.50
C SER E 47 36.87 -46.66 -39.49
N LYS E 48 36.75 -46.32 -38.20
CA LYS E 48 37.33 -47.15 -37.16
C LYS E 48 36.55 -48.45 -36.99
N PHE E 49 35.23 -48.41 -37.18
CA PHE E 49 34.43 -49.62 -37.10
C PHE E 49 34.82 -50.61 -38.20
N GLY E 50 35.10 -50.10 -39.39
CA GLY E 50 35.53 -50.97 -40.47
C GLY E 50 36.87 -51.63 -40.18
N THR E 51 37.80 -50.87 -39.61
CA THR E 51 39.12 -51.42 -39.30
C THR E 51 39.02 -52.50 -38.24
N ILE E 52 38.27 -52.24 -37.16
CA ILE E 52 38.16 -53.22 -36.09
C ILE E 52 37.39 -54.46 -36.56
N ASP E 53 36.35 -54.25 -37.38
CA ASP E 53 35.62 -55.39 -37.94
C ASP E 53 36.51 -56.21 -38.86
N ASP E 54 37.34 -55.54 -39.66
CA ASP E 54 38.23 -56.26 -40.58
C ASP E 54 39.25 -57.09 -39.82
N LEU E 55 39.84 -56.53 -38.77
CA LEU E 55 40.84 -57.27 -38.01
C LEU E 55 40.21 -58.34 -37.12
N ILE E 56 39.02 -58.09 -36.59
CA ILE E 56 38.38 -59.08 -35.73
C ILE E 56 37.86 -60.26 -36.54
N ALA E 57 37.65 -60.07 -37.84
CA ALA E 57 37.16 -61.17 -38.68
C ALA E 57 38.23 -62.24 -38.86
N GLU E 58 39.46 -61.82 -39.15
CA GLU E 58 40.52 -62.79 -39.41
C GLU E 58 41.06 -63.40 -38.12
N VAL E 59 41.15 -62.62 -37.04
CA VAL E 59 41.72 -63.15 -35.80
C VAL E 59 40.83 -64.22 -35.19
N GLU E 60 39.50 -64.08 -35.32
CA GLU E 60 38.61 -65.13 -34.82
C GLU E 60 38.69 -66.38 -35.69
N ARG E 61 38.98 -66.22 -36.98
CA ARG E 61 39.28 -67.39 -37.83
C ARG E 61 40.55 -68.08 -37.34
N LEU E 62 41.57 -67.31 -36.96
CA LEU E 62 42.78 -67.89 -36.41
C LEU E 62 42.49 -68.64 -35.12
N TYR E 63 41.58 -68.11 -34.29
CA TYR E 63 41.11 -68.84 -33.12
C TYR E 63 40.48 -70.17 -33.53
N GLN E 64 39.53 -70.13 -34.47
CA GLN E 64 38.83 -71.35 -34.87
C GLN E 64 39.77 -72.33 -35.55
N GLN E 65 40.72 -71.82 -36.34
CA GLN E 65 41.76 -72.69 -36.88
C GLN E 65 42.68 -73.19 -35.77
N GLY E 66 42.97 -72.34 -34.79
CA GLY E 66 43.82 -72.75 -33.68
C GLY E 66 43.19 -73.81 -32.81
N VAL E 67 41.90 -73.64 -32.48
CA VAL E 67 41.24 -74.60 -31.59
C VAL E 67 41.07 -75.94 -32.31
N LEU E 68 40.83 -75.92 -33.61
CA LEU E 68 40.71 -77.17 -34.37
C LEU E 68 42.06 -77.88 -34.47
N MET E 69 43.13 -77.12 -34.69
CA MET E 69 44.45 -77.73 -34.82
C MET E 69 45.00 -78.19 -33.47
N LYS E 70 44.67 -77.46 -32.39
CA LYS E 70 45.22 -77.81 -31.08
C LYS E 70 44.66 -79.13 -30.58
N GLN E 71 43.38 -79.40 -30.84
CA GLN E 71 42.80 -80.66 -30.38
C GLN E 71 43.26 -81.83 -31.24
N ASP E 72 43.54 -81.58 -32.52
CA ASP E 72 44.05 -82.64 -33.38
C ASP E 72 45.44 -83.09 -32.94
N ILE E 73 46.32 -82.13 -32.63
CA ILE E 73 47.68 -82.48 -32.23
C ILE E 73 47.68 -83.13 -30.85
N GLU E 74 46.79 -82.69 -29.95
CA GLU E 74 46.69 -83.33 -28.64
C GLU E 74 46.22 -84.78 -28.76
N ASP E 75 45.26 -85.04 -29.65
CA ASP E 75 44.84 -86.41 -29.92
C ASP E 75 46.00 -87.23 -30.49
N LEU E 76 46.75 -86.63 -31.42
CA LEU E 76 47.95 -87.28 -31.93
C LEU E 76 49.01 -87.42 -30.84
N LYS E 77 49.13 -86.40 -29.98
CA LYS E 77 50.08 -86.47 -28.87
C LYS E 77 49.75 -87.61 -27.92
N GLN E 78 48.46 -87.76 -27.59
CA GLN E 78 48.06 -88.89 -26.75
C GLN E 78 48.27 -90.21 -27.46
N ASP E 79 48.00 -90.25 -28.76
CA ASP E 79 48.25 -91.47 -29.53
C ASP E 79 49.73 -91.82 -29.56
N PHE E 80 50.60 -90.81 -29.72
CA PHE E 80 52.03 -91.07 -29.68
C PHE E 80 52.48 -91.52 -28.30
N LYS E 81 51.93 -90.91 -27.25
CA LYS E 81 52.35 -91.24 -25.89
C LYS E 81 52.00 -92.67 -25.52
N ASP E 82 50.78 -93.12 -25.86
CA ASP E 82 50.43 -94.51 -25.57
C ASP E 82 51.22 -95.48 -26.44
N GLN E 83 51.50 -95.10 -27.68
CA GLN E 83 52.41 -95.90 -28.51
C GLN E 83 53.82 -95.93 -27.93
N ASP E 84 54.28 -94.78 -27.43
CA ASP E 84 55.57 -94.74 -26.76
C ASP E 84 55.57 -95.56 -25.47
N ALA E 85 54.47 -95.48 -24.71
CA ALA E 85 54.40 -96.21 -23.45
C ALA E 85 54.40 -97.72 -23.69
N ARG E 86 53.67 -98.19 -24.70
CA ARG E 86 53.65 -99.62 -24.98
C ARG E 86 54.99 -100.10 -25.53
N LEU E 87 55.79 -99.19 -26.10
CA LEU E 87 57.09 -99.57 -26.61
C LEU E 87 58.05 -99.92 -25.46
N MET E 88 58.01 -99.14 -24.38
CA MET E 88 58.85 -99.45 -23.22
C MET E 88 58.44 -100.78 -22.58
N SER E 89 57.13 -101.03 -22.49
CA SER E 89 56.67 -102.28 -21.89
C SER E 89 57.12 -103.49 -22.68
N LEU E 90 57.06 -103.41 -24.02
CA LEU E 90 57.52 -104.52 -24.85
C LEU E 90 59.01 -104.75 -24.69
N ILE E 91 59.80 -103.68 -24.67
CA ILE E 91 61.25 -103.80 -24.55
C ILE E 91 61.84 -102.51 -23.97
N SER F 24 29.12 -29.08 -53.82
CA SER F 24 28.50 -29.75 -52.69
C SER F 24 28.35 -28.79 -51.51
N ILE F 25 27.25 -28.03 -51.49
CA ILE F 25 26.95 -27.09 -50.44
C ILE F 25 25.55 -27.38 -49.91
N GLY F 26 25.42 -27.46 -48.58
CA GLY F 26 24.15 -27.71 -47.95
C GLY F 26 23.41 -26.44 -47.61
N ALA F 27 22.07 -26.55 -47.61
CA ALA F 27 21.23 -25.39 -47.31
C ALA F 27 20.98 -25.29 -45.82
N TYR F 28 20.39 -24.16 -45.42
CA TYR F 28 20.18 -23.82 -44.02
C TYR F 28 18.67 -23.81 -43.75
N LYS F 29 18.16 -24.94 -43.25
CA LYS F 29 16.77 -25.02 -42.83
C LYS F 29 16.67 -24.64 -41.35
N GLN F 30 15.53 -24.93 -40.73
CA GLN F 30 15.34 -24.61 -39.33
C GLN F 30 16.41 -25.29 -38.47
N ALA F 31 16.99 -24.51 -37.56
CA ALA F 31 18.07 -25.04 -36.72
C ALA F 31 17.56 -26.11 -35.76
N ALA F 32 16.31 -25.98 -35.30
CA ALA F 32 15.75 -26.98 -34.40
C ALA F 32 15.66 -28.34 -35.07
N GLU F 33 15.27 -28.37 -36.34
CA GLU F 33 15.20 -29.64 -37.06
C GLU F 33 16.59 -30.26 -37.21
N TYR F 34 17.60 -29.44 -37.50
CA TYR F 34 18.96 -29.96 -37.58
C TYR F 34 19.43 -30.48 -36.23
N ALA F 35 19.07 -29.78 -35.15
CA ALA F 35 19.40 -30.27 -33.81
C ALA F 35 18.73 -31.61 -33.53
N ALA F 36 17.49 -31.77 -34.00
CA ALA F 36 16.82 -33.07 -33.88
C ALA F 36 17.58 -34.14 -34.64
N ASP F 37 18.04 -33.83 -35.86
CA ASP F 37 18.88 -34.76 -36.60
C ASP F 37 20.23 -34.92 -35.93
N SER F 38 20.74 -33.85 -35.33
CA SER F 38 22.04 -33.90 -34.66
C SER F 38 22.03 -34.90 -33.52
N LYS F 39 21.05 -34.80 -32.63
CA LYS F 39 21.03 -35.66 -31.45
C LYS F 39 20.58 -37.07 -31.81
N TYR F 40 19.59 -37.20 -32.69
CA TYR F 40 19.05 -38.52 -33.03
C TYR F 40 20.14 -39.41 -33.61
N TRP F 41 20.87 -38.90 -34.61
CA TRP F 41 21.93 -39.71 -35.21
C TRP F 41 23.06 -39.93 -34.21
N ALA F 42 23.39 -38.91 -33.42
CA ALA F 42 24.41 -39.08 -32.39
C ALA F 42 23.98 -40.10 -31.34
N LEU F 43 22.71 -40.07 -30.94
CA LEU F 43 22.23 -41.01 -29.92
C LEU F 43 22.33 -42.45 -30.43
N LEU F 44 21.88 -42.69 -31.67
CA LEU F 44 21.94 -44.04 -32.21
C LEU F 44 23.39 -44.46 -32.47
N ALA F 45 24.24 -43.52 -32.90
CA ALA F 45 25.63 -43.85 -33.17
C ALA F 45 26.37 -44.22 -31.89
N GLU F 46 26.17 -43.43 -30.83
CA GLU F 46 26.87 -43.70 -29.58
C GLU F 46 26.27 -44.88 -28.83
N SER F 47 24.96 -45.13 -29.00
CA SER F 47 24.33 -46.26 -28.33
C SER F 47 24.83 -47.58 -28.92
N LYS F 48 24.82 -47.71 -30.24
CA LYS F 48 25.40 -48.89 -30.87
C LYS F 48 26.91 -48.95 -30.66
N PHE F 49 27.54 -47.78 -30.45
CA PHE F 49 28.94 -47.75 -30.07
C PHE F 49 29.16 -48.42 -28.72
N GLY F 50 28.25 -48.19 -27.77
CA GLY F 50 28.36 -48.85 -26.48
C GLY F 50 28.14 -50.34 -26.58
N THR F 51 27.25 -50.78 -27.48
CA THR F 51 26.99 -52.20 -27.63
C THR F 51 28.23 -52.96 -28.11
N ILE F 52 28.95 -52.39 -29.08
CA ILE F 52 30.14 -53.07 -29.58
C ILE F 52 31.27 -52.98 -28.57
N ASP F 53 31.24 -51.98 -27.68
CA ASP F 53 32.18 -51.96 -26.57
C ASP F 53 31.98 -53.17 -25.67
N ASP F 54 30.72 -53.53 -25.40
CA ASP F 54 30.44 -54.77 -24.69
C ASP F 54 30.86 -55.99 -25.51
N LEU F 55 30.68 -55.91 -26.83
CA LEU F 55 31.15 -56.99 -27.70
C LEU F 55 32.66 -57.15 -27.63
N ILE F 56 33.39 -56.04 -27.58
CA ILE F 56 34.82 -56.11 -27.36
C ILE F 56 35.13 -56.67 -25.98
N ALA F 57 34.36 -56.25 -24.97
CA ALA F 57 34.60 -56.71 -23.61
C ALA F 57 34.40 -58.21 -23.48
N GLU F 58 33.35 -58.75 -24.09
CA GLU F 58 33.08 -60.18 -23.97
C GLU F 58 34.11 -61.00 -24.75
N VAL F 59 34.65 -60.45 -25.85
CA VAL F 59 35.72 -61.14 -26.57
C VAL F 59 36.97 -61.20 -25.71
N GLU F 60 37.22 -60.15 -24.92
CA GLU F 60 38.37 -60.16 -24.03
C GLU F 60 38.21 -61.18 -22.91
N ARG F 61 36.97 -61.60 -22.61
CA ARG F 61 36.74 -62.60 -21.57
C ARG F 61 37.33 -63.95 -21.94
N LEU F 62 37.23 -64.34 -23.20
CA LEU F 62 37.82 -65.59 -23.67
C LEU F 62 39.32 -65.37 -23.88
N TYR F 63 39.99 -66.32 -24.54
CA TYR F 63 41.43 -66.36 -24.81
C TYR F 63 42.21 -66.74 -23.57
N GLN F 64 41.55 -66.93 -22.42
CA GLN F 64 42.26 -67.38 -21.22
C GLN F 64 42.72 -68.83 -21.37
N GLN F 65 42.11 -69.58 -22.28
CA GLN F 65 42.56 -70.94 -22.55
C GLN F 65 43.89 -70.95 -23.29
N GLY F 66 44.23 -69.85 -23.97
CA GLY F 66 45.49 -69.80 -24.70
C GLY F 66 46.69 -69.89 -23.78
N VAL F 67 46.67 -69.13 -22.68
CA VAL F 67 47.75 -69.24 -21.71
C VAL F 67 47.66 -70.55 -20.95
N LEU F 68 46.45 -71.11 -20.79
CA LEU F 68 46.28 -72.36 -20.06
C LEU F 68 47.03 -73.51 -20.73
N MET F 69 46.93 -73.60 -22.06
CA MET F 69 47.72 -74.62 -22.76
C MET F 69 49.19 -74.24 -22.83
N LYS F 70 49.51 -72.95 -22.70
CA LYS F 70 50.89 -72.49 -22.81
C LYS F 70 51.74 -73.09 -21.71
N GLN F 71 51.42 -72.81 -20.45
CA GLN F 71 52.18 -73.40 -19.34
C GLN F 71 52.11 -74.92 -19.38
N ASP F 72 51.02 -75.48 -19.90
CA ASP F 72 50.94 -76.93 -20.08
C ASP F 72 52.03 -77.42 -21.03
N ILE F 73 52.36 -76.62 -22.04
CA ILE F 73 53.36 -77.03 -23.02
C ILE F 73 54.73 -77.19 -22.38
N GLU F 74 55.15 -76.23 -21.54
CA GLU F 74 56.41 -76.39 -20.83
C GLU F 74 56.34 -77.51 -19.81
N ASP F 75 55.17 -77.70 -19.19
CA ASP F 75 55.03 -78.77 -18.20
C ASP F 75 55.26 -80.13 -18.84
N LEU F 76 54.69 -80.36 -20.02
CA LEU F 76 54.97 -81.59 -20.74
C LEU F 76 56.37 -81.57 -21.36
N LYS F 77 56.86 -80.38 -21.74
CA LYS F 77 58.22 -80.28 -22.23
C LYS F 77 59.23 -80.64 -21.14
N GLN F 78 59.01 -80.16 -19.91
CA GLN F 78 59.89 -80.52 -18.81
C GLN F 78 59.80 -82.01 -18.49
N ASP F 79 58.59 -82.57 -18.54
CA ASP F 79 58.44 -84.01 -18.29
C ASP F 79 59.15 -84.82 -19.35
N PHE F 80 59.04 -84.42 -20.62
CA PHE F 80 59.78 -85.11 -21.68
C PHE F 80 61.27 -84.92 -21.53
N LYS F 81 61.71 -83.71 -21.18
CA LYS F 81 63.13 -83.46 -20.97
C LYS F 81 63.67 -84.27 -19.81
N ASP F 82 62.90 -84.36 -18.71
CA ASP F 82 63.31 -85.20 -17.59
C ASP F 82 63.34 -86.67 -17.99
N GLN F 83 62.34 -87.13 -18.75
CA GLN F 83 62.36 -88.48 -19.27
C GLN F 83 63.52 -88.69 -20.24
N ASP F 84 63.77 -87.71 -21.10
CA ASP F 84 64.82 -87.85 -22.11
C ASP F 84 66.18 -88.04 -21.44
N ALA F 85 66.43 -87.32 -20.35
CA ALA F 85 67.67 -87.54 -19.60
C ALA F 85 67.73 -88.95 -19.04
N ARG F 86 66.59 -89.47 -18.57
CA ARG F 86 66.56 -90.81 -18.00
C ARG F 86 66.92 -91.87 -19.04
N LEU F 87 66.37 -91.75 -20.25
CA LEU F 87 66.69 -92.71 -21.30
C LEU F 87 68.16 -92.62 -21.72
N MET F 88 68.68 -91.39 -21.85
CA MET F 88 70.09 -91.24 -22.19
C MET F 88 70.99 -91.76 -21.08
N SER F 89 70.62 -91.52 -19.82
CA SER F 89 71.37 -92.09 -18.71
C SER F 89 71.28 -93.61 -18.71
N LEU F 90 70.08 -94.15 -18.98
CA LEU F 90 69.94 -95.60 -19.08
C LEU F 90 70.72 -96.16 -20.26
N ILE F 91 70.66 -95.50 -21.40
CA ILE F 91 71.38 -95.95 -22.59
C ILE F 91 72.66 -95.15 -22.78
N PRO G 4 -3.24 -7.54 -15.59
CA PRO G 4 -2.45 -8.75 -15.88
C PRO G 4 -0.96 -8.53 -15.70
N ASP G 5 -0.19 -9.61 -15.72
CA ASP G 5 1.25 -9.54 -15.58
C ASP G 5 1.91 -10.37 -16.67
N VAL G 6 3.07 -9.89 -17.14
CA VAL G 6 3.83 -10.57 -18.17
C VAL G 6 5.28 -10.68 -17.73
N GLN G 7 5.99 -11.64 -18.31
CA GLN G 7 7.40 -11.85 -17.99
C GLN G 7 8.27 -10.89 -18.79
N TYR G 8 9.54 -10.84 -18.42
CA TYR G 8 10.53 -10.05 -19.15
C TYR G 8 10.86 -10.67 -20.50
N PRO G 9 11.25 -11.97 -20.57
CA PRO G 9 11.55 -12.52 -21.91
C PRO G 9 10.28 -12.97 -22.64
N ILE G 10 9.60 -11.99 -23.25
CA ILE G 10 8.39 -12.27 -24.01
C ILE G 10 8.77 -13.11 -25.23
N ASN G 11 8.36 -14.37 -25.23
CA ASN G 11 8.72 -15.29 -26.29
C ASN G 11 7.57 -16.14 -26.82
N THR G 12 6.43 -16.20 -26.13
CA THR G 12 5.33 -17.06 -26.53
C THR G 12 4.09 -16.22 -26.82
N TYR G 13 3.20 -16.77 -27.64
CA TYR G 13 1.95 -16.12 -28.01
C TYR G 13 1.08 -15.88 -26.78
N GLY G 14 1.17 -16.78 -25.79
CA GLY G 14 0.34 -16.63 -24.60
C GLY G 14 0.68 -15.38 -23.81
N TRP G 15 1.96 -15.12 -23.59
CA TRP G 15 2.36 -13.92 -22.86
C TRP G 15 2.13 -12.66 -23.67
N LEU G 16 2.31 -12.72 -24.99
CA LEU G 16 2.08 -11.56 -25.84
C LEU G 16 0.61 -11.15 -25.81
N LYS G 17 -0.30 -12.13 -25.80
CA LYS G 17 -1.73 -11.82 -25.76
C LYS G 17 -2.11 -11.03 -24.52
N LYS G 18 -1.48 -11.30 -23.38
CA LYS G 18 -1.69 -10.52 -22.17
C LYS G 18 -0.87 -9.24 -22.14
N ALA G 19 0.29 -9.23 -22.82
CA ALA G 19 1.09 -8.02 -22.89
C ALA G 19 0.37 -6.91 -23.66
N VAL G 20 -0.35 -7.28 -24.72
CA VAL G 20 -1.14 -6.30 -25.46
C VAL G 20 -2.21 -5.69 -24.56
N ALA G 21 -2.90 -6.54 -23.79
CA ALA G 21 -3.89 -6.05 -22.84
C ALA G 21 -3.25 -5.24 -21.73
N LEU G 22 -1.93 -5.31 -21.59
CA LEU G 22 -1.23 -4.49 -20.60
C LEU G 22 -0.85 -3.14 -21.17
N TRP G 23 -0.27 -3.13 -22.38
CA TRP G 23 0.08 -1.86 -23.01
C TRP G 23 -1.16 -1.11 -23.45
N ALA G 24 -2.10 -1.80 -24.11
CA ALA G 24 -3.48 -1.34 -24.22
C ALA G 24 -4.16 -1.69 -22.91
N ASP G 25 -4.02 -0.80 -21.92
CA ASP G 25 -4.16 -1.19 -20.52
C ASP G 25 -5.56 -1.70 -20.21
N ARG G 26 -6.53 -1.41 -21.08
CA ARG G 26 -7.90 -1.85 -20.84
C ARG G 26 -8.02 -3.35 -20.96
N ASP G 27 -8.84 -3.93 -20.09
CA ASP G 27 -9.06 -5.38 -20.04
C ASP G 27 -10.57 -5.59 -19.88
N ASP G 28 -11.23 -5.95 -20.98
CA ASP G 28 -12.66 -6.20 -20.97
C ASP G 28 -12.99 -7.23 -22.04
N ASP G 29 -14.14 -7.88 -21.87
CA ASP G 29 -14.52 -8.95 -22.79
C ASP G 29 -14.67 -8.45 -24.21
N GLU G 30 -15.06 -7.20 -24.40
CA GLU G 30 -15.20 -6.64 -25.74
C GLU G 30 -13.86 -6.44 -26.44
N PHE G 31 -12.75 -6.49 -25.70
CA PHE G 31 -11.43 -6.22 -26.28
C PHE G 31 -10.52 -7.43 -26.26
N VAL G 32 -10.47 -8.17 -25.14
CA VAL G 32 -9.52 -9.27 -25.02
C VAL G 32 -9.89 -10.41 -25.96
N ASN G 33 -11.20 -10.65 -26.14
CA ASN G 33 -11.64 -11.75 -26.99
C ASN G 33 -11.29 -11.54 -28.46
N GLN G 34 -11.08 -10.30 -28.88
CA GLN G 34 -10.72 -10.01 -30.27
C GLN G 34 -9.22 -9.87 -30.49
N ILE G 35 -8.42 -9.88 -29.42
CA ILE G 35 -6.97 -9.72 -29.50
C ILE G 35 -6.35 -10.73 -30.46
N PRO G 36 -6.74 -12.01 -30.46
CA PRO G 36 -6.18 -12.92 -31.47
C PRO G 36 -6.44 -12.45 -32.90
N ASN G 37 -7.58 -11.83 -33.16
CA ASN G 37 -7.83 -11.28 -34.49
C ASN G 37 -6.88 -10.14 -34.80
N PHE G 38 -6.60 -9.28 -33.81
CA PHE G 38 -5.68 -8.17 -34.03
C PHE G 38 -4.27 -8.68 -34.33
N ILE G 39 -3.81 -9.69 -33.59
CA ILE G 39 -2.50 -10.27 -33.84
C ILE G 39 -2.46 -10.90 -35.24
N ASN G 40 -3.54 -11.60 -35.61
CA ASN G 40 -3.62 -12.18 -36.95
C ASN G 40 -3.56 -11.09 -38.02
N PHE G 41 -4.24 -9.97 -37.76
CA PHE G 41 -4.16 -8.84 -38.70
C PHE G 41 -2.75 -8.29 -38.79
N ALA G 42 -2.06 -8.16 -37.64
CA ALA G 42 -0.73 -7.60 -37.62
C ALA G 42 0.27 -8.49 -38.34
N GLU G 43 0.24 -9.79 -38.06
CA GLU G 43 1.22 -10.70 -38.66
C GLU G 43 1.01 -10.79 -40.17
N LYS G 44 -0.24 -10.85 -40.62
CA LYS G 44 -0.50 -10.96 -42.06
C LYS G 44 -0.02 -9.72 -42.81
N GLU G 45 -0.18 -8.55 -42.18
CA GLU G 45 0.34 -7.32 -42.78
C GLU G 45 1.85 -7.34 -42.86
N ILE G 46 2.52 -7.81 -41.81
CA ILE G 46 3.99 -7.83 -41.76
C ILE G 46 4.54 -8.85 -42.74
N TYR G 47 4.03 -10.08 -42.69
CA TYR G 47 4.55 -11.15 -43.52
C TYR G 47 4.20 -10.97 -44.99
N ARG G 48 3.29 -10.05 -45.31
CA ARG G 48 2.88 -9.87 -46.69
C ARG G 48 4.01 -9.34 -47.56
N ASN G 49 4.93 -8.57 -46.98
CA ASN G 49 6.03 -7.98 -47.75
C ASN G 49 7.39 -8.20 -47.12
N LEU G 50 7.48 -8.69 -45.89
CA LEU G 50 8.77 -8.88 -45.25
C LEU G 50 9.46 -10.13 -45.79
N ARG G 51 10.75 -9.98 -46.10
CA ARG G 51 11.55 -11.09 -46.60
C ARG G 51 12.89 -11.09 -45.88
N ILE G 52 13.08 -12.07 -44.99
CA ILE G 52 14.31 -12.19 -44.20
C ILE G 52 14.76 -13.65 -44.16
N PRO G 53 16.05 -13.91 -44.01
CA PRO G 53 16.58 -15.30 -44.13
C PRO G 53 15.92 -16.28 -43.16
N PRO G 54 15.64 -15.92 -41.89
CA PRO G 54 15.15 -16.94 -40.95
C PRO G 54 13.85 -17.61 -41.36
N LEU G 55 13.03 -16.96 -42.18
CA LEU G 55 11.80 -17.57 -42.67
C LEU G 55 11.98 -18.28 -43.99
N GLU G 56 13.20 -18.38 -44.51
CA GLU G 56 13.46 -19.10 -45.75
C GLU G 56 13.36 -20.61 -45.53
N LYS G 57 13.42 -21.38 -46.60
CA LYS G 57 13.26 -22.82 -46.50
C LYS G 57 13.93 -23.49 -47.68
N GLU G 58 14.53 -24.66 -47.44
CA GLU G 58 15.03 -25.51 -48.50
C GLU G 58 13.99 -26.57 -48.84
N VAL G 59 13.96 -26.98 -50.10
CA VAL G 59 12.98 -27.96 -50.55
C VAL G 59 13.50 -28.70 -51.78
N TYR G 60 13.20 -29.99 -51.87
CA TYR G 60 13.50 -30.79 -53.03
C TYR G 60 12.25 -30.93 -53.90
N LEU G 61 12.43 -30.76 -55.21
CA LEU G 61 11.32 -30.75 -56.15
C LEU G 61 11.10 -32.15 -56.71
N ASP G 62 10.06 -32.27 -57.53
CA ASP G 62 9.64 -33.54 -58.10
C ASP G 62 9.37 -33.38 -59.60
N ILE G 63 10.34 -32.80 -60.31
CA ILE G 63 10.18 -32.50 -61.72
C ILE G 63 9.87 -33.78 -62.47
N LYS G 64 8.67 -33.86 -63.06
CA LYS G 64 8.25 -35.03 -63.81
C LYS G 64 8.74 -34.97 -65.25
N ASP G 65 8.31 -33.95 -66.00
CA ASP G 65 8.82 -33.70 -67.34
C ASP G 65 8.78 -32.19 -67.56
N GLY G 66 9.89 -31.53 -67.21
CA GLY G 66 10.02 -30.09 -67.38
C GLY G 66 8.95 -29.26 -66.69
N VAL G 67 8.26 -29.86 -65.72
CA VAL G 67 7.16 -29.20 -65.02
C VAL G 67 7.33 -29.42 -63.52
N ALA G 68 6.65 -28.58 -62.74
CA ALA G 68 6.69 -28.66 -61.29
C ALA G 68 5.46 -27.92 -60.73
N TYR G 69 4.95 -28.44 -59.62
CA TYR G 69 3.83 -27.80 -58.94
C TYR G 69 4.34 -26.94 -57.78
N ILE G 70 3.88 -25.70 -57.74
CA ILE G 70 4.31 -24.73 -56.74
C ILE G 70 3.83 -25.18 -55.36
N PRO G 71 4.70 -25.18 -54.35
CA PRO G 71 4.28 -25.53 -52.99
C PRO G 71 3.21 -24.57 -52.49
N PRO G 72 2.23 -25.07 -51.72
CA PRO G 72 1.16 -24.18 -51.24
C PRO G 72 1.67 -23.05 -50.35
N ASP G 73 2.76 -23.26 -49.63
CA ASP G 73 3.29 -22.26 -48.71
C ASP G 73 4.24 -21.27 -49.37
N TYR G 74 4.43 -21.36 -50.69
CA TYR G 74 5.33 -20.48 -51.42
C TYR G 74 4.81 -19.05 -51.46
N LEU G 75 5.71 -18.11 -51.20
CA LEU G 75 5.40 -16.68 -51.34
C LEU G 75 6.27 -16.00 -52.38
N GLU G 76 7.59 -16.11 -52.25
CA GLU G 76 8.51 -15.47 -53.20
C GLU G 76 9.69 -16.39 -53.41
N ALA G 77 10.19 -16.40 -54.64
CA ALA G 77 11.25 -17.31 -55.06
C ALA G 77 12.58 -16.58 -55.14
N GLN G 78 13.62 -17.26 -54.66
CA GLN G 78 15.00 -16.79 -54.81
C GLN G 78 15.81 -17.89 -55.49
N TRP G 79 17.13 -17.78 -55.44
CA TRP G 79 18.04 -18.71 -56.08
C TRP G 79 17.62 -20.18 -55.91
N MET G 80 17.66 -20.94 -57.00
CA MET G 80 17.55 -22.38 -56.95
C MET G 80 18.62 -22.97 -57.88
N MET G 81 19.10 -24.14 -57.52
CA MET G 81 20.29 -24.71 -58.13
C MET G 81 20.18 -26.23 -58.09
N ARG G 82 21.15 -26.90 -58.70
CA ARG G 82 21.29 -28.34 -58.64
C ARG G 82 22.01 -28.73 -57.36
N ALA G 83 21.73 -29.95 -56.88
CA ALA G 83 22.42 -30.45 -55.70
C ALA G 83 23.90 -30.65 -55.97
N LYS G 84 24.27 -30.82 -57.23
CA LYS G 84 25.66 -31.02 -57.63
C LYS G 84 26.04 -30.02 -58.72
N ASP G 85 27.27 -29.54 -58.66
CA ASP G 85 27.89 -28.71 -59.69
C ASP G 85 27.26 -27.33 -59.80
N GLY G 86 26.28 -27.02 -58.94
CA GLY G 86 25.74 -25.68 -58.95
C GLY G 86 24.67 -25.42 -59.97
N THR G 87 25.03 -24.67 -61.02
CA THR G 87 24.14 -24.34 -62.14
C THR G 87 22.88 -23.60 -61.66
N ILE G 88 23.11 -22.38 -61.15
CA ILE G 88 22.00 -21.52 -60.74
C ILE G 88 21.05 -21.32 -61.91
N PHE G 89 19.76 -21.47 -61.64
CA PHE G 89 18.74 -21.28 -62.66
C PHE G 89 18.32 -19.81 -62.73
N GLN G 90 17.73 -19.45 -63.87
CA GLN G 90 17.30 -18.08 -64.11
C GLN G 90 15.87 -18.09 -64.65
N VAL G 91 15.14 -17.01 -64.38
CA VAL G 91 13.73 -16.91 -64.73
C VAL G 91 13.60 -16.16 -66.05
N THR G 92 12.62 -16.59 -66.85
CA THR G 92 12.30 -15.94 -68.12
C THR G 92 10.79 -15.81 -68.23
N SER G 93 10.34 -15.32 -69.37
CA SER G 93 8.92 -15.14 -69.64
C SER G 93 8.36 -16.33 -70.40
N PRO G 94 7.06 -16.59 -70.29
CA PRO G 94 6.46 -17.66 -71.10
C PRO G 94 6.62 -17.44 -72.60
N GLU G 95 6.56 -16.19 -73.04
CA GLU G 95 6.72 -15.87 -74.46
C GLU G 95 8.14 -16.09 -74.94
N GLU G 96 9.11 -16.25 -74.03
CA GLU G 96 10.50 -16.53 -74.40
C GLU G 96 10.85 -18.01 -74.33
N ILE G 97 10.41 -18.70 -73.28
CA ILE G 97 10.71 -20.13 -73.17
C ILE G 97 10.02 -20.91 -74.28
N SER G 98 8.81 -20.48 -74.67
CA SER G 98 8.11 -21.16 -75.76
C SER G 98 8.86 -21.02 -77.08
N TYR G 99 9.53 -19.88 -77.28
CA TYR G 99 10.34 -19.68 -78.48
C TYR G 99 11.48 -20.69 -78.53
N ARG G 100 12.11 -20.94 -77.37
CA ARG G 100 13.23 -21.87 -77.32
C ARG G 100 12.79 -23.30 -77.58
N ARG G 101 11.58 -23.66 -77.16
CA ARG G 101 11.10 -25.03 -77.34
C ARG G 101 10.96 -25.39 -78.81
N GLN G 102 10.33 -24.51 -79.59
CA GLN G 102 10.05 -24.82 -80.99
C GLN G 102 11.32 -24.80 -81.84
N HIS G 103 12.24 -23.88 -81.53
CA HIS G 103 13.46 -23.77 -82.31
C HIS G 103 14.58 -24.66 -81.77
N GLY G 104 14.44 -25.19 -80.56
CA GLY G 104 15.46 -26.06 -80.00
C GLY G 104 15.23 -27.52 -80.33
N THR G 105 14.07 -27.83 -80.91
CA THR G 105 13.68 -29.19 -81.26
C THR G 105 13.85 -30.16 -80.10
N ASN G 113 26.64 -28.30 -73.31
CA ASN G 113 26.39 -27.43 -72.16
C ASN G 113 25.46 -26.28 -72.53
N GLN G 114 24.37 -26.16 -71.78
CA GLN G 114 23.38 -25.13 -72.00
C GLN G 114 22.87 -24.62 -70.66
N PRO G 115 22.40 -23.36 -70.61
CA PRO G 115 21.81 -22.85 -69.36
C PRO G 115 20.40 -23.36 -69.15
N VAL G 116 19.78 -23.00 -68.03
CA VAL G 116 18.44 -23.45 -67.69
C VAL G 116 17.57 -22.25 -67.41
N ASN G 117 16.38 -22.23 -68.01
CA ASN G 117 15.41 -21.17 -67.81
C ASN G 117 14.10 -21.77 -67.34
N PHE G 118 13.34 -21.00 -66.56
CA PHE G 118 12.07 -21.46 -66.03
C PHE G 118 11.10 -20.29 -65.96
N ALA G 119 9.81 -20.63 -65.92
CA ALA G 119 8.75 -19.63 -65.83
C ALA G 119 7.63 -20.19 -64.97
N ARG G 120 6.58 -19.41 -64.81
CA ARG G 120 5.45 -19.77 -63.97
C ARG G 120 4.18 -19.81 -64.81
N PHE G 121 3.46 -20.93 -64.74
CA PHE G 121 2.15 -21.09 -65.37
C PHE G 121 1.12 -21.24 -64.25
N GLY G 122 0.63 -20.12 -63.74
CA GLY G 122 -0.35 -20.16 -62.68
C GLY G 122 0.22 -20.82 -61.44
N SER G 123 -0.25 -22.04 -61.16
CA SER G 123 0.22 -22.81 -60.02
C SER G 123 1.25 -23.87 -60.40
N ARG G 124 1.93 -23.71 -61.52
CA ARG G 124 2.89 -24.68 -61.99
C ARG G 124 4.19 -23.99 -62.44
N PHE G 125 5.30 -24.70 -62.25
CA PHE G 125 6.59 -24.31 -62.81
C PHE G 125 6.83 -25.07 -64.10
N ILE G 126 7.64 -24.48 -64.98
CA ILE G 126 8.00 -25.10 -66.26
C ILE G 126 9.51 -24.99 -66.44
N PHE G 127 10.06 -25.91 -67.22
CA PHE G 127 11.48 -25.91 -67.54
C PHE G 127 11.67 -26.28 -69.00
N TYR G 128 12.49 -25.49 -69.71
CA TYR G 128 12.73 -25.76 -71.12
C TYR G 128 13.41 -27.10 -71.37
N PRO G 129 14.52 -27.45 -70.72
CA PRO G 129 15.24 -28.67 -71.11
C PRO G 129 14.56 -29.97 -70.71
N SER G 130 13.31 -29.92 -70.24
CA SER G 130 12.57 -31.11 -69.82
C SER G 130 13.35 -31.87 -68.76
N ILE G 131 13.66 -31.20 -67.65
CA ILE G 131 14.43 -31.80 -66.57
C ILE G 131 13.58 -32.86 -65.89
N GLU G 132 14.22 -33.87 -65.29
CA GLU G 132 13.53 -34.84 -64.46
C GLU G 132 14.25 -34.92 -63.13
N ALA G 133 13.55 -34.56 -62.06
CA ALA G 133 14.10 -34.60 -60.71
C ALA G 133 13.16 -35.38 -59.80
N ASP G 134 13.72 -35.94 -58.74
CA ASP G 134 12.97 -36.80 -57.83
C ASP G 134 13.20 -36.39 -56.38
N THR G 135 12.22 -36.70 -55.54
CA THR G 135 12.33 -36.43 -54.11
C THR G 135 13.27 -37.43 -53.45
N PRO G 136 13.77 -37.12 -52.24
CA PRO G 136 14.61 -38.08 -51.52
C PRO G 136 13.91 -39.41 -51.30
N TYR G 137 14.68 -40.48 -51.09
CA TYR G 137 14.12 -41.82 -51.09
C TYR G 137 13.29 -42.09 -49.84
N TYR G 138 13.56 -41.35 -48.75
CA TYR G 138 12.69 -41.22 -47.58
C TYR G 138 12.63 -42.47 -46.70
N PRO G 139 12.27 -42.32 -45.38
CA PRO G 139 12.31 -43.42 -44.39
C PRO G 139 12.84 -44.81 -44.73
N ASP G 140 12.07 -45.81 -44.31
CA ASP G 140 12.49 -47.17 -43.95
C ASP G 140 12.98 -47.14 -42.51
N ASP G 141 14.22 -47.58 -42.28
CA ASP G 141 14.84 -47.37 -40.98
C ASP G 141 14.87 -45.88 -40.64
N GLY G 142 15.11 -45.06 -41.65
CA GLY G 142 14.94 -43.62 -41.54
C GLY G 142 15.89 -42.90 -40.60
N SER G 143 17.13 -43.36 -40.51
CA SER G 143 18.12 -42.58 -39.78
C SER G 143 18.61 -41.43 -40.65
N PRO G 144 19.04 -41.67 -41.91
CA PRO G 144 19.31 -40.54 -42.80
C PRO G 144 18.14 -40.21 -43.71
N LEU G 145 18.26 -39.11 -44.44
CA LEU G 145 17.37 -38.80 -45.56
C LEU G 145 18.25 -38.64 -46.81
N ILE G 146 18.53 -39.75 -47.48
CA ILE G 146 19.50 -39.79 -48.56
C ILE G 146 18.98 -39.01 -49.76
N PRO G 147 19.70 -37.99 -50.21
CA PRO G 147 19.33 -37.32 -51.47
C PRO G 147 19.55 -38.23 -52.66
N ALA G 148 18.71 -38.03 -53.67
CA ALA G 148 18.78 -38.83 -54.88
C ALA G 148 19.49 -38.06 -55.99
N GLU G 149 20.14 -38.80 -56.88
CA GLU G 149 20.83 -38.18 -58.00
C GLU G 149 19.83 -37.54 -58.95
N ASN G 150 20.28 -36.51 -59.68
CA ASN G 150 19.47 -35.79 -60.65
C ASN G 150 18.35 -35.02 -59.94
N SER G 151 18.57 -34.68 -58.68
CA SER G 151 17.61 -33.87 -57.92
C SER G 151 18.02 -32.40 -57.97
N VAL G 152 17.07 -31.53 -57.64
CA VAL G 152 17.31 -30.09 -57.59
C VAL G 152 16.88 -29.57 -56.23
N ILE G 153 17.46 -28.45 -55.83
CA ILE G 153 17.16 -27.82 -54.55
C ILE G 153 16.65 -26.40 -54.81
N LEU G 154 15.57 -26.04 -54.13
CA LEU G 154 14.93 -24.74 -54.31
C LEU G 154 14.87 -24.01 -52.97
N SER G 155 15.12 -22.71 -53.01
CA SER G 155 15.05 -21.84 -51.84
C SER G 155 13.99 -20.78 -52.08
N TYR G 156 13.07 -20.63 -51.14
CA TYR G 156 11.95 -19.71 -51.30
C TYR G 156 11.51 -19.21 -49.93
N TYR G 157 10.83 -18.06 -49.93
CA TYR G 157 10.23 -17.54 -48.71
C TYR G 157 8.86 -18.15 -48.50
N ALA G 158 8.65 -18.70 -47.31
CA ALA G 158 7.40 -19.38 -46.97
C ALA G 158 6.68 -18.63 -45.86
N ASP G 159 5.36 -18.65 -45.92
CA ASP G 159 4.55 -17.97 -44.90
C ASP G 159 4.63 -18.72 -43.59
N PRO G 160 5.05 -18.09 -42.50
CA PRO G 160 5.06 -18.76 -41.20
C PRO G 160 3.65 -19.10 -40.76
N PRO G 161 3.46 -20.22 -40.08
CA PRO G 161 2.11 -20.61 -39.67
C PRO G 161 1.54 -19.66 -38.63
N GLU G 162 0.22 -19.49 -38.67
CA GLU G 162 -0.46 -18.71 -37.65
C GLU G 162 -0.35 -19.40 -36.31
N PHE G 163 -0.31 -18.59 -35.24
CA PHE G 163 -0.08 -19.12 -33.89
C PHE G 163 -1.14 -20.13 -33.50
N HIS G 164 -2.39 -19.68 -33.37
CA HIS G 164 -3.53 -20.55 -33.07
C HIS G 164 -3.31 -21.37 -31.81
N GLU G 165 -2.41 -20.91 -30.94
CA GLU G 165 -2.05 -21.65 -29.74
C GLU G 165 -1.28 -20.73 -28.81
N ASP G 166 -1.46 -20.91 -27.50
CA ASP G 166 -0.91 -19.98 -26.52
C ASP G 166 0.61 -20.09 -26.43
N THR G 167 1.13 -21.28 -26.11
CA THR G 167 2.56 -21.41 -25.88
C THR G 167 3.35 -21.51 -27.18
N ASP G 168 2.68 -21.42 -28.34
CA ASP G 168 3.37 -21.42 -29.62
C ASP G 168 4.24 -20.17 -29.73
N THR G 169 5.32 -20.25 -30.51
CA THR G 169 6.27 -19.16 -30.60
C THR G 169 6.74 -19.03 -32.05
N SER G 170 7.34 -17.88 -32.35
CA SER G 170 7.85 -17.60 -33.68
C SER G 170 9.13 -16.78 -33.56
N THR G 171 9.93 -16.82 -34.62
CA THR G 171 11.22 -16.13 -34.64
C THR G 171 11.06 -14.63 -34.49
N ILE G 172 9.91 -14.10 -34.91
CA ILE G 172 9.66 -12.67 -34.80
C ILE G 172 9.61 -12.25 -33.33
N LEU G 173 8.93 -13.05 -32.51
CA LEU G 173 8.87 -12.76 -31.07
C LEU G 173 10.26 -12.82 -30.46
N THR G 174 11.09 -13.77 -30.89
CA THR G 174 12.44 -13.89 -30.36
C THR G 174 13.30 -12.70 -30.74
N ILE G 175 13.14 -12.18 -31.96
CA ILE G 175 14.01 -11.13 -32.48
C ILE G 175 13.42 -9.76 -32.16
N ALA G 176 12.20 -9.52 -32.63
CA ALA G 176 11.54 -8.21 -32.47
C ALA G 176 10.14 -8.41 -31.92
N PRO G 177 10.03 -8.70 -30.62
CA PRO G 177 8.70 -8.85 -30.02
C PRO G 177 7.88 -7.56 -30.09
N GLU G 178 8.57 -6.41 -30.02
CA GLU G 178 7.90 -5.12 -30.07
C GLU G 178 7.32 -4.85 -31.46
N LEU G 179 7.83 -5.54 -32.47
CA LEU G 179 7.34 -5.34 -33.84
C LEU G 179 5.85 -5.70 -33.93
N LEU G 180 5.51 -6.95 -33.60
CA LEU G 180 4.11 -7.35 -33.61
C LEU G 180 3.32 -6.60 -32.54
N LEU G 181 3.97 -6.28 -31.43
CA LEU G 181 3.28 -5.60 -30.33
C LEU G 181 2.76 -4.24 -30.77
N TYR G 182 3.59 -3.46 -31.47
CA TYR G 182 3.14 -2.16 -31.96
C TYR G 182 2.14 -2.32 -33.11
N PHE G 183 2.38 -3.27 -34.00
CA PHE G 183 1.49 -3.44 -35.14
C PHE G 183 0.11 -3.94 -34.73
N THR G 184 0.04 -4.80 -33.72
CA THR G 184 -1.27 -5.22 -33.22
C THR G 184 -1.95 -4.11 -32.42
N LEU G 185 -1.18 -3.15 -31.89
CA LEU G 185 -1.77 -2.00 -31.24
C LEU G 185 -2.36 -1.02 -32.25
N ARG G 186 -1.85 -1.04 -33.48
CA ARG G 186 -2.44 -0.28 -34.57
C ARG G 186 -3.91 -0.63 -34.74
N HIS G 187 -4.18 -1.91 -35.00
CA HIS G 187 -5.55 -2.36 -35.17
C HIS G 187 -6.33 -2.31 -33.86
N ALA G 188 -5.66 -2.50 -32.72
CA ALA G 188 -6.31 -2.32 -31.43
C ALA G 188 -6.81 -0.89 -31.26
N CYS G 189 -6.00 0.08 -31.71
CA CYS G 189 -6.40 1.47 -31.69
C CYS G 189 -7.32 1.78 -32.88
N LEU G 190 -7.55 0.78 -33.73
CA LEU G 190 -8.57 0.92 -34.76
C LEU G 190 -9.93 0.46 -34.26
N PHE G 191 -9.97 -0.55 -33.39
CA PHE G 191 -11.22 -0.99 -32.81
C PHE G 191 -11.87 0.12 -32.00
N VAL G 192 -11.12 0.70 -31.07
CA VAL G 192 -11.52 1.92 -30.39
C VAL G 192 -10.67 3.05 -30.94
N GLN G 193 -11.32 4.09 -31.45
CA GLN G 193 -10.66 5.07 -32.32
C GLN G 193 -9.74 5.99 -31.52
N ASP G 194 -8.67 5.37 -30.99
CA ASP G 194 -7.53 6.12 -30.45
C ASP G 194 -6.69 6.57 -31.63
N ASP G 195 -7.20 7.60 -32.33
CA ASP G 195 -6.59 8.01 -33.59
C ASP G 195 -5.15 8.46 -33.40
N ASN G 196 -4.89 9.21 -32.33
CA ASN G 196 -3.53 9.62 -32.02
C ASN G 196 -2.67 8.39 -31.74
N GLY G 197 -3.25 7.39 -31.08
CA GLY G 197 -2.54 6.15 -30.84
C GLY G 197 -2.22 5.41 -32.13
N VAL G 198 -3.09 5.54 -33.13
CA VAL G 198 -2.90 4.83 -34.39
C VAL G 198 -1.58 5.23 -35.04
N GLN G 199 -1.33 6.55 -35.13
CA GLN G 199 -0.12 7.02 -35.79
C GLN G 199 1.13 6.66 -35.00
N LYS G 200 1.09 6.81 -33.67
CA LYS G 200 2.28 6.58 -32.86
C LYS G 200 2.72 5.12 -32.92
N TRP G 201 1.76 4.18 -32.86
CA TRP G 201 2.12 2.78 -33.01
C TRP G 201 2.60 2.49 -34.43
N SER G 202 1.94 3.08 -35.43
CA SER G 202 2.30 2.82 -36.82
C SER G 202 3.69 3.38 -37.13
N ALA G 203 3.94 4.63 -36.75
CA ALA G 203 5.24 5.24 -37.03
C ALA G 203 6.36 4.47 -36.36
N LEU G 204 6.15 4.06 -35.11
CA LEU G 204 7.09 3.16 -34.46
C LEU G 204 7.10 1.80 -35.15
N GLY G 205 5.93 1.32 -35.55
CA GLY G 205 5.86 0.01 -36.19
C GLY G 205 6.64 -0.06 -37.49
N LYS G 206 6.46 0.93 -38.37
CA LYS G 206 7.25 0.95 -39.60
C LYS G 206 8.72 1.21 -39.31
N ALA G 207 9.01 2.00 -38.27
CA ALA G 207 10.39 2.25 -37.90
C ALA G 207 11.11 0.95 -37.52
N ILE G 208 10.43 0.11 -36.75
CA ILE G 208 11.00 -1.21 -36.43
C ILE G 208 10.97 -2.09 -37.67
N LEU G 209 9.88 -2.04 -38.44
CA LEU G 209 9.77 -2.86 -39.64
C LEU G 209 10.83 -2.48 -40.67
N ASP G 210 11.00 -1.17 -40.92
CA ASP G 210 12.02 -0.76 -41.88
C ASP G 210 13.42 -1.04 -41.34
N GLU G 211 13.57 -1.11 -40.02
CA GLU G 211 14.86 -1.42 -39.43
C GLU G 211 15.34 -2.81 -39.83
N MET G 212 14.42 -3.69 -40.21
CA MET G 212 14.79 -5.03 -40.64
C MET G 212 15.64 -5.01 -41.91
N VAL G 213 15.26 -4.17 -42.88
CA VAL G 213 15.78 -4.33 -44.24
C VAL G 213 17.25 -3.90 -44.35
N GLU G 214 17.63 -2.79 -43.73
CA GLU G 214 19.01 -2.33 -43.89
C GLU G 214 19.96 -3.19 -43.07
N GLN G 215 19.43 -3.94 -42.12
CA GLN G 215 20.21 -5.00 -41.50
C GLN G 215 20.49 -6.12 -42.50
N ASN G 216 19.62 -6.27 -43.50
CA ASN G 216 19.73 -7.38 -44.43
C ASN G 216 20.51 -7.00 -45.69
N LYS G 217 20.26 -5.82 -46.27
CA LYS G 217 21.01 -5.43 -47.46
C LYS G 217 22.46 -5.13 -47.11
N LYS G 218 22.70 -4.64 -45.90
CA LYS G 218 24.06 -4.51 -45.41
C LYS G 218 24.70 -5.85 -45.07
N GLN G 219 23.92 -6.94 -45.15
CA GLN G 219 24.39 -8.28 -44.83
C GLN G 219 24.80 -9.08 -46.05
N GLU G 220 23.97 -9.08 -47.09
CA GLU G 220 24.22 -9.88 -48.28
C GLU G 220 25.42 -9.35 -49.07
N TYR G 221 25.75 -8.07 -48.87
CA TYR G 221 26.90 -7.48 -49.54
C TYR G 221 27.95 -7.00 -48.53
N SER G 222 28.10 -7.71 -47.42
CA SER G 222 28.92 -7.20 -46.32
C SER G 222 30.39 -7.59 -46.48
N GLY G 223 30.65 -8.78 -47.01
CA GLY G 223 31.98 -9.36 -46.97
C GLY G 223 33.09 -8.53 -47.59
N SER G 224 32.85 -8.03 -48.81
CA SER G 224 33.85 -7.19 -49.53
C SER G 224 33.17 -6.56 -50.75
N PRO G 225 32.46 -5.42 -50.62
CA PRO G 225 31.73 -4.82 -51.74
C PRO G 225 32.62 -4.58 -52.96
N ILE G 226 32.39 -5.32 -54.04
CA ILE G 226 33.21 -5.18 -55.28
C ILE G 226 32.28 -4.92 -56.47
N ALA G 227 32.72 -5.27 -57.69
CA ALA G 227 31.89 -5.05 -58.90
C ALA G 227 31.27 -6.37 -59.36
N ILE G 228 31.41 -6.70 -60.66
CA ILE G 228 30.83 -7.97 -61.20
C ILE G 228 31.93 -8.72 -61.96
N PRO G 229 32.58 -9.75 -61.37
CA PRO G 229 33.62 -10.52 -62.04
C PRO G 229 33.04 -11.69 -62.85
N ASN G 230 31.98 -11.43 -63.63
CA ASN G 230 31.34 -12.50 -64.44
C ASN G 230 31.39 -12.12 -65.92
N ASN G 231 32.40 -12.61 -66.65
CA ASN G 231 32.50 -12.35 -68.11
C ASN G 231 32.38 -13.68 -68.87
N MET G 232 31.75 -13.65 -70.05
CA MET G 232 31.58 -14.88 -70.86
C MET G 232 32.88 -15.19 -71.62
N THR G 233 33.53 -16.31 -71.32
CA THR G 233 34.77 -16.72 -72.03
C THR G 233 35.01 -18.21 -71.83
N PRO H 4 14.30 5.64 -5.23
CA PRO H 4 15.54 4.88 -5.13
C PRO H 4 16.77 5.77 -5.21
N ASP H 5 17.93 5.15 -5.31
CA ASP H 5 19.17 5.88 -5.41
C ASP H 5 20.15 5.06 -6.23
N VAL H 6 21.27 5.68 -6.57
CA VAL H 6 22.23 5.08 -7.47
C VAL H 6 23.64 5.55 -7.14
N GLN H 7 24.61 4.98 -7.86
CA GLN H 7 26.03 5.39 -7.70
C GLN H 7 26.38 6.33 -8.85
N TYR H 8 27.46 7.11 -8.71
CA TYR H 8 27.90 8.07 -9.71
C TYR H 8 28.00 7.39 -11.06
N PRO H 9 28.87 6.43 -11.26
CA PRO H 9 28.83 5.66 -12.48
C PRO H 9 27.71 4.66 -12.36
N ILE H 10 27.03 4.43 -13.47
CA ILE H 10 26.04 3.37 -13.50
C ILE H 10 26.67 2.23 -14.25
N ASN H 11 27.38 1.39 -13.52
CA ASN H 11 28.02 0.23 -14.11
C ASN H 11 26.97 -0.57 -14.86
N THR H 12 25.88 -0.86 -14.15
CA THR H 12 25.02 -1.81 -14.88
C THR H 12 23.56 -1.93 -14.50
N TYR H 13 22.96 -2.98 -15.02
CA TYR H 13 21.56 -3.33 -14.90
C TYR H 13 21.07 -3.15 -13.49
N GLY H 14 21.75 -3.79 -12.55
CA GLY H 14 21.30 -3.77 -11.18
C GLY H 14 20.99 -2.39 -10.68
N TRP H 15 21.63 -1.38 -11.25
CA TRP H 15 21.39 0.01 -10.87
C TRP H 15 20.58 0.73 -11.93
N LEU H 16 20.81 0.38 -13.17
CA LEU H 16 20.19 1.08 -14.28
C LEU H 16 18.69 0.92 -14.24
N LYS H 17 18.24 -0.30 -13.96
CA LYS H 17 16.82 -0.56 -13.95
C LYS H 17 16.15 0.25 -12.86
N LYS H 18 16.93 0.83 -11.96
CA LYS H 18 16.40 1.74 -10.97
C LYS H 18 16.52 3.17 -11.41
N ALA H 19 17.64 3.51 -12.02
CA ALA H 19 17.85 4.88 -12.45
C ALA H 19 16.80 5.26 -13.46
N VAL H 20 16.35 4.29 -14.24
CA VAL H 20 15.30 4.58 -15.19
C VAL H 20 14.03 4.98 -14.47
N ALA H 21 13.61 4.15 -13.53
CA ALA H 21 12.48 4.51 -12.70
C ALA H 21 12.64 5.90 -12.15
N LEU H 22 13.86 6.24 -11.77
CA LEU H 22 14.12 7.54 -11.22
C LEU H 22 13.83 8.64 -12.22
N TRP H 23 14.52 8.60 -13.35
CA TRP H 23 14.40 9.68 -14.32
C TRP H 23 12.96 9.85 -14.77
N ALA H 24 12.15 8.84 -14.63
CA ALA H 24 10.71 9.00 -14.67
C ALA H 24 10.16 8.92 -13.25
N ASP H 25 10.48 9.97 -12.47
CA ASP H 25 10.12 10.09 -11.03
C ASP H 25 8.99 9.18 -10.54
N ARG H 26 7.88 9.11 -11.25
CA ARG H 26 6.75 8.32 -10.71
C ARG H 26 7.01 6.84 -11.03
N ASP H 27 7.70 6.15 -10.12
CA ASP H 27 8.09 4.73 -10.34
C ASP H 27 7.11 3.81 -9.61
N ASP H 28 6.04 3.38 -10.29
CA ASP H 28 5.11 2.44 -9.68
C ASP H 28 5.37 1.05 -10.24
N ASP H 29 4.78 0.06 -9.58
CA ASP H 29 5.08 -1.33 -9.88
C ASP H 29 4.53 -1.79 -11.21
N GLU H 30 3.32 -1.37 -11.57
CA GLU H 30 2.80 -1.70 -12.88
C GLU H 30 3.79 -1.32 -13.97
N PHE H 31 4.71 -0.42 -13.64
CA PHE H 31 5.62 0.16 -14.59
C PHE H 31 6.99 -0.48 -14.52
N VAL H 32 7.52 -0.64 -13.31
CA VAL H 32 8.86 -1.15 -13.15
C VAL H 32 8.99 -2.52 -13.78
N ASN H 33 8.09 -3.42 -13.45
CA ASN H 33 8.23 -4.82 -13.79
C ASN H 33 8.35 -5.02 -15.29
N GLN H 34 8.17 -3.97 -16.06
CA GLN H 34 8.33 -3.97 -17.49
C GLN H 34 9.59 -3.23 -17.91
N ILE H 35 10.20 -2.51 -16.97
CA ILE H 35 11.52 -1.99 -17.20
C ILE H 35 12.36 -2.97 -18.01
N PRO H 36 12.57 -4.19 -17.56
CA PRO H 36 13.39 -5.13 -18.31
C PRO H 36 12.94 -5.24 -19.74
N ASN H 37 11.64 -5.21 -19.96
CA ASN H 37 11.13 -5.35 -21.31
C ASN H 37 11.50 -4.14 -22.14
N PHE H 38 11.29 -2.96 -21.59
CA PHE H 38 11.68 -1.76 -22.30
C PHE H 38 13.14 -1.87 -22.73
N ILE H 39 13.96 -2.41 -21.84
CA ILE H 39 15.38 -2.47 -22.11
C ILE H 39 15.66 -3.46 -23.21
N ASN H 40 15.02 -4.62 -23.14
CA ASN H 40 15.19 -5.61 -24.17
C ASN H 40 14.75 -5.04 -25.50
N PHE H 41 13.83 -4.09 -25.48
CA PHE H 41 13.43 -3.44 -26.70
C PHE H 41 14.52 -2.54 -27.21
N ALA H 42 15.08 -1.75 -26.31
CA ALA H 42 15.97 -0.69 -26.73
C ALA H 42 17.27 -1.26 -27.26
N GLU H 43 17.87 -2.15 -26.50
CA GLU H 43 19.12 -2.74 -26.95
C GLU H 43 18.96 -3.35 -28.32
N LYS H 44 17.78 -3.89 -28.59
CA LYS H 44 17.54 -4.52 -29.87
C LYS H 44 17.40 -3.47 -30.95
N GLU H 45 16.64 -2.42 -30.66
CA GLU H 45 16.50 -1.34 -31.63
C GLU H 45 17.85 -0.77 -31.97
N ILE H 46 18.80 -0.93 -31.08
CA ILE H 46 20.15 -0.46 -31.33
C ILE H 46 20.90 -1.45 -32.18
N TYR H 47 21.14 -2.62 -31.62
CA TYR H 47 22.00 -3.58 -32.25
C TYR H 47 21.52 -3.94 -33.64
N ARG H 48 20.26 -3.71 -33.93
CA ARG H 48 19.74 -4.08 -35.24
C ARG H 48 20.54 -3.42 -36.34
N ASN H 49 21.13 -2.28 -36.05
CA ASN H 49 21.85 -1.51 -37.06
C ASN H 49 23.16 -0.93 -36.58
N LEU H 50 23.47 -1.01 -35.30
CA LEU H 50 24.74 -0.49 -34.84
C LEU H 50 25.86 -1.46 -35.18
N ARG H 51 26.99 -0.92 -35.63
CA ARG H 51 28.15 -1.73 -35.98
C ARG H 51 29.42 -1.01 -35.57
N ILE H 52 30.25 -1.70 -34.79
CA ILE H 52 31.50 -1.15 -34.30
C ILE H 52 32.43 -2.31 -33.93
N PRO H 53 33.67 -2.01 -33.56
CA PRO H 53 34.62 -3.06 -33.20
C PRO H 53 34.17 -3.86 -31.99
N PRO H 54 33.94 -3.20 -30.86
CA PRO H 54 33.95 -3.89 -29.57
C PRO H 54 33.11 -5.14 -29.49
N LEU H 55 32.21 -5.30 -30.45
CA LEU H 55 31.35 -6.47 -30.51
C LEU H 55 31.84 -7.45 -31.57
N GLU H 56 32.93 -7.12 -32.25
CA GLU H 56 33.48 -7.94 -33.35
C GLU H 56 34.08 -9.19 -32.76
N LYS H 57 34.47 -10.08 -33.63
CA LYS H 57 34.94 -11.38 -33.23
C LYS H 57 35.99 -11.92 -34.19
N GLU H 58 37.01 -12.53 -33.60
CA GLU H 58 37.88 -13.43 -34.34
C GLU H 58 37.35 -14.83 -34.19
N VAL H 59 37.48 -15.64 -35.23
CA VAL H 59 37.02 -17.00 -35.16
C VAL H 59 37.56 -17.79 -36.34
N TYR H 60 37.85 -19.06 -36.10
CA TYR H 60 38.29 -19.96 -37.13
C TYR H 60 37.10 -20.74 -37.66
N LEU H 61 37.23 -21.27 -38.86
CA LEU H 61 36.15 -21.97 -39.50
C LEU H 61 36.52 -23.37 -39.93
N ASP H 62 35.51 -24.15 -40.35
CA ASP H 62 35.77 -25.50 -40.93
C ASP H 62 35.07 -25.58 -42.31
N ILE H 63 35.77 -25.28 -43.41
CA ILE H 63 35.09 -25.22 -44.75
C ILE H 63 34.51 -26.59 -45.13
N LYS H 64 35.32 -27.66 -45.08
CA LYS H 64 34.84 -29.04 -45.34
C LYS H 64 33.83 -29.10 -46.50
N ASP H 65 34.32 -29.11 -47.74
CA ASP H 65 33.45 -29.24 -48.96
C ASP H 65 32.76 -27.91 -49.27
N GLY H 66 33.19 -26.83 -48.62
CA GLY H 66 32.62 -25.50 -48.92
C GLY H 66 31.19 -25.37 -48.46
N VAL H 67 30.75 -26.20 -47.50
CA VAL H 67 29.38 -26.12 -46.93
C VAL H 67 29.51 -25.30 -45.67
N ALA H 68 30.70 -24.73 -45.42
CA ALA H 68 31.03 -24.08 -44.18
C ALA H 68 29.86 -23.25 -43.68
N TYR H 69 29.44 -23.52 -42.46
CA TYR H 69 28.13 -23.08 -42.01
C TYR H 69 28.26 -21.79 -41.24
N ILE H 70 27.15 -21.07 -41.19
CA ILE H 70 27.18 -19.76 -40.56
C ILE H 70 26.90 -19.90 -39.08
N PRO H 71 27.63 -19.22 -38.22
CA PRO H 71 27.40 -19.31 -36.82
C PRO H 71 26.08 -18.66 -36.46
N PRO H 72 25.43 -19.14 -35.41
CA PRO H 72 24.20 -18.52 -34.97
C PRO H 72 24.35 -17.05 -34.70
N ASP H 73 25.45 -16.67 -34.09
CA ASP H 73 25.59 -15.34 -33.53
C ASP H 73 25.82 -14.28 -34.58
N TYR H 74 25.66 -14.64 -35.83
CA TYR H 74 26.16 -13.77 -36.89
C TYR H 74 25.13 -12.73 -37.29
N LEU H 75 25.64 -11.57 -37.64
CA LEU H 75 24.87 -10.42 -38.06
C LEU H 75 25.36 -9.87 -39.38
N GLU H 76 26.65 -9.67 -39.47
CA GLU H 76 27.26 -9.01 -40.60
C GLU H 76 28.75 -9.23 -40.60
N ALA H 77 29.35 -9.40 -41.77
CA ALA H 77 30.81 -9.69 -41.87
C ALA H 77 31.57 -8.43 -42.33
N GLN H 78 32.73 -8.17 -41.74
CA GLN H 78 33.56 -7.01 -42.16
C GLN H 78 34.63 -7.46 -43.16
N TRP H 79 35.37 -8.52 -42.82
CA TRP H 79 36.39 -9.06 -43.75
C TRP H 79 36.56 -10.54 -43.42
N MET H 80 37.46 -11.25 -44.12
CA MET H 80 37.57 -12.72 -43.91
C MET H 80 38.87 -13.15 -44.57
N MET H 81 39.64 -14.06 -43.96
CA MET H 81 40.93 -14.37 -44.54
C MET H 81 41.50 -15.66 -43.98
N ARG H 82 42.75 -15.90 -44.38
CA ARG H 82 43.54 -16.99 -43.84
C ARG H 82 44.51 -16.46 -42.81
N ALA H 83 44.94 -17.33 -41.91
CA ALA H 83 46.10 -17.04 -41.10
C ALA H 83 47.37 -17.32 -41.85
N LYS H 84 47.24 -17.98 -43.00
CA LYS H 84 48.42 -18.32 -43.83
C LYS H 84 48.68 -17.22 -44.87
N ASP H 85 49.85 -16.56 -44.84
CA ASP H 85 50.20 -15.57 -45.89
C ASP H 85 49.14 -14.46 -46.03
N GLY H 86 48.17 -14.37 -45.12
CA GLY H 86 47.20 -13.25 -45.13
C GLY H 86 46.43 -13.04 -46.42
N THR H 87 45.76 -14.08 -46.95
CA THR H 87 44.96 -13.96 -48.21
C THR H 87 43.51 -13.53 -47.91
N ILE H 88 43.08 -12.36 -48.41
CA ILE H 88 41.73 -11.88 -48.21
C ILE H 88 40.83 -12.52 -49.23
N PHE H 89 39.67 -12.98 -48.78
CA PHE H 89 38.63 -13.37 -49.68
C PHE H 89 37.82 -12.16 -50.10
N GLN H 90 36.98 -12.38 -51.09
CA GLN H 90 35.97 -11.41 -51.43
C GLN H 90 34.71 -12.17 -51.74
N VAL H 91 33.62 -11.44 -51.87
CA VAL H 91 32.30 -12.02 -51.86
C VAL H 91 31.66 -11.78 -53.21
N THR H 92 30.78 -12.69 -53.60
CA THR H 92 30.07 -12.60 -54.85
C THR H 92 28.78 -13.37 -54.75
N SER H 93 28.11 -13.45 -55.87
CA SER H 93 26.85 -14.12 -55.95
C SER H 93 27.00 -15.55 -56.41
N PRO H 94 25.99 -16.35 -56.15
CA PRO H 94 25.95 -17.69 -56.73
C PRO H 94 26.12 -17.68 -58.24
N GLU H 95 25.48 -16.71 -58.88
CA GLU H 95 25.40 -16.72 -60.33
C GLU H 95 26.77 -16.61 -60.97
N GLU H 96 27.79 -16.30 -60.18
CA GLU H 96 29.14 -16.16 -60.66
C GLU H 96 30.02 -17.31 -60.22
N ILE H 97 29.93 -17.65 -58.95
CA ILE H 97 30.68 -18.78 -58.43
C ILE H 97 30.33 -20.04 -59.19
N SER H 98 29.06 -20.17 -59.55
CA SER H 98 28.66 -21.31 -60.34
C SER H 98 29.41 -21.33 -61.65
N TYR H 99 29.58 -20.17 -62.26
CA TYR H 99 30.35 -20.12 -63.48
C TYR H 99 31.77 -20.58 -63.21
N ARG H 100 32.37 -20.03 -62.17
CA ARG H 100 33.71 -20.45 -61.79
C ARG H 100 33.80 -21.95 -61.74
N ARG H 101 32.75 -22.60 -61.26
CA ARG H 101 32.74 -24.06 -61.23
C ARG H 101 32.74 -24.61 -62.64
N GLN H 102 31.80 -24.14 -63.45
CA GLN H 102 31.72 -24.63 -64.82
C GLN H 102 32.92 -24.19 -65.63
N HIS H 103 33.86 -23.46 -65.01
CA HIS H 103 35.10 -23.08 -65.71
C HIS H 103 36.31 -23.33 -64.80
N GLY H 104 36.48 -24.56 -64.32
CA GLY H 104 37.61 -24.90 -63.44
C GLY H 104 38.94 -24.74 -64.16
N THR H 105 39.95 -24.21 -63.47
CA THR H 105 41.28 -23.99 -64.10
C THR H 105 42.39 -24.30 -63.09
N ASN H 113 41.96 -19.54 -59.60
CA ASN H 113 41.24 -19.72 -58.31
C ASN H 113 41.84 -18.79 -57.26
N GLN H 114 42.97 -18.14 -57.58
CA GLN H 114 43.66 -17.24 -56.61
C GLN H 114 42.69 -16.23 -55.97
N PRO H 115 41.91 -15.40 -56.71
CA PRO H 115 40.92 -14.52 -56.07
C PRO H 115 39.79 -15.39 -55.51
N VAL H 116 39.83 -15.72 -54.22
CA VAL H 116 38.82 -16.61 -53.68
C VAL H 116 37.55 -15.84 -53.45
N ASN H 117 36.46 -16.41 -53.94
CA ASN H 117 35.17 -15.84 -53.71
C ASN H 117 34.30 -16.76 -52.88
N PHE H 118 33.22 -16.19 -52.37
CA PHE H 118 32.30 -16.94 -51.56
C PHE H 118 30.95 -16.25 -51.58
N ALA H 119 29.93 -16.97 -51.10
CA ALA H 119 28.59 -16.44 -51.17
C ALA H 119 27.71 -17.09 -50.12
N ARG H 120 26.45 -16.62 -50.10
CA ARG H 120 25.54 -16.87 -49.01
C ARG H 120 24.34 -17.66 -49.52
N PHE H 121 24.39 -18.95 -49.30
CA PHE H 121 23.31 -19.85 -49.67
C PHE H 121 22.55 -20.19 -48.41
N GLY H 122 21.51 -19.43 -48.14
CA GLY H 122 20.73 -19.69 -46.94
C GLY H 122 21.64 -19.58 -45.73
N SER H 123 21.67 -20.64 -44.96
CA SER H 123 22.53 -20.65 -43.79
C SER H 123 23.92 -21.14 -44.10
N ARG H 124 24.30 -21.19 -45.37
CA ARG H 124 25.56 -21.78 -45.75
C ARG H 124 26.45 -20.76 -46.45
N PHE H 125 27.75 -20.95 -46.25
CA PHE H 125 28.75 -20.22 -46.98
C PHE H 125 29.36 -21.13 -48.02
N ILE H 126 29.47 -20.65 -49.24
CA ILE H 126 30.12 -21.37 -50.30
C ILE H 126 31.39 -20.68 -50.69
N PHE H 127 32.38 -21.46 -51.07
CA PHE H 127 33.61 -20.95 -51.63
C PHE H 127 33.92 -21.70 -52.91
N TYR H 128 34.40 -20.99 -53.90
CA TYR H 128 34.43 -21.59 -55.20
C TYR H 128 35.35 -22.80 -55.14
N PRO H 129 36.60 -22.60 -54.76
CA PRO H 129 37.49 -23.74 -54.64
C PRO H 129 37.09 -24.57 -53.43
N SER H 130 37.24 -25.86 -53.59
CA SER H 130 36.83 -26.77 -52.53
C SER H 130 37.82 -26.69 -51.38
N ILE H 131 37.73 -25.62 -50.61
CA ILE H 131 38.67 -25.39 -49.53
C ILE H 131 38.48 -26.43 -48.45
N GLU H 132 39.49 -26.59 -47.61
CA GLU H 132 39.39 -27.51 -46.49
C GLU H 132 40.08 -26.96 -45.26
N ALA H 133 39.59 -25.81 -44.79
CA ALA H 133 40.04 -25.34 -43.47
C ALA H 133 39.40 -26.33 -42.52
N ASP H 134 39.78 -26.34 -41.27
CA ASP H 134 39.30 -27.37 -40.36
C ASP H 134 39.19 -26.89 -38.94
N THR H 135 38.31 -27.52 -38.17
CA THR H 135 38.20 -27.29 -36.72
C THR H 135 38.22 -28.68 -36.11
N PRO H 136 38.29 -28.89 -34.77
CA PRO H 136 38.15 -30.25 -34.21
C PRO H 136 36.67 -30.70 -34.29
N TYR H 137 36.34 -31.91 -33.86
CA TYR H 137 34.90 -32.25 -33.80
C TYR H 137 34.25 -31.37 -32.72
N TYR H 138 33.20 -31.81 -32.03
CA TYR H 138 32.65 -30.83 -31.06
C TYR H 138 33.78 -30.43 -30.11
N PRO H 139 33.87 -29.15 -29.64
CA PRO H 139 35.03 -28.71 -28.87
C PRO H 139 35.28 -29.21 -27.45
N ASP H 140 35.26 -30.53 -27.24
CA ASP H 140 35.73 -31.02 -25.92
C ASP H 140 37.15 -30.47 -25.98
N ASP H 141 37.72 -30.43 -27.20
CA ASP H 141 39.01 -29.70 -27.34
C ASP H 141 40.16 -30.52 -26.75
N GLY H 142 40.90 -29.95 -25.80
CA GLY H 142 42.10 -30.65 -25.30
C GLY H 142 43.19 -30.41 -26.32
N SER H 143 42.97 -29.40 -27.18
CA SER H 143 43.91 -29.07 -28.28
C SER H 143 43.83 -27.59 -28.68
N PRO H 144 44.85 -26.72 -28.49
CA PRO H 144 44.85 -25.38 -29.13
C PRO H 144 45.19 -25.68 -30.60
N LEU H 145 46.03 -26.70 -30.84
CA LEU H 145 46.41 -27.15 -32.21
C LEU H 145 46.99 -26.03 -33.08
N ILE H 146 47.87 -25.17 -32.55
CA ILE H 146 48.37 -24.01 -33.35
C ILE H 146 47.15 -23.31 -33.96
N PRO H 147 46.23 -22.74 -33.13
CA PRO H 147 44.99 -22.15 -33.59
C PRO H 147 44.24 -22.99 -34.63
N ALA H 148 43.95 -24.26 -34.30
CA ALA H 148 43.27 -25.17 -35.25
C ALA H 148 44.00 -25.17 -36.60
N GLU H 149 45.28 -25.51 -36.60
CA GLU H 149 46.10 -25.57 -37.86
C GLU H 149 46.08 -24.21 -38.57
N ASN H 150 46.17 -23.10 -37.82
CA ASN H 150 46.20 -21.75 -38.41
C ASN H 150 45.25 -21.70 -39.62
N SER H 151 43.96 -21.97 -39.39
CA SER H 151 42.96 -22.03 -40.52
C SER H 151 42.44 -20.65 -40.99
N VAL H 152 41.49 -20.56 -41.97
CA VAL H 152 40.85 -19.23 -42.15
C VAL H 152 40.39 -18.64 -40.82
N ILE H 153 40.11 -17.33 -40.78
CA ILE H 153 39.66 -16.66 -39.58
C ILE H 153 38.64 -15.64 -40.03
N LEU H 154 37.63 -15.44 -39.21
CA LEU H 154 36.54 -14.55 -39.60
C LEU H 154 36.45 -13.37 -38.67
N SER H 155 36.09 -12.24 -39.23
CA SER H 155 35.85 -11.03 -38.49
C SER H 155 34.43 -10.59 -38.76
N TYR H 156 33.57 -10.78 -37.78
CA TYR H 156 32.16 -10.51 -37.99
C TYR H 156 31.55 -9.94 -36.73
N TYR H 157 30.54 -9.11 -36.95
CA TYR H 157 29.79 -8.55 -35.85
C TYR H 157 28.79 -9.57 -35.36
N ALA H 158 28.67 -9.70 -34.05
CA ALA H 158 27.87 -10.74 -33.47
C ALA H 158 26.77 -10.19 -32.57
N ASP H 159 25.68 -10.92 -32.50
CA ASP H 159 24.59 -10.53 -31.66
C ASP H 159 25.02 -10.61 -30.22
N PRO H 160 25.06 -9.51 -29.48
CA PRO H 160 25.40 -9.56 -28.11
C PRO H 160 24.30 -10.23 -27.30
N PRO H 161 24.62 -10.64 -26.09
CA PRO H 161 23.63 -11.31 -25.26
C PRO H 161 22.67 -10.32 -24.64
N GLU H 162 21.40 -10.67 -24.66
CA GLU H 162 20.43 -9.94 -23.88
C GLU H 162 20.79 -10.07 -22.41
N PHE H 163 20.71 -8.96 -21.69
CA PHE H 163 20.90 -9.03 -20.26
C PHE H 163 19.98 -10.06 -19.65
N HIS H 164 20.48 -10.73 -18.62
CA HIS H 164 19.62 -11.61 -17.85
C HIS H 164 19.93 -11.52 -16.36
N GLU H 165 20.63 -10.48 -15.93
CA GLU H 165 21.03 -10.44 -14.53
C GLU H 165 21.43 -9.03 -14.14
N ASP H 166 21.15 -8.70 -12.88
CA ASP H 166 21.43 -7.38 -12.38
C ASP H 166 22.90 -7.03 -12.46
N THR H 167 23.75 -7.88 -11.91
CA THR H 167 25.18 -7.68 -11.98
C THR H 167 25.74 -8.04 -13.34
N ASP H 168 24.86 -8.40 -14.28
CA ASP H 168 25.33 -8.62 -15.67
C ASP H 168 25.74 -7.26 -16.20
N THR H 169 26.54 -7.18 -17.27
CA THR H 169 27.09 -5.94 -17.78
C THR H 169 27.36 -6.04 -19.26
N SER H 170 27.78 -4.90 -19.80
CA SER H 170 28.21 -4.81 -21.17
C SER H 170 29.04 -3.55 -21.33
N THR H 171 29.91 -3.58 -22.33
CA THR H 171 30.78 -2.44 -22.57
C THR H 171 29.99 -1.15 -22.60
N ILE H 172 28.78 -1.22 -23.14
CA ILE H 172 27.98 -0.04 -23.39
C ILE H 172 27.86 0.80 -22.15
N LEU H 173 27.70 0.15 -21.02
CA LEU H 173 27.51 0.87 -19.79
C LEU H 173 28.81 1.42 -19.28
N THR H 174 29.90 0.73 -19.57
CA THR H 174 31.20 1.28 -19.25
C THR H 174 31.42 2.56 -20.01
N ILE H 175 30.79 2.67 -21.17
CA ILE H 175 31.15 3.72 -22.11
C ILE H 175 30.00 4.68 -22.35
N ALA H 176 28.80 4.18 -22.53
CA ALA H 176 27.74 5.02 -23.06
C ALA H 176 26.38 4.53 -22.60
N PRO H 177 26.12 4.67 -21.31
CA PRO H 177 24.86 4.18 -20.75
C PRO H 177 23.69 5.10 -20.97
N GLU H 178 23.94 6.40 -20.82
CA GLU H 178 22.87 7.37 -21.01
C GLU H 178 22.08 7.04 -22.25
N LEU H 179 22.75 6.49 -23.24
CA LEU H 179 22.09 6.06 -24.46
C LEU H 179 20.96 5.10 -24.14
N LEU H 180 21.30 3.97 -23.54
CA LEU H 180 20.29 2.99 -23.18
C LEU H 180 19.21 3.62 -22.37
N LEU H 181 19.61 4.46 -21.44
CA LEU H 181 18.64 5.08 -20.57
C LEU H 181 17.59 5.81 -21.39
N TYR H 182 18.03 6.72 -22.24
CA TYR H 182 17.09 7.50 -23.02
C TYR H 182 16.26 6.61 -23.92
N PHE H 183 16.90 5.68 -24.60
CA PHE H 183 16.19 4.89 -25.59
C PHE H 183 15.16 3.99 -24.95
N THR H 184 15.35 3.60 -23.71
CA THR H 184 14.34 2.77 -23.08
C THR H 184 13.27 3.64 -22.45
N LEU H 185 13.66 4.81 -21.95
CA LEU H 185 12.66 5.78 -21.55
C LEU H 185 11.69 6.01 -22.68
N ARG H 186 12.19 5.89 -23.91
CA ARG H 186 11.35 6.05 -25.07
C ARG H 186 10.17 5.12 -25.00
N HIS H 187 10.46 3.81 -24.97
CA HIS H 187 9.37 2.79 -24.83
C HIS H 187 8.65 2.95 -23.49
N ALA H 188 9.35 3.40 -22.44
CA ALA H 188 8.71 3.64 -21.12
C ALA H 188 7.69 4.77 -21.23
N CYS H 189 8.02 5.83 -21.99
CA CYS H 189 7.11 6.99 -22.18
C CYS H 189 6.11 6.66 -23.29
N LEU H 190 6.18 5.45 -23.85
CA LEU H 190 5.16 4.99 -24.82
C LEU H 190 4.17 4.10 -24.07
N PHE H 191 4.65 3.28 -23.12
CA PHE H 191 3.72 2.50 -22.32
C PHE H 191 2.63 3.39 -21.79
N VAL H 192 3.01 4.55 -21.29
CA VAL H 192 2.10 5.52 -20.73
C VAL H 192 2.27 6.80 -21.52
N GLN H 193 1.16 7.42 -21.86
CA GLN H 193 1.11 8.35 -22.95
C GLN H 193 1.64 9.71 -22.52
N ASP H 194 2.94 9.93 -22.71
CA ASP H 194 3.56 11.24 -22.57
C ASP H 194 4.51 11.40 -23.74
N ASP H 195 3.95 11.89 -24.85
CA ASP H 195 4.63 11.78 -26.13
C ASP H 195 5.70 12.84 -26.30
N ASN H 196 5.47 14.05 -25.78
CA ASN H 196 6.51 15.05 -25.87
C ASN H 196 7.81 14.53 -25.30
N GLY H 197 7.73 13.93 -24.13
CA GLY H 197 8.90 13.30 -23.56
C GLY H 197 9.46 12.28 -24.52
N VAL H 198 8.59 11.60 -25.25
CA VAL H 198 9.05 10.61 -26.20
C VAL H 198 9.96 11.25 -27.21
N GLN H 199 9.46 12.29 -27.86
CA GLN H 199 10.23 12.95 -28.88
C GLN H 199 11.59 13.35 -28.33
N LYS H 200 11.59 13.88 -27.12
CA LYS H 200 12.85 14.38 -26.58
C LYS H 200 13.81 13.24 -26.36
N TRP H 201 13.35 12.20 -25.66
CA TRP H 201 14.18 11.02 -25.44
C TRP H 201 14.75 10.53 -26.75
N SER H 202 13.93 10.49 -27.78
CA SER H 202 14.34 9.80 -29.00
C SER H 202 15.37 10.62 -29.74
N ALA H 203 15.10 11.91 -29.88
CA ALA H 203 16.05 12.78 -30.51
C ALA H 203 17.40 12.68 -29.82
N LEU H 204 17.37 12.68 -28.50
CA LEU H 204 18.63 12.65 -27.79
C LEU H 204 19.34 11.34 -27.98
N GLY H 205 18.59 10.25 -27.99
CA GLY H 205 19.21 8.98 -28.25
C GLY H 205 19.93 8.99 -29.58
N LYS H 206 19.27 9.51 -30.59
CA LYS H 206 19.84 9.46 -31.93
C LYS H 206 21.06 10.36 -32.01
N ALA H 207 21.00 11.51 -31.37
CA ALA H 207 22.10 12.44 -31.43
C ALA H 207 23.26 11.97 -30.61
N ILE H 208 23.00 11.18 -29.58
CA ILE H 208 24.07 10.53 -28.86
C ILE H 208 24.70 9.49 -29.74
N LEU H 209 23.87 8.78 -30.47
CA LEU H 209 24.32 7.61 -31.19
C LEU H 209 25.22 8.01 -32.33
N ASP H 210 24.71 8.84 -33.23
CA ASP H 210 25.47 9.21 -34.40
C ASP H 210 26.87 9.68 -34.03
N GLU H 211 27.02 10.27 -32.84
CA GLU H 211 28.36 10.60 -32.40
C GLU H 211 29.26 9.39 -32.45
N MET H 212 28.73 8.24 -32.06
CA MET H 212 29.57 7.06 -31.96
C MET H 212 30.05 6.62 -33.33
N VAL H 213 29.13 6.56 -34.26
CA VAL H 213 29.50 6.10 -35.59
C VAL H 213 30.47 7.07 -36.21
N GLU H 214 30.32 8.35 -35.90
CA GLU H 214 31.25 9.31 -36.46
C GLU H 214 32.61 9.18 -35.82
N GLN H 215 32.62 8.90 -34.52
CA GLN H 215 33.87 8.55 -33.87
C GLN H 215 34.55 7.43 -34.62
N ASN H 216 33.78 6.41 -34.95
CA ASN H 216 34.38 5.25 -35.60
C ASN H 216 34.84 5.60 -37.00
N LYS H 217 34.08 6.43 -37.69
CA LYS H 217 34.45 6.79 -39.04
C LYS H 217 35.74 7.58 -39.05
N LYS H 218 35.84 8.55 -38.18
CA LYS H 218 37.05 9.32 -38.05
C LYS H 218 38.21 8.48 -37.54
N GLN H 219 37.90 7.35 -36.91
CA GLN H 219 38.98 6.43 -36.45
C GLN H 219 39.41 5.55 -37.63
N GLU H 220 38.44 5.13 -38.46
CA GLU H 220 38.73 4.26 -39.63
C GLU H 220 39.47 5.05 -40.70
N TYR H 221 40.32 4.39 -41.49
CA TYR H 221 41.04 5.05 -42.61
C TYR H 221 41.78 6.30 -42.12
N SER H 222 42.37 6.25 -40.93
CA SER H 222 43.22 7.39 -40.49
C SER H 222 44.60 7.25 -41.17
N GLY H 223 45.50 8.23 -40.97
CA GLY H 223 46.85 8.11 -41.54
C GLY H 223 46.93 8.52 -42.99
N SER H 224 45.89 9.18 -43.54
CA SER H 224 45.94 9.71 -44.93
C SER H 224 46.35 8.63 -45.96
N PRO H 225 45.62 7.50 -46.15
CA PRO H 225 46.02 6.55 -47.19
C PRO H 225 45.71 7.16 -48.56
N ILE H 226 46.40 6.70 -49.61
CA ILE H 226 46.07 7.19 -50.98
C ILE H 226 44.71 6.59 -51.32
N ALA H 227 44.00 7.15 -52.31
CA ALA H 227 42.62 6.67 -52.56
C ALA H 227 42.66 5.17 -52.82
N ILE H 228 43.62 4.69 -53.61
CA ILE H 228 43.78 3.21 -53.82
C ILE H 228 45.16 2.95 -54.42
N PRO H 229 46.16 2.30 -53.74
CA PRO H 229 47.40 1.94 -54.45
C PRO H 229 47.10 1.09 -55.69
N ASN H 230 47.21 1.68 -56.88
CA ASN H 230 46.90 0.95 -58.14
C ASN H 230 47.97 -0.12 -58.38
N ASN H 231 47.63 -1.39 -58.16
CA ASN H 231 48.60 -2.50 -58.36
C ASN H 231 48.51 -3.01 -59.81
N MET H 232 49.65 -3.10 -60.50
CA MET H 232 49.67 -3.59 -61.89
C MET H 232 49.69 -5.13 -61.88
N THR H 233 50.83 -5.73 -61.53
CA THR H 233 50.95 -7.22 -61.48
C THR H 233 50.38 -7.83 -62.78
N ALA I 2 -4.05 18.14 -20.37
CA ALA I 2 -5.36 17.91 -19.76
C ALA I 2 -5.20 17.60 -18.27
N LEU I 3 -5.96 18.31 -17.44
CA LEU I 3 -5.87 18.15 -16.00
C LEU I 3 -7.28 18.08 -15.42
N TYR I 4 -7.39 17.43 -14.26
CA TYR I 4 -8.64 17.34 -13.51
C TYR I 4 -8.35 17.70 -12.06
N PRO I 5 -8.13 18.99 -11.77
CA PRO I 5 -7.78 19.38 -10.41
C PRO I 5 -8.95 19.25 -9.45
N ILE I 6 -8.87 18.28 -8.54
CA ILE I 6 -9.90 18.10 -7.52
C ILE I 6 -9.51 18.89 -6.29
N LYS I 7 -9.91 20.16 -6.25
CA LYS I 7 -9.57 21.04 -5.14
C LYS I 7 -10.74 21.18 -4.18
N SER I 8 -10.43 21.62 -2.97
CA SER I 8 -11.40 21.79 -1.89
C SER I 8 -12.15 20.47 -1.62
N LEU I 9 -11.38 19.47 -1.19
CA LEU I 9 -11.95 18.16 -0.91
C LEU I 9 -12.94 18.20 0.26
N GLY I 10 -12.83 19.17 1.16
CA GLY I 10 -13.70 19.26 2.31
C GLY I 10 -14.97 20.05 2.10
N ALA I 11 -15.28 20.43 0.86
CA ALA I 11 -16.49 21.23 0.62
C ALA I 11 -17.75 20.46 0.96
N VAL I 12 -17.87 19.22 0.49
CA VAL I 12 -19.05 18.40 0.71
C VAL I 12 -18.61 16.94 0.79
N GLY I 13 -19.38 16.14 1.50
CA GLY I 13 -19.05 14.75 1.76
C GLY I 13 -19.82 13.76 0.91
N VAL I 14 -20.25 12.68 1.55
CA VAL I 14 -20.91 11.59 0.84
C VAL I 14 -22.28 12.04 0.37
N ILE I 15 -22.63 11.63 -0.87
CA ILE I 15 -23.91 11.95 -1.48
C ILE I 15 -24.47 10.67 -2.07
N ALA I 16 -25.80 10.61 -2.18
CA ALA I 16 -26.47 9.49 -2.82
C ALA I 16 -27.59 10.05 -3.68
N ASP I 17 -28.44 9.16 -4.19
CA ASP I 17 -29.60 9.54 -5.00
C ASP I 17 -29.17 10.37 -6.21
N GLN I 18 -27.93 10.19 -6.66
CA GLN I 18 -27.39 10.91 -7.79
C GLN I 18 -26.49 9.97 -8.58
N ALA I 19 -26.42 10.21 -9.89
CA ALA I 19 -25.54 9.42 -10.73
C ALA I 19 -24.09 9.68 -10.36
N PRO I 20 -23.27 8.62 -10.27
CA PRO I 20 -21.85 8.83 -9.97
C PRO I 20 -21.09 9.55 -11.07
N THR I 21 -21.67 9.66 -12.27
CA THR I 21 -21.06 10.38 -13.38
C THR I 21 -21.40 11.86 -13.39
N ASP I 22 -22.44 12.28 -12.67
CA ASP I 22 -22.86 13.68 -12.65
C ASP I 22 -22.42 14.41 -11.40
N LEU I 23 -21.65 13.78 -10.52
CA LEU I 23 -21.17 14.45 -9.33
C LEU I 23 -20.09 15.47 -9.69
N ALA I 24 -20.06 16.56 -8.92
CA ALA I 24 -19.06 17.58 -9.13
C ALA I 24 -17.68 17.05 -8.74
N PRO I 25 -16.60 17.63 -9.27
CA PRO I 25 -15.25 17.15 -8.91
C PRO I 25 -14.99 17.16 -7.42
N ASN I 26 -15.48 18.16 -6.69
CA ASN I 26 -15.29 18.25 -5.25
C ASN I 26 -16.55 17.74 -4.54
N ALA I 27 -17.38 17.01 -5.30
CA ALA I 27 -18.52 16.31 -4.73
C ALA I 27 -18.14 14.86 -4.50
N PHE I 28 -16.88 14.65 -4.13
CA PHE I 28 -16.28 13.35 -3.86
C PHE I 28 -17.11 12.58 -2.83
N THR I 29 -17.40 11.32 -3.13
CA THR I 29 -18.38 10.58 -2.34
C THR I 29 -17.98 9.15 -2.01
N ASN I 30 -17.28 8.97 -0.90
CA ASN I 30 -17.35 7.79 -0.05
C ASN I 30 -16.49 8.06 1.17
N ALA I 31 -16.99 7.70 2.35
CA ALA I 31 -16.23 8.00 3.55
C ALA I 31 -16.58 7.01 4.66
N ILE I 32 -15.55 6.35 5.18
CA ILE I 32 -15.66 5.56 6.41
C ILE I 32 -14.52 5.99 7.32
N ASN I 33 -14.87 6.41 8.53
CA ASN I 33 -13.92 6.93 9.51
C ASN I 33 -13.19 8.16 9.00
N ALA I 34 -13.82 8.94 8.12
CA ALA I 34 -13.21 10.12 7.51
C ALA I 34 -13.89 11.38 8.01
N ARG I 35 -13.10 12.42 8.25
CA ARG I 35 -13.58 13.68 8.79
C ARG I 35 -13.38 14.78 7.76
N PHE I 36 -14.43 15.56 7.50
CA PHE I 36 -14.40 16.64 6.52
C PHE I 36 -14.65 17.97 7.23
N VAL I 37 -13.69 18.88 7.14
CA VAL I 37 -13.81 20.21 7.74
C VAL I 37 -13.23 21.25 6.78
N GLU I 38 -13.88 22.42 6.77
CA GLU I 38 -13.42 23.59 6.03
C GLU I 38 -13.04 23.28 4.59
N GLN I 39 -11.76 22.93 4.39
CA GLN I 39 -11.27 22.67 3.05
C GLN I 39 -10.32 21.46 3.03
N ARG I 40 -10.34 20.62 4.05
CA ARG I 40 -9.30 19.62 4.24
C ARG I 40 -9.94 18.28 4.63
N VAL I 41 -9.22 17.20 4.35
CA VAL I 41 -9.67 15.85 4.65
C VAL I 41 -8.60 15.15 5.46
N PHE I 42 -9.00 14.56 6.59
CA PHE I 42 -8.07 13.80 7.42
C PHE I 42 -8.84 12.73 8.18
N LYS I 43 -8.10 11.78 8.72
CA LYS I 43 -8.71 10.65 9.42
C LYS I 43 -9.42 11.12 10.69
N THR I 44 -10.59 10.54 10.94
CA THR I 44 -11.32 10.82 12.17
C THR I 44 -10.60 10.19 13.36
N GLY I 45 -10.86 10.74 14.55
CA GLY I 45 -10.28 10.17 15.75
C GLY I 45 -10.75 8.75 15.99
N GLY I 46 -9.81 7.90 16.41
CA GLY I 46 -10.09 6.50 16.62
C GLY I 46 -10.74 6.22 17.97
N ASN I 47 -10.97 4.93 18.23
CA ASN I 47 -11.58 4.51 19.49
C ASN I 47 -10.56 3.79 20.36
N ALA I 48 -10.53 4.14 21.64
CA ALA I 48 -9.63 3.51 22.60
C ALA I 48 -10.40 3.31 23.90
N PRO I 49 -10.01 2.31 24.71
CA PRO I 49 -10.74 2.08 25.97
C PRO I 49 -10.44 3.14 27.01
N LEU I 50 -11.17 3.13 28.11
CA LEU I 50 -11.00 4.12 29.16
C LEU I 50 -11.53 3.55 30.46
N SER I 51 -10.79 3.73 31.54
CA SER I 51 -11.16 3.19 32.83
C SER I 51 -10.72 4.13 33.93
N TYR I 52 -11.68 4.62 34.72
CA TYR I 52 -11.38 5.45 35.87
C TYR I 52 -10.67 4.61 36.93
N VAL I 53 -11.23 3.43 37.22
CA VAL I 53 -10.66 2.49 38.18
C VAL I 53 -10.68 1.10 37.56
N ASP I 54 -9.91 0.18 38.13
CA ASP I 54 -9.83 -1.17 37.59
C ASP I 54 -11.15 -1.94 37.69
N GLU I 55 -12.05 -1.54 38.57
CA GLU I 55 -13.27 -2.33 38.80
C GLU I 55 -14.34 -2.08 37.75
N ASP I 56 -14.29 -0.96 37.04
CA ASP I 56 -15.33 -0.65 36.06
C ASP I 56 -15.20 -1.47 34.78
N LYS I 57 -14.09 -2.19 34.60
CA LYS I 57 -13.87 -2.97 33.40
C LYS I 57 -14.72 -4.24 33.35
N ASP I 58 -15.45 -4.56 34.42
CA ASP I 58 -16.37 -5.69 34.42
C ASP I 58 -17.83 -5.23 34.44
N LEU I 59 -18.13 -4.11 33.80
CA LEU I 59 -19.46 -3.52 33.84
C LEU I 59 -19.90 -3.17 32.42
N THR I 60 -21.21 -3.25 32.18
CA THR I 60 -21.82 -2.90 30.90
C THR I 60 -22.75 -1.70 31.14
N PRO I 61 -22.26 -0.48 30.90
CA PRO I 61 -23.05 0.72 31.22
C PRO I 61 -24.18 0.94 30.21
N LEU I 62 -25.42 0.89 30.71
CA LEU I 62 -26.56 1.18 29.85
C LEU I 62 -26.73 2.68 29.62
N SER I 63 -26.50 3.49 30.65
CA SER I 63 -26.67 4.94 30.55
C SER I 63 -25.93 5.60 31.70
N PHE I 64 -25.66 6.90 31.56
CA PHE I 64 -24.88 7.61 32.56
C PHE I 64 -25.18 9.10 32.48
N VAL I 65 -24.84 9.81 33.55
CA VAL I 65 -24.94 11.27 33.62
C VAL I 65 -23.62 11.82 34.18
N SER I 66 -23.09 12.84 33.51
CA SER I 66 -21.84 13.47 33.93
C SER I 66 -22.16 14.69 34.81
N MET I 67 -22.70 14.40 35.99
CA MET I 67 -23.02 15.46 36.94
C MET I 67 -21.74 15.94 37.62
N PRO I 68 -21.45 17.25 37.59
CA PRO I 68 -20.21 17.74 38.20
C PRO I 68 -20.33 18.11 39.67
N PHE I 69 -21.54 18.39 40.16
CA PHE I 69 -21.73 18.92 41.49
C PHE I 69 -22.46 17.93 42.38
N ASP I 70 -22.02 17.85 43.63
CA ASP I 70 -22.63 16.97 44.63
C ASP I 70 -22.41 17.57 46.01
N TYR I 71 -23.38 17.37 46.89
CA TYR I 71 -23.23 17.84 48.27
C TYR I 71 -22.22 16.99 49.04
N TYR I 72 -22.34 15.67 48.94
CA TYR I 72 -21.56 14.78 49.79
C TYR I 72 -20.09 14.80 49.40
N SER I 73 -19.81 14.72 48.10
CA SER I 73 -18.44 14.76 47.58
C SER I 73 -18.30 15.96 46.66
N ALA I 74 -17.06 16.37 46.46
CA ALA I 74 -16.75 17.54 45.62
C ALA I 74 -17.29 17.38 44.21
N GLY I 75 -17.34 16.15 43.72
CA GLY I 75 -17.81 15.90 42.37
C GLY I 75 -16.78 15.21 41.50
N ASN I 76 -16.25 15.92 40.52
CA ASN I 76 -15.24 15.39 39.60
C ASN I 76 -15.78 14.17 38.86
N SER I 77 -16.90 14.37 38.17
CA SER I 77 -17.53 13.33 37.35
C SER I 77 -17.86 12.09 38.16
N PHE I 78 -18.74 12.22 39.14
CA PHE I 78 -19.32 11.06 39.82
C PHE I 78 -20.44 10.46 38.97
N LEU I 79 -20.08 9.92 37.81
CA LEU I 79 -21.00 9.47 36.78
C LEU I 79 -22.16 8.66 37.34
N VAL I 80 -23.38 9.12 37.12
CA VAL I 80 -24.57 8.40 37.57
C VAL I 80 -24.88 7.35 36.51
N VAL I 81 -24.24 6.20 36.61
CA VAL I 81 -24.31 5.18 35.59
C VAL I 81 -25.36 4.15 35.98
N GLY I 82 -25.99 3.55 34.97
CA GLY I 82 -27.01 2.55 35.19
C GLY I 82 -26.64 1.23 34.53
N THR I 83 -27.09 0.14 35.15
CA THR I 83 -26.84 -1.20 34.65
C THR I 83 -28.17 -1.93 34.52
N ASN I 84 -28.08 -3.23 34.22
CA ASN I 84 -29.29 -4.04 34.11
C ASN I 84 -29.95 -4.23 35.48
N LYS I 85 -29.19 -4.06 36.57
CA LYS I 85 -29.70 -4.34 37.90
C LYS I 85 -29.40 -3.26 38.93
N LYS I 86 -28.41 -2.40 38.71
CA LYS I 86 -27.98 -1.44 39.72
C LYS I 86 -27.72 -0.08 39.06
N LEU I 87 -27.54 0.94 39.91
CA LEU I 87 -27.11 2.27 39.50
C LEU I 87 -25.78 2.53 40.20
N TYR I 88 -24.68 2.21 39.51
CA TYR I 88 -23.36 2.38 40.07
C TYR I 88 -22.91 3.84 39.93
N LYS I 89 -21.74 4.15 40.49
CA LYS I 89 -21.23 5.51 40.45
C LYS I 89 -19.72 5.48 40.63
N LEU I 90 -18.99 5.96 39.63
CA LEU I 90 -17.54 6.05 39.68
C LEU I 90 -17.11 7.50 39.54
N THR I 91 -16.14 7.90 40.35
CA THR I 91 -15.69 9.29 40.40
C THR I 91 -14.16 9.39 40.41
N ASP I 92 -13.50 8.61 39.56
CA ASP I 92 -12.06 8.59 39.33
C ASP I 92 -11.29 8.02 40.51
N GLU I 93 -11.96 7.62 41.58
CA GLU I 93 -11.25 7.04 42.72
C GLU I 93 -11.73 5.63 43.04
N SER I 94 -13.02 5.35 42.88
CA SER I 94 -13.57 4.00 43.02
C SER I 94 -15.02 4.00 42.57
N LEU I 95 -15.53 2.79 42.34
CA LEU I 95 -16.92 2.59 41.96
C LEU I 95 -17.78 2.37 43.20
N THR I 96 -18.97 2.98 43.20
CA THR I 96 -19.88 2.91 44.34
C THR I 96 -21.28 2.61 43.84
N ASP I 97 -22.05 1.90 44.66
CA ASP I 97 -23.44 1.58 44.35
C ASP I 97 -24.36 2.48 45.15
N ILE I 98 -25.28 3.16 44.45
CA ILE I 98 -26.19 4.10 45.09
C ILE I 98 -27.64 3.78 44.71
N SER I 99 -27.91 2.50 44.45
CA SER I 99 -29.25 2.09 44.06
C SER I 99 -30.24 2.28 45.21
N ARG I 100 -31.51 2.49 44.86
CA ARG I 100 -32.57 2.70 45.84
C ARG I 100 -32.88 1.40 46.60
N LYS I 101 -32.53 1.37 47.88
CA LYS I 101 -32.91 0.25 48.72
C LYS I 101 -34.38 0.37 49.11
N VAL I 102 -35.07 -0.78 49.17
CA VAL I 102 -36.50 -0.81 49.45
C VAL I 102 -36.73 -1.78 50.61
N ALA I 103 -37.84 -1.56 51.32
CA ALA I 103 -38.19 -2.38 52.48
C ALA I 103 -38.94 -3.61 52.01
N THR I 104 -38.21 -4.71 51.82
CA THR I 104 -38.85 -5.98 51.46
C THR I 104 -39.58 -6.62 52.62
N VAL I 105 -39.16 -6.35 53.85
CA VAL I 105 -39.79 -6.90 55.05
C VAL I 105 -40.25 -5.73 55.91
N THR I 106 -41.55 -5.67 56.19
CA THR I 106 -42.14 -4.60 56.98
C THR I 106 -42.99 -5.21 58.09
N LYS I 107 -42.81 -4.71 59.31
CA LYS I 107 -43.59 -5.15 60.46
C LYS I 107 -44.11 -3.93 61.19
N LYS I 108 -45.33 -4.04 61.71
CA LYS I 108 -46.02 -2.91 62.32
C LYS I 108 -46.48 -3.29 63.72
N ALA I 109 -46.83 -2.26 64.50
CA ALA I 109 -47.34 -2.45 65.85
C ALA I 109 -48.43 -1.41 66.11
N SER I 110 -49.32 -1.74 67.04
CA SER I 110 -50.45 -0.88 67.38
C SER I 110 -50.35 -0.40 68.81
N ALA I 111 -51.03 0.71 69.10
CA ALA I 111 -51.03 1.27 70.44
C ALA I 111 -52.35 2.04 70.61
N SER I 112 -53.27 1.46 71.38
CA SER I 112 -54.57 2.09 71.66
C SER I 112 -54.37 3.12 72.76
N ILE I 113 -53.91 4.31 72.36
CA ILE I 113 -53.64 5.39 73.29
C ILE I 113 -54.96 6.03 73.69
N LYS I 114 -55.43 5.74 74.90
CA LYS I 114 -56.64 6.37 75.40
C LYS I 114 -56.37 7.83 75.74
N ILE I 115 -57.24 8.71 75.24
CA ILE I 115 -57.10 10.14 75.50
C ILE I 115 -58.22 10.60 76.42
N TYR I 116 -57.95 10.63 77.72
CA TYR I 116 -58.92 11.11 78.70
C TYR I 116 -59.04 12.63 78.58
N PRO I 117 -60.16 13.21 79.00
CA PRO I 117 -60.32 14.66 78.86
C PRO I 117 -59.56 15.44 79.92
N VAL I 118 -59.06 16.62 79.56
CA VAL I 118 -58.35 17.46 80.53
C VAL I 118 -59.29 17.89 81.65
N VAL I 119 -60.49 18.34 81.30
CA VAL I 119 -61.51 18.64 82.29
C VAL I 119 -62.37 17.40 82.50
N SER I 120 -61.88 16.49 83.34
CA SER I 120 -62.61 15.26 83.67
C SER I 120 -62.98 15.19 85.15
N GLN I 121 -62.00 15.33 86.04
CA GLN I 121 -62.27 15.39 87.48
C GLN I 121 -62.33 16.86 87.88
N ILE I 122 -63.23 17.61 87.24
CA ILE I 122 -63.40 19.03 87.53
C ILE I 122 -64.88 19.36 87.51
N VAL I 123 -65.43 19.75 88.65
CA VAL I 123 -66.85 20.02 88.80
C VAL I 123 -67.62 18.73 88.48
N PRO I 124 -67.36 17.64 89.20
CA PRO I 124 -68.09 16.39 88.92
C PRO I 124 -69.59 16.53 89.12
N LYS I 125 -70.36 15.85 88.27
CA LYS I 125 -71.82 15.88 88.36
C LYS I 125 -72.29 15.34 89.71
N GLU I 126 -72.92 16.18 90.51
CA GLU I 126 -73.41 15.82 91.83
C GLU I 126 -74.88 16.19 91.90
N SER I 127 -75.74 15.18 91.87
CA SER I 127 -77.18 15.37 91.99
C SER I 127 -77.65 15.53 93.42
N THR I 128 -76.79 15.25 94.40
CA THR I 128 -77.11 15.41 95.81
C THR I 128 -76.63 16.75 96.35
N ILE I 129 -77.16 17.84 95.79
CA ILE I 129 -76.78 19.18 96.26
C ILE I 129 -77.18 19.39 97.71
N SER I 130 -78.38 18.94 98.09
CA SER I 130 -78.84 19.01 99.47
C SER I 130 -78.91 17.60 100.03
N MET I 131 -78.31 17.41 101.19
CA MET I 131 -78.25 16.09 101.82
C MET I 131 -78.83 16.17 103.24
N ASN I 132 -79.99 16.82 103.36
CA ASN I 132 -80.66 16.91 104.66
C ASN I 132 -81.07 15.53 105.14
N PHE I 133 -80.78 15.24 106.40
CA PHE I 133 -81.07 13.94 106.98
C PHE I 133 -81.23 14.09 108.48
N ASN I 134 -81.71 13.03 109.12
CA ASN I 134 -81.90 13.02 110.57
C ASN I 134 -80.54 13.01 111.27
N GLN I 135 -80.54 13.35 112.56
CA GLN I 135 -79.30 13.40 113.33
C GLN I 135 -78.61 12.04 113.37
N THR I 136 -79.40 10.96 113.35
CA THR I 136 -78.84 9.61 113.38
C THR I 136 -78.98 8.91 112.04
N LYS I 137 -79.08 9.68 110.95
CA LYS I 137 -79.19 9.10 109.63
C LYS I 137 -77.84 8.61 109.14
N ASN I 138 -77.87 7.57 108.30
CA ASN I 138 -76.67 6.97 107.72
C ASN I 138 -76.86 6.78 106.22
N LEU I 139 -77.41 7.80 105.57
CA LEU I 139 -77.67 7.75 104.14
C LEU I 139 -76.36 7.86 103.36
N GLU I 140 -76.24 7.06 102.29
CA GLU I 140 -75.05 7.09 101.46
C GLU I 140 -75.10 8.30 100.53
N VAL I 141 -73.94 8.60 99.93
CA VAL I 141 -73.81 9.70 98.98
C VAL I 141 -73.21 9.16 97.69
N SER I 142 -73.80 9.55 96.56
CA SER I 142 -73.37 9.08 95.25
C SER I 142 -73.04 10.27 94.37
N LEU I 143 -71.94 10.14 93.62
CA LEU I 143 -71.52 11.18 92.69
C LEU I 143 -70.74 10.52 91.56
N LEU I 144 -70.71 11.19 90.41
CA LEU I 144 -70.01 10.68 89.24
C LEU I 144 -69.14 11.76 88.63
N PRO I 145 -67.95 11.40 88.15
CA PRO I 145 -67.09 12.39 87.51
C PRO I 145 -67.58 12.74 86.12
N ALA I 146 -67.12 13.89 85.61
CA ALA I 146 -67.51 14.32 84.28
C ALA I 146 -66.87 13.42 83.22
N ASP I 147 -67.73 12.85 82.37
CA ASP I 147 -67.31 11.95 81.31
C ASP I 147 -66.94 10.57 81.82
N ALA I 148 -66.89 10.42 83.15
CA ALA I 148 -66.63 9.13 83.81
C ALA I 148 -65.37 8.45 83.28
N ASN I 149 -64.29 9.19 83.09
CA ASN I 149 -63.08 8.66 82.48
C ASN I 149 -61.92 8.67 83.46
N ASN I 150 -61.37 7.48 83.73
CA ASN I 150 -60.09 7.34 84.40
C ASN I 150 -60.09 7.78 85.86
N THR I 151 -59.74 9.04 86.10
CA THR I 151 -59.44 9.54 87.44
C THR I 151 -60.63 9.37 88.38
N ASN I 152 -60.31 8.95 89.60
CA ASN I 152 -61.28 8.82 90.68
C ASN I 152 -61.14 9.98 91.65
N LEU I 153 -62.00 9.99 92.67
CA LEU I 153 -62.03 11.05 93.67
C LEU I 153 -62.08 10.44 95.05
N ILE I 154 -61.66 11.24 96.03
CA ILE I 154 -61.67 10.86 97.44
C ILE I 154 -62.55 11.86 98.19
N TRP I 155 -63.48 11.34 98.98
CA TRP I 155 -64.42 12.15 99.74
C TRP I 155 -63.89 12.33 101.16
N GLU I 156 -63.85 13.58 101.62
CA GLU I 156 -63.39 13.90 102.96
C GLU I 156 -64.17 15.09 103.50
N VAL I 157 -64.18 15.21 104.83
CA VAL I 157 -64.88 16.30 105.49
C VAL I 157 -63.92 16.98 106.47
N SER I 158 -63.76 18.30 106.33
CA SER I 158 -62.87 19.05 107.20
C SER I 158 -63.37 19.05 108.63
N ASN I 159 -62.51 18.68 109.58
CA ASN I 159 -62.88 18.60 110.99
C ASN I 159 -64.04 17.64 111.20
N SER I 160 -63.83 16.37 110.88
CA SER I 160 -64.90 15.37 111.00
C SER I 160 -65.14 15.09 112.48
N SER I 161 -66.17 15.72 113.05
CA SER I 161 -66.51 15.54 114.45
C SER I 161 -68.02 15.37 114.62
N TYR I 162 -68.77 15.52 113.51
CA TYR I 162 -70.22 15.44 113.54
C TYR I 162 -70.72 14.06 113.94
N GLY I 163 -69.86 13.05 113.79
CA GLY I 163 -70.22 11.69 114.17
C GLY I 163 -68.99 10.88 114.51
N SER I 164 -69.24 9.65 114.97
CA SER I 164 -68.13 8.74 115.26
C SER I 164 -67.33 8.44 114.00
N ILE I 165 -68.01 8.22 112.88
CA ILE I 165 -67.36 8.08 111.58
C ILE I 165 -67.90 9.18 110.68
N THR I 166 -67.20 10.31 110.61
CA THR I 166 -67.69 11.47 109.88
C THR I 166 -67.88 11.17 108.40
N VAL I 167 -66.85 10.59 107.77
CA VAL I 167 -66.89 10.24 106.36
C VAL I 167 -66.45 8.78 106.22
N ASP I 168 -67.36 7.94 105.74
CA ASP I 168 -67.00 6.56 105.46
C ASP I 168 -66.19 6.50 104.16
N PRO I 169 -65.23 5.58 104.05
CA PRO I 169 -64.45 5.48 102.82
C PRO I 169 -65.32 5.11 101.63
N SER I 170 -65.03 5.74 100.49
CA SER I 170 -65.78 5.44 99.28
C SER I 170 -65.25 4.16 98.64
N ASP I 171 -66.17 3.37 98.08
CA ASP I 171 -65.78 2.11 97.46
C ASP I 171 -65.17 2.35 96.09
N SER I 172 -65.96 2.86 95.15
CA SER I 172 -65.42 3.23 93.84
C SER I 172 -65.58 4.72 93.58
N LYS I 173 -66.82 5.20 93.58
CA LYS I 173 -67.07 6.62 93.39
C LYS I 173 -67.77 7.25 94.58
N LEU I 174 -68.88 6.66 95.01
CA LEU I 174 -69.67 7.20 96.11
C LEU I 174 -69.21 6.64 97.45
N ALA I 175 -69.66 7.27 98.52
CA ALA I 175 -69.30 6.86 99.88
C ALA I 175 -70.54 6.92 100.76
N THR I 176 -70.34 6.76 102.05
CA THR I 176 -71.43 6.76 103.02
C THR I 176 -71.13 7.80 104.10
N LEU I 177 -72.20 8.34 104.68
CA LEU I 177 -72.10 9.35 105.71
C LEU I 177 -72.59 8.82 107.05
N THR I 178 -72.22 9.51 108.12
CA THR I 178 -72.62 9.14 109.46
C THR I 178 -72.99 10.40 110.23
N SER I 179 -73.81 10.23 111.27
CA SER I 179 -74.28 11.34 112.07
C SER I 179 -74.15 10.99 113.55
N PHE I 180 -74.06 12.03 114.37
CA PHE I 180 -73.94 11.89 115.81
C PHE I 180 -74.74 12.99 116.49
N GLU I 181 -74.50 13.15 117.79
CA GLU I 181 -75.20 14.15 118.57
C GLU I 181 -74.64 15.55 118.32
N LYS I 182 -74.86 16.07 117.12
CA LYS I 182 -74.39 17.40 116.76
C LYS I 182 -75.44 18.09 115.90
N GLU I 183 -75.41 19.42 115.92
CA GLU I 183 -76.34 20.24 115.18
C GLU I 183 -75.59 21.24 114.31
N GLY I 184 -76.19 21.58 113.18
CA GLY I 184 -75.62 22.53 112.24
C GLY I 184 -75.38 21.88 110.89
N ASN I 185 -74.74 22.65 110.01
CA ASN I 185 -74.43 22.19 108.66
C ASN I 185 -73.14 21.38 108.66
N LEU I 186 -72.82 20.82 107.50
CA LEU I 186 -71.61 20.02 107.34
C LEU I 186 -71.10 20.17 105.91
N VAL I 187 -69.81 19.89 105.74
CA VAL I 187 -69.16 19.99 104.44
C VAL I 187 -68.67 18.60 104.03
N VAL I 188 -69.05 18.19 102.82
CA VAL I 188 -68.66 16.89 102.26
C VAL I 188 -68.00 17.19 100.92
N THR I 189 -66.67 17.28 100.91
CA THR I 189 -65.92 17.60 99.71
C THR I 189 -65.42 16.33 99.05
N ILE I 190 -65.67 16.22 97.74
CA ILE I 190 -65.20 15.11 96.92
C ILE I 190 -64.06 15.65 96.08
N SER I 191 -62.83 15.50 96.56
CA SER I 191 -61.65 16.05 95.91
C SER I 191 -60.93 14.96 95.13
N THR I 192 -60.26 15.35 94.06
CA THR I 192 -59.47 14.40 93.28
C THR I 192 -58.25 13.95 94.08
N ALA I 193 -57.63 12.86 93.60
CA ALA I 193 -56.46 12.31 94.29
C ALA I 193 -55.30 13.29 94.33
N ASN I 194 -55.01 13.95 93.20
CA ASN I 194 -53.90 14.90 93.15
C ASN I 194 -54.34 16.21 92.51
N GLU I 195 -55.36 16.16 91.65
CA GLU I 195 -55.81 17.34 90.95
C GLU I 195 -56.51 18.31 91.92
N SER I 196 -56.57 19.57 91.51
CA SER I 196 -57.20 20.62 92.33
C SER I 196 -58.66 20.80 91.93
N VAL I 197 -59.40 19.70 92.01
CA VAL I 197 -60.84 19.69 91.73
C VAL I 197 -61.53 19.03 92.91
N VAL I 198 -62.45 19.78 93.54
CA VAL I 198 -63.15 19.29 94.72
C VAL I 198 -64.62 19.71 94.66
N ALA I 199 -65.50 18.74 94.47
CA ALA I 199 -66.93 19.01 94.48
C ALA I 199 -67.40 19.28 95.91
N GLN I 200 -68.61 19.83 96.01
CA GLN I 200 -69.19 20.17 97.31
C GLN I 200 -70.58 19.56 97.41
N ILE I 201 -70.85 18.89 98.53
CA ILE I 201 -72.15 18.29 98.80
C ILE I 201 -72.61 18.82 100.15
N ALA I 202 -73.75 19.50 100.17
CA ALA I 202 -74.26 20.09 101.40
C ALA I 202 -74.99 19.04 102.22
N VAL I 203 -74.77 19.05 103.53
CA VAL I 203 -75.43 18.17 104.48
C VAL I 203 -75.84 18.99 105.70
N ASN I 204 -76.88 18.53 106.38
CA ASN I 204 -77.40 19.23 107.56
C ASN I 204 -78.31 18.30 108.34
N ILE I 205 -77.99 18.10 109.62
CA ILE I 205 -78.83 17.34 110.54
C ILE I 205 -79.18 18.30 111.67
N ILE I 206 -80.42 18.80 111.67
CA ILE I 206 -80.84 19.82 112.60
C ILE I 206 -81.40 19.20 113.88
N ASP I 207 -80.49 18.83 114.80
CA ASP I 207 -80.82 18.38 116.15
C ASP I 207 -82.00 17.42 116.24
N GLY I 208 -82.08 16.46 115.31
CA GLY I 208 -83.16 15.50 115.30
C GLY I 208 -84.54 16.13 115.24
N ASP I 209 -85.46 15.63 116.06
CA ASP I 209 -86.82 16.15 116.12
C ASP I 209 -86.91 17.31 117.10
N SER I 210 -88.14 17.74 117.43
CA SER I 210 -88.33 18.85 118.35
C SER I 210 -88.91 18.35 119.67
N GLY I 211 -89.98 17.55 119.60
CA GLY I 211 -90.57 16.97 120.79
C GLY I 211 -91.12 17.97 121.77
N ILE I 212 -91.84 18.97 121.28
CA ILE I 212 -92.46 19.98 122.14
C ILE I 212 -93.56 19.34 122.96
N PHE I 213 -93.40 19.33 124.28
CA PHE I 213 -94.35 18.71 125.19
C PHE I 213 -94.45 19.56 126.46
N LEU I 214 -95.64 20.02 126.79
CA LEU I 214 -95.84 20.81 128.00
C LEU I 214 -95.65 19.96 129.24
N SER I 215 -95.26 20.60 130.35
CA SER I 215 -95.06 19.88 131.59
C SER I 215 -96.37 19.29 132.10
N GLN I 216 -97.46 20.05 132.02
CA GLN I 216 -98.77 19.59 132.45
C GLN I 216 -99.75 19.73 131.30
N ASP I 217 -100.39 18.62 130.93
CA ASP I 217 -101.35 18.65 129.84
C ASP I 217 -102.60 19.44 130.22
N THR I 218 -103.03 19.36 131.47
CA THR I 218 -104.21 20.08 131.95
C THR I 218 -103.86 20.77 133.26
N VAL I 219 -104.49 21.92 133.50
CA VAL I 219 -104.27 22.70 134.71
C VAL I 219 -105.62 23.05 135.32
N THR I 220 -105.61 23.20 136.65
CA THR I 220 -106.81 23.55 137.42
C THR I 220 -106.43 24.66 138.39
N ILE I 221 -106.57 25.91 137.95
CA ILE I 221 -106.24 27.06 138.77
C ILE I 221 -107.51 27.82 139.09
N ARG I 222 -107.52 28.48 140.24
CA ARG I 222 -108.66 29.26 140.68
C ARG I 222 -108.57 30.69 140.14
N LYS I 223 -109.69 31.41 140.24
CA LYS I 223 -109.72 32.79 139.79
C LYS I 223 -108.80 33.65 140.66
N GLY I 224 -107.97 34.45 140.01
CA GLY I 224 -107.02 35.30 140.71
C GLY I 224 -105.73 34.63 141.11
N GLY I 225 -105.59 33.33 140.87
CA GLY I 225 -104.38 32.61 141.21
C GLY I 225 -103.30 32.75 140.17
N THR I 226 -102.18 32.06 140.41
CA THR I 226 -101.05 32.08 139.51
C THR I 226 -100.41 30.70 139.48
N THR I 227 -99.90 30.32 138.31
CA THR I 227 -99.24 29.02 138.15
C THR I 227 -98.03 29.15 137.25
N THR I 228 -97.44 28.01 136.86
CA THR I 228 -96.29 28.01 135.98
C THR I 228 -96.24 26.70 135.21
N LEU I 229 -95.83 26.79 133.95
CA LEU I 229 -95.70 25.63 133.07
C LEU I 229 -94.29 25.64 132.49
N THR I 230 -93.54 24.56 132.74
CA THR I 230 -92.16 24.45 132.27
C THR I 230 -92.14 23.58 131.02
N ALA I 231 -92.24 24.23 129.86
CA ALA I 231 -92.18 23.51 128.60
C ALA I 231 -90.75 23.07 128.32
N VAL I 232 -90.61 21.88 127.75
CA VAL I 232 -89.31 21.31 127.42
C VAL I 232 -89.20 21.33 125.89
N THR I 233 -88.47 22.32 125.37
CA THR I 233 -88.27 22.47 123.93
C THR I 233 -86.79 22.67 123.65
N GLY I 234 -86.32 22.09 122.54
CA GLY I 234 -84.92 22.24 122.17
C GLY I 234 -84.56 23.65 121.78
N LYS I 235 -85.45 24.34 121.05
CA LYS I 235 -85.19 25.71 120.62
C LYS I 235 -85.39 26.65 121.80
N THR I 236 -84.43 27.54 122.01
CA THR I 236 -84.53 28.50 123.11
C THR I 236 -85.73 29.43 123.01
N PRO I 237 -86.03 30.04 121.86
CA PRO I 237 -87.20 30.93 121.80
C PRO I 237 -88.51 30.17 121.78
N VAL I 238 -89.31 30.33 122.83
CA VAL I 238 -90.60 29.65 122.92
C VAL I 238 -91.67 30.65 123.33
N THR I 239 -92.36 31.21 122.34
CA THR I 239 -93.43 32.17 122.62
C THR I 239 -94.65 31.44 123.17
N TRP I 240 -95.32 32.07 124.13
CA TRP I 240 -96.49 31.50 124.76
C TRP I 240 -97.69 32.42 124.56
N SER I 241 -98.86 31.80 124.42
CA SER I 241 -100.10 32.54 124.22
C SER I 241 -101.25 31.73 124.81
N SER I 242 -102.33 32.43 125.14
CA SER I 242 -103.51 31.79 125.72
C SER I 242 -104.74 32.60 125.34
N ASN I 243 -105.71 31.94 124.73
CA ASN I 243 -106.95 32.61 124.36
C ASN I 243 -107.71 33.04 125.61
N ASN I 244 -108.46 34.14 125.50
CA ASN I 244 -109.17 34.72 126.62
C ASN I 244 -108.21 35.14 127.72
N ALA I 245 -107.35 36.10 127.36
CA ALA I 245 -106.33 36.58 128.29
C ALA I 245 -106.93 37.16 129.57
N SER I 246 -108.17 37.66 129.49
CA SER I 246 -108.84 38.14 130.69
C SER I 246 -109.11 37.02 131.68
N ILE I 247 -109.17 35.78 131.20
CA ILE I 247 -109.40 34.63 132.06
C ILE I 247 -108.06 34.09 132.56
N VAL I 248 -107.20 33.69 131.63
CA VAL I 248 -105.88 33.15 131.94
C VAL I 248 -104.86 33.81 131.04
N SER I 249 -103.74 34.22 131.61
CA SER I 249 -102.65 34.86 130.88
C SER I 249 -101.40 34.00 130.95
N VAL I 250 -100.52 34.19 129.97
CA VAL I 250 -99.29 33.41 129.87
C VAL I 250 -98.15 34.34 129.51
N THR I 251 -97.00 34.11 130.12
CA THR I 251 -95.80 34.91 129.89
C THR I 251 -94.59 33.98 129.80
N PRO I 252 -93.88 33.97 128.67
CA PRO I 252 -92.71 33.10 128.54
C PRO I 252 -91.60 33.43 129.51
N ASN I 253 -90.85 32.43 129.94
CA ASN I 253 -89.80 32.62 130.94
C ASN I 253 -88.61 33.36 130.32
N ALA I 254 -87.58 33.60 131.15
CA ALA I 254 -86.39 34.27 130.67
C ALA I 254 -85.68 33.46 129.59
N ASN I 255 -85.57 32.14 129.77
CA ASN I 255 -85.04 31.28 128.73
C ASN I 255 -86.09 30.90 127.70
N SER I 256 -87.36 31.28 127.93
CA SER I 256 -88.45 30.94 127.02
C SER I 256 -88.90 29.50 127.19
N LEU I 257 -88.18 28.73 128.02
CA LEU I 257 -88.58 27.36 128.29
C LEU I 257 -89.80 27.28 129.19
N THR I 258 -89.82 28.10 130.25
CA THR I 258 -90.93 28.09 131.19
C THR I 258 -91.96 29.15 130.81
N ALA I 259 -93.14 29.02 131.42
CA ALA I 259 -94.23 29.97 131.16
C ALA I 259 -95.04 30.12 132.44
N VAL I 260 -95.09 31.33 132.96
CA VAL I 260 -95.85 31.62 134.18
C VAL I 260 -97.29 31.90 133.80
N ILE I 261 -98.21 31.15 134.42
CA ILE I 261 -99.64 31.30 134.17
C ILE I 261 -100.25 32.19 135.24
N THR I 262 -101.32 32.88 134.88
CA THR I 262 -102.02 33.78 135.79
C THR I 262 -103.51 33.72 135.44
N ALA I 263 -104.27 32.92 136.20
CA ALA I 263 -105.70 32.82 135.97
C ALA I 263 -106.44 33.97 136.64
N ASN I 264 -106.47 35.13 135.98
CA ASN I 264 -107.12 36.31 136.55
C ASN I 264 -108.63 36.11 136.63
N GLY I 265 -109.25 35.70 135.54
CA GLY I 265 -110.67 35.51 135.45
C GLY I 265 -111.11 34.09 135.75
N GLU I 266 -112.31 33.75 135.30
CA GLU I 266 -112.89 32.43 135.49
C GLU I 266 -113.34 31.86 134.15
N GLY I 267 -113.30 30.53 134.06
CA GLY I 267 -113.72 29.84 132.86
C GLY I 267 -112.64 28.98 132.25
N ASN I 268 -113.04 28.04 131.40
CA ASN I 268 -112.08 27.13 130.77
C ASN I 268 -111.41 27.81 129.59
N VAL I 269 -110.09 27.63 129.48
CA VAL I 269 -109.31 28.22 128.40
C VAL I 269 -108.06 27.37 128.20
N THR I 270 -107.48 27.48 127.00
CA THR I 270 -106.27 26.75 126.64
C THR I 270 -105.13 27.73 126.43
N ILE I 271 -103.93 27.32 126.84
CA ILE I 271 -102.73 28.14 126.73
C ILE I 271 -101.74 27.39 125.83
N THR I 272 -101.27 28.06 124.79
CA THR I 272 -100.32 27.50 123.85
C THR I 272 -98.91 27.97 124.16
N ALA I 273 -97.94 27.32 123.54
CA ALA I 273 -96.54 27.64 123.74
C ALA I 273 -95.71 26.99 122.64
N ASP I 274 -94.41 27.30 122.65
CA ASP I 274 -93.49 26.76 121.66
C ASP I 274 -93.89 27.14 120.24
N ASN I 275 -93.88 28.43 119.93
CA ASN I 275 -94.26 28.90 118.61
C ASN I 275 -93.34 28.39 117.51
N GLY I 276 -92.07 28.12 117.82
CA GLY I 276 -91.14 27.59 116.84
C GLY I 276 -91.52 26.20 116.37
N THR I 277 -91.53 26.01 115.05
CA THR I 277 -91.89 24.73 114.44
C THR I 277 -93.26 24.24 114.89
N LYS I 278 -93.29 23.31 115.83
CA LYS I 278 -94.53 22.73 116.32
C LYS I 278 -94.93 23.37 117.64
N THR I 279 -96.22 23.69 117.75
CA THR I 279 -96.77 24.36 118.92
C THR I 279 -97.65 23.38 119.69
N ALA I 280 -97.36 23.20 120.96
CA ALA I 280 -98.15 22.31 121.81
C ALA I 280 -99.31 23.08 122.46
N SER I 281 -100.17 22.34 123.15
CA SER I 281 -101.33 22.93 123.81
C SER I 281 -101.42 22.37 125.22
N CYS I 282 -102.04 23.16 126.10
CA CYS I 282 -102.21 22.77 127.49
C CYS I 282 -103.43 23.49 128.04
N GLU I 283 -104.46 22.72 128.40
CA GLU I 283 -105.69 23.32 128.92
C GLU I 283 -105.46 23.88 130.31
N ILE I 284 -106.01 25.07 130.57
CA ILE I 284 -105.93 25.70 131.88
C ILE I 284 -107.32 26.15 132.29
N VAL I 285 -108.00 25.32 133.08
CA VAL I 285 -109.38 25.58 133.50
C VAL I 285 -109.36 26.58 134.64
N SER I 286 -109.94 27.76 134.40
CA SER I 286 -110.04 28.80 135.43
C SER I 286 -111.33 28.55 136.23
N ILE I 287 -111.28 27.51 137.05
CA ILE I 287 -112.42 27.13 137.88
C ILE I 287 -112.65 28.23 138.92
N PRO I 288 -113.89 28.45 139.35
CA PRO I 288 -114.14 29.49 140.36
C PRO I 288 -113.42 29.17 141.66
N GLN I 289 -112.99 30.22 142.37
CA GLN I 289 -112.29 30.04 143.63
C GLN I 289 -113.18 29.34 144.65
N ILE I 290 -114.47 29.70 144.67
CA ILE I 290 -115.45 29.17 145.61
C ILE I 290 -114.91 29.11 147.03
N ASP I 291 -114.21 30.17 147.45
CA ASP I 291 -113.73 30.27 148.83
C ASP I 291 -114.89 30.61 149.74
N SER I 292 -115.65 29.59 150.15
CA SER I 292 -116.86 29.79 150.93
C SER I 292 -116.57 30.51 152.24
N ILE I 293 -117.06 31.74 152.38
CA ILE I 293 -116.92 32.50 153.61
C ILE I 293 -118.10 32.17 154.52
N SER I 294 -117.95 32.44 155.82
CA SER I 294 -119.00 32.16 156.77
C SER I 294 -119.16 33.35 157.71
N LEU I 295 -120.39 33.81 157.87
CA LEU I 295 -120.68 34.92 158.76
C LEU I 295 -120.57 34.45 160.21
N SER I 296 -120.28 35.38 161.10
CA SER I 296 -120.17 35.06 162.53
C SER I 296 -121.50 34.52 163.05
N GLN I 297 -122.60 35.15 162.65
CA GLN I 297 -123.94 34.71 163.02
C GLN I 297 -124.84 34.82 161.80
N SER I 298 -125.87 33.98 161.78
CA SER I 298 -126.84 33.99 160.69
C SER I 298 -128.21 34.40 161.22
N ASP I 299 -128.68 33.72 162.25
CA ASP I 299 -129.95 34.04 162.91
C ASP I 299 -129.68 35.06 164.01
N VAL I 300 -129.61 36.33 163.61
CA VAL I 300 -129.35 37.42 164.53
C VAL I 300 -130.64 38.20 164.76
N THR I 301 -130.72 38.85 165.92
CA THR I 301 -131.90 39.62 166.30
C THR I 301 -131.43 41.03 166.67
N VAL I 302 -131.50 41.94 165.71
CA VAL I 302 -131.11 43.33 165.93
C VAL I 302 -132.26 44.07 166.62
N SER I 303 -131.96 45.25 167.17
CA SER I 303 -132.96 46.05 167.85
C SER I 303 -132.97 47.45 167.25
N ARG I 304 -133.90 48.28 167.73
CA ARG I 304 -134.01 49.66 167.29
C ARG I 304 -132.76 50.45 167.63
N GLY I 305 -132.06 50.94 166.63
CA GLY I 305 -130.83 51.69 166.83
C GLY I 305 -129.59 50.84 167.01
N SER I 306 -129.63 49.90 167.96
CA SER I 306 -128.51 49.01 168.20
C SER I 306 -128.29 48.10 167.01
N GLN I 307 -127.01 47.85 166.67
CA GLN I 307 -126.64 47.01 165.52
C GLN I 307 -125.51 46.08 165.97
N TYR I 308 -125.83 44.79 166.10
CA TYR I 308 -124.83 43.80 166.46
C TYR I 308 -123.77 43.67 165.37
N ILE I 309 -122.51 43.92 165.72
CA ILE I 309 -121.42 43.86 164.76
C ILE I 309 -121.17 42.41 164.38
N LEU I 310 -121.11 42.14 163.08
CA LEU I 310 -120.86 40.81 162.55
C LEU I 310 -119.51 40.79 161.84
N THR I 311 -119.15 39.62 161.30
CA THR I 311 -117.90 39.43 160.59
C THR I 311 -118.11 38.42 159.49
N ALA I 312 -117.19 38.42 158.50
CA ALA I 312 -117.24 37.51 157.36
C ALA I 312 -115.88 36.83 157.23
N THR I 313 -115.72 35.71 157.95
CA THR I 313 -114.48 34.96 157.88
C THR I 313 -114.47 34.06 156.64
N LEU I 314 -113.42 34.18 155.85
CA LEU I 314 -113.28 33.37 154.65
C LEU I 314 -112.83 31.96 155.01
N SER I 315 -112.95 31.05 154.04
CA SER I 315 -112.53 29.66 154.20
C SER I 315 -111.03 29.62 154.52
N PRO I 316 -110.21 30.36 153.78
CA PRO I 316 -108.78 30.40 154.08
C PRO I 316 -108.47 31.52 155.07
N ALA I 317 -107.24 31.47 155.59
CA ALA I 317 -106.79 32.50 156.54
C ALA I 317 -106.74 33.86 155.89
N ASN I 318 -106.25 33.94 154.65
CA ASN I 318 -106.17 35.20 153.93
C ASN I 318 -106.23 34.92 152.44
N ALA I 319 -106.61 35.94 151.68
CA ALA I 319 -106.72 35.85 150.24
C ALA I 319 -105.92 36.96 149.58
N PRO I 320 -105.48 36.76 148.33
CA PRO I 320 -104.72 37.82 147.66
C PRO I 320 -105.63 38.99 147.27
N ASN I 321 -105.37 40.14 147.90
CA ASN I 321 -106.18 41.33 147.67
C ASN I 321 -107.65 41.08 148.00
N GLN I 322 -107.88 40.34 149.08
CA GLN I 322 -109.25 39.99 149.46
C GLN I 322 -110.02 41.23 149.92
N ASN I 323 -111.26 41.33 149.47
CA ASN I 323 -112.14 42.42 149.86
C ASN I 323 -113.57 41.95 149.77
N ILE I 324 -114.45 42.62 150.50
CA ILE I 324 -115.86 42.26 150.55
C ILE I 324 -116.69 43.47 150.15
N THR I 325 -117.54 43.28 149.14
CA THR I 325 -118.50 44.31 148.73
C THR I 325 -119.84 44.05 149.44
N TRP I 326 -119.86 44.44 150.72
CA TRP I 326 -120.98 44.15 151.60
C TRP I 326 -122.27 44.77 151.06
N THR I 327 -123.31 43.95 151.01
CA THR I 327 -124.65 44.36 150.58
C THR I 327 -125.64 44.10 151.69
N SER I 328 -126.75 44.85 151.65
CA SER I 328 -127.79 44.73 152.69
C SER I 328 -129.16 44.80 152.00
N SER I 329 -129.77 43.64 151.84
CA SER I 329 -131.13 43.57 151.31
C SER I 329 -132.08 44.28 152.26
N ASN I 330 -132.97 45.09 151.69
CA ASN I 330 -133.83 45.96 152.50
C ASN I 330 -132.93 46.94 153.25
N PRO I 331 -132.23 47.83 152.53
CA PRO I 331 -131.29 48.72 153.21
C PRO I 331 -131.92 49.65 154.23
N ASN I 332 -133.22 49.92 154.10
CA ASN I 332 -133.90 50.75 155.08
C ASN I 332 -133.89 50.09 156.47
N ILE I 333 -134.10 48.77 156.51
CA ILE I 333 -134.10 48.07 157.79
C ILE I 333 -132.72 48.11 158.43
N ALA I 334 -131.69 47.80 157.65
CA ALA I 334 -130.32 47.80 158.17
C ALA I 334 -129.35 47.91 157.01
N THR I 335 -128.12 48.32 157.32
CA THR I 335 -127.07 48.47 156.33
C THR I 335 -125.75 47.98 156.93
N VAL I 336 -124.85 47.55 156.04
CA VAL I 336 -123.54 47.02 156.44
C VAL I 336 -122.47 47.68 155.57
N SER I 337 -121.24 47.63 156.05
CA SER I 337 -120.12 48.23 155.35
C SER I 337 -118.84 47.52 155.75
N GLY I 338 -117.80 47.71 154.94
CA GLY I 338 -116.52 47.08 155.18
C GLY I 338 -116.35 45.77 154.44
N THR I 339 -115.25 45.07 154.70
CA THR I 339 -114.98 43.79 154.04
C THR I 339 -115.06 42.65 155.03
N SER I 340 -114.29 42.73 156.11
CA SER I 340 -114.34 41.70 157.15
C SER I 340 -115.50 41.96 158.10
N THR I 341 -115.47 43.12 158.78
CA THR I 341 -116.57 43.48 159.67
C THR I 341 -117.78 43.90 158.85
N GLN I 342 -118.96 43.82 159.46
CA GLN I 342 -120.21 44.15 158.81
C GLN I 342 -120.84 45.42 159.36
N GLY I 343 -121.07 45.48 160.67
CA GLY I 343 -121.70 46.64 161.27
C GLY I 343 -123.13 46.84 160.81
N THR I 344 -124.00 45.89 161.12
CA THR I 344 -125.39 45.94 160.67
C THR I 344 -126.20 46.93 161.50
N ILE I 345 -125.94 48.22 161.31
CA ILE I 345 -126.66 49.26 162.03
C ILE I 345 -128.09 49.32 161.51
N ASN I 346 -129.06 49.17 162.39
CA ASN I 346 -130.46 49.15 162.00
C ASN I 346 -131.03 50.55 161.95
N ALA I 347 -132.02 50.74 161.07
CA ALA I 347 -132.71 52.02 160.95
C ALA I 347 -134.17 51.87 161.31
N LEU I 348 -134.84 50.91 160.69
CA LEU I 348 -136.25 50.67 160.98
C LEU I 348 -136.40 49.88 162.29
N LEU I 349 -137.59 49.93 162.85
CA LEU I 349 -137.89 49.24 164.11
C LEU I 349 -138.46 47.84 163.91
N ALA I 350 -138.65 47.41 162.67
CA ALA I 350 -139.18 46.08 162.39
C ALA I 350 -138.86 45.71 160.95
N GLY I 351 -138.46 44.47 160.75
CA GLY I 351 -138.14 43.98 159.41
C GLY I 351 -137.05 42.94 159.47
N PHE I 352 -136.81 42.32 158.32
CA PHE I 352 -135.79 41.29 158.16
C PHE I 352 -134.88 41.72 157.01
N THR I 353 -133.59 41.91 157.31
CA THR I 353 -132.59 42.32 156.32
C THR I 353 -131.67 41.14 156.07
N GLU I 354 -131.64 40.67 154.82
CA GLU I 354 -130.78 39.56 154.43
C GLU I 354 -129.39 40.11 154.10
N ILE I 355 -128.61 40.33 155.14
CA ILE I 355 -127.26 40.86 155.00
C ILE I 355 -126.35 39.74 154.52
N THR I 356 -125.91 39.82 153.27
CA THR I 356 -125.04 38.81 152.67
C THR I 356 -123.77 39.48 152.16
N ALA I 357 -122.63 38.81 152.38
CA ALA I 357 -121.35 39.33 151.94
C ALA I 357 -121.16 39.10 150.45
N THR I 358 -120.22 39.85 149.85
CA THR I 358 -119.93 39.73 148.43
C THR I 358 -118.46 39.98 148.16
N THR I 359 -117.68 38.90 148.04
CA THR I 359 -116.24 39.02 147.80
C THR I 359 -115.96 39.64 146.45
N GLU I 360 -115.43 40.87 146.45
CA GLU I 360 -115.07 41.53 145.20
C GLU I 360 -113.94 40.79 144.50
N GLU I 361 -112.93 40.37 145.26
CA GLU I 361 -111.80 39.62 144.72
C GLU I 361 -112.02 38.13 144.94
N GLY I 362 -113.01 37.60 144.22
CA GLY I 362 -113.34 36.20 144.33
C GLY I 362 -114.78 35.96 143.90
N ASN I 363 -115.32 34.84 144.36
CA ASN I 363 -116.69 34.44 144.05
C ASN I 363 -117.64 35.39 144.75
N ARG I 364 -118.64 35.88 144.00
CA ARG I 364 -119.63 36.80 144.54
C ARG I 364 -120.49 36.12 145.60
N VAL I 365 -120.82 34.86 145.38
CA VAL I 365 -121.68 34.11 146.29
C VAL I 365 -121.05 34.02 147.67
N ALA I 366 -121.85 34.28 148.70
CA ALA I 366 -121.37 34.24 150.08
C ALA I 366 -122.55 33.98 150.99
N VAL I 367 -122.24 33.59 152.23
CA VAL I 367 -123.27 33.29 153.22
C VAL I 367 -123.99 34.58 153.62
N CYS I 368 -125.28 34.45 153.89
CA CYS I 368 -126.11 35.58 154.29
C CYS I 368 -126.42 35.51 155.78
N THR I 369 -126.98 36.60 156.29
CA THR I 369 -127.31 36.72 157.72
C THR I 369 -128.56 37.57 157.84
N VAL I 370 -129.69 36.94 158.17
CA VAL I 370 -130.95 37.65 158.34
C VAL I 370 -130.96 38.35 159.69
N ARG I 371 -131.11 39.68 159.67
CA ARG I 371 -131.16 40.48 160.89
C ARG I 371 -132.62 40.73 161.25
N VAL I 372 -133.09 40.09 162.32
CA VAL I 372 -134.47 40.25 162.76
C VAL I 372 -134.59 41.47 163.65
N ASP I 373 -135.80 41.98 163.81
CA ASP I 373 -136.05 43.16 164.64
C ASP I 373 -136.91 42.87 165.86
N LEU I 374 -137.36 41.63 166.05
CA LEU I 374 -138.20 41.28 167.19
C LEU I 374 -137.37 41.22 168.48
N THR I 451 -29.85 -8.98 59.49
CA THR I 451 -30.95 -9.87 59.84
C THR I 451 -32.29 -9.29 59.40
N PRO I 452 -33.16 -10.14 58.86
CA PRO I 452 -34.49 -9.66 58.45
C PRO I 452 -35.32 -9.20 59.63
N LEU I 453 -36.22 -8.27 59.36
CA LEU I 453 -37.07 -7.70 60.40
C LEU I 453 -38.03 -8.76 60.95
N SER I 454 -38.45 -8.55 62.20
CA SER I 454 -39.38 -9.46 62.85
C SER I 454 -40.40 -8.63 63.62
N SER I 455 -41.15 -9.31 64.49
CA SER I 455 -42.26 -8.72 65.22
C SER I 455 -41.85 -7.44 65.95
N VAL I 456 -42.63 -6.38 65.76
CA VAL I 456 -42.34 -5.07 66.35
C VAL I 456 -43.28 -4.84 67.52
N THR I 457 -42.71 -4.39 68.64
CA THR I 457 -43.49 -4.04 69.82
C THR I 457 -43.44 -2.53 70.02
N LEU I 458 -44.24 -2.05 70.96
CA LEU I 458 -44.32 -0.63 71.27
C LEU I 458 -44.19 -0.43 72.78
N ASP I 459 -43.63 0.70 73.16
CA ASP I 459 -43.37 0.97 74.58
C ASP I 459 -44.67 1.05 75.37
N ILE I 460 -45.61 1.86 74.91
CA ILE I 460 -46.89 2.05 75.58
C ILE I 460 -48.00 1.83 74.55
N VAL I 461 -48.97 0.98 74.90
CA VAL I 461 -50.11 0.70 74.04
C VAL I 461 -51.43 1.08 74.71
N SER I 462 -51.39 1.47 75.99
CA SER I 462 -52.60 1.84 76.70
C SER I 462 -52.40 3.14 77.47
N ALA I 463 -51.85 4.16 76.81
CA ALA I 463 -51.56 5.42 77.45
C ALA I 463 -52.86 6.14 77.84
N SER I 464 -52.76 7.00 78.85
CA SER I 464 -53.89 7.79 79.34
C SER I 464 -53.44 9.25 79.47
N LEU I 465 -53.77 10.05 78.44
CA LEU I 465 -53.39 11.45 78.43
C LEU I 465 -54.58 12.32 78.86
N ASP I 466 -54.30 13.61 79.11
CA ASP I 466 -55.34 14.54 79.53
C ASP I 466 -55.17 15.83 78.72
N VAL I 467 -55.83 15.89 77.57
CA VAL I 467 -55.84 17.01 76.61
C VAL I 467 -54.72 18.01 76.87
N GLY I 468 -53.52 17.71 76.38
CA GLY I 468 -52.37 18.55 76.60
C GLY I 468 -51.20 17.79 77.15
N GLU I 469 -51.47 16.66 77.80
CA GLU I 469 -50.40 15.83 78.33
C GLU I 469 -49.61 15.20 77.19
N GLU I 470 -48.32 14.96 77.45
CA GLU I 470 -47.41 14.45 76.44
C GLU I 470 -46.87 13.09 76.88
N ILE I 471 -46.61 12.24 75.89
CA ILE I 471 -46.02 10.92 76.11
C ILE I 471 -45.25 10.53 74.86
N VAL I 472 -44.10 9.90 75.04
CA VAL I 472 -43.23 9.53 73.93
C VAL I 472 -43.25 8.01 73.84
N ILE I 473 -43.86 7.50 72.77
CA ILE I 473 -43.87 6.06 72.51
C ILE I 473 -42.86 5.75 71.42
N THR I 474 -42.05 4.71 71.65
CA THR I 474 -41.01 4.31 70.70
C THR I 474 -41.28 2.89 70.21
N ALA I 475 -40.85 2.64 68.97
CA ALA I 475 -41.02 1.34 68.34
C ALA I 475 -39.78 0.48 68.55
N THR I 476 -40.00 -0.80 68.86
CA THR I 476 -38.91 -1.73 69.13
C THR I 476 -39.12 -2.98 68.28
N ALA I 477 -38.37 -3.09 67.19
CA ALA I 477 -38.39 -4.30 66.39
C ALA I 477 -37.65 -5.42 67.11
N SER I 478 -38.06 -6.66 66.84
CA SER I 478 -37.41 -7.81 67.46
C SER I 478 -35.92 -7.90 67.17
N PRO I 479 -35.44 -7.76 65.92
CA PRO I 479 -33.99 -7.71 65.71
C PRO I 479 -33.46 -6.29 65.81
N GLU I 480 -32.15 -6.12 65.75
CA GLU I 480 -31.51 -4.82 65.84
C GLU I 480 -30.67 -4.58 64.59
N GLY I 481 -30.78 -3.38 64.03
CA GLY I 481 -30.05 -3.06 62.82
C GLY I 481 -30.51 -1.72 62.26
N GLU I 482 -30.10 -1.47 61.02
CA GLU I 482 -30.44 -0.23 60.32
C GLU I 482 -31.87 -0.34 59.78
N TYR I 483 -32.81 0.13 60.60
CA TYR I 483 -34.23 0.09 60.25
C TYR I 483 -34.80 1.51 60.26
N SER I 484 -35.61 1.80 59.26
CA SER I 484 -36.33 3.06 59.21
C SER I 484 -37.64 2.94 59.98
N TYR I 485 -38.21 4.09 60.33
CA TYR I 485 -39.41 4.12 61.17
C TYR I 485 -40.46 5.03 60.55
N GLN I 486 -41.72 4.68 60.82
CA GLN I 486 -42.87 5.43 60.33
C GLN I 486 -44.00 5.26 61.32
N TRP I 487 -44.90 6.23 61.36
CA TRP I 487 -46.00 6.23 62.30
C TRP I 487 -47.30 6.61 61.57
N SER I 488 -48.42 6.15 62.14
CA SER I 488 -49.73 6.36 61.54
C SER I 488 -50.77 6.41 62.64
N VAL I 489 -51.98 6.83 62.27
CA VAL I 489 -53.07 6.97 63.23
C VAL I 489 -54.38 6.90 62.44
N ASP I 490 -55.47 6.58 63.15
CA ASP I 490 -56.77 6.41 62.52
C ASP I 490 -57.56 7.71 62.35
N LYS I 491 -57.37 8.68 63.24
CA LYS I 491 -58.11 9.94 63.20
C LYS I 491 -57.15 11.10 63.00
N THR I 492 -57.62 12.12 62.30
CA THR I 492 -56.81 13.31 62.07
C THR I 492 -56.59 14.07 63.39
N GLY I 493 -55.34 14.41 63.65
CA GLY I 493 -55.03 15.18 64.84
C GLY I 493 -55.24 14.39 66.11
N TYR I 494 -55.63 15.09 67.17
CA TYR I 494 -55.88 14.56 68.51
C TYR I 494 -54.58 14.18 69.20
N VAL I 495 -53.47 14.21 68.46
CA VAL I 495 -52.13 13.91 68.96
C VAL I 495 -51.15 14.75 68.16
N SER I 496 -50.20 15.37 68.85
CA SER I 496 -49.19 16.17 68.17
C SER I 496 -47.96 15.32 67.84
N THR I 497 -48.07 14.50 66.81
CA THR I 497 -46.97 13.62 66.40
C THR I 497 -45.90 14.44 65.71
N THR I 498 -44.71 14.51 66.31
CA THR I 498 -43.61 15.29 65.77
C THR I 498 -42.63 14.36 65.05
N SER I 499 -42.38 14.64 63.77
CA SER I 499 -41.39 13.91 62.97
C SER I 499 -41.71 12.42 62.94
N VAL I 500 -42.86 12.11 62.32
CA VAL I 500 -43.41 10.76 62.28
C VAL I 500 -42.41 9.77 61.72
N THR I 501 -41.45 10.26 60.93
CA THR I 501 -40.40 9.38 60.42
C THR I 501 -39.44 8.94 61.51
N GLY I 502 -39.51 9.55 62.69
CA GLY I 502 -38.60 9.19 63.77
C GLY I 502 -39.00 7.91 64.47
N LYS I 503 -38.13 7.49 65.39
CA LYS I 503 -38.35 6.26 66.14
C LYS I 503 -39.15 6.48 67.41
N SER I 504 -38.85 7.51 68.18
CA SER I 504 -39.55 7.85 69.40
C SER I 504 -40.32 9.15 69.15
N ILE I 505 -41.64 9.07 69.19
CA ILE I 505 -42.51 10.19 68.80
C ILE I 505 -43.25 10.67 70.03
N LYS I 506 -43.20 11.98 70.27
CA LYS I 506 -44.02 12.60 71.29
C LYS I 506 -45.44 12.80 70.76
N LEU I 507 -46.43 12.53 71.62
CA LEU I 507 -47.85 12.66 71.26
C LEU I 507 -48.54 13.51 72.31
N VAL I 508 -48.85 14.75 71.96
CA VAL I 508 -49.53 15.68 72.86
C VAL I 508 -51.03 15.55 72.61
N ALA I 509 -51.79 15.21 73.66
CA ALA I 509 -53.23 15.04 73.53
C ALA I 509 -53.88 16.37 73.15
N LEU I 510 -54.86 16.30 72.27
CA LEU I 510 -55.53 17.51 71.78
C LEU I 510 -57.03 17.49 72.00
N ARG I 511 -57.69 16.35 71.78
CA ARG I 511 -59.14 16.25 71.93
C ARG I 511 -59.52 14.91 72.52
N LYS I 512 -60.68 14.87 73.15
CA LYS I 512 -61.18 13.66 73.78
C LYS I 512 -61.51 12.60 72.73
N GLY I 513 -61.27 11.34 73.07
CA GLY I 513 -61.63 10.24 72.19
C GLY I 513 -60.67 9.07 72.20
N GLU I 514 -61.18 7.87 71.93
CA GLU I 514 -60.35 6.68 71.83
C GLU I 514 -59.63 6.67 70.48
N ILE I 515 -58.31 6.81 70.51
CA ILE I 515 -57.52 6.87 69.29
C ILE I 515 -56.71 5.59 69.17
N ASN I 516 -56.29 5.29 67.93
CA ASN I 516 -55.52 4.08 67.61
C ASN I 516 -54.24 4.51 66.90
N VAL I 517 -53.16 4.64 67.68
CA VAL I 517 -51.87 5.05 67.11
C VAL I 517 -51.04 3.83 66.79
N THR I 518 -50.53 3.78 65.55
CA THR I 518 -49.73 2.65 65.09
C THR I 518 -48.41 3.17 64.54
N CYS I 519 -47.39 2.34 64.66
CA CYS I 519 -46.06 2.62 64.16
C CYS I 519 -45.77 1.73 62.95
N THR I 520 -44.60 1.93 62.34
CA THR I 520 -44.21 1.16 61.17
C THR I 520 -42.69 1.10 61.11
N VAL I 521 -42.13 -0.10 61.21
CA VAL I 521 -40.69 -0.32 61.11
C VAL I 521 -40.42 -1.06 59.82
N SER I 522 -39.38 -0.63 59.11
CA SER I 522 -39.07 -1.14 57.79
C SER I 522 -37.63 -1.63 57.73
N GLN I 523 -37.39 -2.65 56.92
CA GLN I 523 -36.08 -3.27 56.79
C GLN I 523 -35.40 -2.75 55.52
N MET I 524 -34.38 -1.90 55.70
CA MET I 524 -33.63 -1.36 54.57
C MET I 524 -32.77 -2.45 53.96
N THR I 525 -33.16 -2.94 52.79
CA THR I 525 -32.40 -3.94 52.06
C THR I 525 -32.32 -3.54 50.59
N GLN I 526 -31.25 -4.01 49.93
CA GLN I 526 -31.05 -3.72 48.52
C GLN I 526 -31.92 -4.61 47.66
N LYS I 527 -32.46 -4.04 46.58
CA LYS I 527 -33.29 -4.78 45.65
C LYS I 527 -32.77 -4.52 44.24
N ASP I 528 -32.55 -5.59 43.48
CA ASP I 528 -32.02 -5.46 42.14
C ASP I 528 -33.08 -4.94 41.18
N TYR I 529 -32.65 -4.15 40.19
CA TYR I 529 -33.56 -3.64 39.17
C TYR I 529 -33.70 -4.64 38.03
N ASP I 530 -34.65 -4.36 37.14
CA ASP I 530 -34.95 -5.23 36.01
C ASP I 530 -34.89 -4.45 34.70
N ALA I 531 -33.99 -3.47 34.62
CA ALA I 531 -33.83 -2.67 33.42
C ALA I 531 -33.08 -3.45 32.33
N PHE I 532 -33.82 -4.15 31.49
CA PHE I 532 -33.20 -4.95 30.44
C PHE I 532 -32.61 -4.05 29.36
N ASP I 533 -31.87 -4.68 28.43
CA ASP I 533 -31.20 -3.92 27.38
C ASP I 533 -32.19 -3.19 26.48
N ASP I 534 -33.32 -3.83 26.16
CA ASP I 534 -34.32 -3.21 25.31
C ASP I 534 -34.96 -1.98 25.96
N TYR I 535 -34.89 -1.86 27.28
CA TYR I 535 -35.47 -0.75 28.01
C TYR I 535 -34.41 -0.11 28.89
N PRO I 536 -33.51 0.67 28.28
CA PRO I 536 -32.42 1.27 29.06
C PRO I 536 -32.86 2.47 29.87
N TRP I 537 -31.93 3.05 30.62
CA TRP I 537 -32.20 4.22 31.43
C TRP I 537 -32.14 5.49 30.57
N TYR I 538 -32.96 6.47 30.92
CA TYR I 538 -33.03 7.73 30.18
C TYR I 538 -32.41 8.90 30.91
N HIS I 539 -32.17 8.77 32.22
CA HIS I 539 -31.27 9.63 32.99
C HIS I 539 -31.43 11.13 32.75
N ALA I 540 -32.59 11.67 33.10
CA ALA I 540 -32.84 13.11 32.98
C ALA I 540 -32.12 13.88 34.09
N VAL I 541 -32.03 15.19 33.92
CA VAL I 541 -31.37 16.08 34.87
C VAL I 541 -32.28 17.26 35.16
N ILE I 542 -32.42 17.59 36.46
CA ILE I 542 -33.18 18.77 36.87
C ILE I 542 -32.68 19.20 38.25
N SER I 543 -32.49 20.52 38.41
CA SER I 543 -32.15 21.13 39.69
C SER I 543 -30.96 20.44 40.35
N ASN I 544 -29.94 20.12 39.55
CA ASN I 544 -28.73 19.41 39.94
C ASN I 544 -29.02 18.00 40.45
N CYS I 545 -30.22 17.48 40.23
CA CYS I 545 -30.56 16.13 40.68
C CYS I 545 -30.64 15.19 39.49
N ALA I 546 -30.30 13.93 39.71
CA ALA I 546 -30.27 12.92 38.66
C ALA I 546 -31.49 12.02 38.78
N VAL I 547 -32.19 11.84 37.66
CA VAL I 547 -33.39 11.01 37.59
C VAL I 547 -33.05 9.75 36.82
N ALA I 548 -33.70 8.63 37.16
CA ALA I 548 -33.36 7.33 36.55
C ALA I 548 -34.24 7.03 35.34
N THR I 549 -35.55 6.92 35.56
CA THR I 549 -36.53 6.76 34.48
C THR I 549 -36.29 5.53 33.60
N THR I 550 -36.47 4.34 34.15
CA THR I 550 -36.44 3.13 33.32
C THR I 550 -37.85 2.54 33.29
N HIS I 551 -38.01 1.52 32.44
CA HIS I 551 -39.27 0.82 32.35
C HIS I 551 -39.47 -0.08 33.56
N TYR I 552 -40.75 -0.37 33.85
CA TYR I 552 -41.16 -1.29 34.90
C TYR I 552 -40.83 -0.77 36.30
N GLU I 553 -40.27 0.43 36.39
CA GLU I 553 -39.85 1.00 37.66
C GLU I 553 -40.29 2.46 37.78
N THR I 554 -40.33 2.93 39.02
CA THR I 554 -40.60 4.33 39.28
C THR I 554 -39.45 5.18 38.73
N PRO I 555 -39.74 6.43 38.34
CA PRO I 555 -38.68 7.25 37.74
C PRO I 555 -37.46 7.42 38.64
N GLN I 556 -37.67 7.63 39.94
CA GLN I 556 -36.60 7.73 40.94
C GLN I 556 -35.73 8.96 40.73
N VAL I 557 -35.17 9.50 41.82
CA VAL I 557 -34.33 10.68 41.74
C VAL I 557 -33.26 10.60 42.82
N LYS I 558 -32.08 11.13 42.50
CA LYS I 558 -31.00 11.32 43.47
C LYS I 558 -30.91 12.81 43.78
N GLU I 559 -31.29 13.18 45.00
CA GLU I 559 -31.28 14.58 45.38
C GLU I 559 -29.85 15.11 45.47
N PHE I 560 -29.72 16.42 45.32
CA PHE I 560 -28.40 17.05 45.40
C PHE I 560 -27.77 16.82 46.77
N GLU I 561 -28.57 16.92 47.83
CA GLU I 561 -28.11 16.70 49.20
C GLU I 561 -28.33 15.26 49.66
N SER I 562 -28.36 14.31 48.73
CA SER I 562 -28.58 12.90 49.06
C SER I 562 -27.61 12.04 48.25
N GLU I 563 -27.38 10.83 48.75
CA GLU I 563 -26.47 9.88 48.11
C GLU I 563 -27.17 8.60 47.68
N TYR I 564 -28.43 8.39 48.08
CA TYR I 564 -29.18 7.21 47.69
C TYR I 564 -30.39 7.64 46.88
N PHE I 565 -30.62 6.92 45.78
CA PHE I 565 -31.78 7.17 44.95
C PHE I 565 -33.06 6.87 45.72
N VAL I 566 -34.12 7.60 45.38
CA VAL I 566 -35.42 7.44 46.02
C VAL I 566 -36.49 7.80 44.99
N ASP I 567 -37.68 7.26 45.18
CA ASP I 567 -38.79 7.57 44.29
C ASP I 567 -39.11 9.05 44.34
N LEU I 568 -39.57 9.59 43.21
CA LEU I 568 -39.81 11.01 43.08
C LEU I 568 -40.83 11.48 44.11
N PRO I 569 -40.55 12.57 44.84
CA PRO I 569 -41.53 13.07 45.81
C PRO I 569 -42.80 13.55 45.12
N GLY I 570 -43.95 13.13 45.65
CA GLY I 570 -45.22 13.44 45.04
C GLY I 570 -45.60 12.59 43.86
N TRP I 571 -44.75 11.65 43.46
CA TRP I 571 -45.06 10.77 42.34
C TRP I 571 -46.07 9.72 42.76
N GLY I 572 -47.11 9.57 41.95
CA GLY I 572 -48.20 8.67 42.26
C GLY I 572 -49.29 9.24 43.13
N GLU I 573 -49.17 10.51 43.53
CA GLU I 573 -50.16 11.11 44.41
C GLU I 573 -51.36 11.62 43.61
N GLN I 574 -52.55 11.43 44.17
CA GLN I 574 -53.79 11.90 43.54
C GLN I 574 -54.79 12.20 44.64
N THR I 575 -55.13 13.48 44.80
CA THR I 575 -56.08 13.90 45.82
C THR I 575 -57.49 13.55 45.36
N VAL I 576 -57.91 12.33 45.68
CA VAL I 576 -59.21 11.81 45.28
C VAL I 576 -60.12 11.81 46.51
N VAL I 577 -61.32 12.34 46.34
CA VAL I 577 -62.32 12.36 47.42
C VAL I 577 -62.66 10.94 47.83
N ASP I 578 -62.72 10.69 49.14
CA ASP I 578 -63.03 9.35 49.63
C ASP I 578 -64.46 8.94 49.27
N ASN I 579 -65.42 9.83 49.53
CA ASN I 579 -66.81 9.57 49.14
C ASN I 579 -67.50 10.93 48.98
N ASP I 580 -67.60 11.40 47.73
CA ASP I 580 -68.36 12.60 47.38
C ASP I 580 -67.81 13.87 48.02
N GLY I 581 -66.70 13.75 48.75
CA GLY I 581 -66.12 14.91 49.40
C GLY I 581 -64.85 14.58 50.17
N ASN I 582 -64.33 15.56 50.90
CA ASN I 582 -63.10 15.41 51.69
C ASN I 582 -61.97 14.89 50.82
N PRO I 583 -61.40 15.71 49.93
CA PRO I 583 -60.34 15.23 49.05
C PRO I 583 -59.10 14.79 49.81
N SER I 584 -58.77 13.51 49.73
CA SER I 584 -57.63 12.93 50.41
C SER I 584 -56.60 12.46 49.40
N VAL I 585 -55.33 12.54 49.77
CA VAL I 585 -54.24 12.21 48.85
C VAL I 585 -54.10 10.70 48.76
N LYS I 586 -54.77 10.11 47.77
CA LYS I 586 -54.74 8.66 47.58
C LYS I 586 -53.61 8.33 46.60
N LYS I 587 -52.53 7.76 47.13
CA LYS I 587 -51.38 7.42 46.31
C LYS I 587 -51.66 6.17 45.48
N PHE I 588 -51.51 6.28 44.17
CA PHE I 588 -51.72 5.16 43.26
C PHE I 588 -50.41 4.80 42.59
N ASN I 589 -50.36 3.57 42.06
CA ASN I 589 -49.16 3.09 41.40
C ASN I 589 -48.97 3.81 40.07
N TRP I 590 -47.88 4.56 39.95
CA TRP I 590 -47.55 5.28 38.73
C TRP I 590 -46.24 4.77 38.16
N LYS I 591 -46.27 4.39 36.88
CA LYS I 591 -45.08 3.98 36.14
C LYS I 591 -45.01 4.74 34.83
N CYS I 592 -43.80 5.18 34.48
CA CYS I 592 -43.58 6.04 33.34
C CYS I 592 -42.70 5.35 32.29
N GLU I 593 -42.44 6.06 31.21
CA GLU I 593 -41.59 5.63 30.11
C GLU I 593 -40.37 6.52 29.91
N ARG I 594 -40.58 7.83 29.81
CA ARG I 594 -39.48 8.77 29.64
C ARG I 594 -39.81 10.05 30.39
N VAL I 595 -38.80 10.63 31.03
CA VAL I 595 -38.95 11.84 31.82
C VAL I 595 -37.89 12.84 31.39
N ARG I 596 -38.34 14.07 31.10
CA ARG I 596 -37.43 15.16 30.75
C ARG I 596 -37.84 16.40 31.54
N SER I 597 -37.11 17.49 31.33
CA SER I 597 -37.28 18.72 32.07
C SER I 597 -37.56 19.89 31.14
N PHE I 598 -38.30 20.87 31.64
CA PHE I 598 -38.60 22.10 30.90
C PHE I 598 -39.07 23.15 31.89
N ASN I 599 -38.42 24.33 31.84
CA ASN I 599 -38.81 25.48 32.66
C ASN I 599 -38.97 25.09 34.12
N ASN I 600 -37.92 24.47 34.68
CA ASN I 600 -37.83 24.08 36.08
C ASN I 600 -38.83 23.00 36.46
N ARG I 601 -39.49 22.37 35.49
CA ARG I 601 -40.43 21.29 35.74
C ARG I 601 -39.86 19.95 35.28
N LEU I 602 -40.62 18.89 35.57
CA LEU I 602 -40.34 17.56 35.09
C LEU I 602 -41.56 17.02 34.34
N PHE I 603 -41.30 16.30 33.25
CA PHE I 603 -42.36 15.82 32.38
C PHE I 603 -42.36 14.30 32.33
N ALA I 604 -43.47 13.74 31.85
CA ALA I 604 -43.65 12.30 31.80
C ALA I 604 -44.26 11.92 30.45
N LEU I 605 -43.87 10.74 29.95
CA LEU I 605 -44.35 10.23 28.68
C LEU I 605 -44.88 8.81 28.83
N ASN I 606 -45.87 8.48 27.98
CA ASN I 606 -46.46 7.14 27.92
C ASN I 606 -46.88 6.67 29.31
N MET I 607 -47.76 7.45 29.94
CA MET I 607 -48.10 7.22 31.34
C MET I 607 -49.00 6.01 31.48
N ARG I 608 -48.65 5.11 32.39
CA ARG I 608 -49.48 3.96 32.76
C ARG I 608 -50.07 4.23 34.14
N GLU I 609 -51.30 4.72 34.19
CA GLU I 609 -51.89 5.28 35.40
C GLU I 609 -52.81 4.26 36.05
N ALA I 610 -52.36 3.71 37.19
CA ALA I 610 -53.21 2.84 37.98
C ALA I 610 -54.02 3.66 38.98
N ASN I 611 -54.91 2.98 39.70
CA ASN I 611 -55.80 3.63 40.64
C ASN I 611 -56.39 2.58 41.59
N ALA I 612 -57.41 2.98 42.33
CA ALA I 612 -58.19 2.02 43.09
C ALA I 612 -58.87 1.05 42.12
N SER I 613 -59.12 -0.17 42.59
CA SER I 613 -59.46 -1.27 41.69
C SER I 613 -58.32 -1.40 40.68
N GLY I 614 -57.16 -1.84 41.16
CA GLY I 614 -55.88 -1.56 40.56
C GLY I 614 -55.58 -2.22 39.22
N VAL I 615 -56.61 -2.57 38.46
CA VAL I 615 -56.40 -2.99 37.08
C VAL I 615 -55.97 -1.78 36.27
N THR I 616 -54.67 -1.68 36.00
CA THR I 616 -54.11 -0.48 35.40
C THR I 616 -54.52 -0.36 33.94
N THR I 617 -54.58 0.88 33.45
CA THR I 617 -54.90 1.18 32.06
C THR I 617 -53.77 2.02 31.46
N ASN I 618 -53.27 1.60 30.30
CA ASN I 618 -52.18 2.30 29.66
C ASN I 618 -52.70 3.52 28.92
N TYR I 619 -52.05 4.67 29.11
CA TYR I 619 -52.42 5.88 28.40
C TYR I 619 -51.25 6.33 27.53
N PRO I 620 -51.18 5.86 26.27
CA PRO I 620 -50.11 6.32 25.38
C PRO I 620 -50.19 7.79 25.04
N LEU I 621 -51.34 8.43 25.24
CA LEU I 621 -51.55 9.83 24.92
C LEU I 621 -51.32 10.76 26.10
N ARG I 622 -51.03 10.21 27.28
CA ARG I 622 -50.93 11.01 28.49
C ARG I 622 -49.57 11.71 28.56
N LEU I 623 -49.59 12.95 29.06
CA LEU I 623 -48.38 13.73 29.25
C LEU I 623 -48.57 14.61 30.48
N ARG I 624 -47.76 14.38 31.51
CA ARG I 624 -47.90 15.06 32.79
C ARG I 624 -46.66 15.89 33.07
N TRP I 625 -46.86 16.98 33.82
CA TRP I 625 -45.76 17.85 34.22
C TRP I 625 -45.86 18.11 35.72
N SER I 626 -44.71 18.39 36.33
CA SER I 626 -44.61 18.61 37.77
C SER I 626 -44.48 20.09 38.07
N ASN I 627 -44.27 20.39 39.35
CA ASN I 627 -44.11 21.76 39.81
C ASN I 627 -42.72 22.30 39.49
N PHE I 628 -42.47 23.55 39.82
CA PHE I 628 -41.12 24.11 39.75
C PHE I 628 -40.30 23.60 40.92
N ALA I 629 -39.00 23.50 40.71
CA ALA I 629 -38.10 23.04 41.75
C ALA I 629 -37.73 24.18 42.69
N ASN I 630 -36.84 23.89 43.63
CA ASN I 630 -36.44 24.87 44.65
C ASN I 630 -34.94 24.74 44.86
N GLU I 631 -34.43 25.32 45.95
CA GLU I 631 -33.01 25.31 46.24
C GLU I 631 -32.51 23.89 46.47
N ASN I 632 -31.78 23.35 45.49
CA ASN I 632 -31.18 22.01 45.59
C ASN I 632 -32.23 20.95 45.91
N LYS I 633 -33.42 21.08 45.33
CA LYS I 633 -34.51 20.13 45.55
C LYS I 633 -35.28 19.91 44.26
N ALA I 634 -35.83 18.70 44.13
CA ALA I 634 -36.63 18.34 42.97
C ALA I 634 -38.07 18.85 43.14
N PRO I 635 -38.86 18.88 42.06
CA PRO I 635 -40.29 19.19 42.20
C PRO I 635 -40.99 18.24 43.16
N THR I 636 -41.94 18.75 43.94
CA THR I 636 -42.44 18.06 45.11
C THR I 636 -43.75 17.31 44.90
N LEU I 637 -44.60 17.72 43.98
CA LEU I 637 -45.91 17.09 43.83
C LEU I 637 -46.21 16.83 42.36
N TRP I 638 -47.07 15.84 42.12
CA TRP I 638 -47.51 15.50 40.77
C TRP I 638 -49.02 15.40 40.64
N ASP I 639 -49.78 15.68 41.70
CA ASP I 639 -51.23 15.53 41.66
C ASP I 639 -51.86 16.69 40.90
N ASP I 640 -52.77 16.35 39.97
CA ASP I 640 -53.46 17.39 39.20
C ASP I 640 -54.48 18.13 40.05
N PHE I 641 -55.12 17.45 41.00
CA PHE I 641 -56.14 18.03 41.85
C PHE I 641 -55.58 18.48 43.20
N ALA I 642 -54.35 18.98 43.23
CA ALA I 642 -53.62 19.26 44.47
C ALA I 642 -54.36 20.22 45.40
N TYR I 643 -54.94 21.28 44.85
CA TYR I 643 -55.51 22.33 45.68
C TYR I 643 -56.76 21.83 46.40
N ASP I 644 -57.37 22.74 47.17
CA ASP I 644 -58.53 22.46 48.00
C ASP I 644 -58.19 21.47 49.11
N ARG I 645 -57.09 21.72 49.82
CA ARG I 645 -56.73 20.94 51.01
C ARG I 645 -55.77 21.74 51.87
N VAL I 646 -56.17 22.05 53.11
CA VAL I 646 -55.36 22.84 54.03
C VAL I 646 -55.35 22.15 55.39
N VAL I 647 -54.19 22.20 56.04
CA VAL I 647 -53.98 21.64 57.38
C VAL I 647 -54.28 20.14 57.39
N SER I 648 -53.40 19.36 56.75
CA SER I 648 -53.50 17.90 56.77
C SER I 648 -52.46 17.37 57.75
N SER I 649 -52.92 17.03 58.95
CA SER I 649 -52.09 16.41 59.97
C SER I 649 -52.37 14.91 60.00
N ASP I 650 -51.80 14.22 60.98
CA ASP I 650 -52.02 12.79 61.13
C ASP I 650 -53.48 12.49 61.44
N GLY I 657 -49.80 12.73 57.27
CA GLY I 657 -49.55 14.16 57.32
C GLY I 657 -48.95 14.72 56.04
N GLN I 658 -49.74 14.74 54.98
CA GLN I 658 -49.28 15.26 53.70
C GLN I 658 -49.16 16.77 53.75
N THR I 659 -48.31 17.31 52.88
CA THR I 659 -48.05 18.74 52.83
C THR I 659 -48.18 19.24 51.39
N GLN I 660 -48.81 20.40 51.24
CA GLN I 660 -48.97 21.06 49.94
C GLN I 660 -48.46 22.50 50.07
N ALA I 661 -47.16 22.68 49.86
CA ALA I 661 -46.53 24.00 49.88
C ALA I 661 -45.73 24.11 48.58
N LEU I 662 -46.38 24.60 47.54
CA LEU I 662 -45.79 24.62 46.21
C LEU I 662 -45.12 25.96 45.93
N GLU I 663 -44.68 26.13 44.68
CA GLU I 663 -43.99 27.31 44.21
C GLU I 663 -44.76 27.99 43.09
N ASN I 664 -46.06 28.20 43.29
CA ASN I 664 -47.02 28.71 42.31
C ASN I 664 -47.01 27.93 41.01
N GLY I 665 -46.64 26.65 41.08
CA GLY I 665 -46.72 25.76 39.94
C GLY I 665 -47.39 24.47 40.32
N TYR I 666 -48.47 24.15 39.60
CA TYR I 666 -49.22 22.93 39.85
C TYR I 666 -48.86 21.84 38.84
N ALA I 667 -49.55 20.71 38.91
CA ALA I 667 -49.34 19.60 38.00
C ALA I 667 -50.59 19.39 37.16
N GLY I 668 -50.39 18.97 35.92
CA GLY I 668 -51.49 18.79 34.98
C GLY I 668 -51.21 17.71 33.96
N TYR I 669 -52.22 17.43 33.13
CA TYR I 669 -52.14 16.44 32.07
C TYR I 669 -53.02 16.90 30.93
N ILE I 670 -52.59 16.62 29.70
CA ILE I 670 -53.25 17.12 28.50
C ILE I 670 -53.97 16.00 27.75
N ASP I 671 -53.38 14.81 27.69
CA ASP I 671 -53.99 13.68 26.99
C ASP I 671 -54.25 14.02 25.52
N LEU I 672 -53.18 14.24 24.76
CA LEU I 672 -53.28 14.65 23.36
C LEU I 672 -54.02 13.63 22.50
N ALA I 673 -54.33 13.98 21.26
CA ALA I 673 -55.03 13.11 20.32
C ALA I 673 -54.24 13.10 19.01
N ASP I 674 -53.59 11.97 18.71
CA ASP I 674 -52.81 11.86 17.48
C ASP I 674 -52.85 10.40 17.01
N SER I 675 -51.97 10.05 16.09
CA SER I 675 -52.00 8.75 15.42
C SER I 675 -51.13 7.77 16.19
N ASN I 676 -51.78 6.76 16.80
CA ASN I 676 -51.15 5.60 17.42
C ASN I 676 -50.37 5.95 18.68
N GLY I 677 -50.26 7.24 18.99
CA GLY I 677 -49.69 7.65 20.27
C GLY I 677 -48.28 7.11 20.51
N SER I 678 -48.11 6.53 21.69
CA SER I 678 -46.86 5.96 22.20
C SER I 678 -45.85 7.03 22.59
N LEU I 679 -46.13 8.28 22.22
CA LEU I 679 -45.43 9.47 22.72
C LEU I 679 -43.93 9.25 22.86
N ILE I 680 -43.25 8.98 21.74
CA ILE I 680 -41.90 8.42 21.80
C ILE I 680 -40.93 9.37 22.48
N ASP I 681 -40.94 10.66 22.11
CA ASP I 681 -39.89 11.55 22.59
C ASP I 681 -40.44 12.97 22.74
N ILE I 682 -39.74 13.75 23.56
CA ILE I 682 -40.05 15.14 23.83
C ILE I 682 -38.74 15.90 24.00
N LEU I 683 -38.68 17.12 23.46
CA LEU I 683 -37.48 17.94 23.64
C LEU I 683 -37.81 19.42 23.52
N PRO I 684 -37.40 20.24 24.49
CA PRO I 684 -37.67 21.67 24.41
C PRO I 684 -36.76 22.35 23.39
N LEU I 685 -37.21 23.53 22.94
CA LEU I 685 -36.42 24.34 22.02
C LEU I 685 -36.85 25.79 22.17
N LYS I 686 -35.99 26.59 22.80
CA LYS I 686 -36.23 28.03 22.97
C LYS I 686 -37.59 28.29 23.61
N ASP I 687 -37.81 27.68 24.78
CA ASP I 687 -39.00 27.80 25.60
C ASP I 687 -40.23 27.21 24.91
N TYR I 688 -40.06 26.39 23.88
CA TYR I 688 -41.18 25.78 23.15
C TYR I 688 -41.00 24.26 23.16
N LEU I 689 -42.06 23.55 23.51
CA LEU I 689 -42.00 22.09 23.53
C LEU I 689 -42.14 21.53 22.11
N PHE I 690 -41.45 20.42 21.86
CA PHE I 690 -41.60 19.67 20.63
C PHE I 690 -41.73 18.20 20.97
N VAL I 691 -42.94 17.65 20.81
CA VAL I 691 -43.24 16.26 21.11
C VAL I 691 -43.43 15.52 19.81
N TYR I 692 -42.96 14.27 19.77
CA TYR I 692 -43.00 13.46 18.56
C TYR I 692 -43.76 12.17 18.84
N THR I 693 -44.45 11.67 17.82
CA THR I 693 -45.35 10.52 17.93
C THR I 693 -45.02 9.50 16.86
N GLU I 694 -43.89 9.69 16.18
CA GLU I 694 -43.45 8.94 15.00
C GLU I 694 -44.32 9.33 13.80
N PHE I 695 -45.35 10.11 14.07
CA PHE I 695 -46.27 10.66 13.08
C PHE I 695 -46.98 11.84 13.71
N GLU I 696 -46.87 13.02 13.07
CA GLU I 696 -47.47 14.26 13.54
C GLU I 696 -46.78 14.76 14.80
N THR I 697 -46.65 16.08 14.95
CA THR I 697 -45.97 16.68 16.08
C THR I 697 -46.82 17.82 16.64
N TYR I 698 -46.54 18.17 17.89
CA TYR I 698 -47.23 19.25 18.59
C TYR I 698 -46.22 20.18 19.23
N ILE I 699 -46.58 21.47 19.30
CA ILE I 699 -45.76 22.47 19.97
C ILE I 699 -46.44 22.90 21.26
N GLY I 700 -45.72 22.82 22.37
CA GLY I 700 -46.22 23.20 23.68
C GLY I 700 -45.70 24.57 24.07
N SER I 701 -46.63 25.51 24.22
CA SER I 701 -46.30 26.88 24.57
C SER I 701 -46.81 27.21 25.96
N PRO I 702 -45.92 27.47 26.93
CA PRO I 702 -46.39 27.81 28.27
C PRO I 702 -46.90 29.25 28.32
N THR I 703 -48.10 29.43 28.85
CA THR I 703 -48.73 30.74 28.95
C THR I 703 -48.50 31.42 30.29
N ASN I 704 -47.78 30.77 31.22
CA ASN I 704 -47.46 31.33 32.53
C ASN I 704 -48.72 31.73 33.29
N ASN I 705 -49.56 30.76 33.61
CA ASN I 705 -50.77 30.99 34.39
C ASN I 705 -50.61 30.31 35.74
N THR I 706 -51.60 30.51 36.61
CA THR I 706 -51.55 29.93 37.95
C THR I 706 -51.65 28.40 37.89
N TYR I 707 -52.58 27.89 37.08
CA TYR I 707 -52.81 26.46 37.01
C TYR I 707 -53.21 26.10 35.59
N GLN I 708 -52.62 25.02 35.09
CA GLN I 708 -52.71 24.60 33.68
C GLN I 708 -52.27 25.73 32.74
N PRO I 709 -50.99 26.10 32.75
CA PRO I 709 -50.53 27.19 31.88
C PRO I 709 -50.16 26.71 30.48
N LEU I 710 -49.81 25.43 30.35
CA LEU I 710 -49.30 24.90 29.10
C LEU I 710 -50.40 24.82 28.04
N MET I 711 -50.09 25.34 26.85
CA MET I 711 -50.98 25.24 25.70
C MET I 711 -50.22 24.54 24.58
N PHE I 712 -50.82 23.49 24.03
CA PHE I 712 -50.19 22.65 23.02
C PHE I 712 -50.88 22.86 21.68
N LYS I 713 -50.08 23.15 20.65
CA LYS I 713 -50.57 23.40 19.31
C LYS I 713 -49.88 22.48 18.32
N LYS I 714 -50.63 22.06 17.30
CA LYS I 714 -50.10 21.15 16.29
C LYS I 714 -49.07 21.87 15.41
N LEU I 715 -48.02 21.13 15.03
CA LEU I 715 -46.97 21.69 14.20
C LEU I 715 -46.88 20.97 12.85
N PHE I 716 -46.76 19.64 12.89
CA PHE I 716 -46.56 18.85 11.69
C PHE I 716 -47.62 17.74 11.61
N ASN I 717 -47.88 17.29 10.40
CA ASN I 717 -48.84 16.22 10.16
C ASN I 717 -48.19 14.95 9.64
N ASP I 718 -46.89 14.98 9.34
CA ASP I 718 -46.20 13.81 8.82
C ASP I 718 -44.94 13.50 9.63
N SER I 719 -44.37 14.54 10.25
CA SER I 719 -43.11 14.37 10.98
C SER I 719 -43.34 13.59 12.26
N GLY I 720 -42.29 12.90 12.71
CA GLY I 720 -42.34 12.14 13.95
C GLY I 720 -41.07 11.33 14.17
N ILE I 721 -40.55 11.36 15.40
CA ILE I 721 -39.21 10.84 15.65
C ILE I 721 -39.18 9.33 15.47
N LEU I 722 -38.00 8.80 15.15
CA LEU I 722 -37.83 7.37 14.95
C LEU I 722 -37.54 6.65 16.26
N ALA I 723 -36.62 7.19 17.05
CA ALA I 723 -36.10 6.53 18.24
C ALA I 723 -36.29 7.44 19.44
N PRO I 724 -36.33 6.87 20.65
CA PRO I 724 -36.56 7.69 21.85
C PRO I 724 -35.44 8.68 22.15
N GLU I 725 -34.31 8.55 21.47
CA GLU I 725 -33.18 9.46 21.68
C GLU I 725 -32.63 9.91 20.32
N CYS I 726 -33.50 10.37 19.44
CA CYS I 726 -33.13 10.73 18.08
C CYS I 726 -33.36 12.21 17.78
N VAL I 727 -33.39 13.06 18.82
CA VAL I 727 -33.53 14.49 18.63
C VAL I 727 -32.58 15.22 19.56
N VAL I 728 -31.85 16.20 19.01
CA VAL I 728 -30.97 17.06 19.79
C VAL I 728 -31.13 18.48 19.27
N GLU I 729 -30.89 19.45 20.14
CA GLU I 729 -30.90 20.86 19.77
C GLU I 729 -29.49 21.26 19.39
N VAL I 730 -29.26 21.51 18.10
CA VAL I 730 -27.91 21.80 17.62
C VAL I 730 -27.63 23.30 17.63
N GLU I 731 -28.41 24.08 16.88
CA GLU I 731 -28.26 25.54 16.88
C GLU I 731 -29.64 26.14 16.61
N GLY I 732 -30.38 26.42 17.68
CA GLY I 732 -31.72 26.96 17.58
C GLY I 732 -32.64 26.14 16.72
N SER I 733 -32.39 24.83 16.66
CA SER I 733 -33.12 23.93 15.78
C SER I 733 -32.93 22.51 16.27
N HIS I 734 -33.74 21.60 15.75
CA HIS I 734 -33.75 20.21 16.18
C HIS I 734 -33.27 19.32 15.04
N PHE I 735 -32.43 18.34 15.38
CA PHE I 735 -31.96 17.34 14.44
C PHE I 735 -32.79 16.07 14.60
N VAL I 736 -33.66 15.79 13.64
CA VAL I 736 -34.62 14.71 13.75
C VAL I 736 -34.53 13.82 12.50
N VAL I 737 -34.47 12.52 12.72
CA VAL I 737 -34.62 11.54 11.66
C VAL I 737 -36.05 11.00 11.77
N THR I 738 -36.95 11.59 11.01
CA THR I 738 -38.40 11.40 11.21
C THR I 738 -38.95 10.20 10.44
N GLN I 739 -38.33 9.04 10.64
CA GLN I 739 -38.84 7.75 10.16
C GLN I 739 -38.74 7.63 8.65
N ASN I 740 -38.40 8.73 7.97
CA ASN I 740 -38.29 8.71 6.51
C ASN I 740 -36.95 9.28 6.05
N ASP I 741 -36.47 10.32 6.72
CA ASP I 741 -35.25 11.01 6.33
C ASP I 741 -34.81 11.90 7.49
N VAL I 742 -33.78 12.70 7.24
CA VAL I 742 -33.23 13.61 8.23
C VAL I 742 -33.83 15.00 8.03
N ILE I 743 -34.36 15.57 9.11
CA ILE I 743 -35.00 16.88 9.07
C ILE I 743 -34.34 17.79 10.09
N LEU I 744 -34.03 19.02 9.65
CA LEU I 744 -33.49 20.05 10.51
C LEU I 744 -34.48 21.21 10.50
N HIS I 745 -35.30 21.32 11.54
CA HIS I 745 -36.39 22.28 11.59
C HIS I 745 -36.12 23.31 12.69
N ASN I 746 -36.35 24.58 12.37
CA ASN I 746 -36.17 25.67 13.33
C ASN I 746 -37.48 26.13 13.96
N GLY I 747 -38.59 25.46 13.68
CA GLY I 747 -39.88 25.89 14.19
C GLY I 747 -40.75 26.51 13.11
N ALA I 748 -41.90 25.88 12.85
CA ALA I 748 -42.90 26.32 11.87
C ALA I 748 -42.38 26.14 10.44
N THR I 749 -41.12 25.75 10.30
CA THR I 749 -40.51 25.46 9.01
C THR I 749 -39.54 24.29 9.18
N LYS I 750 -39.51 23.42 8.19
CA LYS I 750 -38.62 22.27 8.22
C LYS I 750 -37.92 22.12 6.87
N LYS I 751 -36.67 21.71 6.93
CA LYS I 751 -35.87 21.41 5.75
C LYS I 751 -35.22 20.04 5.92
N SER I 752 -35.06 19.35 4.80
CA SER I 752 -34.50 17.99 4.80
C SER I 752 -33.04 18.06 4.41
N ILE I 753 -32.16 17.85 5.39
CA ILE I 753 -30.72 17.70 5.11
C ILE I 753 -30.44 16.48 4.26
N ALA I 754 -31.27 15.44 4.36
CA ALA I 754 -31.12 14.23 3.57
C ALA I 754 -32.17 14.09 2.48
N SER I 755 -32.55 15.18 1.82
CA SER I 755 -33.51 15.13 0.72
C SER I 755 -33.09 14.11 -0.32
N ASN I 756 -31.93 14.32 -0.92
CA ASN I 756 -31.39 13.41 -1.94
C ASN I 756 -29.88 13.25 -1.79
N ARG I 757 -29.38 13.17 -0.56
CA ARG I 757 -27.93 13.05 -0.36
C ARG I 757 -27.56 11.78 0.39
N VAL I 758 -28.23 11.48 1.50
CA VAL I 758 -27.92 10.28 2.28
C VAL I 758 -29.20 9.52 2.62
N LYS I 759 -30.30 9.85 1.94
CA LYS I 759 -31.59 9.27 2.29
C LYS I 759 -31.61 7.76 2.05
N ASN I 760 -31.49 7.35 0.79
CA ASN I 760 -31.79 5.97 0.42
C ASN I 760 -30.79 4.95 0.96
N MET I 761 -29.60 5.38 1.38
CA MET I 761 -28.62 4.43 1.91
C MET I 761 -28.55 4.44 3.43
N LEU I 762 -29.10 5.46 4.09
CA LEU I 762 -29.31 5.40 5.53
C LEU I 762 -30.50 4.50 5.87
N ILE I 763 -31.58 4.60 5.09
CA ILE I 763 -32.83 3.94 5.46
C ILE I 763 -32.68 2.42 5.47
N ASN I 764 -32.01 1.86 4.45
CA ASN I 764 -31.84 0.42 4.38
C ASN I 764 -30.92 -0.08 5.48
N GLU I 765 -29.81 0.63 5.71
CA GLU I 765 -28.83 0.20 6.71
C GLU I 765 -29.45 0.13 8.11
N VAL I 766 -30.26 1.12 8.47
CA VAL I 766 -30.88 1.12 9.79
C VAL I 766 -31.92 0.00 9.90
N CYS I 767 -32.66 -0.25 8.82
CA CYS I 767 -33.79 -1.18 8.90
C CYS I 767 -33.35 -2.63 8.86
N LEU I 768 -32.09 -2.90 8.52
CA LEU I 768 -31.65 -4.29 8.37
C LEU I 768 -31.77 -5.06 9.67
N VAL I 769 -31.31 -4.48 10.78
CA VAL I 769 -31.19 -5.23 12.03
C VAL I 769 -32.16 -4.71 13.08
N ASN I 770 -32.02 -3.44 13.46
CA ASN I 770 -32.83 -2.91 14.55
C ASN I 770 -32.96 -1.39 14.44
N PRO I 771 -34.01 -0.90 13.79
CA PRO I 771 -34.20 0.56 13.73
C PRO I 771 -34.37 1.21 15.09
N LEU I 772 -34.97 0.51 16.05
CA LEU I 772 -35.28 1.09 17.36
C LEU I 772 -34.04 1.39 18.18
N ALA I 773 -32.87 0.85 17.82
CA ALA I 773 -31.65 1.14 18.55
C ALA I 773 -30.97 2.42 18.08
N THR I 774 -31.67 3.28 17.35
CA THR I 774 -31.08 4.50 16.83
C THR I 774 -30.86 5.51 17.94
N ARG I 775 -29.73 6.23 17.86
CA ARG I 775 -29.41 7.30 18.81
C ARG I 775 -28.67 8.40 18.06
N VAL I 776 -28.71 9.60 18.63
CA VAL I 776 -27.98 10.75 18.09
C VAL I 776 -27.24 11.43 19.23
N HIS I 777 -26.20 12.18 18.88
CA HIS I 777 -25.40 12.89 19.86
C HIS I 777 -24.82 14.15 19.21
N LEU I 778 -24.67 15.20 20.00
CA LEU I 778 -24.10 16.47 19.53
C LEU I 778 -22.65 16.52 19.98
N HIS I 779 -21.74 16.56 19.00
CA HIS I 779 -20.31 16.63 19.25
C HIS I 779 -19.87 18.08 19.06
N GLN I 780 -20.21 18.90 20.07
CA GLN I 780 -20.12 20.35 19.93
C GLN I 780 -18.69 20.83 19.77
N ASP I 781 -17.74 20.15 20.42
CA ASP I 781 -16.35 20.57 20.37
C ASP I 781 -15.79 20.62 18.96
N LYS I 782 -16.25 19.73 18.06
CA LYS I 782 -15.85 19.77 16.67
C LYS I 782 -17.02 20.10 15.74
N LYS I 783 -18.13 20.59 16.29
CA LYS I 783 -19.30 21.00 15.49
C LYS I 783 -19.80 19.87 14.59
N GLU I 784 -19.87 18.67 15.15
CA GLU I 784 -20.39 17.51 14.44
C GLU I 784 -21.60 16.95 15.16
N VAL I 785 -22.57 16.44 14.39
CA VAL I 785 -23.72 15.73 14.91
C VAL I 785 -23.84 14.42 14.16
N TRP I 786 -23.77 13.31 14.89
CA TRP I 786 -23.81 11.99 14.29
C TRP I 786 -25.02 11.22 14.80
N VAL I 787 -25.49 10.28 13.99
CA VAL I 787 -26.60 9.40 14.34
C VAL I 787 -26.04 7.99 14.53
N LEU I 788 -26.43 7.34 15.62
CA LEU I 788 -25.90 6.03 15.98
C LEU I 788 -26.88 4.94 15.58
N TYR I 789 -26.34 3.84 15.05
CA TYR I 789 -27.16 2.72 14.61
C TYR I 789 -26.31 1.46 14.58
N VAL I 790 -26.99 0.32 14.52
CA VAL I 790 -26.31 -0.97 14.52
C VAL I 790 -25.72 -1.25 13.14
N GLY I 791 -24.66 -2.06 13.11
CA GLY I 791 -23.99 -2.41 11.88
C GLY I 791 -24.83 -3.31 10.99
N PRO I 792 -24.44 -3.41 9.72
CA PRO I 792 -25.20 -4.26 8.78
C PRO I 792 -25.29 -5.71 9.20
N GLY I 793 -24.21 -6.29 9.72
CA GLY I 793 -24.27 -7.64 10.22
C GLY I 793 -24.20 -7.68 11.75
N GLU I 794 -25.35 -7.88 12.38
CA GLU I 794 -25.45 -7.88 13.84
C GLU I 794 -26.63 -8.76 14.23
N PRO I 795 -26.63 -9.30 15.45
CA PRO I 795 -27.82 -10.01 15.92
C PRO I 795 -29.02 -9.08 15.97
N LYS I 796 -30.18 -9.63 15.60
CA LYS I 796 -31.40 -8.83 15.51
C LYS I 796 -31.83 -8.28 16.86
N GLU I 797 -31.47 -8.94 17.96
CA GLU I 797 -31.82 -8.48 19.30
C GLU I 797 -30.71 -7.65 19.93
N SER I 798 -29.62 -7.40 19.20
CA SER I 798 -28.53 -6.58 19.73
C SER I 798 -28.84 -5.10 19.55
N PHE I 799 -28.58 -4.34 20.62
CA PHE I 799 -28.83 -2.91 20.62
C PHE I 799 -27.55 -2.09 20.61
N ALA I 800 -26.38 -2.71 20.51
CA ALA I 800 -25.12 -1.99 20.50
C ALA I 800 -24.89 -1.37 19.12
N CYS I 801 -24.84 -0.04 19.07
CA CYS I 801 -24.62 0.67 17.82
C CYS I 801 -23.19 0.43 17.34
N THR I 802 -23.05 -0.06 16.10
CA THR I 802 -21.72 -0.37 15.58
C THR I 802 -21.22 0.71 14.62
N LYS I 803 -22.11 1.28 13.81
CA LYS I 803 -21.73 2.26 12.81
C LYS I 803 -22.44 3.57 13.12
N ALA I 804 -21.78 4.68 12.76
CA ALA I 804 -22.31 6.00 13.01
C ALA I 804 -22.18 6.86 11.75
N ALA I 805 -23.26 7.55 11.41
CA ALA I 805 -23.26 8.50 10.31
C ALA I 805 -23.16 9.91 10.89
N VAL I 806 -22.06 10.60 10.58
CA VAL I 806 -21.75 11.89 11.18
C VAL I 806 -22.05 12.98 10.16
N TRP I 807 -22.68 14.05 10.65
CA TRP I 807 -23.01 15.22 9.83
C TRP I 807 -22.40 16.45 10.49
N ASN I 808 -21.55 17.17 9.74
CA ASN I 808 -20.93 18.40 10.22
C ASN I 808 -21.82 19.56 9.79
N TYR I 809 -22.53 20.14 10.74
CA TYR I 809 -23.46 21.22 10.46
C TYR I 809 -22.76 22.55 10.17
N GLU I 810 -21.47 22.67 10.46
CA GLU I 810 -20.73 23.88 10.12
C GLU I 810 -20.58 24.07 8.62
N PHE I 811 -20.63 22.98 7.84
CA PHE I 811 -20.51 23.06 6.40
C PHE I 811 -21.52 22.18 5.66
N ASP I 812 -22.44 21.53 6.37
CA ASP I 812 -23.43 20.64 5.78
C ASP I 812 -22.76 19.56 4.93
N THR I 813 -21.94 18.76 5.61
CA THR I 813 -21.26 17.63 4.97
C THR I 813 -21.51 16.38 5.79
N TRP I 814 -21.59 15.24 5.09
CA TRP I 814 -21.90 13.96 5.72
C TRP I 814 -20.71 13.03 5.59
N SER I 815 -20.54 12.17 6.59
CA SER I 815 -19.47 11.18 6.61
C SER I 815 -19.88 10.03 7.52
N PHE I 816 -19.04 9.00 7.58
CA PHE I 816 -19.31 7.83 8.38
C PHE I 816 -18.07 7.48 9.19
N ARG I 817 -18.28 6.84 10.33
CA ARG I 817 -17.19 6.43 11.20
C ARG I 817 -17.63 5.21 12.01
N THR I 818 -16.64 4.50 12.54
CA THR I 818 -16.91 3.29 13.31
C THR I 818 -16.83 3.59 14.80
N ILE I 819 -17.79 3.05 15.55
CA ILE I 819 -17.85 3.26 17.00
C ILE I 819 -17.75 1.90 17.68
N PRO I 820 -17.18 1.86 18.89
CA PRO I 820 -16.93 0.57 19.56
C PRO I 820 -18.15 0.02 20.30
N TYR I 821 -19.17 -0.35 19.52
CA TYR I 821 -20.37 -1.03 20.04
C TYR I 821 -21.02 -0.19 21.14
N ALA I 822 -21.48 0.99 20.77
CA ALA I 822 -21.98 1.95 21.74
C ALA I 822 -23.34 1.54 22.27
N GLN I 823 -23.42 1.32 23.59
CA GLN I 823 -24.71 1.19 24.25
C GLN I 823 -25.24 2.56 24.66
N CYS I 824 -24.34 3.52 24.91
CA CYS I 824 -24.70 4.88 25.24
C CYS I 824 -23.51 5.78 25.00
N ILE I 825 -23.77 7.08 24.90
CA ILE I 825 -22.74 8.07 24.61
C ILE I 825 -23.03 9.33 25.42
N GLY I 826 -21.96 10.05 25.76
CA GLY I 826 -22.11 11.27 26.54
C GLY I 826 -20.79 11.98 26.70
N LEU I 827 -20.88 13.23 27.15
CA LEU I 827 -19.70 14.06 27.37
C LEU I 827 -19.38 14.16 28.85
N VAL I 828 -18.16 13.80 29.21
CA VAL I 828 -17.76 13.70 30.62
C VAL I 828 -16.36 14.29 30.75
N ASP I 829 -15.99 14.66 31.98
CA ASP I 829 -14.65 15.17 32.26
C ASP I 829 -13.63 14.04 32.11
N PRO I 830 -12.39 14.37 31.73
CA PRO I 830 -11.40 13.31 31.49
C PRO I 830 -10.98 12.65 32.79
N PRO I 831 -10.68 11.35 32.75
CA PRO I 831 -10.13 10.67 33.93
C PRO I 831 -8.63 10.85 34.06
N VAL I 832 -8.01 10.06 34.96
CA VAL I 832 -6.57 9.91 35.09
C VAL I 832 -6.02 11.10 35.88
N LEU I 833 -6.91 11.82 36.55
CA LEU I 833 -6.46 12.80 37.54
C LEU I 833 -5.65 12.11 38.62
N GLU I 834 -4.36 12.44 38.69
CA GLU I 834 -3.42 11.79 39.58
C GLU I 834 -3.69 12.23 41.02
N ARG I 835 -4.00 11.26 41.89
CA ARG I 835 -4.18 11.54 43.30
C ARG I 835 -4.01 10.28 44.15
N GLY I 836 -4.23 10.41 45.45
CA GLY I 836 -4.00 9.36 46.41
C GLY I 836 -5.24 8.91 47.17
N PRO I 837 -6.36 8.64 46.44
CA PRO I 837 -7.69 8.53 47.08
C PRO I 837 -7.72 7.88 48.47
N ILE I 838 -7.02 6.77 48.64
CA ILE I 838 -6.93 6.11 49.93
C ILE I 838 -5.72 6.64 50.68
N TRP I 839 -5.92 7.02 51.95
CA TRP I 839 -4.82 7.50 52.77
C TRP I 839 -3.74 6.43 52.85
N SER I 840 -2.51 6.81 52.51
CA SER I 840 -1.44 5.83 52.39
C SER I 840 -0.10 6.50 52.69
N ASP I 841 0.75 5.77 53.42
CA ASP I 841 2.09 6.24 53.74
C ASP I 841 3.14 5.15 53.51
N PHE I 842 2.71 3.90 53.61
CA PHE I 842 3.60 2.75 53.74
C PHE I 842 4.62 3.03 54.83
N GLN I 843 5.88 2.63 54.62
CA GLN I 843 6.89 2.72 55.66
C GLN I 843 8.20 3.23 55.08
N GLU I 844 8.13 4.26 54.23
CA GLU I 844 9.31 4.71 53.51
C GLU I 844 9.73 6.15 53.78
N ILE I 845 8.82 7.13 53.73
CA ILE I 845 9.24 8.52 53.65
C ILE I 845 8.53 9.37 54.70
N THR I 846 7.57 8.77 55.41
CA THR I 846 6.75 9.48 56.40
C THR I 846 6.04 10.65 55.72
N TRP I 847 5.15 10.32 54.78
CA TRP I 847 4.25 11.28 54.12
C TRP I 847 4.97 12.37 53.35
N ASP I 848 6.30 12.27 53.23
CA ASP I 848 7.08 13.18 52.40
C ASP I 848 6.81 14.63 52.78
N ASP I 849 7.27 15.04 53.97
CA ASP I 849 7.01 16.37 54.53
C ASP I 849 7.26 17.45 53.49
N PRO I 850 6.20 18.12 53.02
CA PRO I 850 6.35 19.05 51.90
C PRO I 850 7.10 20.31 52.26
N SER I 851 8.03 20.71 51.39
CA SER I 851 8.67 22.01 51.51
C SER I 851 7.74 23.10 50.98
N ILE I 852 8.13 24.36 51.20
CA ILE I 852 7.38 25.56 50.82
C ILE I 852 5.88 25.38 51.08
N LYS I 853 5.54 25.05 52.32
CA LYS I 853 4.16 24.79 52.76
C LYS I 853 3.61 23.66 51.88
N GLU I 854 2.44 23.82 51.26
CA GLU I 854 1.93 22.81 50.34
C GLU I 854 0.94 23.46 49.39
N LEU I 855 0.71 22.81 48.25
CA LEU I 855 -0.13 23.37 47.20
C LEU I 855 -1.55 22.79 47.21
N VAL I 856 -2.30 23.03 48.30
CA VAL I 856 -3.73 22.75 48.40
C VAL I 856 -3.99 21.25 48.26
N TRP I 857 -2.91 20.46 48.30
CA TRP I 857 -2.90 19.01 48.14
C TRP I 857 -3.29 18.58 46.73
N ARG I 858 -3.76 19.53 45.90
CA ARG I 858 -4.29 19.22 44.57
C ARG I 858 -4.71 20.53 43.92
N LYS I 859 -4.75 20.54 42.58
CA LYS I 859 -5.21 21.70 41.84
C LYS I 859 -6.67 21.53 41.45
N ASP I 860 -7.54 22.34 42.06
CA ASP I 860 -8.95 22.40 41.69
C ASP I 860 -9.44 23.84 41.58
N ALA I 861 -8.56 24.81 41.81
CA ALA I 861 -8.94 26.21 41.64
C ALA I 861 -9.31 26.51 40.20
N THR I 862 -8.54 25.98 39.26
CA THR I 862 -8.90 26.07 37.86
C THR I 862 -10.07 25.15 37.56
N ASN I 863 -11.08 25.68 36.87
CA ASN I 863 -12.27 24.90 36.58
C ASN I 863 -11.92 23.71 35.68
N PHE I 864 -12.57 22.58 35.94
CA PHE I 864 -12.33 21.37 35.16
C PHE I 864 -12.63 21.61 33.68
N ARG I 865 -11.74 21.13 32.82
CA ARG I 865 -11.87 21.35 31.38
C ARG I 865 -11.36 20.14 30.61
N GLN I 866 -11.15 20.32 29.30
CA GLN I 866 -10.84 19.21 28.38
C GLN I 866 -11.91 18.11 28.49
N ARG I 867 -13.17 18.53 28.55
CA ARG I 867 -14.26 17.57 28.64
C ARG I 867 -14.29 16.71 27.39
N VAL I 868 -14.41 15.40 27.58
CA VAL I 868 -14.20 14.42 26.52
C VAL I 868 -15.44 13.55 26.38
N THR I 869 -15.81 13.22 25.14
CA THR I 869 -16.90 12.31 24.87
C THR I 869 -16.51 10.90 25.31
N ILE I 870 -17.44 10.19 25.94
CA ILE I 870 -17.22 8.82 26.39
C ILE I 870 -18.34 7.95 25.84
N VAL I 871 -18.05 6.66 25.68
CA VAL I 871 -18.97 5.71 25.08
C VAL I 871 -19.16 4.54 26.03
N GLY I 872 -20.42 4.21 26.32
CA GLY I 872 -20.73 2.98 27.02
C GLY I 872 -20.75 1.82 26.05
N SER I 873 -19.81 0.90 26.17
CA SER I 873 -19.59 -0.13 25.18
C SER I 873 -20.17 -1.47 25.62
N PHE I 874 -20.59 -2.25 24.64
CA PHE I 874 -21.01 -3.63 24.89
C PHE I 874 -19.83 -4.51 25.26
N LEU I 875 -18.61 -4.02 25.09
CA LEU I 875 -17.40 -4.82 25.32
C LEU I 875 -16.98 -4.76 26.79
N LYS I 876 -17.94 -4.51 27.68
CA LYS I 876 -17.72 -4.51 29.12
C LYS I 876 -16.66 -3.49 29.52
N GLY I 877 -17.00 -2.22 29.30
CA GLY I 877 -16.13 -1.14 29.71
C GLY I 877 -16.55 0.17 29.06
N PHE I 878 -15.69 1.17 29.24
CA PHE I 878 -15.90 2.50 28.68
C PHE I 878 -14.84 2.78 27.63
N TYR I 879 -15.26 3.43 26.55
CA TYR I 879 -14.38 3.70 25.42
C TYR I 879 -14.48 5.17 25.03
N GLN I 880 -13.34 5.74 24.63
CA GLN I 880 -13.31 7.07 24.08
C GLN I 880 -13.50 7.02 22.57
N VAL I 881 -14.37 7.90 22.06
CA VAL I 881 -14.75 7.86 20.65
C VAL I 881 -13.90 8.78 19.78
N ASP I 882 -13.36 9.87 20.32
CA ASP I 882 -12.55 10.80 19.55
C ASP I 882 -11.18 10.88 20.21
N VAL I 883 -10.29 9.97 19.81
CA VAL I 883 -8.94 9.90 20.37
C VAL I 883 -8.03 9.43 19.24
N GLY I 884 -6.74 9.25 19.55
CA GLY I 884 -5.76 8.75 18.61
C GLY I 884 -6.23 7.57 17.80
N ALA I 885 -5.75 7.47 16.55
CA ALA I 885 -6.29 6.52 15.58
C ALA I 885 -6.08 5.07 16.02
N LEU I 886 -7.15 4.42 16.44
CA LEU I 886 -7.13 3.01 16.81
C LEU I 886 -8.56 2.50 16.82
N ASP I 887 -8.72 1.19 16.59
CA ASP I 887 -10.03 0.59 16.53
C ASP I 887 -10.02 -0.73 17.28
N TYR I 888 -11.18 -1.10 17.83
CA TYR I 888 -11.34 -2.32 18.62
C TYR I 888 -12.51 -3.11 18.06
N PHE I 889 -12.20 -4.07 17.19
CA PHE I 889 -13.21 -4.97 16.67
C PHE I 889 -13.51 -6.08 17.68
N TYR I 890 -14.64 -6.75 17.48
CA TYR I 890 -15.06 -7.85 18.32
C TYR I 890 -15.11 -9.14 17.51
N ASP I 891 -14.70 -10.24 18.14
CA ASP I 891 -14.63 -11.54 17.49
C ASP I 891 -15.53 -12.50 18.27
N ARG I 892 -16.70 -12.81 17.71
CA ARG I 892 -17.60 -13.76 18.33
C ARG I 892 -17.13 -15.20 18.17
N LEU I 893 -16.27 -15.47 17.19
CA LEU I 893 -15.74 -16.83 17.02
C LEU I 893 -14.88 -17.26 18.19
N ASN I 894 -14.12 -16.34 18.79
CA ASN I 894 -13.28 -16.67 19.94
C ASN I 894 -13.66 -15.94 21.21
N ASP I 895 -14.70 -15.11 21.20
CA ASP I 895 -15.15 -14.35 22.36
C ASP I 895 -14.01 -13.52 22.95
N VAL I 896 -13.33 -12.79 22.06
CA VAL I 896 -12.21 -11.95 22.46
C VAL I 896 -12.30 -10.63 21.70
N VAL I 897 -11.83 -9.56 22.33
CA VAL I 897 -11.78 -8.26 21.69
C VAL I 897 -10.42 -8.07 21.06
N ILE I 898 -10.41 -7.68 19.78
CA ILE I 898 -9.20 -7.51 19.01
C ILE I 898 -9.03 -6.04 18.68
N GLU I 899 -7.81 -5.52 18.84
CA GLU I 899 -7.49 -4.14 18.53
C GLU I 899 -6.73 -4.10 17.21
N LYS I 900 -7.13 -3.20 16.32
CA LYS I 900 -6.51 -3.04 15.01
C LYS I 900 -6.39 -1.56 14.72
N PRO I 901 -5.40 -1.17 13.93
CA PRO I 901 -5.28 0.24 13.55
C PRO I 901 -6.52 0.72 12.81
N LEU I 902 -6.90 1.97 13.08
CA LEU I 902 -8.09 2.53 12.44
C LEU I 902 -7.84 2.71 10.95
N GLU I 903 -8.77 2.21 10.14
CA GLU I 903 -8.65 2.24 8.69
C GLU I 903 -9.63 3.25 8.13
N MET I 904 -9.10 4.37 7.62
CA MET I 904 -9.92 5.38 6.98
C MET I 904 -9.87 5.19 5.47
N ARG I 905 -11.04 5.08 4.86
CA ARG I 905 -11.15 4.76 3.44
C ARG I 905 -11.88 5.89 2.71
N LEU I 906 -11.36 6.24 1.54
CA LEU I 906 -11.95 7.26 0.69
C LEU I 906 -12.13 6.67 -0.70
N GLU I 907 -13.19 7.08 -1.40
CA GLU I 907 -13.53 6.48 -2.68
C GLU I 907 -14.52 7.37 -3.42
N ARG I 908 -14.42 7.41 -4.74
CA ARG I 908 -15.42 8.05 -5.60
C ARG I 908 -15.49 7.26 -6.90
N THR I 909 -16.68 6.77 -7.23
CA THR I 909 -16.83 5.86 -8.36
C THR I 909 -17.29 6.61 -9.60
N GLY I 910 -16.69 6.26 -10.74
CA GLY I 910 -17.16 6.76 -12.02
C GLY I 910 -16.88 8.22 -12.30
N ILE I 911 -15.62 8.65 -12.22
CA ILE I 911 -15.27 10.00 -12.63
C ILE I 911 -15.17 10.02 -14.14
N ASP I 912 -16.13 10.69 -14.80
CA ASP I 912 -16.21 10.70 -16.25
C ASP I 912 -15.42 11.84 -16.89
N PHE I 913 -14.91 12.78 -16.09
CA PHE I 913 -14.19 13.95 -16.60
C PHE I 913 -15.02 14.70 -17.64
N ASP I 914 -16.34 14.78 -17.42
CA ASP I 914 -17.24 15.39 -18.38
C ASP I 914 -17.06 16.91 -18.49
N ASN I 915 -16.40 17.53 -17.52
CA ASN I 915 -16.20 18.98 -17.53
C ASN I 915 -15.06 19.42 -18.44
N VAL I 916 -14.26 18.49 -18.96
CA VAL I 916 -13.15 18.83 -19.83
C VAL I 916 -13.33 18.16 -21.19
N THR I 917 -13.75 16.90 -21.18
CA THR I 917 -13.94 16.13 -22.41
C THR I 917 -15.29 15.40 -22.34
N ASN I 918 -15.65 14.76 -23.45
CA ASN I 918 -16.89 13.99 -23.49
C ASN I 918 -16.72 12.70 -22.69
N GLU I 919 -17.87 12.08 -22.39
CA GLU I 919 -17.90 10.94 -21.47
C GLU I 919 -17.23 9.71 -22.06
N TRP I 920 -17.53 9.39 -23.31
CA TRP I 920 -17.24 8.06 -23.84
C TRP I 920 -15.78 7.88 -24.25
N ASN I 921 -15.00 8.96 -24.36
CA ASN I 921 -13.64 8.82 -24.86
C ASN I 921 -12.73 8.20 -23.81
N GLN I 922 -11.70 7.50 -24.27
CA GLN I 922 -10.70 6.95 -23.36
C GLN I 922 -9.75 8.05 -22.92
N LYS I 923 -9.33 7.99 -21.65
CA LYS I 923 -8.50 9.04 -21.06
C LYS I 923 -7.28 8.40 -20.41
N HIS I 924 -6.14 8.49 -21.10
CA HIS I 924 -4.89 7.99 -20.55
C HIS I 924 -4.56 8.68 -19.24
N ILE I 925 -4.64 7.94 -18.15
CA ILE I 925 -4.32 8.45 -16.81
C ILE I 925 -2.84 8.19 -16.54
N ASN I 926 -2.13 9.22 -16.09
CA ASN I 926 -0.71 9.08 -15.78
C ASN I 926 -0.42 9.33 -14.31
N ARG I 927 -0.84 10.47 -13.75
CA ARG I 927 -0.44 10.85 -12.40
C ARG I 927 -1.62 11.47 -11.67
N PHE I 928 -1.64 11.26 -10.35
CA PHE I 928 -2.48 11.99 -9.42
C PHE I 928 -1.57 12.88 -8.59
N ARG I 929 -1.85 14.18 -8.56
CA ARG I 929 -0.95 15.09 -7.86
C ARG I 929 -1.67 15.74 -6.68
N PRO I 930 -1.64 15.12 -5.50
CA PRO I 930 -2.30 15.71 -4.34
C PRO I 930 -1.48 16.83 -3.71
N GLN I 931 -2.16 17.60 -2.86
CA GLN I 931 -1.52 18.64 -2.05
C GLN I 931 -1.83 18.30 -0.59
N THR I 932 -0.98 17.48 0.01
CA THR I 932 -1.25 16.94 1.34
C THR I 932 -0.74 17.89 2.42
N THR I 933 -1.13 17.61 3.66
CA THR I 933 -0.74 18.41 4.80
C THR I 933 -0.43 17.49 5.97
N GLY I 934 0.70 17.77 6.64
CA GLY I 934 1.10 16.97 7.78
C GLY I 934 1.94 15.77 7.39
N SER I 935 2.04 14.83 8.32
CA SER I 935 2.83 13.62 8.15
C SER I 935 1.94 12.40 8.22
N GLY I 936 2.18 11.44 7.34
CA GLY I 936 1.39 10.22 7.32
C GLY I 936 1.80 9.32 6.16
N THR I 937 1.02 8.25 6.00
CA THR I 937 1.30 7.27 4.94
C THR I 937 -0.05 6.85 4.35
N TYR I 938 -0.42 7.49 3.24
CA TYR I 938 -1.65 7.14 2.55
C TYR I 938 -1.43 5.98 1.59
N ILE I 939 -2.51 5.26 1.31
CA ILE I 939 -2.52 4.17 0.34
C ILE I 939 -3.52 4.55 -0.74
N PHE I 940 -3.03 4.65 -1.98
CA PHE I 940 -3.88 5.05 -3.10
C PHE I 940 -4.14 3.85 -4.01
N GLU I 941 -5.40 3.70 -4.41
CA GLU I 941 -5.82 2.67 -5.34
C GLU I 941 -6.47 3.32 -6.55
N ALA I 942 -6.51 2.58 -7.66
CA ALA I 942 -7.08 3.10 -8.89
C ALA I 942 -7.75 1.97 -9.67
N GLY I 943 -8.76 2.33 -10.44
CA GLY I 943 -9.48 1.35 -11.23
C GLY I 943 -10.48 2.04 -12.13
N GLY I 944 -11.22 1.23 -12.88
CA GLY I 944 -12.25 1.76 -13.75
C GLY I 944 -13.05 0.67 -14.41
N SER I 945 -14.07 1.11 -15.15
CA SER I 945 -14.94 0.20 -15.89
C SER I 945 -15.23 0.79 -17.26
N GLN I 946 -15.50 -0.09 -18.22
CA GLN I 946 -15.79 0.37 -19.58
C GLN I 946 -17.18 0.98 -19.70
N PHE I 947 -18.10 0.63 -18.80
CA PHE I 947 -19.45 1.18 -18.79
C PHE I 947 -19.67 2.00 -17.54
N SER I 948 -20.62 2.94 -17.62
CA SER I 948 -20.79 3.93 -16.56
C SER I 948 -21.51 3.38 -15.33
N ASN I 949 -22.08 2.19 -15.41
CA ASN I 949 -22.90 1.67 -14.31
C ASN I 949 -22.13 0.78 -13.34
N GLU I 950 -21.20 -0.04 -13.83
CA GLU I 950 -20.53 -0.99 -12.95
C GLU I 950 -19.50 -0.28 -12.08
N TYR I 951 -19.22 -0.87 -10.92
CA TYR I 951 -18.07 -0.47 -10.11
C TYR I 951 -16.84 -1.20 -10.63
N GLY I 952 -15.86 -0.45 -11.13
CA GLY I 952 -14.75 -1.04 -11.84
C GLY I 952 -13.83 -1.86 -10.94
N HIS I 953 -12.96 -2.61 -11.59
CA HIS I 953 -11.92 -3.49 -11.07
C HIS I 953 -10.63 -2.72 -10.85
N PRO I 954 -10.05 -2.80 -9.66
CA PRO I 954 -8.80 -2.07 -9.39
C PRO I 954 -7.67 -2.52 -10.31
N HIS I 955 -6.81 -1.57 -10.66
CA HIS I 955 -5.68 -1.84 -11.54
C HIS I 955 -4.33 -1.78 -10.84
N THR I 956 -4.17 -0.89 -9.86
CA THR I 956 -2.89 -0.75 -9.17
C THR I 956 -3.12 -0.11 -7.82
N SER I 957 -2.10 -0.21 -6.96
CA SER I 957 -2.14 0.40 -5.64
C SER I 957 -0.74 0.88 -5.28
N LYS I 958 -0.68 1.96 -4.50
CA LYS I 958 0.59 2.54 -4.09
C LYS I 958 0.46 3.12 -2.69
N THR I 959 1.61 3.24 -2.02
CA THR I 959 1.67 3.92 -0.73
C THR I 959 2.29 5.30 -0.91
N TYR I 960 1.63 6.30 -0.33
CA TYR I 960 2.05 7.69 -0.47
C TYR I 960 2.65 8.16 0.85
N THR I 961 3.91 8.57 0.82
CA THR I 961 4.62 9.05 2.01
C THR I 961 4.93 10.53 1.80
N ILE I 962 4.43 11.38 2.70
CA ILE I 962 4.67 12.81 2.60
C ILE I 962 6.11 13.11 2.98
N GLY I 963 6.75 14.00 2.23
CA GLY I 963 8.15 14.33 2.42
C GLY I 963 9.11 13.52 1.60
N VAL I 964 8.67 12.38 1.05
CA VAL I 964 9.47 11.55 0.16
C VAL I 964 8.85 11.49 -1.22
N ASP I 965 7.54 11.28 -1.29
CA ASP I 965 6.79 11.28 -2.54
C ASP I 965 5.85 12.48 -2.54
N ARG I 966 5.83 13.21 -3.66
CA ARG I 966 4.94 14.34 -3.82
C ARG I 966 3.66 13.98 -4.55
N HIS I 967 3.65 12.88 -5.30
CA HIS I 967 2.48 12.42 -6.02
C HIS I 967 2.76 11.00 -6.52
N VAL I 968 1.74 10.39 -7.15
CA VAL I 968 1.72 8.96 -7.41
C VAL I 968 1.54 8.74 -8.91
N SER I 969 1.89 7.54 -9.38
CA SER I 969 1.71 7.17 -10.79
C SER I 969 0.65 6.08 -10.89
N VAL I 970 -0.33 6.29 -11.78
CA VAL I 970 -1.34 5.29 -12.10
C VAL I 970 -1.54 5.29 -13.61
N ARG I 971 -1.64 4.11 -14.20
CA ARG I 971 -1.81 3.95 -15.64
C ARG I 971 -3.21 3.41 -15.93
N LEU I 972 -4.08 4.28 -16.45
CA LEU I 972 -5.45 3.89 -16.78
C LEU I 972 -5.92 4.68 -17.99
N ASN I 973 -6.84 4.07 -18.75
CA ASN I 973 -7.56 4.80 -19.78
C ASN I 973 -9.01 4.40 -19.96
N HIS I 974 -9.68 3.83 -18.94
CA HIS I 974 -11.13 3.78 -18.95
C HIS I 974 -11.72 5.19 -18.90
N PRO I 975 -12.84 5.41 -19.57
CA PRO I 975 -13.53 6.71 -19.47
C PRO I 975 -14.09 6.99 -18.08
N TYR I 976 -14.29 5.97 -17.25
CA TYR I 976 -14.88 6.13 -15.93
C TYR I 976 -13.88 5.65 -14.88
N LEU I 977 -13.03 6.56 -14.42
CA LEU I 977 -11.99 6.22 -13.45
C LEU I 977 -12.48 6.42 -12.03
N PHE I 978 -12.04 5.54 -11.14
CA PHE I 978 -12.26 5.72 -9.71
C PHE I 978 -10.95 5.50 -8.98
N TYR I 979 -10.78 6.20 -7.86
CA TYR I 979 -9.59 6.06 -7.04
C TYR I 979 -10.00 5.87 -5.59
N ASN I 980 -9.19 5.11 -4.85
CA ASN I 980 -9.43 4.85 -3.45
C ASN I 980 -8.26 5.36 -2.62
N VAL I 981 -8.58 6.08 -1.55
CA VAL I 981 -7.58 6.58 -0.61
C VAL I 981 -7.81 5.90 0.73
N ILE I 982 -6.78 5.20 1.21
CA ILE I 982 -6.86 4.43 2.44
C ILE I 982 -5.74 4.86 3.37
N ASP I 983 -6.08 5.11 4.63
CA ASP I 983 -5.11 5.48 5.65
C ASP I 983 -5.32 4.53 6.84
N ASN I 984 -4.47 3.51 6.93
CA ASN I 984 -4.50 2.57 8.04
C ASN I 984 -3.36 2.76 9.02
N ASP I 985 -2.44 3.67 8.75
CA ASP I 985 -1.27 3.87 9.59
C ASP I 985 -1.65 4.51 10.93
N VAL I 986 -0.91 4.14 11.97
CA VAL I 986 -1.28 4.51 13.33
C VAL I 986 -0.83 5.92 13.68
N ASN I 987 0.45 6.21 13.50
CA ASN I 987 1.01 7.48 13.93
C ASN I 987 0.88 8.58 12.88
N SER I 988 -0.13 8.49 12.02
CA SER I 988 -0.36 9.45 10.95
C SER I 988 -1.45 10.44 11.34
N ASN I 989 -1.12 11.73 11.28
CA ASN I 989 -2.08 12.81 11.42
C ASN I 989 -2.17 13.61 10.14
N ALA I 990 -1.91 12.95 9.01
CA ALA I 990 -1.84 13.63 7.72
C ALA I 990 -3.20 14.10 7.26
N ALA I 991 -3.19 15.01 6.30
CA ALA I 991 -4.42 15.55 5.71
C ALA I 991 -4.13 15.93 4.26
N ILE I 992 -5.21 15.99 3.47
CA ILE I 992 -5.11 16.28 2.04
C ILE I 992 -5.98 17.50 1.76
N ASN I 993 -5.39 18.49 1.07
CA ASN I 993 -6.15 19.69 0.72
C ASN I 993 -6.83 19.55 -0.63
N GLY I 994 -6.18 18.90 -1.59
CA GLY I 994 -6.76 18.74 -2.91
C GLY I 994 -5.85 17.88 -3.77
N LEU I 995 -6.38 17.49 -4.93
CA LEU I 995 -5.67 16.64 -5.86
C LEU I 995 -5.53 17.33 -7.22
N THR I 996 -4.71 16.73 -8.08
CA THR I 996 -4.53 17.20 -9.45
C THR I 996 -4.26 16.02 -10.37
N ILE I 997 -5.25 15.62 -11.15
CA ILE I 997 -5.15 14.41 -11.97
C ILE I 997 -4.50 14.77 -13.30
N GLU I 998 -3.30 14.23 -13.52
CA GLU I 998 -2.64 14.36 -14.82
C GLU I 998 -3.13 13.25 -15.73
N PHE I 999 -3.70 13.62 -16.86
CA PHE I 999 -4.35 12.65 -17.73
C PHE I 999 -4.34 13.16 -19.17
N ALA I 1000 -4.58 12.24 -20.10
CA ALA I 1000 -4.59 12.56 -21.52
C ALA I 1000 -5.91 12.13 -22.15
N VAL I 1001 -6.00 12.19 -23.49
CA VAL I 1001 -7.23 11.86 -24.20
C VAL I 1001 -6.90 10.80 -25.25
N GLY I 1002 -7.68 9.72 -25.27
CA GLY I 1002 -7.51 8.67 -26.26
C GLY I 1002 -8.57 8.74 -27.35
N GLY I 1003 -9.51 7.80 -27.33
CA GLY I 1003 -10.57 7.79 -28.32
C GLY I 1003 -11.83 7.07 -27.86
N ARG I 1004 -12.71 6.74 -28.80
CA ARG I 1004 -13.99 6.13 -28.47
C ARG I 1004 -14.49 5.35 -29.67
N ARG I 1005 -15.50 4.51 -29.43
CA ARG I 1005 -16.18 3.80 -30.51
C ARG I 1005 -17.68 3.77 -30.26
N LYS J 5 63.39 -67.23 -96.33
CA LYS J 5 64.66 -66.57 -96.11
C LYS J 5 64.93 -66.36 -94.63
N TYR J 6 64.44 -65.23 -94.10
CA TYR J 6 64.63 -64.93 -92.68
C TYR J 6 63.84 -65.91 -91.82
N SER J 7 64.45 -66.29 -90.69
CA SER J 7 63.80 -67.24 -89.79
C SER J 7 62.54 -66.64 -89.19
N GLU J 8 61.54 -67.50 -88.97
CA GLU J 8 60.28 -67.04 -88.41
C GLU J 8 60.45 -66.51 -86.99
N GLU J 9 61.43 -67.05 -86.26
CA GLU J 9 61.73 -66.54 -84.93
C GLU J 9 62.20 -65.10 -85.00
N VAL J 10 63.02 -64.79 -86.01
CA VAL J 10 63.45 -63.40 -86.24
C VAL J 10 62.25 -62.52 -86.55
N LEU J 11 61.34 -63.01 -87.40
CA LEU J 11 60.14 -62.25 -87.70
C LEU J 11 59.26 -62.05 -86.47
N ASP J 12 59.18 -63.06 -85.60
CA ASP J 12 58.40 -62.92 -84.38
C ASP J 12 58.93 -61.78 -83.51
N GLU J 13 60.25 -61.67 -83.40
CA GLU J 13 60.83 -60.52 -82.72
C GLU J 13 60.57 -59.23 -83.47
N LEU J 14 60.50 -59.32 -84.81
CA LEU J 14 60.24 -58.13 -85.62
C LEU J 14 58.84 -57.59 -85.36
N ARG J 15 57.87 -58.49 -85.15
CA ARG J 15 56.50 -58.04 -84.89
C ARG J 15 56.39 -57.32 -83.56
N VAL J 16 56.96 -57.89 -82.49
CA VAL J 16 56.75 -57.35 -81.15
C VAL J 16 57.41 -55.98 -81.01
N ASP J 17 58.61 -55.82 -81.57
CA ASP J 17 59.30 -54.54 -81.44
C ASP J 17 58.68 -53.47 -82.32
N LEU J 18 58.24 -53.85 -83.52
CA LEU J 18 57.63 -52.88 -84.43
C LEU J 18 56.25 -52.45 -83.92
N GLN J 19 55.44 -53.41 -83.46
CA GLN J 19 54.11 -53.07 -82.97
C GLN J 19 54.20 -52.17 -81.75
N ARG J 20 55.10 -52.49 -80.81
CA ARG J 20 55.32 -51.60 -79.68
C ARG J 20 55.84 -50.24 -80.13
N ARG J 21 56.70 -50.24 -81.15
CA ARG J 21 57.13 -48.98 -81.76
C ARG J 21 55.95 -48.20 -82.33
N PHE J 22 55.02 -48.89 -82.98
CA PHE J 22 53.86 -48.23 -83.55
C PHE J 22 52.95 -47.66 -82.47
N ASN J 23 52.79 -48.40 -81.36
CA ASN J 23 51.90 -47.94 -80.29
C ASN J 23 52.40 -46.63 -79.69
N TYR J 24 53.70 -46.54 -79.42
CA TYR J 24 54.26 -45.30 -78.91
C TYR J 24 54.17 -44.18 -79.95
N ALA J 25 54.41 -44.52 -81.22
CA ALA J 25 54.32 -43.52 -82.28
C ALA J 25 52.89 -42.99 -82.42
N GLN J 26 51.91 -43.90 -82.37
CA GLN J 26 50.53 -43.48 -82.52
C GLN J 26 50.08 -42.59 -81.37
N GLY J 27 50.36 -43.01 -80.13
CA GLY J 27 49.97 -42.21 -78.99
C GLY J 27 50.62 -40.84 -78.98
N TYR J 28 51.88 -40.77 -79.43
CA TYR J 28 52.56 -39.49 -79.54
C TYR J 28 51.89 -38.58 -80.57
N VAL J 29 51.69 -39.07 -81.78
CA VAL J 29 51.26 -38.21 -82.87
C VAL J 29 49.84 -37.71 -82.63
N ASP J 30 48.99 -38.56 -82.05
CA ASP J 30 47.62 -38.17 -81.75
C ASP J 30 47.58 -36.94 -80.84
N MET J 31 48.33 -36.97 -79.74
CA MET J 31 48.36 -35.83 -78.83
C MET J 31 49.20 -34.70 -79.41
N ALA J 32 50.14 -35.02 -80.29
CA ALA J 32 51.04 -33.99 -80.83
C ALA J 32 50.35 -33.13 -81.87
N VAL J 33 49.81 -33.75 -82.92
CA VAL J 33 49.30 -32.99 -84.06
C VAL J 33 47.83 -33.32 -84.31
N LYS J 34 47.49 -34.61 -84.32
CA LYS J 34 46.13 -35.02 -84.65
C LYS J 34 45.11 -34.40 -83.71
N GLY J 35 45.48 -34.16 -82.45
CA GLY J 35 44.58 -33.47 -81.55
C GLY J 35 44.33 -32.02 -81.92
N TYR J 36 45.26 -31.40 -82.67
CA TYR J 36 45.11 -30.05 -83.17
C TYR J 36 44.78 -30.02 -84.66
N ALA J 37 45.32 -30.97 -85.43
CA ALA J 37 45.05 -31.01 -86.87
C ALA J 37 43.59 -31.27 -87.15
N ARG J 38 42.94 -32.11 -86.34
CA ARG J 38 41.52 -32.39 -86.52
C ARG J 38 40.69 -31.12 -86.41
N GLU J 39 40.99 -30.31 -85.39
CA GLU J 39 40.19 -29.10 -85.15
C GLU J 39 40.46 -28.03 -86.20
N ALA J 40 41.50 -28.21 -87.01
CA ALA J 40 41.84 -27.18 -87.99
C ALA J 40 40.77 -27.04 -89.06
N TRP J 41 40.21 -28.17 -89.53
CA TRP J 41 39.36 -28.13 -90.72
C TRP J 41 38.04 -27.42 -90.45
N GLU J 42 37.45 -27.64 -89.28
CA GLU J 42 36.11 -27.09 -89.05
C GLU J 42 36.17 -25.59 -88.73
N TYR J 43 37.28 -25.10 -88.18
CA TYR J 43 37.54 -23.67 -88.31
C TYR J 43 37.77 -23.26 -89.76
N PHE J 44 38.53 -24.08 -90.50
CA PHE J 44 38.67 -23.85 -91.93
C PHE J 44 37.32 -23.95 -92.64
N TYR J 45 36.38 -24.70 -92.06
CA TYR J 45 35.02 -24.80 -92.59
C TYR J 45 34.02 -23.96 -91.82
N GLY J 46 34.47 -23.24 -90.79
CA GLY J 46 33.58 -22.37 -90.03
C GLY J 46 32.52 -23.08 -89.24
N ASN J 47 32.83 -24.22 -88.64
CA ASN J 47 31.83 -24.99 -87.92
C ASN J 47 32.10 -25.08 -86.41
N LEU J 48 33.35 -25.11 -85.98
CA LEU J 48 33.65 -25.29 -84.56
C LEU J 48 33.11 -24.19 -83.67
N PRO J 49 33.18 -22.90 -84.04
CA PRO J 49 32.69 -21.86 -83.13
C PRO J 49 31.27 -22.17 -82.67
N ALA J 50 31.07 -22.10 -81.37
CA ALA J 50 29.93 -22.74 -80.74
C ALA J 50 28.63 -21.99 -81.04
N PRO J 51 27.64 -22.64 -81.65
CA PRO J 51 26.29 -22.07 -81.70
C PRO J 51 25.60 -22.26 -80.34
N VAL J 52 25.99 -21.40 -79.41
CA VAL J 52 25.62 -21.59 -78.00
C VAL J 52 24.11 -21.50 -77.82
N THR J 53 23.48 -20.52 -78.47
CA THR J 53 22.05 -20.29 -78.30
C THR J 53 21.48 -19.83 -79.63
N ALA J 54 20.19 -20.12 -79.84
CA ALA J 54 19.50 -19.67 -81.05
C ALA J 54 19.44 -18.15 -81.10
N GLY J 55 19.18 -17.51 -79.96
CA GLY J 55 19.12 -16.07 -79.90
C GLY J 55 20.47 -15.38 -79.83
N SER J 56 21.56 -16.14 -79.80
CA SER J 56 22.90 -15.56 -79.74
C SER J 56 23.45 -15.18 -81.10
N SER J 57 22.70 -15.41 -82.19
CA SER J 57 23.13 -15.06 -83.55
C SER J 57 24.46 -15.73 -83.88
N SER J 58 24.41 -17.05 -84.03
CA SER J 58 25.62 -17.85 -84.16
C SER J 58 26.27 -17.67 -85.53
N TRP J 59 26.79 -16.49 -85.80
CA TRP J 59 27.56 -16.22 -87.00
C TRP J 59 29.01 -16.63 -86.78
N VAL J 60 29.70 -16.99 -87.86
CA VAL J 60 31.06 -17.50 -87.78
C VAL J 60 31.92 -16.77 -88.80
N ASP J 61 33.13 -16.41 -88.38
CA ASP J 61 34.10 -15.77 -89.25
C ASP J 61 34.97 -16.83 -89.92
N ARG J 62 35.46 -16.50 -91.11
CA ARG J 62 36.24 -17.45 -91.92
C ARG J 62 37.57 -16.83 -92.31
N THR J 63 38.28 -16.25 -91.33
CA THR J 63 39.60 -15.70 -91.59
C THR J 63 40.58 -16.79 -92.01
N VAL J 64 40.44 -17.97 -91.42
CA VAL J 64 41.31 -19.11 -91.74
C VAL J 64 41.13 -19.48 -93.21
N TRP J 65 39.87 -19.53 -93.67
CA TRP J 65 39.62 -19.89 -95.06
C TRP J 65 40.21 -18.85 -96.01
N GLU J 66 40.03 -17.57 -95.69
CA GLU J 66 40.55 -16.51 -96.56
C GLU J 66 42.07 -16.53 -96.59
N SER J 67 42.70 -16.77 -95.45
CA SER J 67 44.17 -16.78 -95.38
C SER J 67 44.76 -17.89 -96.23
N VAL J 68 44.17 -19.09 -96.16
CA VAL J 68 44.68 -20.22 -96.92
C VAL J 68 44.52 -19.97 -98.42
N ASN J 69 43.35 -19.47 -98.84
CA ASN J 69 43.12 -19.21 -100.25
C ASN J 69 44.03 -18.10 -100.77
N GLY J 70 44.27 -17.07 -99.96
CA GLY J 70 45.17 -16.01 -100.38
C GLY J 70 46.59 -16.51 -100.61
N THR J 71 47.07 -17.37 -99.71
CA THR J 71 48.38 -17.98 -99.91
C THR J 71 48.39 -18.88 -101.14
N LEU J 72 47.33 -19.66 -101.33
CA LEU J 72 47.26 -20.58 -102.46
C LEU J 72 47.18 -19.84 -103.79
N GLN J 73 46.58 -18.64 -103.80
CA GLN J 73 46.46 -17.86 -105.02
C GLN J 73 47.85 -17.50 -105.55
N ASP J 74 48.86 -17.58 -104.71
CA ASP J 74 50.23 -17.25 -105.07
C ASP J 74 51.10 -18.49 -105.26
N ILE J 75 50.88 -19.52 -104.45
CA ILE J 75 51.73 -20.71 -104.50
C ILE J 75 51.62 -21.39 -105.85
N ILE J 76 50.38 -21.65 -106.29
CA ILE J 76 50.17 -22.23 -107.62
C ILE J 76 50.58 -21.24 -108.70
N ASN J 77 50.41 -19.94 -108.43
CA ASN J 77 50.81 -18.91 -109.40
C ASN J 77 52.32 -18.84 -109.61
N VAL J 78 53.10 -19.53 -108.77
CA VAL J 78 54.56 -19.50 -108.90
C VAL J 78 55.08 -20.86 -109.33
N PHE J 79 54.66 -21.92 -108.64
CA PHE J 79 55.24 -23.23 -108.89
C PHE J 79 54.53 -23.96 -110.02
N CYS J 80 53.21 -24.06 -109.93
CA CYS J 80 52.42 -24.79 -110.92
C CYS J 80 51.79 -23.86 -111.94
N SER J 81 52.47 -22.77 -112.29
CA SER J 81 51.98 -21.81 -113.27
C SER J 81 52.74 -21.86 -114.58
N GLY J 82 54.01 -22.24 -114.55
CA GLY J 82 54.84 -22.29 -115.74
C GLY J 82 54.50 -23.47 -116.64
N ASP J 83 55.14 -23.47 -117.82
CA ASP J 83 54.93 -24.56 -118.76
C ASP J 83 55.42 -25.89 -118.20
N GLU J 84 56.55 -25.89 -117.50
CA GLU J 84 57.06 -27.08 -116.84
C GLU J 84 57.19 -26.78 -115.35
N ALA J 85 57.76 -27.72 -114.61
CA ALA J 85 57.95 -27.57 -113.18
C ALA J 85 59.40 -27.27 -112.80
N VAL J 86 60.33 -28.09 -113.26
CA VAL J 86 61.74 -27.94 -112.92
C VAL J 86 62.58 -28.10 -114.19
N THR J 87 63.78 -27.52 -114.15
CA THR J 87 64.72 -27.64 -115.26
C THR J 87 66.09 -27.96 -114.68
N PHE J 88 66.53 -29.21 -114.81
CA PHE J 88 67.84 -29.59 -114.32
C PHE J 88 68.93 -28.90 -115.13
N VAL J 89 69.92 -28.38 -114.41
CA VAL J 89 71.09 -27.75 -115.02
C VAL J 89 72.34 -28.35 -114.38
N ALA J 90 73.35 -28.60 -115.22
CA ALA J 90 74.59 -29.18 -114.76
C ALA J 90 75.65 -28.08 -114.65
N ASP J 91 76.78 -28.42 -114.04
CA ASP J 91 77.90 -27.50 -113.92
C ASP J 91 78.86 -27.58 -115.10
N ASN J 92 78.75 -28.61 -115.93
CA ASN J 92 79.56 -28.73 -117.14
C ASN J 92 78.64 -29.15 -118.28
N GLN J 93 79.12 -28.94 -119.50
CA GLN J 93 78.34 -29.32 -120.67
C GLN J 93 78.36 -30.81 -120.98
N GLN J 94 79.53 -31.45 -120.89
CA GLN J 94 79.67 -32.82 -121.35
C GLN J 94 78.80 -33.80 -120.55
N ASP J 95 78.31 -33.38 -119.39
CA ASP J 95 77.23 -34.10 -118.72
C ASP J 95 75.88 -33.40 -118.82
N SER J 96 75.79 -32.25 -119.51
CA SER J 96 74.50 -31.58 -119.69
C SER J 96 73.61 -32.32 -120.67
N ASP J 97 74.17 -33.31 -121.38
CA ASP J 97 73.36 -34.20 -122.19
C ASP J 97 72.43 -35.06 -121.35
N ALA J 98 72.65 -35.12 -120.04
CA ALA J 98 71.80 -35.84 -119.11
C ALA J 98 70.80 -34.94 -118.41
N ALA J 99 71.15 -33.66 -118.23
CA ALA J 99 70.27 -32.73 -117.53
C ALA J 99 68.97 -32.49 -118.30
N ASP J 100 69.08 -32.25 -119.61
CA ASP J 100 67.89 -32.05 -120.43
C ASP J 100 67.04 -33.31 -120.47
N VAL J 101 67.70 -34.47 -120.57
CA VAL J 101 66.97 -35.74 -120.61
C VAL J 101 66.21 -35.94 -119.30
N ALA J 102 66.86 -35.69 -118.17
CA ALA J 102 66.19 -35.81 -116.88
C ALA J 102 65.06 -34.79 -116.75
N THR J 103 65.28 -33.57 -117.25
CA THR J 103 64.26 -32.53 -117.17
C THR J 103 63.00 -32.94 -117.94
N LYS J 104 63.18 -33.45 -119.16
CA LYS J 104 62.04 -33.90 -119.94
C LYS J 104 61.39 -35.13 -119.32
N LEU J 105 62.20 -36.01 -118.72
CA LEU J 105 61.67 -37.24 -118.15
C LEU J 105 60.73 -36.94 -116.97
N VAL J 106 61.18 -36.11 -116.03
CA VAL J 106 60.37 -35.83 -114.85
C VAL J 106 59.13 -35.01 -115.24
N ASN J 107 59.27 -34.07 -116.18
CA ASN J 107 58.12 -33.30 -116.63
C ASN J 107 57.11 -34.21 -117.33
N GLN J 108 57.59 -35.18 -118.10
CA GLN J 108 56.71 -36.17 -118.69
C GLN J 108 56.01 -36.99 -117.61
N ILE J 109 56.74 -37.34 -116.55
CA ILE J 109 56.21 -38.16 -115.47
C ILE J 109 55.26 -37.33 -114.59
N LEU J 110 55.77 -36.20 -114.08
CA LEU J 110 55.00 -35.43 -113.10
C LEU J 110 53.74 -34.82 -113.69
N LEU J 111 53.81 -34.32 -114.93
CA LEU J 111 52.69 -33.61 -115.53
C LEU J 111 52.04 -34.39 -116.67
N ARG J 112 52.81 -34.80 -117.68
CA ARG J 112 52.24 -35.49 -118.82
C ARG J 112 51.74 -36.90 -118.49
N ASP J 113 52.13 -37.45 -117.34
CA ASP J 113 51.71 -38.79 -116.97
C ASP J 113 50.88 -38.76 -115.69
N ASN J 114 51.36 -38.07 -114.68
CA ASN J 114 50.72 -37.98 -113.38
C ASN J 114 49.94 -36.69 -113.25
N PRO J 115 48.92 -36.66 -112.37
CA PRO J 115 48.19 -35.42 -112.13
C PRO J 115 48.94 -34.49 -111.19
N GLY J 116 50.03 -33.91 -111.67
CA GLY J 116 50.87 -33.04 -110.86
C GLY J 116 50.14 -31.83 -110.32
N TYR J 117 49.22 -31.27 -111.12
CA TYR J 117 48.45 -30.13 -110.68
C TYR J 117 47.61 -30.47 -109.45
N ASN J 118 46.97 -31.65 -109.47
CA ASN J 118 46.19 -32.09 -108.33
C ASN J 118 47.08 -32.32 -107.11
N ILE J 119 48.24 -32.94 -107.30
CA ILE J 119 49.11 -33.30 -106.17
C ILE J 119 49.60 -32.04 -105.46
N ILE J 120 50.11 -31.08 -106.23
CA ILE J 120 50.64 -29.86 -105.64
C ILE J 120 49.53 -29.07 -104.95
N SER J 121 48.39 -28.93 -105.61
CA SER J 121 47.27 -28.20 -105.02
C SER J 121 46.73 -28.87 -103.77
N SER J 122 46.61 -30.19 -103.77
CA SER J 122 46.17 -30.91 -102.59
C SER J 122 47.20 -30.85 -101.48
N ALA J 123 48.48 -30.96 -101.81
CA ALA J 123 49.53 -30.86 -100.81
C ALA J 123 49.68 -29.45 -100.28
N ALA J 124 49.05 -28.46 -100.93
CA ALA J 124 49.10 -27.08 -100.46
C ALA J 124 47.93 -26.76 -99.55
N GLN J 125 46.70 -26.98 -100.04
CA GLN J 125 45.51 -26.66 -99.26
C GLN J 125 45.38 -27.51 -98.01
N GLU J 126 45.99 -28.70 -97.99
CA GLU J 126 45.91 -29.61 -96.85
C GLU J 126 47.22 -29.64 -96.05
N CYS J 127 48.00 -28.57 -96.12
CA CYS J 127 49.24 -28.48 -95.35
C CYS J 127 49.25 -27.27 -94.43
N LEU J 128 48.66 -26.16 -94.86
CA LEU J 128 48.60 -24.96 -94.02
C LEU J 128 47.71 -25.14 -92.80
N VAL J 129 46.90 -26.21 -92.76
CA VAL J 129 46.04 -26.51 -91.63
C VAL J 129 46.49 -27.76 -90.89
N THR J 130 47.04 -28.75 -91.60
CA THR J 130 47.47 -30.00 -90.99
C THR J 130 48.86 -29.92 -90.37
N ARG J 131 49.54 -28.79 -90.49
CA ARG J 131 50.87 -28.49 -89.97
C ARG J 131 51.96 -29.19 -90.79
N ASN J 132 51.60 -30.07 -91.73
CA ASN J 132 52.54 -30.75 -92.62
C ASN J 132 51.73 -31.46 -93.70
N SER J 133 52.45 -31.93 -94.72
CA SER J 133 51.90 -32.78 -95.76
C SER J 133 53.02 -33.65 -96.31
N PHE J 134 52.65 -34.71 -97.03
CA PHE J 134 53.61 -35.71 -97.45
C PHE J 134 53.32 -36.15 -98.87
N ILE J 135 54.39 -36.53 -99.59
CA ILE J 135 54.30 -36.99 -100.97
C ILE J 135 55.08 -38.29 -101.09
N LYS J 136 54.52 -39.23 -101.85
CA LYS J 136 55.10 -40.55 -102.01
C LYS J 136 55.35 -40.83 -103.48
N TYR J 137 56.52 -41.37 -103.79
CA TYR J 137 56.82 -41.92 -105.10
C TYR J 137 57.22 -43.39 -104.95
N TYR J 138 56.86 -44.19 -105.94
CA TYR J 138 56.99 -45.63 -105.82
C TYR J 138 57.14 -46.22 -107.23
N TRP J 139 57.68 -47.43 -107.31
CA TRP J 139 57.87 -48.14 -108.58
C TRP J 139 56.62 -48.97 -108.84
N ASP J 140 55.87 -48.62 -109.88
CA ASP J 140 54.73 -49.43 -110.28
C ASP J 140 55.20 -50.74 -110.91
N GLU J 141 54.45 -51.81 -110.63
CA GLU J 141 54.69 -53.11 -111.25
C GLU J 141 53.39 -53.67 -111.80
N GLN J 142 52.54 -52.81 -112.37
CA GLN J 142 51.27 -53.27 -112.90
C GLN J 142 51.49 -54.21 -114.09
N THR J 143 50.60 -55.18 -114.21
CA THR J 143 50.69 -56.17 -115.27
C THR J 143 49.30 -56.72 -115.54
N SER J 144 49.15 -57.38 -116.69
CA SER J 144 47.88 -57.96 -117.09
C SER J 144 47.99 -59.47 -117.23
N VAL J 189 44.83 -65.16 -125.49
CA VAL J 189 45.65 -64.29 -126.33
C VAL J 189 46.92 -63.88 -125.59
N THR J 190 47.17 -64.55 -124.46
CA THR J 190 48.32 -64.36 -123.58
C THR J 190 48.73 -62.90 -123.46
N TYR J 191 47.76 -62.00 -123.32
CA TYR J 191 48.05 -60.58 -123.17
C TYR J 191 48.56 -60.29 -121.77
N GLU J 192 49.88 -60.35 -121.59
CA GLU J 192 50.52 -60.21 -120.28
C GLU J 192 51.50 -59.05 -120.29
N GLN J 193 51.09 -57.91 -120.83
CA GLN J 193 51.96 -56.73 -120.86
C GLN J 193 52.28 -56.28 -119.45
N THR J 194 53.56 -55.97 -119.22
CA THR J 194 54.04 -55.50 -117.93
C THR J 194 54.92 -54.27 -118.16
N VAL J 195 54.70 -53.23 -117.36
CA VAL J 195 55.43 -51.98 -117.46
C VAL J 195 55.90 -51.57 -116.07
N LYS J 196 56.74 -50.55 -116.02
CA LYS J 196 57.23 -50.01 -114.76
C LYS J 196 57.10 -48.50 -114.81
N ARG J 197 56.42 -47.94 -113.80
CA ARG J 197 56.17 -46.51 -113.73
C ARG J 197 56.55 -45.99 -112.35
N VAL J 198 56.86 -44.71 -112.29
CA VAL J 198 57.16 -44.04 -111.00
C VAL J 198 55.94 -43.21 -110.66
N LYS J 199 55.03 -43.81 -109.91
CA LYS J 199 53.78 -43.15 -109.54
C LYS J 199 54.05 -42.13 -108.43
N VAL J 200 53.37 -40.99 -108.51
CA VAL J 200 53.43 -39.98 -107.46
C VAL J 200 52.01 -39.63 -107.04
N GLU J 201 51.73 -39.80 -105.75
CA GLU J 201 50.40 -39.54 -105.22
C GLU J 201 50.53 -38.76 -103.93
N TYR J 202 49.60 -37.82 -103.73
CA TYR J 202 49.57 -37.04 -102.50
C TYR J 202 49.25 -37.94 -101.31
N VAL J 203 49.88 -37.63 -100.18
CA VAL J 203 49.68 -38.38 -98.94
C VAL J 203 49.19 -37.44 -97.85
N PRO J 204 47.99 -37.64 -97.32
CA PRO J 204 47.52 -36.80 -96.21
C PRO J 204 48.34 -37.03 -94.96
N SER J 205 48.36 -36.02 -94.10
CA SER J 205 49.12 -36.06 -92.86
C SER J 205 48.44 -36.88 -91.77
N GLU J 206 47.41 -37.65 -92.11
CA GLU J 206 46.69 -38.45 -91.13
C GLU J 206 47.06 -39.92 -91.15
N GLN J 207 47.55 -40.43 -92.29
CA GLN J 207 47.99 -41.81 -92.41
C GLN J 207 49.47 -41.97 -92.09
N ILE J 208 50.02 -41.11 -91.24
CA ILE J 208 51.45 -41.04 -90.98
C ILE J 208 51.71 -41.19 -89.49
N PHE J 209 52.71 -42.01 -89.16
CA PHE J 209 53.12 -42.19 -87.77
C PHE J 209 54.62 -42.06 -87.69
N VAL J 210 55.09 -41.10 -86.89
CA VAL J 210 56.52 -40.82 -86.77
C VAL J 210 56.89 -40.84 -85.29
N ASP J 211 58.15 -41.17 -85.00
CA ASP J 211 58.66 -41.17 -83.64
C ASP J 211 58.80 -39.75 -83.11
N GLU J 212 59.20 -39.64 -81.85
CA GLU J 212 59.19 -38.35 -81.16
C GLU J 212 60.54 -37.62 -81.21
N HIS J 213 61.65 -38.31 -80.92
CA HIS J 213 62.95 -37.66 -80.87
C HIS J 213 63.59 -37.48 -82.24
N ALA J 214 62.82 -37.57 -83.31
CA ALA J 214 63.32 -37.33 -84.66
C ALA J 214 62.84 -35.98 -85.16
N THR J 215 63.57 -35.45 -86.15
CA THR J 215 63.26 -34.13 -86.69
C THR J 215 63.13 -34.15 -88.21
N SER J 216 63.82 -35.08 -88.86
CA SER J 216 63.83 -35.15 -90.32
C SER J 216 63.71 -36.61 -90.75
N PHE J 217 63.55 -36.80 -92.06
CA PHE J 217 63.42 -38.15 -92.61
C PHE J 217 64.68 -38.97 -92.38
N ALA J 218 65.85 -38.35 -92.57
CA ALA J 218 67.11 -39.08 -92.48
C ALA J 218 67.37 -39.58 -91.07
N ASP J 219 67.25 -38.69 -90.08
CA ASP J 219 67.57 -39.06 -88.71
C ASP J 219 66.47 -39.90 -88.06
N ALA J 220 65.31 -40.00 -88.70
CA ALA J 220 64.22 -40.79 -88.13
C ALA J 220 64.60 -42.26 -88.07
N GLN J 221 64.22 -42.90 -86.96
CA GLN J 221 64.50 -44.31 -86.75
C GLN J 221 63.32 -45.23 -87.00
N TYR J 222 62.10 -44.73 -86.92
CA TYR J 222 60.90 -45.51 -87.20
C TYR J 222 59.93 -44.68 -88.01
N PHE J 223 59.10 -45.36 -88.79
CA PHE J 223 58.07 -44.69 -89.57
C PHE J 223 56.94 -45.65 -89.91
N CYS J 224 55.72 -45.14 -90.02
CA CYS J 224 54.59 -45.95 -90.43
C CYS J 224 53.73 -45.15 -91.41
N HIS J 225 53.02 -45.88 -92.28
CA HIS J 225 52.22 -45.23 -93.33
C HIS J 225 51.05 -46.16 -93.67
N ARG J 226 49.87 -45.84 -93.13
CA ARG J 226 48.67 -46.63 -93.33
C ARG J 226 48.09 -46.42 -94.72
N VAL J 227 47.95 -47.48 -95.51
CA VAL J 227 47.50 -47.38 -96.89
C VAL J 227 46.44 -48.43 -97.16
N ARG J 228 45.38 -48.01 -97.83
CA ARG J 228 44.38 -48.93 -98.37
C ARG J 228 44.92 -49.53 -99.66
N ARG J 229 45.08 -50.85 -99.68
CA ARG J 229 45.62 -51.55 -100.83
C ARG J 229 44.69 -52.68 -101.23
N SER J 230 44.64 -52.95 -102.52
CA SER J 230 43.82 -54.03 -103.06
C SER J 230 44.43 -55.38 -102.74
N LYS J 231 43.56 -56.38 -102.57
CA LYS J 231 44.03 -57.73 -102.30
C LYS J 231 44.78 -58.32 -103.49
N GLU J 232 44.56 -57.80 -104.70
CA GLU J 232 45.24 -58.33 -105.88
C GLU J 232 46.75 -58.18 -105.76
N ASP J 233 47.21 -57.05 -105.21
CA ASP J 233 48.64 -56.89 -104.94
C ASP J 233 49.12 -57.90 -103.90
N LEU J 234 48.30 -58.18 -102.89
CA LEU J 234 48.70 -59.11 -101.83
C LEU J 234 48.74 -60.55 -102.32
N VAL J 235 47.72 -60.96 -103.10
CA VAL J 235 47.64 -62.35 -103.54
C VAL J 235 48.77 -62.70 -104.48
N ALA J 236 49.30 -61.70 -105.20
CA ALA J 236 50.36 -61.95 -106.18
C ALA J 236 51.65 -62.43 -105.54
N MET J 237 51.87 -62.19 -104.26
CA MET J 237 53.12 -62.57 -103.62
C MET J 237 52.98 -63.20 -102.24
N GLY J 238 51.80 -63.23 -101.64
CA GLY J 238 51.68 -63.81 -100.32
C GLY J 238 50.27 -64.32 -100.07
N PHE J 239 50.20 -65.29 -99.14
CA PHE J 239 48.99 -65.94 -98.63
C PHE J 239 47.87 -66.05 -99.66
N PRO J 240 48.08 -66.80 -100.75
CA PRO J 240 47.03 -66.90 -101.78
C PRO J 240 45.83 -67.70 -101.31
N LYS J 241 45.99 -68.49 -100.26
CA LYS J 241 44.94 -69.41 -99.81
C LYS J 241 43.95 -68.78 -98.81
N ASP J 242 44.10 -67.55 -98.34
CA ASP J 242 43.17 -66.99 -97.37
C ASP J 242 43.09 -65.49 -97.57
N GLU J 243 41.89 -64.99 -97.89
CA GLU J 243 41.71 -63.58 -98.20
C GLU J 243 40.52 -63.00 -97.45
N ILE J 244 40.34 -63.36 -96.18
CA ILE J 244 39.18 -62.93 -95.41
C ILE J 244 39.67 -61.98 -94.32
N GLU J 245 40.76 -61.29 -94.59
CA GLU J 245 41.29 -60.32 -93.64
C GLU J 245 40.35 -59.12 -93.53
N ALA J 246 40.30 -58.54 -92.32
CA ALA J 246 39.44 -57.40 -92.06
C ALA J 246 40.23 -56.09 -92.11
N THR J 256 42.34 -46.50 -84.06
CA THR J 256 42.50 -46.14 -85.47
C THR J 256 41.36 -45.24 -85.94
N THR J 257 40.44 -44.94 -85.02
CA THR J 257 39.33 -44.05 -85.34
C THR J 257 39.83 -42.65 -85.71
N GLN J 258 40.87 -42.19 -85.01
CA GLN J 258 41.44 -40.87 -85.28
C GLN J 258 41.96 -40.78 -86.71
N SER J 259 42.59 -41.85 -87.20
CA SER J 259 43.08 -41.88 -88.57
C SER J 259 41.93 -41.74 -89.57
N THR J 260 40.71 -42.07 -89.17
CA THR J 260 39.54 -41.89 -90.02
C THR J 260 38.82 -40.58 -89.74
N VAL J 261 38.81 -40.15 -88.48
CA VAL J 261 38.03 -38.96 -88.09
C VAL J 261 38.55 -37.73 -88.80
N ALA J 262 39.87 -37.53 -88.80
CA ALA J 262 40.44 -36.32 -89.38
C ALA J 262 40.13 -36.22 -90.87
N TRP J 263 40.33 -37.31 -91.61
CA TRP J 263 39.95 -37.32 -93.01
C TRP J 263 38.43 -37.24 -93.19
N SER J 264 37.66 -37.87 -92.30
CA SER J 264 36.21 -37.73 -92.35
C SER J 264 35.75 -36.35 -91.90
N ARG J 265 36.66 -35.53 -91.36
CA ARG J 265 36.35 -34.15 -91.01
C ARG J 265 37.08 -33.18 -91.93
N THR J 266 37.74 -33.68 -92.98
CA THR J 266 38.14 -32.86 -94.10
C THR J 266 36.95 -32.48 -94.97
N ASP J 267 35.79 -33.06 -94.69
CA ASP J 267 34.53 -32.80 -95.37
C ASP J 267 33.42 -33.43 -94.53
N TRP J 268 32.19 -33.48 -95.05
CA TRP J 268 31.12 -34.10 -94.27
C TRP J 268 30.26 -35.07 -95.04
N ARG J 269 30.39 -35.18 -96.36
CA ARG J 269 29.66 -36.18 -97.14
C ARG J 269 30.50 -37.45 -97.38
N GLN J 270 31.72 -37.49 -96.85
CA GLN J 270 32.62 -38.61 -97.09
C GLN J 270 33.06 -39.20 -95.76
N ASP J 271 33.19 -40.53 -95.75
CA ASP J 271 33.75 -41.26 -94.62
C ASP J 271 34.56 -42.42 -95.15
N ILE J 272 35.82 -42.50 -94.72
CA ILE J 272 36.75 -43.46 -95.29
C ILE J 272 36.50 -44.86 -94.74
N ASP J 273 36.00 -44.97 -93.52
CA ASP J 273 35.78 -46.27 -92.89
C ASP J 273 34.39 -46.84 -93.19
N ALA J 274 33.57 -46.12 -93.96
CA ALA J 274 32.24 -46.61 -94.29
C ALA J 274 32.33 -47.77 -95.27
N ASP J 275 31.23 -48.53 -95.36
CA ASP J 275 31.15 -49.68 -96.26
C ASP J 275 30.79 -49.16 -97.65
N ILE J 276 31.75 -49.26 -98.57
CA ILE J 276 31.54 -48.84 -99.94
C ILE J 276 30.46 -49.67 -100.65
N GLY J 277 30.47 -50.98 -100.46
CA GLY J 277 29.49 -51.84 -101.08
C GLY J 277 30.08 -53.10 -101.67
N THR J 278 31.33 -53.01 -102.13
CA THR J 278 32.00 -54.17 -102.69
C THR J 278 32.31 -55.19 -101.59
N ASP J 279 32.15 -56.47 -101.91
CA ASP J 279 32.39 -57.52 -100.95
C ASP J 279 33.89 -57.70 -100.71
N THR J 280 34.21 -58.26 -99.55
CA THR J 280 35.61 -58.53 -99.20
C THR J 280 36.18 -59.73 -99.95
N GLU J 281 35.33 -60.61 -100.46
CA GLU J 281 35.80 -61.75 -101.23
C GLU J 281 36.35 -61.37 -102.58
N ASP J 282 35.97 -60.20 -103.11
CA ASP J 282 36.43 -59.78 -104.43
C ASP J 282 37.95 -59.68 -104.47
N ILE J 283 38.52 -60.14 -105.58
CA ILE J 283 39.97 -60.13 -105.76
C ILE J 283 40.55 -58.72 -105.76
N ALA J 284 39.78 -57.73 -106.19
CA ALA J 284 40.26 -56.35 -106.24
C ALA J 284 39.77 -55.51 -105.07
N SER J 285 39.24 -56.13 -104.02
CA SER J 285 38.77 -55.41 -102.85
C SER J 285 39.93 -54.73 -102.12
N MET J 286 39.68 -53.57 -101.55
CA MET J 286 40.71 -52.79 -100.87
C MET J 286 40.77 -53.15 -99.40
N VAL J 287 41.97 -53.01 -98.81
CA VAL J 287 42.18 -53.30 -97.40
C VAL J 287 43.38 -52.48 -96.94
N TRP J 288 43.32 -52.04 -95.69
CA TRP J 288 44.40 -51.26 -95.11
C TRP J 288 45.65 -52.13 -94.88
N VAL J 289 46.81 -51.51 -95.06
CA VAL J 289 48.08 -52.19 -94.82
C VAL J 289 48.91 -51.35 -93.86
N TYR J 290 50.02 -51.92 -93.37
CA TYR J 290 50.90 -51.24 -92.42
C TYR J 290 52.29 -51.13 -93.05
N GLU J 291 52.51 -50.05 -93.79
CA GLU J 291 53.84 -49.76 -94.32
C GLU J 291 54.76 -49.30 -93.19
N HIS J 292 56.02 -49.72 -93.26
CA HIS J 292 56.96 -49.46 -92.17
C HIS J 292 58.34 -49.16 -92.73
N TYR J 293 59.02 -48.20 -92.09
CA TYR J 293 60.41 -47.90 -92.37
C TYR J 293 61.13 -47.74 -91.03
N ILE J 294 61.87 -48.75 -90.62
CA ILE J 294 62.52 -48.76 -89.31
C ILE J 294 63.96 -49.23 -89.45
N ARG J 295 64.84 -48.61 -88.68
CA ARG J 295 66.22 -49.05 -88.56
C ARG J 295 66.34 -49.96 -87.35
N THR J 296 66.61 -51.25 -87.58
CA THR J 296 66.67 -52.21 -86.50
C THR J 296 67.51 -53.43 -86.88
N GLY J 297 67.68 -54.35 -85.95
CA GLY J 297 68.46 -55.55 -86.19
C GLY J 297 67.68 -56.70 -86.77
N VAL J 298 67.33 -56.61 -88.05
CA VAL J 298 66.66 -57.73 -88.72
C VAL J 298 67.58 -58.94 -88.76
N LEU J 299 68.90 -58.71 -88.85
CA LEU J 299 69.88 -59.78 -88.74
C LEU J 299 70.28 -59.93 -87.28
N ASP J 300 71.34 -60.69 -87.02
CA ASP J 300 71.88 -60.78 -85.67
C ASP J 300 72.40 -59.42 -85.22
N LYS J 301 72.41 -59.21 -83.90
CA LYS J 301 72.64 -57.88 -83.37
C LYS J 301 74.11 -57.55 -83.18
N ASN J 302 75.01 -58.17 -83.95
CA ASN J 302 76.40 -57.73 -83.95
C ASN J 302 76.65 -56.74 -85.09
N LYS J 303 75.95 -56.92 -86.20
CA LYS J 303 76.12 -56.04 -87.35
C LYS J 303 75.55 -54.66 -87.06
N GLU J 304 76.08 -53.66 -87.77
CA GLU J 304 75.58 -52.29 -87.64
C GLU J 304 74.22 -52.17 -88.31
N SER J 305 73.19 -51.82 -87.53
CA SER J 305 71.82 -51.81 -88.02
C SER J 305 71.65 -50.82 -89.16
N LYS J 306 71.04 -51.29 -90.25
CA LYS J 306 70.71 -50.44 -91.38
C LYS J 306 69.22 -50.14 -91.40
N LEU J 307 68.73 -49.48 -92.45
CA LEU J 307 67.34 -49.15 -92.59
C LEU J 307 66.67 -50.15 -93.53
N TYR J 308 65.56 -50.73 -93.07
CA TYR J 308 64.87 -51.79 -93.81
C TYR J 308 63.41 -51.41 -93.98
N GLN J 309 62.95 -51.31 -95.22
CA GLN J 309 61.53 -51.12 -95.48
C GLN J 309 60.76 -52.38 -95.13
N VAL J 310 59.65 -52.22 -94.41
CA VAL J 310 58.87 -53.35 -93.93
C VAL J 310 57.42 -53.17 -94.36
N ILE J 311 56.86 -54.25 -94.92
CA ILE J 311 55.45 -54.28 -95.30
C ILE J 311 54.77 -55.34 -94.41
N GLN J 312 53.75 -54.91 -93.67
CA GLN J 312 53.08 -55.79 -92.73
C GLN J 312 51.58 -55.71 -92.92
N ALA J 313 50.95 -56.88 -93.04
CA ALA J 313 49.51 -57.00 -93.10
C ALA J 313 48.98 -57.48 -91.74
N GLY J 314 47.69 -57.78 -91.68
CA GLY J 314 47.11 -58.32 -90.47
C GLY J 314 47.76 -59.62 -90.06
N GLU J 315 48.49 -59.60 -88.94
CA GLU J 315 49.27 -60.72 -88.42
C GLU J 315 50.02 -61.46 -89.52
N HIS J 316 50.54 -60.70 -90.49
CA HIS J 316 51.31 -61.27 -91.59
C HIS J 316 52.34 -60.24 -92.04
N ILE J 317 53.43 -60.74 -92.62
CA ILE J 317 54.51 -59.90 -93.13
C ILE J 317 54.78 -60.29 -94.58
N LEU J 318 54.84 -59.27 -95.43
CA LEU J 318 54.96 -59.53 -96.87
C LEU J 318 56.36 -59.30 -97.41
N HIS J 319 56.96 -58.14 -97.16
CA HIS J 319 58.19 -57.81 -97.87
C HIS J 319 59.07 -56.94 -96.98
N THR J 320 60.33 -57.33 -96.85
CA THR J 320 61.35 -56.53 -96.20
C THR J 320 62.54 -56.40 -97.15
N GLU J 321 63.07 -55.18 -97.25
CA GLU J 321 64.15 -54.92 -98.20
C GLU J 321 64.97 -53.70 -97.78
N GLU J 322 66.27 -53.74 -98.04
CA GLU J 322 67.16 -52.67 -97.60
C GLU J 322 67.09 -51.47 -98.55
N VAL J 323 66.87 -50.29 -97.97
CA VAL J 323 66.84 -49.06 -98.74
C VAL J 323 67.56 -47.98 -97.95
N THR J 324 68.34 -47.15 -98.65
CA THR J 324 69.18 -46.15 -98.03
C THR J 324 68.54 -44.76 -98.01
N HIS J 325 67.30 -44.62 -98.44
CA HIS J 325 66.67 -43.31 -98.51
C HIS J 325 65.16 -43.47 -98.38
N ILE J 326 64.55 -42.67 -97.51
CA ILE J 326 63.11 -42.70 -97.34
C ILE J 326 62.47 -42.02 -98.56
N PRO J 327 61.56 -42.68 -99.26
CA PRO J 327 61.01 -42.12 -100.50
C PRO J 327 59.96 -41.05 -100.29
N PHE J 328 59.83 -40.49 -99.08
CA PHE J 328 58.77 -39.53 -98.82
C PHE J 328 59.34 -38.12 -98.73
N VAL J 329 58.50 -37.13 -99.07
CA VAL J 329 58.87 -35.73 -99.08
C VAL J 329 57.80 -34.96 -98.31
N THR J 330 58.25 -34.04 -97.45
CA THR J 330 57.35 -33.34 -96.55
C THR J 330 57.25 -31.86 -96.93
N PHE J 331 56.08 -31.29 -96.66
CA PHE J 331 55.83 -29.87 -96.83
C PHE J 331 55.64 -29.23 -95.47
N CYS J 332 56.37 -28.14 -95.21
CA CYS J 332 56.38 -27.52 -93.88
C CYS J 332 56.52 -26.02 -94.02
N PRO J 333 55.41 -25.32 -94.24
CA PRO J 333 55.44 -23.86 -94.18
C PRO J 333 55.62 -23.37 -92.75
N TYR J 334 56.35 -22.26 -92.62
CA TYR J 334 56.78 -21.73 -91.32
C TYR J 334 57.39 -22.85 -90.47
N PRO J 335 58.48 -23.47 -90.92
CA PRO J 335 58.98 -24.67 -90.22
C PRO J 335 59.53 -24.37 -88.84
N ILE J 336 59.43 -25.35 -87.95
CA ILE J 336 60.07 -25.29 -86.63
C ILE J 336 61.24 -26.26 -86.66
N PRO J 337 62.48 -25.78 -86.59
CA PRO J 337 63.64 -26.67 -86.66
C PRO J 337 63.76 -27.55 -85.43
N GLY J 338 64.58 -28.58 -85.56
CA GLY J 338 64.77 -29.54 -84.48
C GLY J 338 63.52 -30.32 -84.17
N SER J 339 62.62 -30.41 -85.14
CA SER J 339 61.37 -31.13 -84.98
C SER J 339 60.85 -31.50 -86.36
N PHE J 340 59.81 -32.31 -86.39
CA PHE J 340 59.24 -32.79 -87.64
C PHE J 340 58.00 -32.01 -88.07
N TYR J 341 57.37 -31.27 -87.15
CA TYR J 341 56.17 -30.51 -87.44
C TYR J 341 56.42 -29.05 -87.09
N GLY J 342 56.25 -28.17 -88.09
CA GLY J 342 56.50 -26.76 -87.91
C GLY J 342 55.28 -25.98 -87.42
N GLN J 343 55.04 -24.82 -88.02
CA GLN J 343 53.89 -24.00 -87.67
C GLN J 343 52.79 -24.19 -88.71
N SER J 344 51.66 -23.51 -88.50
CA SER J 344 50.51 -23.61 -89.39
C SER J 344 49.66 -22.35 -89.22
N VAL J 345 48.93 -22.00 -90.27
CA VAL J 345 48.05 -20.85 -90.21
C VAL J 345 46.98 -21.05 -89.14
N TYR J 346 46.57 -22.31 -88.94
CA TYR J 346 45.66 -22.62 -87.84
C TYR J 346 46.24 -22.19 -86.50
N ASP J 347 47.51 -22.53 -86.25
CA ASP J 347 48.16 -22.10 -85.02
C ASP J 347 48.37 -20.59 -84.99
N ILE J 348 48.31 -19.95 -86.17
CA ILE J 348 48.52 -18.51 -86.25
C ILE J 348 47.21 -17.75 -86.14
N THR J 349 46.17 -18.17 -86.86
CA THR J 349 44.94 -17.40 -86.95
C THR J 349 43.80 -17.95 -86.10
N LYS J 350 44.06 -18.88 -85.19
CA LYS J 350 43.00 -19.40 -84.33
C LYS J 350 42.43 -18.30 -83.45
N ASP J 351 43.30 -17.45 -82.89
CA ASP J 351 42.83 -16.37 -82.03
C ASP J 351 42.02 -15.34 -82.81
N ILE J 352 42.45 -15.04 -84.04
CA ILE J 352 41.78 -14.01 -84.84
C ILE J 352 40.33 -14.39 -85.11
N GLN J 353 40.11 -15.65 -85.48
CA GLN J 353 38.76 -16.11 -85.79
C GLN J 353 37.87 -16.03 -84.56
N ASP J 354 38.43 -16.35 -83.39
CA ASP J 354 37.64 -16.33 -82.16
C ASP J 354 37.16 -14.93 -81.81
N LEU J 355 38.07 -13.95 -81.84
CA LEU J 355 37.70 -12.58 -81.49
C LEU J 355 36.75 -11.99 -82.52
N ARG J 356 37.07 -12.13 -83.81
CA ARG J 356 36.23 -11.55 -84.84
C ARG J 356 34.83 -12.16 -84.84
N THR J 357 34.74 -13.46 -84.55
CA THR J 357 33.43 -14.08 -84.41
C THR J 357 32.65 -13.47 -83.26
N ALA J 358 33.26 -13.40 -82.07
CA ALA J 358 32.56 -12.87 -80.91
C ALA J 358 32.19 -11.40 -81.10
N LEU J 359 33.10 -10.60 -81.65
CA LEU J 359 32.82 -9.19 -81.87
C LEU J 359 31.66 -8.99 -82.84
N VAL J 360 31.64 -9.74 -83.94
CA VAL J 360 30.54 -9.63 -84.89
C VAL J 360 29.26 -10.14 -84.26
N ARG J 361 29.34 -11.22 -83.49
CA ARG J 361 28.17 -11.74 -82.78
C ARG J 361 27.60 -10.68 -81.84
N GLY J 362 28.48 -10.01 -81.09
CA GLY J 362 28.01 -8.92 -80.23
C GLY J 362 27.44 -7.77 -81.03
N TYR J 363 28.01 -7.52 -82.21
CA TYR J 363 27.49 -6.47 -83.08
C TYR J 363 26.08 -6.78 -83.56
N ILE J 364 25.82 -8.04 -83.89
CA ILE J 364 24.58 -8.45 -84.56
C ILE J 364 23.38 -8.31 -83.63
N ASP J 365 23.47 -8.85 -82.41
CA ASP J 365 22.31 -8.87 -81.53
C ASP J 365 21.89 -7.45 -81.11
N ASN J 366 22.85 -6.55 -80.92
CA ASN J 366 22.52 -5.16 -80.61
C ASN J 366 21.77 -4.53 -81.78
N VAL J 367 22.19 -4.84 -83.00
CA VAL J 367 21.54 -4.34 -84.20
C VAL J 367 20.13 -4.93 -84.30
N ASN J 368 20.02 -6.24 -84.10
CA ASN J 368 18.74 -6.93 -84.21
C ASN J 368 17.76 -6.45 -83.15
N ASN J 369 18.27 -6.04 -81.99
CA ASN J 369 17.39 -5.50 -80.96
C ASN J 369 16.94 -4.09 -81.31
N ALA J 370 17.85 -3.26 -81.80
CA ALA J 370 17.55 -1.84 -82.00
C ALA J 370 16.69 -1.62 -83.25
N ASN J 371 16.96 -2.38 -84.32
CA ASN J 371 16.33 -2.10 -85.60
C ASN J 371 14.81 -2.26 -85.55
N TYR J 372 14.32 -3.26 -84.82
CA TYR J 372 12.88 -3.51 -84.69
C TYR J 372 12.42 -3.05 -83.31
N GLY J 373 11.93 -1.81 -83.27
CA GLY J 373 11.87 -1.03 -82.04
C GLY J 373 10.73 -1.26 -81.07
N ARG J 374 10.96 -0.87 -79.81
CA ARG J 374 9.97 -0.93 -78.73
C ARG J 374 9.40 0.46 -78.48
N TYR J 375 8.26 0.51 -77.79
CA TYR J 375 7.68 1.77 -77.32
C TYR J 375 7.12 1.54 -75.91
N LYS J 376 6.71 2.63 -75.25
CA LYS J 376 6.31 2.55 -73.84
C LYS J 376 5.15 3.50 -73.54
N ALA J 377 4.07 2.94 -72.96
CA ALA J 377 2.88 3.65 -72.51
C ALA J 377 1.99 2.71 -71.67
N LEU J 378 1.55 3.15 -70.48
CA LEU J 378 0.63 2.36 -69.67
C LEU J 378 -0.75 2.31 -70.33
N VAL J 379 -1.69 1.66 -69.66
CA VAL J 379 -3.08 1.55 -70.09
C VAL J 379 -3.69 2.94 -70.19
N GLY J 380 -3.37 3.81 -69.23
CA GLY J 380 -3.79 5.19 -69.34
C GLY J 380 -3.21 5.85 -70.57
N ALA J 381 -4.09 6.39 -71.41
CA ALA J 381 -3.82 6.98 -72.72
C ALA J 381 -3.23 5.94 -73.68
N TYR J 382 -3.38 4.64 -73.41
CA TYR J 382 -2.76 3.63 -74.26
C TYR J 382 -3.43 3.60 -75.63
N ASP J 383 -4.76 3.58 -75.65
CA ASP J 383 -5.53 3.44 -76.88
C ASP J 383 -5.11 2.19 -77.66
N ARG J 384 -5.35 1.01 -77.06
CA ARG J 384 -4.89 -0.24 -77.65
C ARG J 384 -5.47 -0.46 -79.04
N ARG J 385 -6.77 -0.16 -79.21
CA ARG J 385 -7.41 -0.37 -80.50
C ARG J 385 -6.77 0.47 -81.59
N SER J 386 -6.52 1.75 -81.29
CA SER J 386 -6.05 2.66 -82.33
C SER J 386 -4.57 2.48 -82.63
N LEU J 387 -3.76 2.17 -81.61
CA LEU J 387 -2.31 2.15 -81.80
C LEU J 387 -1.88 1.04 -82.74
N LEU J 388 -2.63 -0.08 -82.76
CA LEU J 388 -2.27 -1.24 -83.57
C LEU J 388 -2.31 -0.98 -85.06
N ASP J 389 -2.66 0.23 -85.50
CA ASP J 389 -2.66 0.54 -86.92
C ASP J 389 -1.24 0.53 -87.45
N ASN J 390 -1.04 -0.15 -88.59
CA ASN J 390 0.27 -0.27 -89.19
C ASN J 390 0.54 0.78 -90.26
N ARG J 391 -0.42 1.65 -90.54
CA ARG J 391 -0.22 2.67 -91.56
C ARG J 391 0.72 3.76 -91.03
N PRO J 392 1.80 4.08 -91.74
CA PRO J 392 2.66 5.20 -91.33
C PRO J 392 1.90 6.52 -91.26
N GLY J 393 0.90 6.72 -92.12
CA GLY J 393 0.07 7.90 -92.05
C GLY J 393 -1.12 7.69 -91.12
N GLY J 394 -0.85 7.71 -89.82
CA GLY J 394 -1.92 7.49 -88.85
C GLY J 394 -2.95 8.60 -88.88
N VAL J 395 -4.15 8.25 -88.44
CA VAL J 395 -5.29 9.18 -88.50
C VAL J 395 -5.79 9.46 -87.09
N VAL J 396 -5.33 8.69 -86.11
CA VAL J 396 -5.79 8.80 -84.73
C VAL J 396 -4.58 8.73 -83.79
N GLU J 397 -4.60 9.58 -82.77
CA GLU J 397 -3.62 9.56 -81.69
C GLU J 397 -4.36 9.89 -80.39
N MET J 398 -3.61 10.14 -79.33
CA MET J 398 -4.15 10.59 -78.06
C MET J 398 -3.73 12.04 -77.80
N GLU J 399 -4.18 12.59 -76.68
CA GLU J 399 -4.00 14.01 -76.39
C GLU J 399 -3.11 14.25 -75.17
N ARG J 400 -2.26 13.29 -74.79
CA ARG J 400 -1.38 13.51 -73.66
C ARG J 400 -0.10 14.25 -74.07
N GLN J 401 0.43 13.94 -75.26
CA GLN J 401 1.56 14.61 -75.87
C GLN J 401 2.87 14.43 -75.09
N ASP J 402 2.85 13.63 -74.03
CA ASP J 402 4.09 13.23 -73.35
C ASP J 402 4.11 11.75 -73.00
N ALA J 403 3.50 10.90 -73.82
CA ALA J 403 3.26 9.51 -73.42
C ALA J 403 4.26 8.54 -74.03
N ILE J 404 4.36 8.50 -75.36
CA ILE J 404 5.11 7.45 -76.04
C ILE J 404 6.41 8.04 -76.58
N ASP J 405 7.49 7.28 -76.41
CA ASP J 405 8.77 7.60 -77.01
C ASP J 405 9.50 6.33 -77.42
N LEU J 406 10.48 6.44 -78.32
CA LEU J 406 11.24 5.27 -78.75
C LEU J 406 12.06 4.73 -77.59
N PHE J 407 12.12 3.40 -77.48
CA PHE J 407 12.79 2.73 -76.38
C PHE J 407 14.26 3.07 -76.34
N PRO J 408 14.83 3.30 -75.15
CA PRO J 408 16.27 3.60 -75.07
C PRO J 408 17.12 2.36 -75.32
N TYR J 409 17.24 1.99 -76.60
CA TYR J 409 18.08 0.85 -76.96
C TYR J 409 19.55 1.19 -76.69
N HIS J 410 20.32 0.17 -76.33
CA HIS J 410 21.76 0.36 -76.13
C HIS J 410 22.39 0.86 -77.41
N ASN J 411 23.17 1.93 -77.28
CA ASN J 411 23.78 2.57 -78.43
C ASN J 411 24.92 1.70 -78.96
N LEU J 412 25.35 1.95 -80.19
CA LEU J 412 26.52 1.19 -80.60
C LEU J 412 27.78 1.79 -80.02
N PRO J 413 28.54 1.02 -79.24
CA PRO J 413 29.73 1.56 -78.59
C PRO J 413 30.76 2.11 -79.57
N GLN J 414 31.37 3.25 -79.21
CA GLN J 414 32.31 3.89 -80.11
C GLN J 414 33.61 3.11 -80.24
N GLY J 415 34.04 2.46 -79.15
CA GLY J 415 35.35 1.84 -79.16
C GLY J 415 35.36 0.33 -79.20
N ILE J 416 34.33 -0.30 -78.62
CA ILE J 416 34.26 -1.75 -78.49
C ILE J 416 34.35 -2.46 -79.83
N ASP J 417 33.68 -1.93 -80.85
CA ASP J 417 33.74 -2.52 -82.18
C ASP J 417 34.74 -1.81 -83.08
N GLY J 418 34.96 -0.51 -82.87
CA GLY J 418 35.87 0.22 -83.74
C GLY J 418 37.32 -0.20 -83.63
N LEU J 419 37.82 -0.39 -82.41
CA LEU J 419 39.23 -0.69 -82.24
C LEU J 419 39.55 -2.14 -82.58
N LEU J 420 38.54 -3.00 -82.70
CA LEU J 420 38.72 -4.32 -83.29
C LEU J 420 38.43 -4.34 -84.78
N GLY J 421 38.04 -3.21 -85.38
CA GLY J 421 37.98 -3.12 -86.82
C GLY J 421 39.35 -3.11 -87.48
N MET J 422 40.39 -2.76 -86.73
CA MET J 422 41.77 -2.86 -87.17
C MET J 422 42.39 -4.20 -86.86
N SER J 423 41.59 -5.16 -86.40
CA SER J 423 42.10 -6.53 -86.23
C SER J 423 42.43 -7.16 -87.58
N GLU J 424 41.98 -6.54 -88.68
CA GLU J 424 42.30 -7.03 -90.01
C GLU J 424 43.80 -7.00 -90.26
N GLU J 425 44.48 -5.92 -89.87
CA GLU J 425 45.91 -5.83 -90.12
C GLU J 425 46.69 -6.77 -89.21
N LEU J 426 46.09 -7.21 -88.10
CA LEU J 426 46.73 -8.22 -87.27
C LEU J 426 46.97 -9.50 -88.06
N LYS J 427 45.97 -9.93 -88.84
CA LYS J 427 46.19 -11.04 -89.76
C LYS J 427 47.23 -10.67 -90.81
N GLU J 428 47.20 -9.43 -91.29
CA GLU J 428 48.20 -8.93 -92.23
C GLU J 428 49.62 -8.97 -91.65
N THR J 429 49.78 -8.93 -90.33
CA THR J 429 51.10 -8.99 -89.71
C THR J 429 51.58 -10.43 -89.56
N ARG J 430 50.76 -11.30 -88.99
CA ARG J 430 51.17 -12.68 -88.77
C ARG J 430 50.94 -13.57 -89.99
N THR J 431 50.27 -13.07 -91.02
CA THR J 431 50.12 -13.78 -92.28
C THR J 431 50.55 -12.84 -93.40
N GLY J 432 50.30 -13.24 -94.65
CA GLY J 432 50.70 -12.43 -95.78
C GLY J 432 49.63 -12.31 -96.85
N VAL J 433 48.36 -12.30 -96.45
CA VAL J 433 47.25 -12.24 -97.38
C VAL J 433 46.55 -10.91 -97.25
N THR J 434 46.10 -10.37 -98.38
CA THR J 434 45.40 -9.09 -98.42
C THR J 434 44.34 -9.14 -99.51
N LYS J 435 43.18 -8.56 -99.21
CA LYS J 435 42.07 -8.54 -100.15
C LYS J 435 42.28 -7.52 -101.27
N LEU J 436 43.32 -6.69 -101.19
CA LEU J 436 43.60 -5.71 -102.23
C LEU J 436 45.05 -5.67 -102.70
N GLY J 437 45.99 -6.34 -102.01
CA GLY J 437 47.37 -6.29 -102.40
C GLY J 437 47.66 -7.12 -103.64
N MET J 438 48.79 -6.79 -104.27
CA MET J 438 49.24 -7.50 -105.45
C MET J 438 49.87 -8.84 -105.06
N GLY J 439 49.67 -9.84 -105.93
CA GLY J 439 50.19 -11.17 -105.71
C GLY J 439 51.66 -11.27 -106.05
N ILE J 440 52.15 -12.51 -106.09
CA ILE J 440 53.56 -12.76 -106.36
C ILE J 440 53.69 -13.59 -107.63
N ASN J 441 54.90 -13.64 -108.18
CA ASN J 441 55.15 -14.36 -109.43
C ASN J 441 56.48 -15.08 -109.30
N PRO J 442 56.71 -16.11 -110.12
CA PRO J 442 58.01 -16.83 -110.05
C PRO J 442 59.21 -15.95 -110.36
N ASP J 443 59.05 -14.95 -111.23
CA ASP J 443 60.17 -14.08 -111.58
C ASP J 443 60.62 -13.24 -110.39
N VAL J 444 59.67 -12.60 -109.71
CA VAL J 444 60.01 -11.83 -108.52
C VAL J 444 60.38 -12.77 -107.38
N PHE J 445 59.92 -14.03 -107.45
CA PHE J 445 60.39 -15.05 -106.51
C PHE J 445 61.88 -15.27 -106.62
N LYS J 446 62.42 -15.33 -107.84
CA LYS J 446 63.86 -15.47 -108.01
C LYS J 446 64.61 -14.19 -107.68
N ASN J 447 64.05 -13.03 -108.02
CA ASN J 447 64.73 -11.76 -107.79
C ASN J 447 63.66 -10.71 -107.50
N ASP J 448 63.68 -10.14 -106.29
CA ASP J 448 62.69 -9.14 -105.92
C ASP J 448 62.81 -7.88 -106.78
N ASN J 449 64.03 -7.55 -107.20
CA ASN J 449 64.25 -6.35 -108.00
C ASN J 449 63.96 -6.57 -109.49
N ALA J 450 63.24 -7.64 -109.84
CA ALA J 450 62.95 -7.89 -111.24
C ALA J 450 62.06 -6.82 -111.85
N TYR J 451 61.14 -6.27 -111.06
CA TYR J 451 60.21 -5.26 -111.57
C TYR J 451 60.46 -3.92 -110.88
N ALA J 452 61.73 -3.56 -110.71
CA ALA J 452 62.11 -2.43 -109.88
C ALA J 452 61.58 -1.09 -110.40
N THR J 453 60.91 -1.08 -111.56
CA THR J 453 60.40 0.15 -112.11
C THR J 453 59.35 0.79 -111.21
N VAL J 454 58.19 0.15 -111.07
CA VAL J 454 57.17 0.60 -110.13
C VAL J 454 56.71 -0.59 -109.30
N GLY J 455 56.85 -1.78 -109.87
CA GLY J 455 56.51 -3.00 -109.16
C GLY J 455 57.65 -3.45 -108.29
N LEU J 456 58.01 -2.61 -107.31
CA LEU J 456 59.20 -2.87 -106.51
C LEU J 456 59.13 -4.22 -105.82
N MET J 457 57.92 -4.70 -105.56
CA MET J 457 57.62 -6.05 -105.06
C MET J 457 58.08 -6.21 -103.62
N MET J 458 58.84 -5.26 -103.08
CA MET J 458 59.57 -5.51 -101.85
C MET J 458 58.75 -4.97 -100.68
N ASN J 459 57.71 -5.70 -100.29
CA ASN J 459 56.81 -5.31 -99.20
C ASN J 459 56.69 -6.48 -98.24
N ALA J 460 56.40 -6.17 -96.97
CA ALA J 460 56.17 -7.21 -95.96
C ALA J 460 54.97 -8.07 -96.36
N ALA J 461 54.00 -7.46 -97.03
CA ALA J 461 52.83 -8.19 -97.49
C ALA J 461 53.17 -9.27 -98.50
N GLN J 462 54.22 -9.06 -99.30
CA GLN J 462 54.54 -9.97 -100.39
C GLN J 462 55.84 -10.74 -100.19
N ASN J 463 56.83 -10.17 -99.49
CA ASN J 463 58.05 -10.92 -99.22
C ASN J 463 57.85 -11.94 -98.10
N ARG J 464 56.78 -11.81 -97.31
CA ARG J 464 56.47 -12.79 -96.29
C ARG J 464 55.87 -14.04 -96.89
N LEU J 465 55.10 -13.90 -97.97
CA LEU J 465 54.61 -15.07 -98.67
C LEU J 465 55.73 -15.79 -99.39
N ARG J 466 56.82 -15.06 -99.69
CA ARG J 466 58.02 -15.68 -100.23
C ARG J 466 58.72 -16.56 -99.20
N MET J 467 58.33 -16.48 -97.93
CA MET J 467 58.85 -17.41 -96.93
C MET J 467 58.49 -18.84 -97.26
N VAL J 468 57.20 -19.16 -97.25
CA VAL J 468 56.77 -20.54 -97.31
C VAL J 468 57.13 -21.15 -98.65
N CYS J 469 56.97 -20.39 -99.74
CA CYS J 469 57.30 -20.92 -101.05
C CYS J 469 58.79 -21.23 -101.16
N ARG J 470 59.64 -20.36 -100.62
CA ARG J 470 61.07 -20.69 -100.53
C ARG J 470 61.29 -21.85 -99.57
N ASN J 471 60.62 -21.84 -98.42
CA ASN J 471 60.78 -22.92 -97.45
C ASN J 471 60.26 -24.23 -98.01
N ILE J 472 59.09 -24.20 -98.66
CA ILE J 472 58.49 -25.44 -99.16
C ILE J 472 59.27 -25.97 -100.34
N ALA J 473 59.96 -25.09 -101.07
CA ALA J 473 60.77 -25.54 -102.21
C ALA J 473 62.00 -26.28 -101.73
N HIS J 474 62.75 -25.69 -100.79
CA HIS J 474 64.01 -26.28 -100.38
C HIS J 474 63.84 -27.34 -99.28
N ASN J 475 62.66 -27.42 -98.67
CA ASN J 475 62.34 -28.54 -97.79
C ASN J 475 61.57 -29.63 -98.53
N GLY J 476 60.94 -29.28 -99.65
CA GLY J 476 60.09 -30.19 -100.38
C GLY J 476 60.65 -30.62 -101.72
N MET J 477 60.21 -29.93 -102.79
CA MET J 477 60.44 -30.40 -104.16
C MET J 477 61.91 -30.72 -104.43
N VAL J 478 62.83 -29.89 -103.93
CA VAL J 478 64.24 -30.14 -104.24
C VAL J 478 64.65 -31.52 -103.73
N GLU J 479 64.06 -31.97 -102.63
CA GLU J 479 64.26 -33.35 -102.20
C GLU J 479 63.47 -34.31 -103.08
N LEU J 480 62.35 -33.84 -103.64
CA LEU J 480 61.54 -34.70 -104.50
C LEU J 480 62.28 -35.04 -105.78
N MET J 481 62.87 -34.03 -106.45
CA MET J 481 63.67 -34.31 -107.64
C MET J 481 64.88 -35.14 -107.30
N ARG J 482 65.58 -34.79 -106.21
CA ARG J 482 66.77 -35.55 -105.82
C ARG J 482 66.42 -36.98 -105.46
N GLY J 483 65.28 -37.18 -104.79
CA GLY J 483 64.83 -38.53 -104.52
C GLY J 483 64.49 -39.29 -105.79
N ILE J 484 63.76 -38.67 -106.70
CA ILE J 484 63.39 -39.28 -107.97
C ILE J 484 64.64 -39.52 -108.81
N TYR J 485 65.52 -38.53 -108.87
CA TYR J 485 66.72 -38.64 -109.69
C TYR J 485 67.62 -39.78 -109.22
N ASN J 486 67.78 -39.95 -107.91
CA ASN J 486 68.47 -41.14 -107.40
C ASN J 486 67.66 -42.40 -107.69
N LEU J 487 66.34 -42.32 -107.52
CA LEU J 487 65.49 -43.50 -107.68
C LEU J 487 65.49 -43.98 -109.13
N ILE J 488 65.36 -43.06 -110.08
CA ILE J 488 65.34 -43.45 -111.49
C ILE J 488 66.69 -43.97 -111.93
N ARG J 489 67.75 -43.62 -111.21
CA ARG J 489 69.13 -43.98 -111.51
C ARG J 489 69.46 -45.45 -111.20
N GLU J 490 68.65 -46.20 -110.47
CA GLU J 490 69.10 -47.50 -109.98
C GLU J 490 68.18 -48.65 -110.40
N ASN J 491 67.20 -48.37 -111.27
CA ASN J 491 66.27 -49.42 -111.66
C ASN J 491 65.78 -49.17 -113.08
N GLY J 492 65.34 -50.25 -113.73
CA GLY J 492 64.76 -50.19 -115.06
C GLY J 492 65.72 -49.77 -116.14
N GLU J 493 65.27 -49.82 -117.39
CA GLU J 493 66.02 -49.31 -118.52
C GLU J 493 65.18 -48.25 -119.22
N VAL J 494 65.69 -47.02 -119.25
CA VAL J 494 64.94 -45.87 -119.74
C VAL J 494 65.34 -45.61 -121.20
N PRO J 495 64.40 -45.65 -122.14
CA PRO J 495 64.70 -45.26 -123.53
C PRO J 495 64.44 -43.77 -123.73
N ILE J 496 65.37 -43.10 -124.39
CA ILE J 496 65.29 -41.66 -124.61
C ILE J 496 65.27 -41.37 -126.10
N GLU J 497 64.36 -40.48 -126.51
CA GLU J 497 64.21 -40.11 -127.91
C GLU J 497 65.31 -39.13 -128.28
N VAL J 498 66.17 -39.54 -129.21
CA VAL J 498 67.24 -38.69 -129.72
C VAL J 498 66.69 -37.86 -130.87
N GLN J 499 67.13 -36.60 -130.96
CA GLN J 499 66.62 -35.68 -131.96
C GLN J 499 67.50 -35.59 -133.21
N THR J 500 68.58 -36.36 -133.31
CA THR J 500 69.38 -36.32 -134.54
C THR J 500 68.64 -36.97 -135.70
N PRO J 501 68.18 -38.22 -135.60
CA PRO J 501 67.24 -38.74 -136.61
C PRO J 501 65.77 -38.67 -136.20
N ARG J 502 65.47 -38.01 -135.08
CA ARG J 502 64.18 -38.13 -134.39
C ARG J 502 63.89 -39.58 -134.00
N GLY J 503 64.93 -40.35 -133.71
CA GLY J 503 64.80 -41.76 -133.40
C GLY J 503 64.73 -42.03 -131.91
N MET J 504 65.12 -43.25 -131.54
CA MET J 504 65.00 -43.72 -130.17
C MET J 504 66.29 -44.44 -129.79
N ILE J 505 66.79 -44.14 -128.59
CA ILE J 505 68.02 -44.76 -128.08
C ILE J 505 67.75 -45.32 -126.69
N GLN J 506 68.25 -46.53 -126.45
CA GLN J 506 68.13 -47.20 -125.15
C GLN J 506 69.36 -46.83 -124.33
N VAL J 507 69.20 -45.84 -123.45
CA VAL J 507 70.30 -45.34 -122.65
C VAL J 507 70.27 -45.98 -121.26
N ASN J 508 71.43 -46.42 -120.79
CA ASN J 508 71.54 -47.06 -119.49
C ASN J 508 71.36 -46.00 -118.40
N PRO J 509 70.39 -46.17 -117.50
CA PRO J 509 70.22 -45.16 -116.43
C PRO J 509 71.39 -45.07 -115.47
N LYS J 510 72.13 -46.16 -115.26
CA LYS J 510 73.27 -46.12 -114.35
C LYS J 510 74.45 -45.33 -114.93
N GLN J 511 74.49 -45.15 -116.25
CA GLN J 511 75.47 -44.26 -116.86
C GLN J 511 75.17 -42.79 -116.59
N LEU J 512 73.98 -42.47 -116.08
CA LEU J 512 73.63 -41.11 -115.67
C LEU J 512 74.52 -40.68 -114.50
N PRO J 513 74.87 -39.39 -114.44
CA PRO J 513 75.62 -38.90 -113.28
C PRO J 513 74.70 -38.72 -112.06
N ALA J 514 75.26 -38.28 -110.94
CA ALA J 514 74.50 -38.14 -109.70
C ALA J 514 74.18 -36.67 -109.44
N ARG J 515 73.58 -36.43 -108.27
CA ARG J 515 73.23 -35.06 -107.88
C ARG J 515 74.48 -34.23 -107.58
N HIS J 516 75.63 -34.87 -107.45
CA HIS J 516 76.86 -34.15 -107.12
C HIS J 516 77.23 -33.14 -108.20
N ASN J 517 77.10 -33.52 -109.47
CA ASN J 517 77.40 -32.63 -110.57
C ASN J 517 76.15 -32.07 -111.24
N LEU J 518 74.96 -32.31 -110.68
CA LEU J 518 73.71 -31.82 -111.24
C LEU J 518 73.03 -30.89 -110.24
N GLN J 519 72.65 -29.70 -110.70
CA GLN J 519 71.95 -28.75 -109.86
C GLN J 519 70.51 -28.60 -110.33
N VAL J 520 69.60 -28.42 -109.37
CA VAL J 520 68.18 -28.34 -109.65
C VAL J 520 67.65 -26.98 -109.23
N VAL J 521 66.68 -26.47 -110.01
CA VAL J 521 66.00 -25.22 -109.73
C VAL J 521 64.50 -25.46 -109.79
N VAL J 522 63.75 -24.61 -109.11
CA VAL J 522 62.31 -24.76 -109.00
C VAL J 522 61.65 -23.44 -109.37
N ALA J 523 60.35 -23.47 -109.67
CA ALA J 523 59.53 -22.28 -109.92
C ALA J 523 60.02 -21.51 -111.14
N ILE J 524 60.05 -22.18 -112.30
CA ILE J 524 60.41 -21.49 -113.53
C ILE J 524 59.27 -20.58 -113.98
N SER J 525 59.64 -19.56 -114.75
CA SER J 525 58.67 -18.59 -115.25
C SER J 525 57.86 -19.18 -116.39
N PRO J 526 56.58 -18.82 -116.50
CA PRO J 526 55.78 -19.31 -117.64
C PRO J 526 56.30 -18.84 -118.99
N ASN J 527 57.05 -17.73 -119.04
CA ASN J 527 57.61 -17.23 -120.27
C ASN J 527 59.12 -17.44 -120.37
N GLU J 528 59.68 -18.43 -119.66
CA GLU J 528 61.11 -18.66 -119.68
C GLU J 528 61.58 -19.08 -121.07
N LYS J 529 60.64 -19.53 -121.91
CA LYS J 529 60.94 -19.70 -123.34
C LYS J 529 61.29 -18.35 -123.98
N ALA J 530 60.57 -17.29 -123.60
CA ALA J 530 60.73 -16.02 -124.29
C ALA J 530 62.14 -15.46 -124.14
N GLU J 531 62.59 -15.23 -122.90
CA GLU J 531 63.85 -14.55 -122.69
C GLU J 531 65.03 -15.36 -123.21
N ARG J 532 64.92 -16.69 -123.20
CA ARG J 532 65.98 -17.51 -123.76
C ARG J 532 66.14 -17.27 -125.26
N ALA J 533 65.03 -17.04 -125.97
CA ALA J 533 65.10 -16.81 -127.41
C ALA J 533 65.91 -15.54 -127.72
N GLN J 534 65.64 -14.45 -126.98
CA GLN J 534 66.39 -13.23 -127.21
C GLN J 534 67.85 -13.37 -126.76
N LYS J 535 68.09 -14.17 -125.72
CA LYS J 535 69.47 -14.41 -125.28
C LYS J 535 70.28 -15.08 -126.37
N LEU J 536 69.71 -16.11 -127.02
CA LEU J 536 70.39 -16.75 -128.13
C LEU J 536 70.61 -15.78 -129.28
N ILE J 537 69.61 -14.97 -129.59
CA ILE J 537 69.76 -13.96 -130.63
C ILE J 537 70.85 -12.96 -130.26
N SER J 538 70.86 -12.50 -129.01
CA SER J 538 71.91 -11.58 -128.57
C SER J 538 73.27 -12.23 -128.65
N LEU J 539 73.38 -13.50 -128.23
CA LEU J 539 74.64 -14.22 -128.36
C LEU J 539 74.98 -14.47 -129.81
N LYS J 540 73.96 -14.73 -130.65
CA LYS J 540 74.20 -14.99 -132.07
C LYS J 540 74.80 -13.77 -132.76
N GLN J 541 74.28 -12.57 -132.46
CA GLN J 541 74.82 -11.37 -133.10
C GLN J 541 76.18 -11.01 -132.55
N LEU J 542 76.47 -11.40 -131.31
CA LEU J 542 77.79 -11.19 -130.73
C LEU J 542 78.84 -11.99 -131.48
N ILE J 543 78.61 -13.29 -131.63
CA ILE J 543 79.57 -14.15 -132.32
C ILE J 543 79.63 -13.80 -133.80
N ALA J 544 78.49 -13.43 -134.38
CA ALA J 544 78.48 -13.02 -135.78
C ALA J 544 79.25 -11.72 -135.99
N ALA J 545 79.34 -10.88 -134.96
CA ALA J 545 80.09 -9.63 -135.08
C ALA J 545 81.58 -9.89 -135.27
N ASP J 546 82.10 -11.00 -134.77
CA ASP J 546 83.50 -11.37 -134.93
C ASP J 546 83.66 -12.30 -136.12
N ALA J 547 84.91 -12.44 -136.57
CA ALA J 547 85.21 -13.26 -137.73
C ALA J 547 86.14 -14.41 -137.36
N GLN J 548 86.85 -14.28 -136.23
CA GLN J 548 87.78 -15.31 -135.82
C GLN J 548 87.03 -16.53 -135.28
N LEU J 549 85.76 -16.36 -134.91
CA LEU J 549 84.90 -17.47 -134.57
C LEU J 549 84.02 -17.96 -135.71
N ALA J 550 84.00 -17.23 -136.84
CA ALA J 550 83.15 -17.60 -137.97
C ALA J 550 83.48 -18.98 -138.56
N PRO J 551 84.75 -19.36 -138.78
CA PRO J 551 85.02 -20.76 -139.17
C PRO J 551 84.50 -21.75 -138.13
N LEU J 552 84.64 -21.38 -136.85
CA LEU J 552 84.17 -22.24 -135.77
C LEU J 552 82.65 -22.29 -135.72
N PHE J 553 81.99 -21.16 -135.96
CA PHE J 553 80.52 -21.11 -136.05
C PHE J 553 80.16 -21.19 -137.53
N GLY J 554 80.20 -22.42 -138.05
CA GLY J 554 80.08 -22.68 -139.47
C GLY J 554 78.63 -22.76 -139.88
N LEU J 555 78.25 -23.81 -140.62
CA LEU J 555 76.92 -23.91 -141.18
C LEU J 555 76.07 -24.92 -140.41
N GLU J 556 76.65 -26.01 -139.93
CA GLU J 556 75.87 -27.01 -139.19
C GLU J 556 75.37 -26.45 -137.87
N GLN J 557 76.11 -25.51 -137.29
CA GLN J 557 75.69 -24.92 -136.01
C GLN J 557 74.53 -23.96 -136.21
N ASP J 558 74.49 -23.28 -137.36
CA ASP J 558 73.52 -22.20 -137.56
C ASP J 558 72.10 -22.73 -137.62
N ARG J 559 71.91 -23.92 -138.21
CA ARG J 559 70.57 -24.43 -138.42
C ARG J 559 69.84 -24.67 -137.10
N TYR J 560 70.45 -25.43 -136.20
CA TYR J 560 69.71 -25.90 -135.03
C TYR J 560 69.57 -24.79 -134.00
N MET J 561 70.42 -23.76 -134.08
CA MET J 561 70.23 -22.57 -133.26
C MET J 561 68.95 -21.86 -133.65
N THR J 562 68.77 -21.63 -134.95
CA THR J 562 67.52 -21.05 -135.44
C THR J 562 66.34 -21.96 -135.11
N ALA J 563 66.56 -23.28 -135.12
CA ALA J 563 65.52 -24.21 -134.73
C ALA J 563 65.12 -23.99 -133.27
N GLN J 564 66.11 -24.01 -132.36
CA GLN J 564 65.80 -23.85 -130.94
C GLN J 564 65.13 -22.52 -130.65
N ILE J 565 65.61 -21.44 -131.28
CA ILE J 565 64.98 -20.14 -131.15
C ILE J 565 63.54 -20.28 -131.63
N PHE J 566 63.35 -20.96 -132.75
CA PHE J 566 62.00 -21.21 -133.24
C PHE J 566 61.28 -22.26 -132.40
N GLU J 567 62.00 -23.30 -131.95
CA GLU J 567 61.36 -24.39 -131.20
C GLU J 567 60.63 -23.89 -129.96
N LEU J 568 61.06 -22.77 -129.39
CA LEU J 568 60.36 -22.21 -128.24
C LEU J 568 58.98 -21.70 -128.62
N MET J 569 58.81 -21.25 -129.87
CA MET J 569 57.51 -20.87 -130.38
C MET J 569 57.05 -21.77 -131.53
N GLY J 570 57.84 -21.89 -132.60
CA GLY J 570 57.47 -22.71 -133.74
C GLY J 570 58.29 -23.98 -133.82
N ILE J 571 57.66 -25.12 -133.56
CA ILE J 571 58.38 -26.39 -133.40
C ILE J 571 58.70 -27.01 -134.76
N LYS J 572 57.68 -27.35 -135.52
CA LYS J 572 57.87 -28.15 -136.73
C LYS J 572 58.44 -27.30 -137.87
N ASP J 573 59.77 -27.15 -137.90
CA ASP J 573 60.42 -26.32 -138.90
C ASP J 573 60.94 -27.12 -140.09
N THR J 574 61.10 -28.43 -139.95
CA THR J 574 61.73 -29.24 -141.00
C THR J 574 60.84 -29.39 -142.22
N HIS J 575 59.58 -28.97 -142.16
CA HIS J 575 58.66 -29.17 -143.26
C HIS J 575 58.31 -27.88 -144.00
N LYS J 576 58.27 -26.74 -143.31
CA LYS J 576 57.87 -25.49 -143.96
C LYS J 576 58.82 -24.34 -143.67
N TYR J 577 59.53 -24.34 -142.54
CA TYR J 577 60.33 -23.20 -142.13
C TYR J 577 61.81 -23.35 -142.44
N LEU J 578 62.39 -24.53 -142.24
CA LEU J 578 63.82 -24.72 -142.47
C LEU J 578 64.04 -26.06 -143.16
N LEU J 579 65.18 -26.18 -143.85
CA LEU J 579 65.57 -27.38 -144.55
C LEU J 579 66.48 -28.23 -143.68
N PRO J 580 66.30 -29.55 -143.68
CA PRO J 580 67.16 -30.41 -142.86
C PRO J 580 68.61 -30.35 -143.33
N LEU J 581 69.53 -30.50 -142.38
CA LEU J 581 70.95 -30.45 -142.69
C LEU J 581 71.38 -31.57 -143.62
N GLU J 582 70.72 -32.73 -143.56
CA GLU J 582 71.09 -33.87 -144.38
C GLU J 582 70.83 -33.66 -145.86
N GLN J 583 70.02 -32.66 -146.22
CA GLN J 583 69.71 -32.42 -147.64
C GLN J 583 70.24 -31.09 -148.15
N TYR J 584 71.03 -30.36 -147.36
CA TYR J 584 71.60 -29.09 -147.82
C TYR J 584 72.88 -29.33 -148.60
N GLN J 585 72.71 -29.87 -149.79
CA GLN J 585 73.86 -30.12 -150.67
C GLN J 585 74.48 -28.80 -151.10
N PRO J 586 75.81 -28.69 -151.13
CA PRO J 586 76.45 -27.43 -151.53
C PRO J 586 76.11 -27.06 -152.96
N PRO J 587 75.92 -25.77 -153.25
CA PRO J 587 75.53 -25.37 -154.60
C PRO J 587 76.70 -25.47 -155.56
N GLU J 588 76.42 -25.97 -156.76
CA GLU J 588 77.45 -26.03 -157.79
C GLU J 588 77.82 -24.62 -158.22
N PRO J 589 79.12 -24.32 -158.36
CA PRO J 589 79.52 -22.95 -158.72
C PRO J 589 78.96 -22.53 -160.06
N SER J 590 78.59 -21.26 -160.15
CA SER J 590 77.99 -20.74 -161.36
C SER J 590 79.00 -20.73 -162.51
N PRO J 591 78.52 -20.90 -163.75
CA PRO J 591 79.46 -20.84 -164.89
C PRO J 591 80.17 -19.51 -165.01
N MET J 592 79.58 -18.43 -164.52
CA MET J 592 80.25 -17.13 -164.51
C MET J 592 81.53 -17.20 -163.68
N GLU J 593 81.46 -17.83 -162.51
CA GLU J 593 82.65 -17.98 -161.68
C GLU J 593 83.67 -18.89 -162.34
N ILE J 594 83.20 -19.92 -163.05
CA ILE J 594 84.11 -20.86 -163.71
C ILE J 594 84.91 -20.15 -164.80
N LEU J 595 84.24 -19.35 -165.62
CA LEU J 595 84.94 -18.64 -166.68
C LEU J 595 85.84 -17.54 -166.12
N GLN J 596 85.44 -16.92 -165.01
CA GLN J 596 86.33 -15.97 -164.35
C GLN J 596 87.59 -16.68 -163.85
N LEU J 597 87.42 -17.88 -163.29
CA LEU J 597 88.57 -18.67 -162.87
C LEU J 597 89.44 -19.06 -164.06
N GLU J 598 88.83 -19.48 -165.16
CA GLU J 598 89.59 -19.90 -166.33
C GLU J 598 90.31 -18.72 -166.98
N MET J 599 89.62 -17.58 -167.08
CA MET J 599 90.24 -16.40 -167.67
C MET J 599 91.42 -15.90 -166.86
N THR J 600 91.35 -15.98 -165.52
CA THR J 600 92.50 -15.63 -164.70
C THR J 600 93.67 -16.56 -164.96
N LYS J 601 93.37 -17.84 -165.20
CA LYS J 601 94.43 -18.79 -165.57
C LYS J 601 95.09 -18.39 -166.89
N ALA J 602 94.29 -17.92 -167.85
CA ALA J 602 94.86 -17.41 -169.09
C ALA J 602 95.72 -16.17 -168.85
N GLN J 603 95.32 -15.34 -167.89
CA GLN J 603 96.08 -14.13 -167.59
C GLN J 603 97.50 -14.43 -167.12
N VAL J 604 97.68 -15.41 -166.23
CA VAL J 604 99.02 -15.79 -165.83
C VAL J 604 99.74 -16.56 -166.92
N GLU J 605 98.99 -17.33 -167.73
CA GLU J 605 99.61 -18.03 -168.86
C GLU J 605 100.21 -17.04 -169.84
N ASN J 606 99.49 -15.95 -170.14
CA ASN J 606 100.06 -14.88 -170.94
C ASN J 606 101.26 -14.25 -170.24
N VAL J 607 101.16 -14.04 -168.92
CA VAL J 607 102.30 -13.51 -168.17
C VAL J 607 103.46 -14.49 -168.22
N GLN J 608 103.18 -15.77 -168.01
CA GLN J 608 104.21 -16.79 -168.13
C GLN J 608 104.76 -16.86 -169.55
N ALA J 609 103.86 -16.96 -170.54
CA ALA J 609 104.30 -17.02 -171.93
C ALA J 609 105.02 -15.73 -172.33
N SER J 610 104.67 -14.61 -171.71
CA SER J 610 105.41 -13.38 -171.93
C SER J 610 106.86 -13.55 -171.49
N SER J 611 107.08 -14.16 -170.33
CA SER J 611 108.43 -14.28 -169.79
C SER J 611 109.32 -15.14 -170.68
N GLN J 612 108.83 -16.31 -171.10
CA GLN J 612 109.65 -17.18 -171.94
C GLN J 612 109.94 -16.55 -173.30
N LYS J 613 108.93 -15.94 -173.93
CA LYS J 613 109.18 -15.16 -175.13
C LYS J 613 110.10 -13.97 -174.88
N MET J 614 110.00 -13.37 -173.69
CA MET J 614 110.89 -12.28 -173.30
C MET J 614 112.29 -12.79 -173.00
N ILE J 615 112.44 -14.08 -172.70
CA ILE J 615 113.75 -14.64 -172.41
C ILE J 615 114.35 -15.29 -173.65
N ALA J 616 113.50 -15.88 -174.49
CA ALA J 616 113.97 -16.67 -175.62
C ALA J 616 114.77 -15.81 -176.61
N ASP J 617 114.35 -14.57 -176.82
CA ASP J 617 115.00 -13.69 -177.79
C ASP J 617 116.46 -13.44 -177.43
N ALA J 618 116.79 -13.49 -176.14
CA ALA J 618 118.17 -13.30 -175.71
C ALA J 618 119.07 -14.39 -176.27
N PHE J 619 118.55 -15.62 -176.36
CA PHE J 619 119.33 -16.72 -176.95
C PHE J 619 119.63 -16.44 -178.41
N ASP J 620 118.65 -15.92 -179.14
CA ASP J 620 118.87 -15.55 -180.54
C ASP J 620 119.90 -14.44 -180.66
N GLN J 621 119.85 -13.47 -179.74
CA GLN J 621 120.80 -12.37 -179.76
C GLN J 621 122.24 -12.87 -179.59
N ARG J 622 122.44 -13.76 -178.62
CA ARG J 622 123.78 -14.34 -178.42
C ARG J 622 124.19 -15.19 -179.60
N GLU J 623 123.24 -15.86 -180.26
CA GLU J 623 123.54 -16.58 -181.47
C GLU J 623 124.01 -15.63 -182.57
N ARG J 624 123.38 -14.45 -182.66
CA ARG J 624 123.82 -13.46 -183.64
C ARG J 624 125.23 -12.98 -183.35
N THR J 625 125.56 -12.76 -182.07
CA THR J 625 126.89 -12.29 -181.72
C THR J 625 127.96 -13.27 -182.16
N THR J 626 127.71 -14.57 -181.99
CA THR J 626 128.64 -15.58 -182.49
C THR J 626 128.74 -15.53 -184.01
N PHE J 627 127.64 -15.16 -184.68
CA PHE J 627 127.62 -15.16 -186.13
C PHE J 627 128.62 -14.17 -186.73
N GLU J 628 128.67 -12.94 -186.20
CA GLU J 628 129.66 -11.98 -186.69
C GLU J 628 131.07 -12.47 -186.39
N GLN J 629 131.28 -13.04 -185.20
CA GLN J 629 132.56 -13.66 -184.89
C GLN J 629 132.84 -14.86 -185.78
N GLN J 630 131.80 -15.57 -186.21
CA GLN J 630 131.97 -16.65 -187.18
C GLN J 630 132.40 -16.10 -188.53
N LYS J 631 131.86 -14.96 -188.93
CA LYS J 631 132.22 -14.35 -190.20
C LYS J 631 133.64 -13.78 -190.19
N ALA J 632 134.28 -13.71 -189.02
CA ALA J 632 135.63 -13.18 -188.94
C ALA J 632 136.59 -13.99 -189.81
N ALA J 633 136.28 -15.26 -190.03
CA ALA J 633 137.09 -16.08 -190.96
C ALA J 633 136.97 -15.55 -192.38
N ASP J 634 135.79 -15.04 -192.74
CA ASP J 634 135.60 -14.52 -194.09
C ASP J 634 136.51 -13.33 -194.37
N GLU J 635 136.64 -12.42 -193.40
CA GLU J 635 137.63 -11.35 -193.53
C GLU J 635 139.04 -11.93 -193.54
N LEU J 636 139.29 -12.92 -192.69
CA LEU J 636 140.57 -13.62 -192.73
C LEU J 636 140.76 -14.37 -194.03
N SER J 637 139.67 -14.86 -194.63
CA SER J 637 139.76 -15.49 -195.94
C SER J 637 140.18 -14.50 -197.01
N LEU J 638 139.78 -13.23 -196.85
CA LEU J 638 140.19 -12.19 -197.78
C LEU J 638 141.68 -11.95 -197.75
N ARG J 639 142.33 -12.21 -196.60
CA ARG J 639 143.78 -12.11 -196.53
C ARG J 639 144.43 -13.10 -197.47
N GLN J 640 143.92 -14.33 -197.52
CA GLN J 640 144.45 -15.32 -198.46
C GLN J 640 144.19 -14.89 -199.90
N GLU J 641 143.00 -14.34 -200.15
CA GLU J 641 142.62 -13.99 -201.52
C GLU J 641 143.50 -12.87 -202.08
N GLU J 642 143.74 -11.82 -201.28
CA GLU J 642 144.49 -10.68 -201.78
C GLU J 642 145.93 -11.06 -202.09
N LEU J 643 146.56 -11.86 -201.22
CA LEU J 643 147.91 -12.34 -201.48
C LEU J 643 147.95 -13.48 -202.49
N GLN J 644 146.84 -14.20 -202.67
CA GLN J 644 146.77 -15.15 -203.78
C GLN J 644 146.83 -14.42 -205.12
N PHE J 645 146.12 -13.29 -205.23
CA PHE J 645 146.21 -12.48 -206.44
C PHE J 645 147.63 -12.01 -206.69
N LYS J 646 148.41 -11.84 -205.62
CA LYS J 646 149.77 -11.35 -205.76
C LYS J 646 150.70 -12.38 -206.42
N GLN J 647 150.45 -13.68 -206.23
CA GLN J 647 151.38 -14.67 -206.77
C GLN J 647 151.31 -14.71 -208.30
N GLU J 648 150.12 -14.47 -208.87
CA GLU J 648 150.07 -14.20 -210.31
C GLU J 648 150.74 -12.88 -210.65
N ASN J 649 150.53 -11.86 -209.80
CA ASN J 649 151.22 -10.59 -210.00
C ASN J 649 152.72 -10.75 -209.85
N ALA J 650 153.15 -11.75 -209.08
CA ALA J 650 154.56 -12.11 -209.07
C ALA J 650 154.92 -12.99 -210.26
N ALA J 651 153.97 -13.80 -210.72
CA ALA J 651 154.24 -14.71 -211.84
C ALA J 651 154.43 -13.95 -213.14
N ASP J 652 153.52 -13.02 -213.44
CA ASP J 652 153.66 -12.25 -214.67
C ASP J 652 154.78 -11.23 -214.56
N ALA J 653 155.14 -10.83 -213.35
CA ALA J 653 156.27 -9.93 -213.16
C ALA J 653 157.57 -10.57 -213.64
N MET J 654 157.79 -11.84 -213.26
CA MET J 654 158.95 -12.55 -213.78
C MET J 654 158.79 -12.86 -215.25
N THR J 655 157.54 -12.99 -215.73
CA THR J 655 157.30 -13.11 -217.16
C THR J 655 157.71 -11.84 -217.88
N LEU J 656 157.40 -10.68 -217.28
CA LEU J 656 157.84 -9.41 -217.86
C LEU J 656 159.36 -9.34 -217.97
N GLU J 657 160.06 -9.90 -216.99
CA GLU J 657 161.51 -10.01 -217.10
C GLU J 657 161.91 -10.90 -218.27
N ASN J 658 161.12 -11.94 -218.54
CA ASN J 658 161.34 -12.79 -219.71
C ASN J 658 160.86 -12.16 -221.00
N ARG J 659 159.95 -11.18 -220.94
CA ARG J 659 159.49 -10.51 -222.14
C ARG J 659 160.55 -9.56 -222.69
N LYS J 660 161.50 -9.14 -221.85
CA LYS J 660 162.53 -8.20 -222.26
C LYS J 660 163.64 -8.90 -223.05
N GLU J 661 163.56 -10.23 -223.14
CA GLU J 661 164.54 -11.00 -223.89
C GLU J 661 164.54 -10.60 -225.37
N LYS K 5 97.13 -46.45 -74.91
CA LYS K 5 98.07 -45.35 -75.08
C LYS K 5 98.30 -44.60 -73.77
N TYR K 6 97.44 -43.64 -73.49
CA TYR K 6 97.54 -42.87 -72.25
C TYR K 6 97.23 -43.76 -71.06
N SER K 7 97.98 -43.57 -69.97
CA SER K 7 97.77 -44.36 -68.77
C SER K 7 96.40 -44.07 -68.17
N GLU K 8 95.79 -45.10 -67.59
CA GLU K 8 94.44 -44.97 -67.04
C GLU K 8 94.41 -43.99 -65.88
N GLU K 9 95.54 -43.85 -65.17
CA GLU K 9 95.59 -42.91 -64.05
C GLU K 9 95.47 -41.47 -64.54
N VAL K 10 96.00 -41.20 -65.74
CA VAL K 10 95.78 -39.90 -66.37
C VAL K 10 94.30 -39.72 -66.68
N LEU K 11 93.65 -40.75 -67.23
CA LEU K 11 92.24 -40.67 -67.54
C LEU K 11 91.39 -40.49 -66.30
N ASP K 12 91.75 -41.14 -65.19
CA ASP K 12 91.02 -40.95 -63.94
C ASP K 12 91.13 -39.50 -63.47
N GLU K 13 92.33 -38.91 -63.57
CA GLU K 13 92.49 -37.49 -63.28
C GLU K 13 91.79 -36.64 -64.33
N LEU K 14 91.79 -37.10 -65.59
CA LEU K 14 91.11 -36.37 -66.65
C LEU K 14 89.61 -36.30 -66.39
N ARG K 15 89.02 -37.42 -65.93
CA ARG K 15 87.59 -37.45 -65.66
C ARG K 15 87.20 -36.47 -64.56
N VAL K 16 87.97 -36.43 -63.47
CA VAL K 16 87.64 -35.58 -62.35
C VAL K 16 87.74 -34.11 -62.74
N ASP K 17 88.83 -33.74 -63.40
CA ASP K 17 89.02 -32.35 -63.81
C ASP K 17 87.98 -31.93 -64.84
N LEU K 18 87.67 -32.81 -65.79
CA LEU K 18 86.65 -32.49 -66.79
C LEU K 18 85.27 -32.37 -66.14
N GLN K 19 84.95 -33.28 -65.21
CA GLN K 19 83.62 -33.28 -64.61
C GLN K 19 83.36 -32.02 -63.81
N ARG K 20 84.34 -31.58 -63.01
CA ARG K 20 84.13 -30.39 -62.19
C ARG K 20 83.97 -29.15 -63.05
N ARG K 21 84.70 -29.07 -64.16
CA ARG K 21 84.52 -27.96 -65.10
C ARG K 21 83.15 -28.02 -65.76
N PHE K 22 82.67 -29.23 -66.08
CA PHE K 22 81.33 -29.37 -66.66
C PHE K 22 80.27 -28.90 -65.68
N ASN K 23 80.42 -29.24 -64.40
CA ASN K 23 79.46 -28.80 -63.40
C ASN K 23 79.46 -27.27 -63.29
N TYR K 24 80.64 -26.66 -63.34
CA TYR K 24 80.73 -25.21 -63.30
C TYR K 24 80.11 -24.60 -64.55
N ALA K 25 80.37 -25.19 -65.72
CA ALA K 25 79.87 -24.64 -66.97
C ALA K 25 78.34 -24.70 -67.03
N GLN K 26 77.75 -25.83 -66.61
CA GLN K 26 76.31 -25.98 -66.72
C GLN K 26 75.58 -25.04 -65.77
N GLY K 27 76.17 -24.77 -64.61
CA GLY K 27 75.51 -23.89 -63.65
C GLY K 27 75.33 -22.48 -64.18
N TYR K 28 76.37 -21.94 -64.81
CA TYR K 28 76.27 -20.60 -65.39
C TYR K 28 75.30 -20.57 -66.56
N VAL K 29 75.37 -21.58 -67.43
CA VAL K 29 74.54 -21.59 -68.63
C VAL K 29 73.06 -21.68 -68.27
N ASP K 30 72.73 -22.55 -67.30
CA ASP K 30 71.33 -22.75 -66.93
C ASP K 30 70.72 -21.48 -66.36
N MET K 31 71.41 -20.86 -65.39
CA MET K 31 70.84 -19.69 -64.72
C MET K 31 70.80 -18.47 -65.64
N ALA K 32 71.88 -18.24 -66.40
CA ALA K 32 71.98 -17.01 -67.16
C ALA K 32 71.08 -17.00 -68.38
N VAL K 33 71.00 -18.13 -69.10
CA VAL K 33 70.40 -18.12 -70.43
C VAL K 33 69.22 -19.08 -70.52
N LYS K 34 69.45 -20.34 -70.14
CA LYS K 34 68.40 -21.35 -70.28
C LYS K 34 67.18 -21.01 -69.44
N GLY K 35 67.34 -20.21 -68.38
CA GLY K 35 66.19 -19.73 -67.63
C GLY K 35 65.39 -18.67 -68.37
N TYR K 36 65.97 -18.05 -69.39
CA TYR K 36 65.28 -17.06 -70.21
C TYR K 36 64.90 -17.62 -71.58
N ALA K 37 65.76 -18.45 -72.16
CA ALA K 37 65.42 -19.08 -73.45
C ALA K 37 64.20 -19.99 -73.31
N ARG K 38 64.03 -20.63 -72.15
CA ARG K 38 62.86 -21.45 -71.92
C ARG K 38 61.58 -20.63 -72.01
N GLU K 39 61.59 -19.44 -71.40
CA GLU K 39 60.40 -18.60 -71.43
C GLU K 39 60.25 -17.90 -72.77
N ALA K 40 61.36 -17.61 -73.45
CA ALA K 40 61.31 -16.89 -74.72
C ALA K 40 60.56 -17.69 -75.77
N TRP K 41 60.78 -19.00 -75.81
CA TRP K 41 60.03 -19.85 -76.73
C TRP K 41 58.54 -19.79 -76.45
N GLU K 42 58.16 -19.77 -75.16
CA GLU K 42 56.74 -19.77 -74.82
C GLU K 42 56.08 -18.45 -75.19
N TYR K 43 56.78 -17.33 -75.00
CA TYR K 43 56.28 -16.06 -75.54
C TYR K 43 56.22 -16.10 -77.06
N PHE K 44 57.19 -16.75 -77.69
CA PHE K 44 57.16 -16.92 -79.13
C PHE K 44 55.90 -17.65 -79.58
N TYR K 45 55.34 -18.51 -78.71
CA TYR K 45 54.10 -19.22 -78.99
C TYR K 45 52.89 -18.50 -78.42
N GLY K 46 53.10 -17.42 -77.68
CA GLY K 46 51.98 -16.70 -77.09
C GLY K 46 51.19 -17.49 -76.06
N ASN K 47 51.88 -18.29 -75.23
CA ASN K 47 51.19 -19.12 -74.26
C ASN K 47 51.57 -18.80 -72.82
N LEU K 48 52.76 -18.26 -72.58
CA LEU K 48 53.22 -17.97 -71.23
C LEU K 48 52.51 -16.76 -70.61
N PRO K 49 52.18 -15.71 -71.37
CA PRO K 49 51.32 -14.66 -70.80
C PRO K 49 50.10 -15.26 -70.14
N ALA K 50 50.02 -15.05 -68.83
CA ALA K 50 49.22 -15.90 -67.95
C ALA K 50 47.73 -15.68 -68.17
N PRO K 51 46.97 -16.73 -68.49
CA PRO K 51 45.50 -16.68 -68.40
C PRO K 51 45.06 -16.80 -66.95
N VAL K 52 45.11 -15.67 -66.24
CA VAL K 52 44.93 -15.67 -64.80
C VAL K 52 43.52 -16.12 -64.43
N THR K 53 42.51 -15.68 -65.18
CA THR K 53 41.13 -16.02 -64.90
C THR K 53 40.37 -16.13 -66.21
N ALA K 54 39.33 -16.96 -66.20
CA ALA K 54 38.46 -17.07 -67.36
C ALA K 54 37.78 -15.75 -67.66
N GLY K 55 37.41 -15.00 -66.61
CA GLY K 55 36.84 -13.69 -66.78
C GLY K 55 37.83 -12.59 -67.06
N SER K 56 39.12 -12.92 -67.13
CA SER K 56 40.14 -11.91 -67.42
C SER K 56 40.33 -11.67 -68.90
N SER K 57 39.57 -12.35 -69.76
CA SER K 57 39.67 -12.21 -71.21
C SER K 57 41.08 -12.54 -71.68
N SER K 58 41.43 -13.82 -71.56
CA SER K 58 42.80 -14.25 -71.76
C SER K 58 43.19 -14.29 -73.23
N TRP K 59 43.27 -13.13 -73.87
CA TRP K 59 43.88 -13.03 -75.19
C TRP K 59 45.38 -12.80 -75.03
N VAL K 60 46.14 -13.20 -76.04
CA VAL K 60 47.59 -13.01 -76.03
C VAL K 60 48.02 -12.38 -77.34
N ASP K 61 48.81 -11.33 -77.25
CA ASP K 61 49.47 -10.74 -78.40
C ASP K 61 50.82 -11.42 -78.60
N ARG K 62 51.25 -11.50 -79.86
CA ARG K 62 52.44 -12.26 -80.22
C ARG K 62 53.42 -11.37 -80.96
N THR K 63 53.67 -10.17 -80.42
CA THR K 63 54.55 -9.22 -81.08
C THR K 63 55.94 -9.79 -81.32
N VAL K 64 56.40 -10.65 -80.40
CA VAL K 64 57.69 -11.29 -80.56
C VAL K 64 57.65 -12.19 -81.78
N TRP K 65 56.50 -12.83 -82.03
CA TRP K 65 56.38 -13.75 -83.14
C TRP K 65 56.56 -13.04 -84.48
N GLU K 66 56.00 -11.84 -84.61
CA GLU K 66 56.21 -11.08 -85.84
C GLU K 66 57.61 -10.48 -85.88
N SER K 67 58.17 -10.17 -84.71
CA SER K 67 59.50 -9.55 -84.67
C SER K 67 60.60 -10.59 -84.91
N VAL K 68 60.43 -11.79 -84.34
CA VAL K 68 61.49 -12.80 -84.44
C VAL K 68 61.70 -13.20 -85.89
N ASN K 69 60.61 -13.47 -86.61
CA ASN K 69 60.74 -13.76 -88.04
C ASN K 69 60.78 -12.48 -88.86
N GLY K 70 60.60 -11.33 -88.20
CA GLY K 70 60.55 -10.07 -88.92
C GLY K 70 61.79 -9.77 -89.72
N THR K 71 62.97 -9.95 -89.11
CA THR K 71 64.21 -9.81 -89.86
C THR K 71 64.38 -10.97 -90.83
N LEU K 72 63.73 -12.10 -90.56
CA LEU K 72 64.00 -13.30 -91.33
C LEU K 72 63.34 -13.24 -92.70
N GLN K 73 62.44 -12.27 -92.93
CA GLN K 73 62.00 -12.03 -94.29
C GLN K 73 63.20 -11.63 -95.14
N ASP K 74 64.20 -11.03 -94.50
CA ASP K 74 65.39 -10.53 -95.17
C ASP K 74 66.58 -11.46 -95.00
N ILE K 75 66.62 -12.23 -93.90
CA ILE K 75 67.77 -13.09 -93.61
C ILE K 75 67.93 -14.14 -94.72
N ILE K 76 66.88 -14.93 -94.95
CA ILE K 76 66.94 -15.92 -96.01
C ILE K 76 66.96 -15.25 -97.38
N ASN K 77 66.45 -14.02 -97.46
CA ASN K 77 66.36 -13.32 -98.73
C ASN K 77 67.69 -12.78 -99.21
N VAL K 78 68.74 -12.80 -98.40
CA VAL K 78 70.02 -12.21 -98.81
C VAL K 78 71.11 -13.27 -98.92
N PHE K 79 71.19 -14.18 -97.94
CA PHE K 79 72.23 -15.21 -97.99
C PHE K 79 71.83 -16.37 -98.88
N CYS K 80 70.65 -16.96 -98.64
CA CYS K 80 70.22 -18.17 -99.33
C CYS K 80 69.15 -17.90 -100.38
N SER K 81 69.24 -16.76 -101.08
CA SER K 81 68.29 -16.42 -102.12
C SER K 81 68.82 -16.66 -103.52
N GLY K 82 70.14 -16.53 -103.71
CA GLY K 82 70.75 -16.64 -105.02
C GLY K 82 70.82 -18.07 -105.51
N ASP K 83 71.46 -18.23 -106.67
CA ASP K 83 71.73 -19.55 -107.21
C ASP K 83 72.50 -20.39 -106.21
N GLU K 84 73.43 -19.77 -105.48
CA GLU K 84 74.20 -20.45 -104.46
C GLU K 84 74.31 -19.47 -103.28
N ALA K 85 75.22 -19.77 -102.35
CA ALA K 85 75.41 -18.94 -101.16
C ALA K 85 76.73 -18.19 -101.15
N VAL K 86 77.84 -18.88 -101.47
CA VAL K 86 79.17 -18.33 -101.29
C VAL K 86 80.00 -18.60 -102.55
N THR K 87 81.09 -17.82 -102.69
CA THR K 87 82.04 -18.03 -103.77
C THR K 87 83.37 -17.41 -103.35
N PHE K 88 84.46 -18.16 -103.50
CA PHE K 88 85.77 -17.67 -103.11
C PHE K 88 86.40 -16.83 -104.23
N VAL K 89 87.21 -15.87 -103.82
CA VAL K 89 87.99 -15.05 -104.76
C VAL K 89 89.44 -15.06 -104.30
N ALA K 90 90.34 -14.92 -105.27
CA ALA K 90 91.78 -14.96 -105.01
C ALA K 90 92.38 -13.58 -105.29
N ASP K 91 93.71 -13.48 -105.13
CA ASP K 91 94.42 -12.24 -105.35
C ASP K 91 95.33 -12.26 -106.58
N ASN K 92 95.59 -13.43 -107.15
CA ASN K 92 96.46 -13.53 -108.31
C ASN K 92 95.97 -14.67 -109.20
N GLN K 93 96.43 -14.67 -110.44
CA GLN K 93 96.11 -15.75 -111.36
C GLN K 93 96.83 -17.06 -111.00
N GLN K 94 97.84 -17.00 -110.13
CA GLN K 94 98.52 -18.22 -109.71
C GLN K 94 97.60 -19.15 -108.95
N ASP K 95 96.74 -18.60 -108.08
CA ASP K 95 95.77 -19.39 -107.34
C ASP K 95 94.33 -19.15 -107.76
N SER K 96 94.09 -18.42 -108.85
CA SER K 96 92.73 -18.23 -109.33
C SER K 96 92.12 -19.54 -109.81
N ASP K 97 92.95 -20.45 -110.30
CA ASP K 97 92.48 -21.76 -110.75
C ASP K 97 92.11 -22.68 -109.59
N ALA K 98 92.42 -22.28 -108.36
CA ALA K 98 92.08 -23.08 -107.17
C ALA K 98 90.87 -22.51 -106.42
N ALA K 99 90.62 -21.21 -106.54
CA ALA K 99 89.49 -20.61 -105.84
C ALA K 99 88.17 -21.17 -106.36
N ASP K 100 88.04 -21.30 -107.68
CA ASP K 100 86.81 -21.85 -108.26
C ASP K 100 86.59 -23.29 -107.84
N VAL K 101 87.68 -24.08 -107.80
CA VAL K 101 87.57 -25.46 -107.34
C VAL K 101 87.13 -25.50 -105.89
N ALA K 102 87.73 -24.65 -105.05
CA ALA K 102 87.27 -24.53 -103.67
C ALA K 102 85.82 -24.04 -103.62
N THR K 103 85.49 -23.08 -104.48
CA THR K 103 84.10 -22.61 -104.59
C THR K 103 83.19 -23.75 -105.03
N LYS K 104 83.66 -24.57 -105.97
CA LYS K 104 82.86 -25.68 -106.48
C LYS K 104 82.56 -26.71 -105.41
N LEU K 105 83.58 -27.17 -104.70
CA LEU K 105 83.41 -28.28 -103.76
C LEU K 105 82.55 -27.89 -102.57
N VAL K 106 82.83 -26.73 -101.97
CA VAL K 106 82.08 -26.35 -100.77
C VAL K 106 80.62 -26.11 -101.09
N ASN K 107 80.32 -25.55 -102.26
CA ASN K 107 78.94 -25.33 -102.65
C ASN K 107 78.22 -26.65 -102.89
N GLN K 108 78.96 -27.64 -103.42
CA GLN K 108 78.43 -28.99 -103.57
C GLN K 108 78.04 -29.59 -102.22
N ILE K 109 78.73 -29.17 -101.15
CA ILE K 109 78.57 -29.80 -99.85
C ILE K 109 77.36 -29.23 -99.10
N LEU K 110 77.30 -27.90 -98.97
CA LEU K 110 76.34 -27.30 -98.04
C LEU K 110 74.89 -27.60 -98.43
N LEU K 111 74.49 -27.30 -99.66
CA LEU K 111 73.10 -27.43 -100.05
C LEU K 111 72.89 -28.52 -101.11
N ARG K 112 73.88 -28.74 -101.98
CA ARG K 112 73.72 -29.73 -103.04
C ARG K 112 73.84 -31.16 -102.52
N ASP K 113 74.49 -31.37 -101.37
CA ASP K 113 74.57 -32.70 -100.77
C ASP K 113 73.81 -32.72 -99.44
N ASN K 114 74.11 -31.76 -98.59
CA ASN K 114 73.46 -31.60 -97.29
C ASN K 114 72.27 -30.67 -97.40
N PRO K 115 71.34 -30.71 -96.44
CA PRO K 115 70.23 -29.76 -96.46
C PRO K 115 70.63 -28.40 -95.92
N GLY K 116 71.42 -27.65 -96.69
CA GLY K 116 71.94 -26.38 -96.27
C GLY K 116 70.88 -25.34 -95.95
N TYR K 117 69.84 -25.27 -96.78
CA TYR K 117 68.74 -24.36 -96.51
C TYR K 117 68.07 -24.70 -95.19
N ASN K 118 67.89 -25.99 -94.92
CA ASN K 118 67.32 -26.40 -93.63
C ASN K 118 68.23 -25.98 -92.47
N ILE K 119 69.55 -26.10 -92.66
CA ILE K 119 70.48 -25.69 -91.60
C ILE K 119 70.44 -24.19 -91.41
N ILE K 120 70.52 -23.43 -92.52
CA ILE K 120 70.56 -21.98 -92.42
C ILE K 120 69.24 -21.43 -91.91
N SER K 121 68.12 -21.93 -92.44
CA SER K 121 66.82 -21.51 -91.93
C SER K 121 66.63 -21.91 -90.47
N SER K 122 67.28 -22.98 -90.03
CA SER K 122 67.28 -23.34 -88.61
C SER K 122 68.16 -22.38 -87.80
N ALA K 123 69.28 -21.95 -88.38
CA ALA K 123 70.23 -21.14 -87.64
C ALA K 123 69.68 -19.77 -87.27
N ALA K 124 68.54 -19.39 -87.82
CA ALA K 124 67.96 -18.08 -87.54
C ALA K 124 66.85 -18.15 -86.49
N GLN K 125 65.92 -19.09 -86.64
CA GLN K 125 64.74 -19.11 -85.79
C GLN K 125 65.07 -19.37 -84.32
N GLU K 126 65.90 -20.35 -84.01
CA GLU K 126 66.32 -20.59 -82.63
C GLU K 126 67.66 -19.91 -82.33
N CYS K 127 67.93 -18.79 -82.98
CA CYS K 127 69.01 -17.88 -82.60
C CYS K 127 68.45 -16.60 -82.01
N LEU K 128 67.32 -16.13 -82.51
CA LEU K 128 66.73 -14.86 -82.09
C LEU K 128 65.92 -14.99 -80.81
N VAL K 129 65.60 -16.21 -80.37
CA VAL K 129 64.91 -16.44 -79.11
C VAL K 129 65.82 -17.12 -78.09
N THR K 130 66.70 -18.00 -78.54
CA THR K 130 67.63 -18.67 -77.62
C THR K 130 68.87 -17.83 -77.34
N ARG K 131 68.92 -16.60 -77.84
CA ARG K 131 69.97 -15.61 -77.67
C ARG K 131 71.20 -15.91 -78.52
N ASN K 132 71.28 -17.07 -79.17
CA ASN K 132 72.37 -17.44 -80.07
C ASN K 132 71.99 -18.74 -80.79
N SER K 133 72.83 -19.13 -81.75
CA SER K 133 72.71 -20.40 -82.44
C SER K 133 74.10 -20.94 -82.68
N PHE K 134 74.15 -22.19 -83.13
CA PHE K 134 75.42 -22.87 -83.35
C PHE K 134 75.29 -23.80 -84.56
N ILE K 135 76.35 -23.82 -85.39
CA ILE K 135 76.41 -24.69 -86.55
C ILE K 135 77.68 -25.52 -86.47
N LYS K 136 77.69 -26.65 -87.20
CA LYS K 136 78.64 -27.71 -86.92
C LYS K 136 78.91 -28.54 -88.17
N TYR K 137 80.15 -29.02 -88.29
CA TYR K 137 80.56 -30.00 -89.29
C TYR K 137 81.16 -31.22 -88.60
N TYR K 138 81.42 -32.25 -89.40
CA TYR K 138 82.09 -33.46 -88.93
C TYR K 138 83.03 -33.98 -90.01
N TRP K 139 83.58 -35.16 -89.75
CA TRP K 139 84.22 -35.99 -90.78
C TRP K 139 83.50 -37.33 -90.76
N ASP K 140 82.52 -37.50 -91.66
CA ASP K 140 81.76 -38.73 -91.69
C ASP K 140 82.66 -39.90 -92.11
N GLU K 141 82.47 -41.03 -91.42
CA GLU K 141 83.23 -42.25 -91.69
C GLU K 141 82.30 -43.43 -91.83
N GLN K 142 81.15 -43.23 -92.48
CA GLN K 142 80.18 -44.30 -92.66
C GLN K 142 80.75 -45.40 -93.54
N THR K 143 80.38 -46.64 -93.23
CA THR K 143 80.83 -47.80 -93.99
C THR K 143 79.77 -48.89 -93.89
N SER K 144 79.84 -49.82 -94.83
CA SER K 144 78.89 -50.94 -94.86
C SER K 144 79.57 -52.26 -94.54
N VAL K 189 78.77 -61.20 -100.55
CA VAL K 189 79.16 -60.33 -101.65
C VAL K 189 80.18 -59.31 -101.18
N THR K 190 80.62 -59.46 -99.93
CA THR K 190 81.62 -58.63 -99.26
C THR K 190 81.47 -57.14 -99.60
N TYR K 191 80.24 -56.65 -99.65
CA TYR K 191 79.99 -55.24 -99.94
C TYR K 191 80.35 -54.40 -98.71
N GLU K 192 81.53 -53.80 -98.74
CA GLU K 192 82.06 -53.04 -97.60
C GLU K 192 82.51 -51.65 -98.04
N GLN K 193 81.65 -50.95 -98.79
CA GLN K 193 81.99 -49.61 -99.26
C GLN K 193 82.17 -48.66 -98.08
N THR K 194 83.24 -47.87 -98.14
CA THR K 194 83.55 -46.87 -97.12
C THR K 194 83.83 -45.55 -97.79
N VAL K 195 83.18 -44.50 -97.30
CA VAL K 195 83.29 -43.15 -97.86
C VAL K 195 83.52 -42.17 -96.72
N LYS K 196 84.07 -41.00 -97.06
CA LYS K 196 84.28 -39.94 -96.09
C LYS K 196 83.57 -38.68 -96.59
N ARG K 197 82.76 -38.09 -95.73
CA ARG K 197 82.04 -36.87 -96.05
C ARG K 197 82.16 -35.87 -94.91
N VAL K 198 81.96 -34.60 -95.23
CA VAL K 198 81.96 -33.54 -94.23
C VAL K 198 80.52 -33.40 -93.77
N LYS K 199 80.19 -34.12 -92.70
CA LYS K 199 78.82 -34.15 -92.19
C LYS K 199 78.51 -32.83 -91.47
N VAL K 200 77.54 -32.09 -91.99
CA VAL K 200 77.18 -30.77 -91.47
C VAL K 200 75.75 -30.80 -90.97
N GLU K 201 75.57 -30.40 -89.72
CA GLU K 201 74.24 -30.35 -89.10
C GLU K 201 74.17 -29.17 -88.14
N TYR K 202 72.95 -28.73 -87.88
CA TYR K 202 72.72 -27.63 -86.95
C TYR K 202 72.99 -28.08 -85.51
N VAL K 203 73.25 -27.10 -84.64
CA VAL K 203 73.41 -27.35 -83.21
C VAL K 203 72.45 -26.47 -82.42
N PRO K 204 71.60 -27.05 -81.58
CA PRO K 204 70.74 -26.24 -80.71
C PRO K 204 71.57 -25.51 -79.64
N SER K 205 70.95 -24.48 -79.09
CA SER K 205 71.60 -23.65 -78.07
C SER K 205 71.58 -24.28 -76.69
N GLU K 206 70.89 -25.40 -76.51
CA GLU K 206 70.86 -26.08 -75.22
C GLU K 206 71.97 -27.10 -75.03
N GLN K 207 72.52 -27.63 -76.13
CA GLN K 207 73.52 -28.69 -76.08
C GLN K 207 74.93 -28.15 -75.99
N ILE K 208 75.10 -26.93 -75.47
CA ILE K 208 76.40 -26.27 -75.39
C ILE K 208 76.66 -25.86 -73.95
N PHE K 209 77.87 -26.12 -73.49
CA PHE K 209 78.26 -25.77 -72.12
C PHE K 209 79.61 -25.07 -72.18
N VAL K 210 79.61 -23.78 -71.83
CA VAL K 210 80.82 -22.96 -71.90
C VAL K 210 81.05 -22.30 -70.55
N ASP K 211 82.32 -22.13 -70.17
CA ASP K 211 82.68 -21.48 -68.93
C ASP K 211 82.39 -19.98 -68.99
N GLU K 212 82.30 -19.37 -67.81
CA GLU K 212 81.97 -17.95 -67.71
C GLU K 212 83.11 -17.04 -68.13
N HIS K 213 84.36 -17.47 -67.93
CA HIS K 213 85.52 -16.62 -68.19
C HIS K 213 85.95 -16.64 -69.66
N ALA K 214 85.07 -17.03 -70.57
CA ALA K 214 85.35 -17.03 -72.00
C ALA K 214 84.48 -16.01 -72.71
N THR K 215 84.95 -15.56 -73.87
CA THR K 215 84.23 -14.56 -74.65
C THR K 215 84.09 -14.97 -76.11
N SER K 216 84.92 -15.90 -76.56
CA SER K 216 84.89 -16.36 -77.94
C SER K 216 85.33 -17.81 -77.99
N PHE K 217 85.23 -18.40 -79.19
CA PHE K 217 85.57 -19.81 -79.36
C PHE K 217 87.05 -20.06 -79.09
N ALA K 218 87.92 -19.17 -79.59
CA ALA K 218 89.36 -19.40 -79.49
C ALA K 218 89.83 -19.35 -78.04
N ASP K 219 89.40 -18.33 -77.29
CA ASP K 219 89.92 -18.14 -75.94
C ASP K 219 89.26 -19.07 -74.92
N ALA K 220 88.25 -19.83 -75.33
CA ALA K 220 87.57 -20.73 -74.41
C ALA K 220 88.53 -21.79 -73.90
N GLN K 221 88.49 -22.02 -72.59
CA GLN K 221 89.35 -23.01 -71.94
C GLN K 221 88.70 -24.36 -71.75
N TYR K 222 87.39 -24.41 -71.51
CA TYR K 222 86.66 -25.66 -71.46
C TYR K 222 85.42 -25.54 -72.34
N PHE K 223 85.02 -26.67 -72.93
CA PHE K 223 83.85 -26.68 -73.80
C PHE K 223 83.25 -28.08 -73.88
N CYS K 224 81.93 -28.17 -73.82
CA CYS K 224 81.24 -29.44 -73.90
C CYS K 224 80.07 -29.30 -74.87
N HIS K 225 79.69 -30.42 -75.48
CA HIS K 225 78.58 -30.44 -76.43
C HIS K 225 77.85 -31.76 -76.28
N ARG K 226 76.74 -31.74 -75.55
CA ARG K 226 75.91 -32.92 -75.32
C ARG K 226 75.29 -33.39 -76.62
N VAL K 227 75.58 -34.62 -77.04
CA VAL K 227 75.15 -35.15 -78.32
C VAL K 227 74.47 -36.51 -78.11
N ARG K 228 73.36 -36.71 -78.81
CA ARG K 228 72.79 -38.04 -78.96
C ARG K 228 73.51 -38.76 -80.09
N ARG K 229 73.99 -39.97 -79.82
CA ARG K 229 74.68 -40.77 -80.82
C ARG K 229 74.19 -42.20 -80.77
N SER K 230 74.29 -42.89 -81.90
CA SER K 230 73.91 -44.29 -81.98
C SER K 230 75.12 -45.17 -81.63
N LYS K 231 74.82 -46.40 -81.20
CA LYS K 231 75.87 -47.29 -80.74
C LYS K 231 76.76 -47.80 -81.87
N GLU K 232 76.35 -47.63 -83.13
CA GLU K 232 77.18 -48.07 -84.24
C GLU K 232 78.56 -47.42 -84.19
N ASP K 233 78.60 -46.11 -83.93
CA ASP K 233 79.88 -45.44 -83.75
C ASP K 233 80.60 -45.94 -82.50
N LEU K 234 79.85 -46.20 -81.42
CA LEU K 234 80.45 -46.61 -80.17
C LEU K 234 81.04 -48.01 -80.24
N VAL K 235 80.31 -48.96 -80.83
CA VAL K 235 80.78 -50.34 -80.90
C VAL K 235 82.01 -50.46 -81.78
N ALA K 236 82.09 -49.66 -82.85
CA ALA K 236 83.26 -49.67 -83.72
C ALA K 236 84.47 -49.01 -83.07
N MET K 237 84.33 -48.50 -81.84
CA MET K 237 85.42 -47.81 -81.17
C MET K 237 85.80 -48.39 -79.82
N GLY K 238 84.91 -49.12 -79.14
CA GLY K 238 85.26 -49.70 -77.86
C GLY K 238 84.07 -50.42 -77.26
N PHE K 239 84.31 -50.97 -76.06
CA PHE K 239 83.40 -51.75 -75.22
C PHE K 239 82.38 -52.55 -76.04
N PRO K 240 82.82 -53.50 -76.86
CA PRO K 240 81.87 -54.27 -77.67
C PRO K 240 81.11 -55.32 -76.86
N LYS K 241 81.69 -55.73 -75.73
CA LYS K 241 81.09 -56.79 -74.91
C LYS K 241 80.00 -56.28 -73.97
N ASP K 242 79.77 -54.98 -73.87
CA ASP K 242 78.71 -54.46 -73.00
C ASP K 242 78.06 -53.27 -73.69
N GLU K 243 76.76 -53.37 -73.94
CA GLU K 243 76.03 -52.34 -74.67
C GLU K 243 74.69 -52.04 -74.00
N ILE K 244 74.63 -52.09 -72.68
CA ILE K 244 73.37 -51.93 -71.96
C ILE K 244 73.40 -50.62 -71.18
N GLU K 245 74.15 -49.65 -71.69
CA GLU K 245 74.19 -48.34 -71.05
C GLU K 245 72.86 -47.61 -71.25
N ALA K 246 72.52 -46.75 -70.29
CA ALA K 246 71.27 -46.00 -70.33
C ALA K 246 71.50 -44.60 -70.89
N THR K 256 69.78 -32.87 -65.84
CA THR K 256 69.78 -32.65 -67.28
C THR K 256 68.38 -32.36 -67.80
N THR K 257 67.47 -32.04 -66.88
CA THR K 257 66.09 -31.75 -67.26
C THR K 257 66.01 -30.49 -68.12
N GLN K 258 66.88 -29.52 -67.84
CA GLN K 258 66.93 -28.31 -68.66
C GLN K 258 67.28 -28.65 -70.11
N SER K 259 68.14 -29.66 -70.30
CA SER K 259 68.46 -30.12 -71.63
C SER K 259 67.30 -30.87 -72.28
N THR K 260 66.24 -31.16 -71.51
CA THR K 260 65.04 -31.77 -72.08
C THR K 260 63.88 -30.79 -72.15
N VAL K 261 63.78 -29.91 -71.15
CA VAL K 261 62.66 -28.97 -71.09
C VAL K 261 62.69 -28.01 -72.28
N ALA K 262 63.90 -27.55 -72.64
CA ALA K 262 64.03 -26.52 -73.67
C ALA K 262 63.39 -26.96 -74.98
N TRP K 263 63.76 -28.14 -75.49
CA TRP K 263 63.14 -28.64 -76.70
C TRP K 263 61.75 -29.20 -76.45
N SER K 264 61.42 -29.52 -75.21
CA SER K 264 60.03 -29.83 -74.89
C SER K 264 59.16 -28.59 -74.90
N ARG K 265 59.76 -27.40 -74.98
CA ARG K 265 59.01 -26.15 -75.02
C ARG K 265 59.47 -25.27 -76.19
N THR K 266 60.32 -25.81 -77.06
CA THR K 266 60.45 -25.25 -78.41
C THR K 266 59.20 -25.48 -79.23
N ASP K 267 58.30 -26.34 -78.72
CA ASP K 267 56.98 -26.59 -79.25
C ASP K 267 56.21 -27.32 -78.16
N TRP K 268 54.94 -27.63 -78.38
CA TRP K 268 54.22 -28.46 -77.43
C TRP K 268 53.87 -29.83 -77.96
N ARG K 269 54.42 -30.25 -79.09
CA ARG K 269 54.18 -31.56 -79.68
C ARG K 269 55.42 -32.44 -79.73
N GLN K 270 56.37 -32.26 -78.82
CA GLN K 270 57.61 -33.04 -78.86
C GLN K 270 58.22 -33.13 -77.47
N ASP K 271 59.03 -34.17 -77.27
CA ASP K 271 59.85 -34.36 -76.07
C ASP K 271 61.09 -35.11 -76.49
N ILE K 272 62.15 -35.02 -75.69
CA ILE K 272 63.43 -35.63 -76.05
C ILE K 272 63.85 -36.70 -75.05
N ASP K 273 63.31 -36.66 -73.84
CA ASP K 273 63.70 -37.62 -72.80
C ASP K 273 62.77 -38.82 -72.70
N ALA K 274 61.75 -38.91 -73.55
CA ALA K 274 60.83 -40.04 -73.49
C ALA K 274 61.44 -41.27 -74.16
N ASP K 275 60.72 -42.38 -74.08
CA ASP K 275 61.18 -43.65 -74.64
C ASP K 275 60.57 -43.82 -76.01
N ILE K 276 61.42 -43.91 -77.04
CA ILE K 276 60.94 -44.18 -78.39
C ILE K 276 60.43 -45.61 -78.51
N GLY K 277 61.01 -46.55 -77.76
CA GLY K 277 60.46 -47.88 -77.66
C GLY K 277 61.41 -49.05 -77.77
N THR K 278 62.41 -48.98 -78.65
CA THR K 278 63.32 -50.11 -78.82
C THR K 278 64.15 -50.36 -77.57
N ASP K 279 64.53 -51.62 -77.38
CA ASP K 279 65.31 -52.01 -76.22
C ASP K 279 66.69 -51.36 -76.24
N THR K 280 67.25 -51.18 -75.04
CA THR K 280 68.59 -50.61 -74.90
C THR K 280 69.67 -51.50 -75.48
N GLU K 281 69.39 -52.79 -75.67
CA GLU K 281 70.33 -53.68 -76.32
C GLU K 281 70.52 -53.36 -77.80
N ASP K 282 69.54 -52.72 -78.43
CA ASP K 282 69.64 -52.40 -79.84
C ASP K 282 70.78 -51.43 -80.09
N ILE K 283 71.56 -51.72 -81.13
CA ILE K 283 72.65 -50.85 -81.52
C ILE K 283 72.16 -49.52 -82.07
N ALA K 284 71.04 -49.52 -82.79
CA ALA K 284 70.45 -48.29 -83.33
C ALA K 284 69.71 -47.50 -82.25
N SER K 285 69.64 -48.01 -81.01
CA SER K 285 69.05 -47.25 -79.92
C SER K 285 69.82 -45.95 -79.74
N MET K 286 69.11 -44.84 -79.56
CA MET K 286 69.69 -43.52 -79.69
C MET K 286 70.19 -43.05 -78.34
N VAL K 287 71.49 -42.79 -78.24
CA VAL K 287 72.15 -42.71 -76.93
C VAL K 287 72.85 -41.37 -76.81
N TRP K 288 72.67 -40.74 -75.64
CA TRP K 288 73.38 -39.51 -75.30
C TRP K 288 74.88 -39.79 -75.15
N VAL K 289 75.69 -38.84 -75.63
CA VAL K 289 77.13 -38.85 -75.38
C VAL K 289 77.55 -37.47 -74.91
N TYR K 290 78.81 -37.33 -74.48
CA TYR K 290 79.34 -36.06 -73.95
C TYR K 290 80.59 -35.70 -74.74
N GLU K 291 80.42 -34.97 -75.83
CA GLU K 291 81.56 -34.44 -76.55
C GLU K 291 82.19 -33.30 -75.76
N HIS K 292 83.52 -33.24 -75.78
CA HIS K 292 84.25 -32.29 -74.95
C HIS K 292 85.40 -31.68 -75.74
N TYR K 293 85.64 -30.40 -75.49
CA TYR K 293 86.81 -29.69 -76.02
C TYR K 293 87.41 -28.88 -74.89
N ILE K 294 88.53 -29.35 -74.34
CA ILE K 294 89.14 -28.71 -73.18
C ILE K 294 90.62 -28.51 -73.42
N ARG K 295 91.12 -27.35 -73.03
CA ARG K 295 92.55 -27.07 -72.97
C ARG K 295 93.03 -27.35 -71.55
N THR K 296 93.71 -28.48 -71.37
CA THR K 296 94.13 -28.88 -70.03
C THR K 296 95.35 -29.80 -70.09
N GLY K 297 95.84 -30.21 -68.92
CA GLY K 297 97.04 -31.01 -68.85
C GLY K 297 96.83 -32.50 -68.96
N VAL K 298 96.53 -32.98 -70.17
CA VAL K 298 96.52 -34.42 -70.40
C VAL K 298 97.91 -34.99 -70.20
N LEU K 299 98.94 -34.26 -70.62
CA LEU K 299 100.31 -34.54 -70.25
C LEU K 299 100.64 -33.74 -69.00
N ASP K 300 101.93 -33.67 -68.65
CA ASP K 300 102.33 -32.86 -67.51
C ASP K 300 102.11 -31.38 -67.82
N LYS K 301 101.80 -30.61 -66.78
CA LYS K 301 101.48 -29.20 -66.93
C LYS K 301 102.69 -28.36 -67.35
N ASN K 302 103.90 -28.94 -67.31
CA ASN K 302 105.09 -28.19 -67.71
C ASN K 302 104.98 -27.67 -69.14
N LYS K 303 104.46 -28.51 -70.04
CA LYS K 303 104.18 -28.03 -71.39
C LYS K 303 102.96 -27.12 -71.38
N GLU K 304 102.96 -26.12 -72.25
CA GLU K 304 101.82 -25.24 -72.39
C GLU K 304 100.63 -26.03 -72.92
N SER K 305 99.59 -26.17 -72.11
CA SER K 305 98.46 -27.04 -72.41
C SER K 305 97.82 -26.67 -73.75
N LYS K 306 97.68 -27.68 -74.61
CA LYS K 306 97.02 -27.50 -75.89
C LYS K 306 95.55 -27.89 -75.78
N LEU K 307 94.85 -27.95 -76.91
CA LEU K 307 93.43 -28.30 -76.93
C LEU K 307 93.28 -29.72 -77.43
N TYR K 308 92.49 -30.51 -76.70
CA TYR K 308 92.32 -31.93 -76.99
C TYR K 308 90.84 -32.25 -77.03
N GLN K 309 90.36 -32.74 -78.17
CA GLN K 309 88.97 -33.16 -78.27
C GLN K 309 88.76 -34.45 -77.48
N VAL K 310 87.69 -34.48 -76.69
CA VAL K 310 87.38 -35.62 -75.84
C VAL K 310 85.93 -36.06 -76.07
N ILE K 311 85.76 -37.35 -76.30
CA ILE K 311 84.43 -37.96 -76.38
C ILE K 311 84.39 -39.12 -75.38
N GLN K 312 83.45 -39.06 -74.44
CA GLN K 312 83.40 -40.05 -73.38
C GLN K 312 81.95 -40.42 -73.09
N ALA K 313 81.72 -41.70 -72.86
CA ALA K 313 80.42 -42.24 -72.53
C ALA K 313 80.34 -42.48 -71.02
N GLY K 314 79.25 -43.11 -70.58
CA GLY K 314 79.07 -43.34 -69.15
C GLY K 314 80.19 -44.14 -68.52
N GLU K 315 81.02 -43.45 -67.74
CA GLU K 315 82.18 -44.05 -67.07
C GLU K 315 83.10 -44.74 -68.08
N HIS K 316 83.23 -44.17 -69.26
CA HIS K 316 84.11 -44.72 -70.29
C HIS K 316 84.51 -43.60 -71.25
N ILE K 317 85.70 -43.75 -71.84
CA ILE K 317 86.25 -42.77 -72.75
C ILE K 317 86.50 -43.43 -74.09
N LEU K 318 86.05 -42.77 -75.16
CA LEU K 318 86.12 -43.36 -76.49
C LEU K 318 87.29 -42.86 -77.32
N HIS K 319 87.54 -41.55 -77.36
CA HIS K 319 88.59 -41.05 -78.24
C HIS K 319 89.09 -39.70 -77.73
N THR K 320 90.40 -39.50 -77.82
CA THR K 320 91.03 -38.22 -77.53
C THR K 320 92.02 -37.91 -78.64
N GLU K 321 92.02 -36.65 -79.08
CA GLU K 321 92.92 -36.24 -80.16
C GLU K 321 93.18 -34.74 -80.14
N GLU K 322 94.36 -34.34 -80.59
CA GLU K 322 94.70 -32.93 -80.67
C GLU K 322 94.10 -32.31 -81.93
N VAL K 323 93.53 -31.11 -81.75
CA VAL K 323 93.01 -30.33 -82.87
C VAL K 323 93.25 -28.87 -82.56
N THR K 324 93.57 -28.09 -83.59
CA THR K 324 93.96 -26.70 -83.42
C THR K 324 92.82 -25.72 -83.71
N HIS K 325 91.59 -26.20 -83.88
CA HIS K 325 90.48 -25.30 -84.17
C HIS K 325 89.18 -25.95 -83.69
N ILE K 326 88.37 -25.16 -82.99
CA ILE K 326 87.06 -25.63 -82.53
C ILE K 326 86.15 -25.75 -83.75
N PRO K 327 85.50 -26.89 -83.97
CA PRO K 327 84.73 -27.11 -85.19
C PRO K 327 83.35 -26.45 -85.20
N PHE K 328 83.03 -25.61 -84.22
CA PHE K 328 81.68 -25.05 -84.17
C PHE K 328 81.73 -23.56 -84.53
N VAL K 329 80.60 -23.08 -85.07
CA VAL K 329 80.46 -21.69 -85.47
C VAL K 329 79.13 -21.17 -84.94
N THR K 330 79.14 -19.94 -84.44
CA THR K 330 77.98 -19.36 -83.77
C THR K 330 77.44 -18.19 -84.57
N PHE K 331 76.14 -17.94 -84.40
CA PHE K 331 75.46 -16.78 -84.97
C PHE K 331 75.03 -15.87 -83.82
N CYS K 332 75.34 -14.57 -83.94
CA CYS K 332 75.11 -13.63 -82.85
C CYS K 332 74.66 -12.29 -83.42
N PRO K 333 73.35 -12.08 -83.53
CA PRO K 333 72.85 -10.76 -83.93
C PRO K 333 72.79 -9.80 -82.75
N TYR K 334 73.13 -8.54 -83.03
CA TYR K 334 73.16 -7.46 -82.06
C TYR K 334 73.99 -7.90 -80.85
N PRO K 335 75.31 -7.97 -80.99
CA PRO K 335 76.12 -8.65 -79.97
C PRO K 335 76.43 -7.78 -78.77
N ILE K 336 77.17 -8.34 -77.82
CA ILE K 336 77.68 -7.60 -76.66
C ILE K 336 79.18 -7.85 -76.57
N PRO K 337 80.00 -6.81 -76.61
CA PRO K 337 81.46 -7.00 -76.55
C PRO K 337 81.88 -7.55 -75.19
N GLY K 338 82.99 -8.29 -75.21
CA GLY K 338 83.53 -8.89 -74.01
C GLY K 338 82.61 -9.94 -73.41
N SER K 339 81.92 -10.68 -74.27
CA SER K 339 81.01 -11.73 -73.83
C SER K 339 80.86 -12.75 -74.96
N PHE K 340 80.39 -13.93 -74.61
CA PHE K 340 80.15 -15.01 -75.57
C PHE K 340 78.73 -15.03 -76.10
N TYR K 341 77.75 -14.62 -75.31
CA TYR K 341 76.35 -14.60 -75.70
C TYR K 341 75.90 -13.15 -75.86
N GLY K 342 75.32 -12.82 -77.01
CA GLY K 342 74.86 -11.48 -77.28
C GLY K 342 73.49 -11.19 -76.71
N GLN K 343 72.68 -10.45 -77.45
CA GLN K 343 71.32 -10.13 -77.03
C GLN K 343 70.34 -10.90 -77.93
N SER K 344 69.04 -10.76 -77.67
CA SER K 344 68.02 -11.50 -78.40
C SER K 344 66.85 -10.58 -78.68
N VAL K 345 66.08 -10.91 -79.72
CA VAL K 345 64.88 -10.15 -80.04
C VAL K 345 63.87 -10.25 -78.90
N TYR K 346 63.84 -11.39 -78.21
CA TYR K 346 63.01 -11.51 -77.02
C TYR K 346 63.42 -10.49 -75.95
N ASP K 347 64.74 -10.35 -75.75
CA ASP K 347 65.22 -9.44 -74.72
C ASP K 347 64.82 -8.00 -75.01
N ILE K 348 64.50 -7.70 -76.27
CA ILE K 348 64.03 -6.36 -76.64
C ILE K 348 62.50 -6.31 -76.67
N THR K 349 61.86 -7.35 -77.18
CA THR K 349 60.42 -7.33 -77.44
C THR K 349 59.58 -8.00 -76.36
N LYS K 350 60.18 -8.43 -75.25
CA LYS K 350 59.38 -9.07 -74.20
C LYS K 350 58.43 -8.06 -73.55
N ASP K 351 58.91 -6.85 -73.29
CA ASP K 351 58.12 -5.86 -72.55
C ASP K 351 56.93 -5.38 -73.37
N ILE K 352 57.15 -5.17 -74.67
CA ILE K 352 56.08 -4.65 -75.53
C ILE K 352 54.93 -5.65 -75.61
N GLN K 353 55.25 -6.94 -75.64
CA GLN K 353 54.21 -7.96 -75.65
C GLN K 353 53.35 -7.90 -74.39
N ASP K 354 54.00 -7.75 -73.23
CA ASP K 354 53.26 -7.73 -71.97
C ASP K 354 52.33 -6.52 -71.91
N LEU K 355 52.85 -5.34 -72.27
CA LEU K 355 52.03 -4.13 -72.19
C LEU K 355 50.91 -4.15 -73.23
N ARG K 356 51.22 -4.62 -74.45
CA ARG K 356 50.19 -4.70 -75.48
C ARG K 356 49.12 -5.71 -75.13
N THR K 357 49.52 -6.88 -74.62
CA THR K 357 48.54 -7.89 -74.23
C THR K 357 47.68 -7.39 -73.08
N ALA K 358 48.32 -6.90 -72.01
CA ALA K 358 47.56 -6.44 -70.84
C ALA K 358 46.65 -5.27 -71.20
N LEU K 359 47.06 -4.44 -72.16
CA LEU K 359 46.20 -3.36 -72.63
C LEU K 359 44.93 -3.91 -73.27
N VAL K 360 45.08 -4.94 -74.11
CA VAL K 360 43.91 -5.54 -74.74
C VAL K 360 43.07 -6.31 -73.73
N ARG K 361 43.73 -6.99 -72.78
CA ARG K 361 43.00 -7.69 -71.74
C ARG K 361 42.15 -6.71 -70.92
N GLY K 362 42.74 -5.59 -70.51
CA GLY K 362 41.96 -4.58 -69.83
C GLY K 362 40.94 -3.93 -70.76
N TYR K 363 41.21 -3.99 -72.06
CA TYR K 363 40.25 -3.51 -73.04
C TYR K 363 39.06 -4.45 -73.20
N ILE K 364 39.34 -5.75 -73.36
CA ILE K 364 38.31 -6.72 -73.72
C ILE K 364 37.35 -6.94 -72.56
N ASP K 365 37.87 -6.92 -71.32
CA ASP K 365 36.97 -7.05 -70.18
C ASP K 365 35.95 -5.92 -70.13
N ASN K 366 36.30 -4.74 -70.65
CA ASN K 366 35.33 -3.66 -70.81
C ASN K 366 34.45 -3.91 -72.03
N VAL K 367 34.99 -4.59 -73.04
CA VAL K 367 34.26 -4.92 -74.26
C VAL K 367 33.04 -5.77 -73.98
N ASN K 368 33.21 -6.86 -73.23
CA ASN K 368 32.11 -7.80 -73.03
C ASN K 368 31.11 -7.25 -72.01
N ASN K 369 31.60 -6.48 -71.04
CA ASN K 369 30.72 -5.94 -70.00
C ASN K 369 29.66 -5.03 -70.60
N ALA K 370 30.08 -4.06 -71.42
CA ALA K 370 29.12 -3.13 -72.02
C ALA K 370 28.34 -3.81 -73.13
N ASN K 371 28.94 -4.82 -73.77
CA ASN K 371 28.24 -5.56 -74.81
C ASN K 371 27.02 -6.28 -74.24
N TYR K 372 27.16 -6.88 -73.06
CA TYR K 372 26.04 -7.53 -72.38
C TYR K 372 25.12 -6.46 -71.79
N GLY K 373 24.29 -5.90 -72.67
CA GLY K 373 23.40 -4.81 -72.32
C GLY K 373 22.49 -5.10 -71.13
N ARG K 374 22.64 -4.32 -70.07
CA ARG K 374 21.86 -4.50 -68.85
C ARG K 374 20.96 -3.29 -68.63
N TYR K 375 19.70 -3.55 -68.33
CA TYR K 375 18.74 -2.50 -68.02
C TYR K 375 18.31 -2.65 -66.57
N LYS K 376 18.45 -1.58 -65.79
CA LYS K 376 18.06 -1.59 -64.39
C LYS K 376 16.96 -0.58 -64.15
N ALA K 377 15.89 -1.02 -63.50
CA ALA K 377 14.78 -0.14 -63.14
C ALA K 377 14.54 -0.21 -61.64
N LEU K 378 13.56 0.54 -61.14
CA LEU K 378 13.19 0.49 -59.74
C LEU K 378 12.36 -0.78 -59.50
N VAL K 379 12.09 -1.08 -58.23
CA VAL K 379 11.29 -2.25 -57.88
C VAL K 379 9.88 -2.08 -58.44
N GLY K 380 9.31 -0.90 -58.23
CA GLY K 380 8.02 -0.60 -58.83
C GLY K 380 8.17 -0.31 -60.31
N ALA K 381 7.07 -0.48 -61.05
CA ALA K 381 6.94 -0.24 -62.47
C ALA K 381 7.89 -1.11 -63.29
N TYR K 382 8.29 -2.29 -62.80
CA TYR K 382 9.13 -3.16 -63.62
C TYR K 382 8.33 -3.82 -64.73
N ASP K 383 7.12 -4.30 -64.41
CA ASP K 383 6.25 -4.99 -65.37
C ASP K 383 7.00 -6.14 -66.01
N ARG K 384 7.37 -7.14 -65.20
CA ARG K 384 8.27 -8.21 -65.64
C ARG K 384 7.73 -8.98 -66.83
N ARG K 385 6.41 -9.22 -66.87
CA ARG K 385 5.83 -10.00 -67.95
C ARG K 385 6.03 -9.30 -69.30
N SER K 386 5.83 -7.98 -69.34
CA SER K 386 5.97 -7.25 -70.59
C SER K 386 7.43 -7.10 -70.99
N LEU K 387 8.29 -6.75 -70.02
CA LEU K 387 9.68 -6.44 -70.33
C LEU K 387 10.44 -7.66 -70.85
N LEU K 388 10.21 -8.82 -70.28
CA LEU K 388 10.99 -10.01 -70.62
C LEU K 388 10.63 -10.58 -72.00
N ASP K 389 9.74 -9.97 -72.77
CA ASP K 389 9.46 -10.46 -74.11
C ASP K 389 10.72 -10.34 -74.97
N ASN K 390 11.08 -11.44 -75.63
CA ASN K 390 12.26 -11.46 -76.47
C ASN K 390 12.04 -10.77 -77.81
N ARG K 391 10.80 -10.57 -78.22
CA ARG K 391 10.53 -9.79 -79.41
C ARG K 391 10.68 -8.32 -79.11
N PRO K 392 11.56 -7.60 -79.82
CA PRO K 392 11.72 -6.16 -79.54
C PRO K 392 10.63 -5.30 -80.14
N GLY K 393 9.51 -5.89 -80.58
CA GLY K 393 8.41 -5.11 -81.12
C GLY K 393 7.39 -4.72 -80.08
N GLY K 394 7.25 -3.42 -79.83
CA GLY K 394 6.36 -2.96 -78.79
C GLY K 394 4.90 -3.26 -79.07
N VAL K 395 4.33 -4.08 -78.20
CA VAL K 395 2.89 -4.33 -78.16
C VAL K 395 2.45 -4.19 -76.71
N VAL K 396 3.42 -4.17 -75.81
CA VAL K 396 3.22 -4.00 -74.37
C VAL K 396 4.15 -2.89 -73.89
N GLU K 397 3.62 -2.00 -73.05
CA GLU K 397 4.22 -0.67 -72.93
C GLU K 397 3.99 -0.13 -71.51
N MET K 398 4.68 0.98 -71.18
CA MET K 398 4.61 1.64 -69.87
C MET K 398 4.95 3.15 -69.97
N GLU K 399 4.09 3.99 -69.39
CA GLU K 399 4.17 5.45 -69.50
C GLU K 399 5.39 6.09 -68.84
N ARG K 400 5.90 5.55 -67.74
CA ARG K 400 6.57 6.40 -66.77
C ARG K 400 7.91 6.93 -67.29
N GLN K 401 8.49 6.26 -68.28
CA GLN K 401 9.63 6.76 -69.07
C GLN K 401 10.88 7.09 -68.26
N ASP K 402 10.93 6.73 -66.98
CA ASP K 402 12.19 6.85 -66.26
C ASP K 402 12.53 5.60 -65.46
N ALA K 403 11.86 4.47 -65.72
CA ALA K 403 12.27 3.21 -65.13
C ALA K 403 13.45 2.59 -65.87
N ILE K 404 13.33 2.42 -67.19
CA ILE K 404 14.32 1.72 -67.99
C ILE K 404 15.25 2.74 -68.62
N ASP K 405 16.55 2.50 -68.45
CA ASP K 405 17.58 3.35 -69.05
C ASP K 405 18.85 2.56 -69.27
N LEU K 406 19.73 3.05 -70.15
CA LEU K 406 21.00 2.38 -70.39
C LEU K 406 21.84 2.36 -69.12
N PHE K 407 22.45 1.21 -68.83
CA PHE K 407 23.34 1.10 -67.69
C PHE K 407 24.55 1.98 -67.91
N PRO K 408 24.99 2.76 -66.92
CA PRO K 408 26.14 3.64 -67.13
C PRO K 408 27.44 2.87 -67.26
N TYR K 409 27.63 2.21 -68.40
CA TYR K 409 28.86 1.50 -68.68
C TYR K 409 30.04 2.46 -68.77
N HIS K 410 31.17 2.07 -68.19
CA HIS K 410 32.36 2.90 -68.24
C HIS K 410 32.83 3.05 -69.70
N ASN K 411 33.17 4.28 -70.05
CA ASN K 411 33.59 4.59 -71.41
C ASN K 411 35.04 4.15 -71.61
N LEU K 412 35.57 4.40 -72.80
CA LEU K 412 36.94 3.97 -73.07
C LEU K 412 37.93 5.07 -72.70
N PRO K 413 38.93 4.74 -71.87
CA PRO K 413 39.93 5.75 -71.49
C PRO K 413 40.71 6.27 -72.69
N GLN K 414 40.73 7.59 -72.86
CA GLN K 414 41.38 8.19 -74.03
C GLN K 414 42.90 8.02 -73.97
N GLY K 415 43.46 7.95 -72.77
CA GLY K 415 44.90 7.95 -72.61
C GLY K 415 45.51 6.61 -72.31
N ILE K 416 44.81 5.77 -71.54
CA ILE K 416 45.35 4.49 -71.11
C ILE K 416 45.61 3.59 -72.31
N ASP K 417 44.71 3.63 -73.30
CA ASP K 417 44.86 2.82 -74.50
C ASP K 417 45.20 3.65 -75.72
N GLY K 418 44.67 4.87 -75.84
CA GLY K 418 44.96 5.69 -76.99
C GLY K 418 46.42 6.11 -77.08
N LEU K 419 47.01 6.54 -75.96
CA LEU K 419 48.40 6.96 -75.96
C LEU K 419 49.35 5.78 -76.18
N LEU K 420 48.98 4.59 -75.73
CA LEU K 420 49.82 3.40 -75.89
C LEU K 420 49.53 2.64 -77.18
N GLY K 421 48.63 3.14 -78.02
CA GLY K 421 48.42 2.52 -79.32
C GLY K 421 49.55 2.75 -80.29
N MET K 422 50.46 3.69 -80.00
CA MET K 422 51.63 3.95 -80.81
C MET K 422 52.83 3.11 -80.38
N SER K 423 52.61 2.07 -79.57
CA SER K 423 53.72 1.22 -79.15
C SER K 423 54.32 0.45 -80.31
N GLU K 424 53.63 0.41 -81.45
CA GLU K 424 54.16 -0.25 -82.63
C GLU K 424 55.46 0.39 -83.09
N GLU K 425 55.49 1.73 -83.09
CA GLU K 425 56.70 2.45 -83.49
C GLU K 425 57.89 2.09 -82.61
N LEU K 426 57.65 1.85 -81.32
CA LEU K 426 58.73 1.42 -80.43
C LEU K 426 59.33 0.11 -80.91
N LYS K 427 58.49 -0.81 -81.39
CA LYS K 427 58.99 -2.05 -81.98
C LYS K 427 59.82 -1.78 -83.23
N GLU K 428 59.35 -0.87 -84.08
CA GLU K 428 60.02 -0.58 -85.34
C GLU K 428 61.31 0.23 -85.16
N THR K 429 61.58 0.77 -83.96
CA THR K 429 62.80 1.52 -83.71
C THR K 429 63.92 0.62 -83.19
N ARG K 430 63.67 -0.13 -82.13
CA ARG K 430 64.66 -1.05 -81.58
C ARG K 430 64.85 -2.29 -82.45
N THR K 431 63.96 -2.54 -83.40
CA THR K 431 64.11 -3.60 -84.37
C THR K 431 63.93 -3.00 -85.76
N GLY K 432 63.85 -3.85 -86.77
CA GLY K 432 63.66 -3.40 -88.13
C GLY K 432 62.43 -3.96 -88.80
N VAL K 433 61.36 -4.09 -88.03
CA VAL K 433 60.14 -4.75 -88.50
C VAL K 433 59.05 -3.70 -88.72
N THR K 434 58.28 -3.90 -89.78
CA THR K 434 57.14 -3.03 -90.09
C THR K 434 56.16 -3.81 -90.95
N LYS K 435 54.87 -3.63 -90.67
CA LYS K 435 53.81 -4.31 -91.40
C LYS K 435 53.75 -3.92 -92.88
N LEU K 436 54.20 -2.70 -93.22
CA LEU K 436 54.30 -2.27 -94.61
C LEU K 436 55.66 -1.67 -94.98
N GLY K 437 56.69 -1.84 -94.15
CA GLY K 437 57.92 -1.09 -94.31
C GLY K 437 58.81 -1.60 -95.44
N MET K 438 59.89 -0.85 -95.65
CA MET K 438 60.88 -1.18 -96.66
C MET K 438 62.04 -1.96 -96.02
N GLY K 439 62.39 -3.07 -96.65
CA GLY K 439 63.40 -3.97 -96.14
C GLY K 439 64.71 -3.92 -96.90
N ILE K 440 65.42 -5.05 -96.90
CA ILE K 440 66.73 -5.12 -97.53
C ILE K 440 66.80 -6.29 -98.50
N ASN K 441 67.78 -6.26 -99.40
CA ASN K 441 67.99 -7.27 -100.42
C ASN K 441 69.47 -7.54 -100.53
N PRO K 442 69.87 -8.68 -101.11
CA PRO K 442 71.31 -9.00 -101.18
C PRO K 442 72.14 -7.95 -101.90
N ASP K 443 71.59 -7.34 -102.94
CA ASP K 443 72.33 -6.31 -103.68
C ASP K 443 72.56 -5.07 -102.83
N VAL K 444 71.53 -4.61 -102.14
CA VAL K 444 71.66 -3.40 -101.33
C VAL K 444 72.51 -3.69 -100.09
N PHE K 445 72.64 -4.97 -99.73
CA PHE K 445 73.50 -5.34 -98.61
C PHE K 445 74.95 -4.99 -98.89
N LYS K 446 75.44 -5.27 -100.10
CA LYS K 446 76.80 -4.90 -100.46
C LYS K 446 76.95 -3.41 -100.73
N ASN K 447 75.94 -2.79 -101.34
CA ASN K 447 76.02 -1.38 -101.70
C ASN K 447 74.64 -0.75 -101.46
N ASP K 448 74.57 0.21 -100.54
CA ASP K 448 73.30 0.88 -100.27
C ASP K 448 72.81 1.63 -101.51
N ASN K 449 73.73 2.26 -102.24
CA ASN K 449 73.36 3.03 -103.43
C ASN K 449 73.12 2.15 -104.66
N ALA K 450 72.94 0.85 -104.49
CA ALA K 450 72.66 -0.02 -105.63
C ALA K 450 71.33 0.35 -106.29
N TYR K 451 70.35 0.79 -105.50
CA TYR K 451 69.07 1.22 -106.03
C TYR K 451 68.87 2.69 -105.62
N ALA K 452 69.90 3.51 -105.83
CA ALA K 452 69.89 4.89 -105.38
C ALA K 452 68.99 5.78 -106.22
N THR K 453 68.20 5.18 -107.11
CA THR K 453 67.24 5.94 -107.90
C THR K 453 66.23 6.63 -106.98
N VAL K 454 65.46 5.84 -106.25
CA VAL K 454 64.51 6.37 -105.27
C VAL K 454 64.73 5.67 -103.94
N GLY K 455 65.33 4.48 -103.98
CA GLY K 455 65.58 3.71 -102.78
C GLY K 455 66.86 4.11 -102.08
N LEU K 456 66.83 5.25 -101.38
CA LEU K 456 68.03 5.72 -100.70
C LEU K 456 68.41 4.81 -99.53
N MET K 457 67.47 4.02 -99.03
CA MET K 457 67.58 3.08 -97.91
C MET K 457 67.63 3.83 -96.58
N MET K 458 67.71 5.16 -96.59
CA MET K 458 67.95 5.90 -95.35
C MET K 458 66.72 5.87 -94.46
N ASN K 459 66.39 4.68 -93.95
CA ASN K 459 65.29 4.45 -93.02
C ASN K 459 65.84 3.60 -91.89
N ALA K 460 65.52 3.97 -90.65
CA ALA K 460 66.05 3.27 -89.47
C ALA K 460 65.64 1.79 -89.48
N ALA K 461 64.55 1.47 -90.17
CA ALA K 461 64.09 0.09 -90.23
C ALA K 461 65.07 -0.84 -90.94
N GLN K 462 65.92 -0.29 -91.82
CA GLN K 462 66.92 -1.10 -92.52
C GLN K 462 68.32 -0.99 -91.96
N ASN K 463 68.76 0.20 -91.57
CA ASN K 463 70.11 0.40 -91.06
C ASN K 463 70.34 -0.35 -89.76
N ARG K 464 69.35 -0.36 -88.86
CA ARG K 464 69.47 -1.12 -87.62
C ARG K 464 69.18 -2.59 -87.86
N LEU K 465 68.68 -2.92 -89.06
CA LEU K 465 68.44 -4.30 -89.47
C LEU K 465 69.63 -4.90 -90.19
N ARG K 466 70.34 -4.11 -91.00
CA ARG K 466 71.49 -4.67 -91.71
C ARG K 466 72.70 -4.84 -90.82
N MET K 467 72.69 -4.28 -89.61
CA MET K 467 73.79 -4.50 -88.68
C MET K 467 73.89 -5.98 -88.30
N VAL K 468 72.74 -6.61 -88.04
CA VAL K 468 72.75 -8.00 -87.60
C VAL K 468 73.15 -8.94 -88.74
N CYS K 469 72.66 -8.67 -89.96
CA CYS K 469 72.98 -9.58 -91.06
C CYS K 469 74.44 -9.44 -91.48
N ARG K 470 74.97 -8.22 -91.47
CA ARG K 470 76.40 -8.03 -91.66
C ARG K 470 77.19 -8.69 -90.54
N ASN K 471 76.71 -8.57 -89.30
CA ASN K 471 77.37 -9.24 -88.19
C ASN K 471 77.26 -10.75 -88.30
N ILE K 472 76.05 -11.26 -88.57
CA ILE K 472 75.85 -12.70 -88.59
C ILE K 472 76.69 -13.33 -89.69
N ALA K 473 77.04 -12.56 -90.72
CA ALA K 473 77.99 -13.02 -91.71
C ALA K 473 79.39 -13.06 -91.12
N HIS K 474 79.92 -11.90 -90.71
CA HIS K 474 81.29 -11.81 -90.22
C HIS K 474 81.51 -12.59 -88.93
N ASN K 475 80.53 -12.60 -88.03
CA ASN K 475 80.66 -13.41 -86.82
C ASN K 475 80.27 -14.86 -87.05
N GLY K 476 79.62 -15.17 -88.17
CA GLY K 476 79.13 -16.51 -88.39
C GLY K 476 79.76 -17.27 -89.54
N MET K 477 79.04 -17.39 -90.65
CA MET K 477 79.39 -18.39 -91.66
C MET K 477 80.73 -18.12 -92.32
N VAL K 478 81.18 -16.87 -92.33
CA VAL K 478 82.50 -16.59 -92.94
C VAL K 478 83.58 -17.34 -92.17
N GLU K 479 83.36 -17.58 -90.88
CA GLU K 479 84.21 -18.50 -90.13
C GLU K 479 83.99 -19.94 -90.57
N LEU K 480 82.75 -20.28 -90.92
CA LEU K 480 82.44 -21.64 -91.36
C LEU K 480 83.18 -21.99 -92.64
N MET K 481 83.07 -21.14 -93.67
CA MET K 481 83.79 -21.41 -94.92
C MET K 481 85.30 -21.39 -94.68
N ARG K 482 85.79 -20.44 -93.88
CA ARG K 482 87.18 -20.49 -93.47
C ARG K 482 87.48 -21.78 -92.75
N GLY K 483 86.56 -22.24 -91.90
CA GLY K 483 86.70 -23.56 -91.31
C GLY K 483 86.57 -24.66 -92.35
N ILE K 484 85.62 -24.53 -93.25
CA ILE K 484 85.40 -25.54 -94.30
C ILE K 484 86.62 -25.60 -95.21
N TYR K 485 87.14 -24.43 -95.60
CA TYR K 485 88.34 -24.41 -96.43
C TYR K 485 89.54 -24.97 -95.68
N ASN K 486 89.65 -24.73 -94.38
CA ASN K 486 90.76 -25.30 -93.61
C ASN K 486 90.65 -26.81 -93.49
N LEU K 487 89.47 -27.32 -93.12
CA LEU K 487 89.32 -28.73 -92.82
C LEU K 487 89.62 -29.58 -94.06
N ILE K 488 89.12 -29.16 -95.22
CA ILE K 488 89.28 -29.95 -96.44
C ILE K 488 90.76 -30.06 -96.84
N ARG K 489 91.60 -29.18 -96.28
CA ARG K 489 93.02 -29.11 -96.61
C ARG K 489 93.89 -30.15 -95.88
N GLU K 490 93.45 -30.84 -94.82
CA GLU K 490 94.34 -31.80 -94.15
C GLU K 490 93.70 -33.17 -93.98
N ASN K 491 92.86 -33.59 -94.93
CA ASN K 491 92.29 -34.93 -94.83
C ASN K 491 91.86 -35.40 -96.21
N GLY K 492 92.09 -36.69 -96.47
CA GLY K 492 91.64 -37.34 -97.67
C GLY K 492 92.23 -36.81 -98.96
N GLU K 493 91.86 -37.43 -100.08
CA GLU K 493 92.21 -36.95 -101.40
C GLU K 493 90.95 -36.53 -102.13
N VAL K 494 90.89 -35.28 -102.59
CA VAL K 494 89.71 -34.72 -103.22
C VAL K 494 89.84 -34.93 -104.74
N PRO K 495 88.94 -35.68 -105.36
CA PRO K 495 88.96 -35.84 -106.83
C PRO K 495 88.11 -34.77 -107.49
N ILE K 496 88.74 -33.95 -108.32
CA ILE K 496 88.06 -32.83 -108.94
C ILE K 496 87.91 -33.12 -110.43
N GLU K 497 87.03 -32.35 -111.06
CA GLU K 497 86.72 -32.50 -112.48
C GLU K 497 87.42 -31.38 -113.25
N VAL K 498 88.28 -31.75 -114.19
CA VAL K 498 88.91 -30.78 -115.09
C VAL K 498 88.08 -30.70 -116.37
N GLN K 499 87.82 -29.47 -116.82
CA GLN K 499 86.79 -29.22 -117.82
C GLN K 499 87.26 -29.44 -119.26
N THR K 500 88.54 -29.78 -119.52
CA THR K 500 88.96 -29.92 -120.92
C THR K 500 88.46 -31.23 -121.52
N PRO K 501 88.86 -32.41 -121.03
CA PRO K 501 88.30 -33.66 -121.58
C PRO K 501 87.21 -34.28 -120.70
N ARG K 502 86.76 -33.57 -119.66
CA ARG K 502 86.14 -34.14 -118.48
C ARG K 502 87.01 -35.21 -117.84
N GLY K 503 88.31 -34.92 -117.71
CA GLY K 503 89.23 -35.81 -117.06
C GLY K 503 89.02 -35.73 -115.57
N MET K 504 89.56 -36.71 -114.85
CA MET K 504 89.24 -36.83 -113.45
C MET K 504 90.57 -36.85 -112.70
N ILE K 505 90.85 -35.78 -111.95
CA ILE K 505 92.17 -35.57 -111.37
C ILE K 505 92.05 -35.66 -109.86
N GLN K 506 92.88 -36.50 -109.26
CA GLN K 506 92.93 -36.69 -107.82
C GLN K 506 93.91 -35.66 -107.26
N VAL K 507 93.45 -34.41 -107.18
CA VAL K 507 94.28 -33.32 -106.68
C VAL K 507 94.43 -33.45 -105.17
N ASN K 508 95.68 -33.34 -104.71
CA ASN K 508 95.96 -33.38 -103.28
C ASN K 508 95.53 -32.08 -102.61
N PRO K 509 94.78 -32.14 -101.49
CA PRO K 509 94.36 -30.90 -100.85
C PRO K 509 95.50 -30.06 -100.30
N LYS K 510 96.64 -30.68 -100.01
CA LYS K 510 97.74 -29.98 -99.37
C LYS K 510 98.31 -28.86 -100.26
N GLN K 511 98.22 -29.02 -101.58
CA GLN K 511 98.74 -28.00 -102.49
C GLN K 511 97.89 -26.73 -102.52
N LEU K 512 96.68 -26.78 -101.98
CA LEU K 512 95.80 -25.62 -101.95
C LEU K 512 96.40 -24.52 -101.10
N PRO K 513 96.11 -23.25 -101.43
CA PRO K 513 96.63 -22.14 -100.61
C PRO K 513 95.88 -22.02 -99.29
N ALA K 514 96.19 -20.99 -98.51
CA ALA K 514 95.58 -20.76 -97.22
C ALA K 514 94.63 -19.58 -97.29
N ARG K 515 93.97 -19.30 -96.16
CA ARG K 515 93.03 -18.18 -96.10
C ARG K 515 93.76 -16.84 -96.09
N HIS K 516 95.08 -16.86 -95.92
CA HIS K 516 95.85 -15.61 -95.84
C HIS K 516 95.72 -14.79 -97.12
N ASN K 517 95.80 -15.45 -98.27
CA ASN K 517 95.67 -14.77 -99.56
C ASN K 517 94.30 -14.95 -100.20
N LEU K 518 93.36 -15.60 -99.52
CA LEU K 518 92.05 -15.89 -100.09
C LEU K 518 90.97 -15.09 -99.36
N GLN K 519 90.14 -14.39 -100.13
CA GLN K 519 89.03 -13.64 -99.57
C GLN K 519 87.71 -14.34 -99.90
N VAL K 520 86.80 -14.33 -98.94
CA VAL K 520 85.50 -14.98 -99.08
C VAL K 520 84.41 -13.92 -99.06
N VAL K 521 83.40 -14.12 -99.90
CA VAL K 521 82.25 -13.22 -99.99
C VAL K 521 80.98 -14.04 -99.82
N VAL K 522 80.00 -13.43 -99.16
CA VAL K 522 78.78 -14.14 -98.76
C VAL K 522 77.59 -13.32 -99.26
N ALA K 523 76.41 -13.95 -99.30
CA ALA K 523 75.17 -13.30 -99.73
C ALA K 523 75.24 -12.87 -101.20
N ILE K 524 75.50 -13.82 -102.08
CA ILE K 524 75.55 -13.51 -103.51
C ILE K 524 74.15 -13.23 -104.03
N SER K 525 74.09 -12.64 -105.23
CA SER K 525 72.84 -12.29 -105.87
C SER K 525 72.38 -13.39 -106.83
N PRO K 526 71.06 -13.57 -106.99
CA PRO K 526 70.56 -14.62 -107.89
C PRO K 526 70.89 -14.38 -109.35
N ASN K 527 71.19 -13.15 -109.74
CA ASN K 527 71.43 -12.82 -111.13
C ASN K 527 72.88 -12.49 -111.44
N GLU K 528 73.83 -12.91 -110.60
CA GLU K 528 75.23 -12.59 -110.83
C GLU K 528 75.73 -13.17 -112.14
N LYS K 529 75.12 -14.26 -112.58
CA LYS K 529 75.43 -14.81 -113.90
C LYS K 529 75.09 -13.81 -114.99
N ALA K 530 74.06 -13.00 -114.78
CA ALA K 530 73.68 -12.01 -115.78
C ALA K 530 74.71 -10.90 -115.89
N GLU K 531 74.94 -10.14 -114.82
CA GLU K 531 75.81 -8.97 -114.92
C GLU K 531 77.26 -9.37 -115.18
N ARG K 532 77.68 -10.56 -114.74
CA ARG K 532 79.01 -11.04 -115.10
C ARG K 532 79.11 -11.24 -116.61
N ALA K 533 78.05 -11.75 -117.23
CA ALA K 533 78.05 -11.92 -118.68
C ALA K 533 78.17 -10.57 -119.39
N GLN K 534 77.44 -9.55 -118.90
CA GLN K 534 77.57 -8.22 -119.49
C GLN K 534 78.95 -7.64 -119.21
N LYS K 535 79.56 -7.98 -118.07
CA LYS K 535 80.92 -7.54 -117.82
C LYS K 535 81.89 -8.17 -118.81
N LEU K 536 81.69 -9.45 -119.13
CA LEU K 536 82.57 -10.12 -120.08
C LEU K 536 82.43 -9.53 -121.48
N ILE K 537 81.18 -9.34 -121.94
CA ILE K 537 80.99 -8.80 -123.28
C ILE K 537 81.47 -7.35 -123.35
N SER K 538 81.30 -6.58 -122.27
CA SER K 538 81.86 -5.23 -122.24
C SER K 538 83.37 -5.26 -122.31
N LEU K 539 83.99 -6.19 -121.56
CA LEU K 539 85.44 -6.37 -121.65
C LEU K 539 85.83 -6.92 -123.02
N LYS K 540 84.96 -7.75 -123.61
CA LYS K 540 85.25 -8.34 -124.91
C LYS K 540 85.32 -7.28 -126.00
N GLN K 541 84.40 -6.32 -125.98
CA GLN K 541 84.38 -5.31 -127.04
C GLN K 541 85.51 -4.29 -126.87
N LEU K 542 85.96 -4.07 -125.63
CA LEU K 542 87.10 -3.20 -125.40
C LEU K 542 88.38 -3.79 -125.98
N ILE K 543 88.66 -5.05 -125.68
CA ILE K 543 89.88 -5.69 -126.17
C ILE K 543 89.78 -5.92 -127.67
N ALA K 544 88.55 -6.13 -128.17
CA ALA K 544 88.37 -6.26 -129.61
C ALA K 544 88.66 -4.95 -130.33
N ALA K 545 88.38 -3.81 -129.70
CA ALA K 545 88.65 -2.51 -130.31
C ALA K 545 90.14 -2.23 -130.44
N ASP K 546 90.97 -2.93 -129.68
CA ASP K 546 92.42 -2.76 -129.73
C ASP K 546 93.04 -3.88 -130.57
N ALA K 547 94.26 -3.62 -131.05
CA ALA K 547 94.96 -4.58 -131.88
C ALA K 547 96.26 -5.04 -131.23
N GLN K 548 96.72 -4.30 -130.22
CA GLN K 548 97.95 -4.64 -129.51
C GLN K 548 97.80 -5.96 -128.78
N LEU K 549 96.60 -6.23 -128.26
CA LEU K 549 96.34 -7.45 -127.51
C LEU K 549 95.94 -8.63 -128.37
N ALA K 550 95.90 -8.46 -129.70
CA ALA K 550 95.52 -9.54 -130.61
C ALA K 550 96.37 -10.81 -130.49
N PRO K 551 97.72 -10.74 -130.37
CA PRO K 551 98.50 -11.98 -130.25
C PRO K 551 98.01 -12.91 -129.14
N LEU K 552 97.96 -12.40 -127.90
CA LEU K 552 97.48 -13.22 -126.80
C LEU K 552 96.01 -13.58 -126.97
N PHE K 553 95.18 -12.63 -127.40
CA PHE K 553 93.76 -12.86 -127.61
C PHE K 553 93.57 -13.46 -129.00
N GLY K 554 93.85 -14.76 -129.10
CA GLY K 554 93.83 -15.49 -130.34
C GLY K 554 92.49 -16.15 -130.54
N LEU K 555 92.45 -17.49 -130.49
CA LEU K 555 91.21 -18.23 -130.73
C LEU K 555 90.77 -18.97 -129.48
N GLU K 556 91.66 -19.71 -128.82
CA GLU K 556 91.26 -20.51 -127.67
C GLU K 556 90.78 -19.65 -126.51
N GLN K 557 91.42 -18.50 -126.29
CA GLN K 557 90.96 -17.60 -125.24
C GLN K 557 89.58 -17.04 -125.56
N ASP K 558 89.38 -16.55 -126.79
CA ASP K 558 88.09 -16.02 -127.16
C ASP K 558 87.01 -17.10 -127.16
N ARG K 559 87.34 -18.30 -127.64
CA ARG K 559 86.40 -19.40 -127.57
C ARG K 559 86.05 -19.73 -126.12
N TYR K 560 87.07 -19.78 -125.26
CA TYR K 560 86.82 -20.00 -123.84
C TYR K 560 86.06 -18.83 -123.23
N MET K 561 86.39 -17.60 -123.65
CA MET K 561 85.66 -16.43 -123.17
C MET K 561 84.19 -16.49 -123.59
N THR K 562 83.95 -16.80 -124.87
CA THR K 562 82.58 -16.98 -125.33
C THR K 562 81.94 -18.20 -124.66
N ALA K 563 82.73 -19.24 -124.41
CA ALA K 563 82.24 -20.38 -123.66
C ALA K 563 81.82 -19.95 -122.24
N GLN K 564 82.70 -19.25 -121.55
CA GLN K 564 82.41 -18.81 -120.18
C GLN K 564 81.16 -17.94 -120.14
N ILE K 565 80.91 -17.19 -121.20
CA ILE K 565 79.70 -16.38 -121.32
C ILE K 565 78.50 -17.31 -121.40
N PHE K 566 78.69 -18.47 -122.04
CA PHE K 566 77.54 -19.30 -122.40
C PHE K 566 76.94 -20.02 -121.19
N GLU K 567 77.74 -20.75 -120.42
CA GLU K 567 77.15 -21.65 -119.42
C GLU K 567 76.37 -20.90 -118.36
N LEU K 568 76.58 -19.57 -118.25
CA LEU K 568 75.76 -18.78 -117.34
C LEU K 568 74.29 -18.83 -117.76
N MET K 569 74.02 -18.79 -119.05
CA MET K 569 72.67 -18.99 -119.57
C MET K 569 72.53 -20.27 -120.38
N GLY K 570 73.34 -20.43 -121.44
CA GLY K 570 73.29 -21.64 -122.24
C GLY K 570 74.51 -22.52 -122.09
N ILE K 571 74.36 -23.63 -121.37
CA ILE K 571 75.49 -24.48 -121.00
C ILE K 571 76.03 -25.21 -122.22
N LYS K 572 75.13 -25.72 -123.06
CA LYS K 572 75.51 -26.66 -124.11
C LYS K 572 76.19 -26.02 -125.31
N ASP K 573 77.46 -25.62 -125.17
CA ASP K 573 78.13 -25.01 -126.33
C ASP K 573 78.89 -26.01 -127.19
N THR K 574 79.85 -26.76 -126.62
CA THR K 574 80.77 -27.55 -127.45
C THR K 574 80.07 -28.61 -128.31
N HIS K 575 78.89 -29.07 -127.93
CA HIS K 575 78.20 -30.08 -128.72
C HIS K 575 77.58 -29.55 -130.00
N LYS K 576 76.64 -28.60 -129.90
CA LYS K 576 76.00 -28.10 -131.11
C LYS K 576 75.95 -26.58 -131.18
N TYR K 577 75.85 -25.87 -130.06
CA TYR K 577 75.98 -24.41 -130.06
C TYR K 577 77.36 -23.95 -130.50
N LEU K 578 78.37 -24.79 -130.38
CA LEU K 578 79.75 -24.44 -130.68
C LEU K 578 80.48 -25.73 -131.06
N LEU K 579 81.70 -25.58 -131.57
CA LEU K 579 82.44 -26.76 -132.00
C LEU K 579 83.68 -26.96 -131.12
N PRO K 580 83.95 -28.19 -130.68
CA PRO K 580 85.09 -28.42 -129.78
C PRO K 580 86.41 -28.00 -130.43
N LEU K 581 87.28 -27.38 -129.62
CA LEU K 581 88.51 -26.81 -130.14
C LEU K 581 89.42 -27.86 -130.77
N GLU K 582 89.40 -29.09 -130.25
CA GLU K 582 90.29 -30.12 -130.77
C GLU K 582 89.91 -30.61 -132.16
N GLN K 583 88.72 -30.29 -132.65
CA GLN K 583 88.31 -30.71 -133.99
C GLN K 583 88.27 -29.58 -135.00
N TYR K 584 88.76 -28.39 -134.66
CA TYR K 584 88.78 -27.27 -135.60
C TYR K 584 90.03 -27.34 -136.48
N GLN K 585 89.91 -28.12 -137.55
CA GLN K 585 90.96 -28.16 -138.56
C GLN K 585 90.95 -26.86 -139.35
N PRO K 586 92.10 -26.26 -139.61
CA PRO K 586 92.13 -25.01 -140.39
C PRO K 586 91.55 -25.21 -141.77
N PRO K 587 90.82 -24.23 -142.30
CA PRO K 587 90.21 -24.39 -143.62
C PRO K 587 91.25 -24.37 -144.71
N GLU K 588 91.12 -25.30 -145.66
CA GLU K 588 92.05 -25.34 -146.78
C GLU K 588 91.92 -24.06 -147.60
N PRO K 589 93.04 -23.43 -147.98
CA PRO K 589 92.95 -22.17 -148.72
C PRO K 589 92.17 -22.33 -150.02
N SER K 590 91.32 -21.35 -150.30
CA SER K 590 90.50 -21.39 -151.49
C SER K 590 91.37 -21.18 -152.73
N PRO K 591 91.00 -21.78 -153.86
CA PRO K 591 91.81 -21.59 -155.08
C PRO K 591 91.87 -20.14 -155.53
N MET K 592 90.89 -19.32 -155.15
CA MET K 592 90.92 -17.91 -155.50
C MET K 592 92.13 -17.21 -154.90
N GLU K 593 92.40 -17.45 -153.62
CA GLU K 593 93.56 -16.84 -152.99
C GLU K 593 94.83 -17.59 -153.32
N ILE K 594 94.71 -18.87 -153.67
CA ILE K 594 95.88 -19.63 -154.12
C ILE K 594 96.41 -19.06 -155.42
N LEU K 595 95.52 -18.78 -156.38
CA LEU K 595 95.96 -18.20 -157.63
C LEU K 595 96.49 -16.78 -157.45
N GLN K 596 95.83 -15.98 -156.60
CA GLN K 596 96.27 -14.60 -156.39
C GLN K 596 97.72 -14.55 -155.90
N LEU K 597 98.11 -15.53 -155.07
CA LEU K 597 99.50 -15.61 -154.66
C LEU K 597 100.41 -15.87 -155.85
N GLU K 598 100.05 -16.82 -156.71
CA GLU K 598 100.87 -17.07 -157.89
C GLU K 598 100.62 -16.02 -158.97
N MET K 599 99.51 -15.28 -158.86
CA MET K 599 99.36 -14.11 -159.72
C MET K 599 100.43 -13.08 -159.45
N THR K 600 100.54 -12.60 -158.21
CA THR K 600 101.56 -11.60 -157.87
C THR K 600 102.96 -12.15 -158.08
N LYS K 601 103.17 -13.43 -157.76
CA LYS K 601 104.47 -14.05 -157.99
C LYS K 601 104.85 -14.03 -159.46
N ALA K 602 103.85 -14.11 -160.36
CA ALA K 602 104.15 -14.07 -161.78
C ALA K 602 104.62 -12.69 -162.23
N GLN K 603 103.93 -11.63 -161.80
CA GLN K 603 104.33 -10.28 -162.19
C GLN K 603 105.67 -9.88 -161.58
N VAL K 604 105.91 -10.23 -160.32
CA VAL K 604 107.17 -9.89 -159.69
C VAL K 604 108.34 -10.65 -160.34
N GLU K 605 108.07 -11.82 -160.91
CA GLU K 605 109.09 -12.50 -161.71
C GLU K 605 109.46 -11.66 -162.92
N ASN K 606 108.48 -11.02 -163.54
CA ASN K 606 108.75 -10.17 -164.69
C ASN K 606 109.66 -9.01 -164.34
N VAL K 607 109.40 -8.35 -163.19
CA VAL K 607 110.21 -7.19 -162.81
C VAL K 607 111.67 -7.56 -162.69
N GLN K 608 111.96 -8.71 -162.07
CA GLN K 608 113.32 -9.22 -162.04
C GLN K 608 113.79 -9.58 -163.45
N ALA K 609 112.90 -10.17 -164.24
CA ALA K 609 113.31 -10.69 -165.54
C ALA K 609 113.16 -9.64 -166.65
N SER K 610 112.46 -8.54 -166.37
CA SER K 610 112.46 -7.44 -167.32
C SER K 610 113.77 -6.66 -167.26
N SER K 611 114.44 -6.71 -166.11
CA SER K 611 115.67 -5.96 -165.93
C SER K 611 116.80 -6.55 -166.77
N GLN K 612 116.78 -7.86 -167.01
CA GLN K 612 117.92 -8.50 -167.65
C GLN K 612 118.07 -8.07 -169.11
N LYS K 613 117.03 -7.53 -169.73
CA LYS K 613 117.24 -6.83 -171.01
C LYS K 613 118.16 -5.64 -170.86
N MET K 614 117.96 -4.80 -169.84
CA MET K 614 118.76 -3.58 -169.70
C MET K 614 120.24 -3.89 -169.58
N ILE K 615 120.58 -5.09 -169.13
CA ILE K 615 121.99 -5.49 -169.04
C ILE K 615 122.40 -6.30 -170.28
N ALA K 616 121.50 -7.15 -170.79
CA ALA K 616 121.84 -8.00 -171.93
C ALA K 616 121.98 -7.19 -173.22
N ASP K 617 121.12 -6.18 -173.40
CA ASP K 617 121.17 -5.38 -174.63
C ASP K 617 122.50 -4.63 -174.70
N ALA K 618 122.97 -4.14 -173.56
CA ALA K 618 124.25 -3.45 -173.51
C ALA K 618 125.41 -4.41 -173.78
N PHE K 619 125.22 -5.69 -173.43
CA PHE K 619 126.22 -6.71 -173.75
C PHE K 619 126.42 -6.81 -175.25
N ASP K 620 125.32 -6.85 -176.01
CA ASP K 620 125.41 -6.85 -177.47
C ASP K 620 125.93 -5.52 -177.98
N GLN K 621 125.59 -4.44 -177.29
CA GLN K 621 125.98 -3.10 -177.74
C GLN K 621 127.50 -2.95 -177.75
N ARG K 622 128.16 -3.40 -176.69
CA ARG K 622 129.62 -3.30 -176.64
C ARG K 622 130.28 -4.24 -177.64
N GLU K 623 129.65 -5.39 -177.91
CA GLU K 623 130.20 -6.31 -178.90
C GLU K 623 130.18 -5.70 -180.29
N ARG K 624 129.12 -4.98 -180.65
CA ARG K 624 129.06 -4.33 -181.95
C ARG K 624 130.14 -3.26 -182.07
N THR K 625 130.34 -2.46 -181.02
CA THR K 625 131.43 -1.49 -181.03
C THR K 625 132.78 -2.18 -181.10
N THR K 626 132.93 -3.30 -180.39
CA THR K 626 134.15 -4.11 -180.53
C THR K 626 134.29 -4.63 -181.95
N PHE K 627 133.18 -5.08 -182.56
CA PHE K 627 133.21 -5.49 -183.95
C PHE K 627 133.58 -4.33 -184.86
N GLU K 628 133.08 -3.13 -184.56
CA GLU K 628 133.44 -1.94 -185.34
C GLU K 628 134.94 -1.69 -185.29
N GLN K 629 135.54 -1.79 -184.10
CA GLN K 629 136.98 -1.68 -183.98
C GLN K 629 137.70 -2.83 -184.66
N GLN K 630 137.07 -4.01 -184.71
CA GLN K 630 137.66 -5.16 -185.40
C GLN K 630 137.74 -4.90 -186.91
N LYS K 631 136.73 -4.23 -187.46
CA LYS K 631 136.72 -3.95 -188.90
C LYS K 631 137.77 -2.94 -189.30
N ALA K 632 138.42 -2.27 -188.35
CA ALA K 632 139.50 -1.35 -188.67
C ALA K 632 140.66 -2.07 -189.34
N ALA K 633 140.81 -3.37 -189.10
CA ALA K 633 141.83 -4.15 -189.78
C ALA K 633 141.57 -4.19 -191.29
N ASP K 634 140.29 -4.30 -191.68
CA ASP K 634 139.95 -4.25 -193.09
C ASP K 634 140.29 -2.90 -193.69
N GLU K 635 140.08 -1.82 -192.94
CA GLU K 635 140.53 -0.50 -193.40
C GLU K 635 142.05 -0.47 -193.55
N LEU K 636 142.75 -1.07 -192.59
CA LEU K 636 144.20 -1.18 -192.71
C LEU K 636 144.59 -2.13 -193.85
N SER K 637 143.73 -3.11 -194.14
CA SER K 637 144.02 -4.04 -195.24
C SER K 637 144.03 -3.33 -196.58
N LEU K 638 143.19 -2.30 -196.74
CA LEU K 638 143.18 -1.53 -197.98
C LEU K 638 144.49 -0.78 -198.19
N ARG K 639 145.15 -0.36 -197.10
CA ARG K 639 146.44 0.31 -197.23
C ARG K 639 147.47 -0.62 -197.86
N GLN K 640 147.51 -1.88 -197.42
CA GLN K 640 148.41 -2.85 -198.03
C GLN K 640 148.00 -3.12 -199.47
N GLU K 641 146.69 -3.27 -199.71
CA GLU K 641 146.21 -3.59 -201.05
C GLU K 641 146.48 -2.44 -202.03
N GLU K 642 146.29 -1.21 -201.58
CA GLU K 642 146.45 -0.06 -202.47
C GLU K 642 147.89 0.06 -202.96
N LEU K 643 148.86 -0.03 -202.04
CA LEU K 643 150.26 0.00 -202.42
C LEU K 643 150.73 -1.30 -203.07
N GLN K 644 150.04 -2.41 -202.81
CA GLN K 644 150.30 -3.63 -203.57
C GLN K 644 149.96 -3.43 -205.04
N PHE K 645 148.86 -2.73 -205.32
CA PHE K 645 148.53 -2.38 -206.70
C PHE K 645 149.59 -1.46 -207.29
N LYS K 646 150.04 -0.47 -206.51
CA LYS K 646 151.10 0.42 -206.98
C LYS K 646 152.43 -0.30 -207.17
N GLN K 647 152.63 -1.44 -206.50
CA GLN K 647 153.83 -2.23 -206.73
C GLN K 647 153.88 -2.73 -208.17
N GLU K 648 152.75 -3.22 -208.69
CA GLU K 648 152.69 -3.57 -210.10
C GLU K 648 152.70 -2.34 -210.98
N ASN K 649 152.16 -1.22 -210.50
CA ASN K 649 152.28 0.04 -211.22
C ASN K 649 153.73 0.47 -211.33
N ALA K 650 154.58 0.02 -210.39
CA ALA K 650 156.01 0.23 -210.54
C ALA K 650 156.64 -0.85 -211.40
N ALA K 651 156.03 -2.05 -211.42
CA ALA K 651 156.59 -3.15 -212.20
C ALA K 651 156.47 -2.87 -213.70
N ASP K 652 155.30 -2.41 -214.15
CA ASP K 652 155.15 -2.09 -215.56
C ASP K 652 155.79 -0.76 -215.91
N ALA K 653 155.99 0.11 -214.91
CA ALA K 653 156.64 1.40 -215.16
C ALA K 653 158.09 1.19 -215.63
N MET K 654 158.83 0.33 -214.94
CA MET K 654 160.17 0.00 -215.40
C MET K 654 160.14 -0.82 -216.68
N THR K 655 159.06 -1.57 -216.91
CA THR K 655 158.88 -2.25 -218.18
C THR K 655 158.71 -1.25 -219.32
N LEU K 656 157.98 -0.14 -219.05
CA LEU K 656 157.81 0.89 -220.05
C LEU K 656 159.15 1.51 -220.43
N GLU K 657 160.10 1.55 -219.50
CA GLU K 657 161.44 2.05 -219.82
C GLU K 657 162.13 1.17 -220.84
N ASN K 658 161.86 -0.14 -220.82
CA ASN K 658 162.42 -1.06 -221.79
C ASN K 658 161.64 -1.10 -223.10
N ARG K 659 160.42 -0.55 -223.12
CA ARG K 659 159.63 -0.55 -224.35
C ARG K 659 160.15 0.46 -225.36
N LYS K 660 160.86 1.49 -224.88
CA LYS K 660 161.38 2.52 -225.77
C LYS K 660 162.74 2.11 -226.35
N GLU K 661 163.17 0.89 -226.05
CA GLU K 661 164.44 0.36 -226.55
C GLU K 661 164.46 0.32 -228.08
#